data_9C3A
#
_entry.id   9C3A
#
_cell.length_a   1.00
_cell.length_b   1.00
_cell.length_c   1.00
_cell.angle_alpha   90.00
_cell.angle_beta   90.00
_cell.angle_gamma   90.00
#
_symmetry.space_group_name_H-M   'P 1'
#
loop_
_entity.id
_entity.type
_entity.pdbx_description
1 polymer 'Major capsid protein'
2 polymer 'Putative structural protein'
3 polymer 'Putative tail protein'
#
loop_
_entity_poly.entity_id
_entity_poly.type
_entity_poly.pdbx_seq_one_letter_code
_entity_poly.pdbx_strand_id
1 'polypeptide(L)'
;MLTNSEKSRFFLADLTGEVQSIPNTYGYISGLGLFRSAPQTQTTFLMDLTDWDISLLDAVDRTSRKAETSAPERVRQISF
PMMYFKEVESITPDEIQGVRQPGTANELTTEAVVRAKKLMKIRTKFDITREFLFMQALKGKVIDANGVLYADLYKQFDVT
KKTIYFDLDNPNSDIDAHIEDLRMHMEDEAKTGTVINGEEIHIVVDRTFFSKLIKHPKIRDAYLAQQTPLAWQQITGSLR
TGGTDGVQAHMNRFYYGGVVFVQYNGKFKDKRGKTHTLVSIDGVSDTNVGVGHAFPNVAMLGEANNIFEVAYAPCPKMGY
ANTLGQELYVFEYEKDRDEGIDFEAHSYMLPYCTRPQLLVDVRSDAE
;
A,B,C,D,E,F,G,H,I
2 'polypeptide(L)'
;MAYQGFTKLGEREPLNDIILWEEITPTGHSRKEYAPVASTEYRVGEVLKADGSKVAAGQEAQADSVCIVNFYADLQLSYH
GQLKVVGIYRDAELKDLLKLESGVDAAAVKSALKAKGIDFVPTGL
;
J,K,L,M,N,O,P,Q,R
3 'polypeptide(L)'
;MIKAKTYPDFKEFVKDFVANVKAGKRYDFRKYQEAVLPLTYSSPWPESDIPEVTDFNYTPDYTVPFSEELLYSVGAQMRT
ADFFMDLQYAIINGKDVDTVYCEWLARVKPFSMLNAKLKDSAQPPVITTQPTGGAVNEGSAINLSIVATNATSYQWKKGS
SDISGATSATYTKAGAVPADAGSYTCVVTNDVGSTTSDAAVITINPLPVITTQPTSKAVNESSTLTLSVVATGATSYQWK
KNGTNISGATSATYSKANAKTTDAGSYTCVVTNAVGSVTSNAATVTINPLPVITVQPQDQDLTVGQTLTISITATGATGY
QWRKGNSNISGATSATYTKASVTTADDGNYDCVVTNAVGSVTSHQAKVQVTA
;
S
#
# COMPACT_ATOMS: atom_id res chain seq x y z
N LEU A 2 -13.46 30.82 -67.51
CA LEU A 2 -12.88 30.94 -68.84
C LEU A 2 -11.60 31.76 -68.80
N THR A 3 -10.47 31.12 -69.08
CA THR A 3 -9.16 31.76 -69.05
C THR A 3 -8.39 31.39 -70.31
N ASN A 4 -7.31 32.12 -70.54
CA ASN A 4 -6.45 31.84 -71.68
C ASN A 4 -5.85 30.45 -71.56
N SER A 5 -5.91 29.69 -72.64
CA SER A 5 -5.35 28.35 -72.64
C SER A 5 -3.83 28.41 -72.77
N GLU A 6 -3.18 27.28 -72.51
CA GLU A 6 -1.74 27.19 -72.70
C GLU A 6 -1.41 27.15 -74.20
N LYS A 7 -0.19 27.58 -74.47
CA LYS A 7 0.34 27.49 -75.84
C LYS A 7 -0.29 28.51 -76.78
N SER A 8 -1.38 29.14 -76.42
CA SER A 8 -2.10 30.04 -77.31
C SER A 8 -2.84 31.09 -76.49
N ARG A 9 -2.78 32.34 -76.94
CA ARG A 9 -3.51 33.43 -76.33
C ARG A 9 -4.85 33.72 -77.00
N PHE A 10 -5.25 32.91 -77.97
CA PHE A 10 -6.46 33.14 -78.74
C PHE A 10 -7.54 32.09 -78.50
N PHE A 11 -7.20 30.98 -77.87
CA PHE A 11 -8.18 29.99 -77.47
C PHE A 11 -8.37 30.04 -75.96
N LEU A 12 -9.44 29.39 -75.49
CA LEU A 12 -9.87 29.49 -74.11
C LEU A 12 -9.95 28.12 -73.46
N ALA A 13 -9.82 28.11 -72.13
CA ALA A 13 -9.96 26.92 -71.31
C ALA A 13 -10.72 27.28 -70.03
N ASP A 14 -10.92 26.29 -69.17
CA ASP A 14 -11.65 26.49 -67.92
C ASP A 14 -10.69 26.48 -66.75
N LEU A 15 -11.01 27.30 -65.74
CA LEU A 15 -10.33 27.27 -64.45
C LEU A 15 -11.35 26.72 -63.44
N THR A 16 -11.29 25.40 -63.21
CA THR A 16 -12.30 24.75 -62.39
C THR A 16 -12.27 25.26 -60.95
N GLY A 17 -11.08 25.43 -60.38
CA GLY A 17 -10.99 25.90 -59.02
C GLY A 17 -9.59 26.01 -58.47
N GLU A 18 -9.43 25.70 -57.19
CA GLU A 18 -8.18 25.86 -56.49
C GLU A 18 -8.17 24.99 -55.25
N VAL A 19 -7.05 24.32 -55.01
CA VAL A 19 -6.87 23.52 -53.79
C VAL A 19 -5.76 24.14 -52.97
N GLN A 20 -5.87 24.00 -51.66
CA GLN A 20 -4.94 24.62 -50.72
C GLN A 20 -4.33 23.56 -49.82
N SER A 21 -3.14 23.86 -49.29
CA SER A 21 -2.44 22.98 -48.36
C SER A 21 -2.13 23.80 -47.10
N ILE A 22 -3.10 23.85 -46.19
CA ILE A 22 -2.91 24.57 -44.93
C ILE A 22 -2.06 23.71 -44.00
N PRO A 23 -1.02 24.28 -43.37
CA PRO A 23 -0.15 23.47 -42.53
C PRO A 23 -0.88 22.91 -41.31
N ASN A 24 -0.42 21.75 -40.85
CA ASN A 24 -1.01 21.12 -39.68
C ASN A 24 -0.71 21.92 -38.43
N THR A 25 -1.74 22.11 -37.59
CA THR A 25 -1.59 22.81 -36.33
C THR A 25 -2.15 21.95 -35.20
N TYR A 26 -1.50 21.99 -34.05
CA TYR A 26 -1.86 21.18 -32.91
C TYR A 26 -2.23 22.08 -31.73
N GLY A 27 -3.29 21.70 -31.03
CA GLY A 27 -3.78 22.49 -29.91
C GLY A 27 -4.25 21.69 -28.71
N TYR A 28 -3.62 20.54 -28.47
CA TYR A 28 -4.06 19.68 -27.37
C TYR A 28 -3.88 20.36 -26.01
N ILE A 29 -2.68 20.86 -25.74
CA ILE A 29 -2.39 21.45 -24.44
C ILE A 29 -3.22 22.70 -24.22
N SER A 30 -3.35 23.54 -25.25
CA SER A 30 -4.15 24.76 -25.12
C SER A 30 -5.61 24.42 -24.85
N GLY A 31 -6.13 23.38 -25.51
CA GLY A 31 -7.49 22.96 -25.26
C GLY A 31 -7.70 22.23 -23.95
N LEU A 32 -6.62 21.73 -23.33
CA LEU A 32 -6.74 21.07 -22.05
C LEU A 32 -7.24 21.99 -20.95
N GLY A 33 -7.00 23.30 -21.07
CA GLY A 33 -7.46 24.25 -20.07
C GLY A 33 -6.71 24.19 -18.76
N LEU A 34 -5.48 23.69 -18.77
CA LEU A 34 -4.73 23.55 -17.53
C LEU A 34 -4.32 24.92 -16.98
N PHE A 35 -3.85 25.82 -17.84
CA PHE A 35 -3.27 27.09 -17.42
C PHE A 35 -4.39 28.13 -17.32
N ARG A 36 -4.81 28.45 -16.10
CA ARG A 36 -5.80 29.49 -15.91
C ARG A 36 -5.16 30.86 -16.10
N SER A 37 -5.95 31.81 -16.61
CA SER A 37 -5.42 33.13 -16.95
C SER A 37 -5.39 34.02 -15.71
N ALA A 38 -4.28 34.72 -15.53
CA ALA A 38 -4.10 35.66 -14.41
C ALA A 38 -3.58 36.97 -14.99
N PRO A 39 -4.48 37.88 -15.38
CA PRO A 39 -4.03 39.14 -15.98
C PRO A 39 -3.29 40.00 -14.97
N GLN A 40 -2.36 40.79 -15.48
CA GLN A 40 -1.44 41.55 -14.64
C GLN A 40 -1.43 43.01 -15.08
N THR A 41 -1.03 43.88 -14.15
CA THR A 41 -0.88 45.30 -14.44
C THR A 41 0.59 45.72 -14.49
N GLN A 42 1.42 45.20 -13.60
CA GLN A 42 2.84 45.54 -13.58
C GLN A 42 3.59 44.65 -14.58
N THR A 43 4.91 44.81 -14.62
CA THR A 43 5.74 44.03 -15.52
C THR A 43 6.35 42.80 -14.86
N THR A 44 6.45 42.79 -13.52
CA THR A 44 6.94 41.63 -12.79
C THR A 44 6.02 41.39 -11.61
N PHE A 45 5.94 40.13 -11.17
CA PHE A 45 5.12 39.75 -10.04
C PHE A 45 5.94 38.89 -9.09
N LEU A 46 5.62 38.98 -7.80
CA LEU A 46 6.37 38.31 -6.76
C LEU A 46 5.61 37.07 -6.29
N MET A 47 6.14 36.44 -5.24
CA MET A 47 5.51 35.30 -4.56
C MET A 47 6.25 35.04 -3.26
N ASP A 48 5.51 34.57 -2.26
CA ASP A 48 6.08 34.23 -0.96
C ASP A 48 6.18 32.71 -0.84
N LEU A 49 7.32 32.25 -0.33
CA LEU A 49 7.58 30.83 -0.18
C LEU A 49 7.82 30.54 1.30
N THR A 50 6.80 30.01 1.97
CA THR A 50 6.87 29.69 3.39
C THR A 50 6.76 28.19 3.59
N ASP A 51 7.57 27.66 4.51
CA ASP A 51 7.55 26.23 4.80
C ASP A 51 8.07 25.99 6.21
N TRP A 52 7.71 24.83 6.76
CA TRP A 52 8.19 24.39 8.06
C TRP A 52 8.45 22.89 7.99
N ASP A 53 9.15 22.37 8.99
CA ASP A 53 9.51 20.96 9.04
C ASP A 53 9.22 20.42 10.43
N ILE A 54 9.07 19.10 10.51
CA ILE A 54 8.73 18.42 11.75
C ILE A 54 9.71 17.29 11.99
N SER A 55 9.84 16.90 13.26
CA SER A 55 10.74 15.84 13.67
C SER A 55 10.13 15.09 14.85
N LEU A 56 10.73 13.95 15.18
CA LEU A 56 10.26 13.10 16.27
C LEU A 56 10.87 13.58 17.58
N LEU A 57 10.08 13.50 18.65
CA LEU A 57 10.59 13.87 19.97
C LEU A 57 11.54 12.81 20.50
N ASP A 58 12.55 13.26 21.23
CA ASP A 58 13.49 12.37 21.90
C ASP A 58 13.07 12.23 23.35
N ALA A 59 13.07 10.99 23.85
CA ALA A 59 12.67 10.74 25.23
C ALA A 59 13.66 11.36 26.19
N VAL A 60 13.13 11.95 27.27
CA VAL A 60 13.94 12.56 28.32
C VAL A 60 13.46 12.02 29.66
N ASP A 61 14.33 12.06 30.66
CA ASP A 61 13.96 11.54 31.96
C ASP A 61 13.07 12.52 32.70
N ARG A 62 12.32 12.00 33.67
CA ARG A 62 11.28 12.78 34.34
C ARG A 62 11.86 13.74 35.37
N THR A 63 12.76 13.25 36.23
CA THR A 63 13.23 14.09 37.35
C THR A 63 14.09 15.24 36.85
N SER A 64 15.00 14.97 35.93
CA SER A 64 15.77 16.04 35.27
C SER A 64 14.86 16.67 34.23
N ARG A 65 14.21 17.76 34.63
CA ARG A 65 13.11 18.32 33.85
C ARG A 65 13.60 19.03 32.59
N LYS A 66 14.19 18.28 31.67
CA LYS A 66 14.69 18.83 30.42
C LYS A 66 13.67 18.56 29.32
N ALA A 67 13.71 19.39 28.28
CA ALA A 67 12.67 19.37 27.26
C ALA A 67 13.32 19.55 25.90
N GLU A 68 12.48 19.82 24.90
CA GLU A 68 12.90 20.00 23.52
C GLU A 68 12.19 21.23 22.97
N THR A 69 12.67 21.73 21.84
CA THR A 69 12.05 22.87 21.19
C THR A 69 12.00 22.62 19.68
N SER A 70 11.25 23.46 18.97
CA SER A 70 11.03 23.32 17.54
C SER A 70 11.56 24.53 16.80
N ALA A 71 12.09 24.29 15.61
CA ALA A 71 12.62 25.36 14.79
C ALA A 71 11.49 26.22 14.23
N PRO A 72 11.75 27.51 13.98
CA PRO A 72 10.71 28.39 13.45
C PRO A 72 10.48 28.15 11.95
N GLU A 73 9.58 28.94 11.38
CA GLU A 73 9.25 28.82 9.98
C GLU A 73 10.34 29.48 9.11
N ARG A 74 10.20 29.30 7.80
CA ARG A 74 11.12 29.87 6.83
C ARG A 74 10.31 30.48 5.70
N VAL A 75 10.44 31.80 5.53
CA VAL A 75 9.69 32.54 4.51
C VAL A 75 10.69 33.27 3.62
N ARG A 76 10.51 33.12 2.30
CA ARG A 76 11.36 33.74 1.30
C ARG A 76 10.48 34.49 0.31
N GLN A 77 11.11 35.04 -0.73
CA GLN A 77 10.41 35.76 -1.78
C GLN A 77 11.14 35.60 -3.10
N ILE A 78 10.37 35.58 -4.19
CA ILE A 78 10.90 35.46 -5.55
C ILE A 78 10.12 36.41 -6.45
N SER A 79 10.59 36.55 -7.69
CA SER A 79 9.89 37.34 -8.69
C SER A 79 10.03 36.66 -10.05
N PHE A 80 9.25 37.13 -11.02
CA PHE A 80 9.17 36.49 -12.32
C PHE A 80 9.19 37.54 -13.43
N PRO A 81 10.11 37.45 -14.38
CA PRO A 81 10.00 38.21 -15.63
C PRO A 81 9.28 37.40 -16.70
N MET A 82 8.68 38.12 -17.65
CA MET A 82 7.84 37.51 -18.67
C MET A 82 8.24 37.97 -20.06
N MET A 83 7.92 37.14 -21.05
CA MET A 83 8.35 37.39 -22.43
C MET A 83 7.38 38.32 -23.15
N TYR A 84 7.93 39.08 -24.08
CA TYR A 84 7.17 39.98 -24.93
C TYR A 84 7.31 39.53 -26.39
N PHE A 85 6.19 39.45 -27.09
CA PHE A 85 6.16 39.06 -28.49
C PHE A 85 5.57 40.18 -29.33
N LYS A 86 6.19 40.47 -30.47
CA LYS A 86 5.70 41.48 -31.39
C LYS A 86 5.77 40.93 -32.81
N GLU A 87 4.74 41.23 -33.60
CA GLU A 87 4.65 40.79 -34.99
C GLU A 87 4.16 41.96 -35.84
N VAL A 88 4.83 42.20 -36.96
CA VAL A 88 4.47 43.29 -37.84
C VAL A 88 4.24 42.75 -39.25
N GLU A 89 3.17 43.24 -39.87
CA GLU A 89 2.86 42.94 -41.26
C GLU A 89 2.34 44.21 -41.92
N SER A 90 2.57 44.33 -43.23
CA SER A 90 2.20 45.51 -43.98
C SER A 90 1.50 45.11 -45.27
N ILE A 91 0.59 45.97 -45.70
CA ILE A 91 -0.13 45.79 -46.97
C ILE A 91 0.22 46.97 -47.87
N THR A 92 0.73 46.64 -49.06
CA THR A 92 1.16 47.61 -50.05
C THR A 92 0.38 47.41 -51.34
N PRO A 93 -0.09 48.50 -51.97
CA PRO A 93 -0.95 48.33 -53.16
C PRO A 93 -0.29 47.58 -54.29
N ASP A 94 1.04 47.59 -54.38
CA ASP A 94 1.72 46.85 -55.43
C ASP A 94 1.54 45.34 -55.32
N GLU A 95 1.17 44.83 -54.15
CA GLU A 95 0.81 43.43 -54.00
C GLU A 95 -0.66 43.17 -54.30
N ILE A 96 -1.44 44.20 -54.57
CA ILE A 96 -2.84 44.06 -54.93
C ILE A 96 -3.09 44.45 -56.39
N GLN A 97 -2.40 45.48 -56.87
CA GLN A 97 -2.59 45.94 -58.23
C GLN A 97 -2.08 44.91 -59.24
N GLY A 98 -2.93 44.53 -60.18
CA GLY A 98 -2.52 43.65 -61.26
C GLY A 98 -2.53 42.18 -60.90
N VAL A 99 -2.40 41.87 -59.60
CA VAL A 99 -2.34 40.48 -59.17
C VAL A 99 -3.70 39.82 -59.34
N ARG A 100 -3.70 38.52 -59.57
CA ARG A 100 -4.90 37.75 -59.86
C ARG A 100 -5.25 36.86 -58.69
N GLN A 101 -6.53 36.79 -58.38
CA GLN A 101 -7.01 35.94 -57.29
C GLN A 101 -6.91 34.48 -57.71
N PRO A 102 -6.17 33.64 -56.99
CA PRO A 102 -6.11 32.22 -57.35
C PRO A 102 -7.49 31.57 -57.29
N GLY A 103 -7.73 30.66 -58.22
CA GLY A 103 -9.02 30.01 -58.34
C GLY A 103 -10.07 30.78 -59.12
N THR A 104 -9.74 31.99 -59.59
CA THR A 104 -10.64 32.80 -60.38
C THR A 104 -10.00 33.11 -61.73
N ALA A 105 -10.83 33.15 -62.77
CA ALA A 105 -10.32 33.31 -64.13
C ALA A 105 -9.68 34.67 -64.33
N ASN A 106 -10.44 35.75 -64.10
CA ASN A 106 -9.94 37.08 -64.36
C ASN A 106 -10.33 38.09 -63.28
N GLU A 107 -10.46 37.63 -62.04
CA GLU A 107 -10.80 38.51 -60.93
C GLU A 107 -9.56 38.84 -60.11
N LEU A 108 -9.46 40.10 -59.69
CA LEU A 108 -8.31 40.61 -58.98
C LEU A 108 -8.57 40.59 -57.48
N THR A 109 -7.49 40.40 -56.71
CA THR A 109 -7.61 40.41 -55.25
C THR A 109 -7.93 41.81 -54.75
N THR A 110 -8.67 41.87 -53.65
CA THR A 110 -9.00 43.12 -53.01
C THR A 110 -8.14 43.28 -51.75
N GLU A 111 -8.18 44.47 -51.15
CA GLU A 111 -7.50 44.69 -49.88
C GLU A 111 -8.11 43.86 -48.76
N ALA A 112 -9.42 43.60 -48.84
CA ALA A 112 -10.11 42.90 -47.77
C ALA A 112 -9.61 41.47 -47.60
N VAL A 113 -9.48 40.73 -48.70
CA VAL A 113 -9.05 39.33 -48.61
C VAL A 113 -7.60 39.25 -48.13
N VAL A 114 -6.74 40.13 -48.63
CA VAL A 114 -5.35 40.14 -48.19
C VAL A 114 -5.26 40.44 -46.71
N ARG A 115 -6.01 41.45 -46.25
CA ARG A 115 -5.99 41.78 -44.83
C ARG A 115 -6.52 40.63 -43.98
N ALA A 116 -7.59 39.98 -44.42
CA ALA A 116 -8.13 38.86 -43.68
C ALA A 116 -7.13 37.72 -43.58
N LYS A 117 -6.44 37.40 -44.67
CA LYS A 117 -5.48 36.30 -44.62
C LYS A 117 -4.28 36.65 -43.76
N LYS A 118 -3.83 37.91 -43.80
CA LYS A 118 -2.72 38.34 -42.95
C LYS A 118 -3.10 38.23 -41.48
N LEU A 119 -4.29 38.71 -41.12
CA LEU A 119 -4.72 38.66 -39.73
C LEU A 119 -4.89 37.22 -39.26
N MET A 120 -5.46 36.37 -40.12
CA MET A 120 -5.63 34.96 -39.76
C MET A 120 -4.27 34.29 -39.53
N LYS A 121 -3.30 34.57 -40.40
CA LYS A 121 -1.97 33.99 -40.21
C LYS A 121 -1.33 34.49 -38.92
N ILE A 122 -1.48 35.77 -38.61
CA ILE A 122 -0.90 36.31 -37.39
C ILE A 122 -1.52 35.65 -36.16
N ARG A 123 -2.85 35.53 -36.16
CA ARG A 123 -3.52 34.91 -35.02
C ARG A 123 -3.15 33.45 -34.87
N THR A 124 -3.05 32.72 -35.99
CA THR A 124 -2.63 31.32 -35.93
C THR A 124 -1.21 31.20 -35.40
N LYS A 125 -0.32 32.10 -35.82
CA LYS A 125 1.05 32.08 -35.32
C LYS A 125 1.09 32.30 -33.82
N PHE A 126 0.31 33.27 -33.33
CA PHE A 126 0.28 33.53 -31.89
C PHE A 126 -0.30 32.35 -31.11
N ASP A 127 -1.35 31.73 -31.64
CA ASP A 127 -1.93 30.56 -30.96
C ASP A 127 -0.92 29.41 -30.92
N ILE A 128 -0.20 29.19 -32.02
CA ILE A 128 0.77 28.11 -32.07
C ILE A 128 1.90 28.36 -31.09
N THR A 129 2.40 29.60 -31.04
CA THR A 129 3.43 29.94 -30.08
C THR A 129 2.94 29.79 -28.65
N ARG A 130 1.67 30.13 -28.39
CA ARG A 130 1.10 29.95 -27.06
C ARG A 130 1.07 28.48 -26.68
N GLU A 131 0.68 27.62 -27.61
CA GLU A 131 0.67 26.18 -27.33
C GLU A 131 2.08 25.67 -27.05
N PHE A 132 3.06 26.11 -27.83
CA PHE A 132 4.44 25.70 -27.61
C PHE A 132 4.95 26.16 -26.24
N LEU A 133 4.62 27.39 -25.86
CA LEU A 133 5.04 27.91 -24.56
C LEU A 133 4.36 27.16 -23.42
N PHE A 134 3.08 26.81 -23.60
CA PHE A 134 2.39 26.02 -22.58
C PHE A 134 3.05 24.66 -22.40
N MET A 135 3.41 24.00 -23.50
CA MET A 135 4.10 22.72 -23.39
C MET A 135 5.46 22.88 -22.72
N GLN A 136 6.19 23.95 -23.07
CA GLN A 136 7.48 24.19 -22.44
C GLN A 136 7.35 24.41 -20.94
N ALA A 137 6.33 25.15 -20.52
CA ALA A 137 6.09 25.33 -19.10
C ALA A 137 5.73 24.00 -18.43
N LEU A 138 4.95 23.17 -19.13
CA LEU A 138 4.64 21.84 -18.61
C LEU A 138 5.91 21.00 -18.45
N LYS A 139 6.91 21.21 -19.29
CA LYS A 139 8.17 20.49 -19.16
C LYS A 139 8.94 20.90 -17.91
N GLY A 140 8.59 22.03 -17.29
CA GLY A 140 9.25 22.50 -16.10
C GLY A 140 10.24 23.62 -16.31
N LYS A 141 10.72 23.80 -17.54
CA LYS A 141 11.64 24.88 -17.87
C LYS A 141 11.04 25.69 -19.02
N VAL A 142 10.90 26.99 -18.82
CA VAL A 142 10.21 27.86 -19.77
C VAL A 142 11.29 28.45 -20.68
N ILE A 143 11.57 27.76 -21.78
CA ILE A 143 12.61 28.14 -22.73
C ILE A 143 11.94 28.72 -23.96
N ASP A 144 12.43 29.88 -24.40
CA ASP A 144 11.91 30.52 -25.60
C ASP A 144 12.33 29.72 -26.84
N ALA A 145 11.55 29.88 -27.92
CA ALA A 145 11.80 29.12 -29.14
C ALA A 145 13.21 29.37 -29.67
N ASN A 146 13.74 30.59 -29.50
CA ASN A 146 15.11 30.87 -29.89
C ASN A 146 16.09 30.06 -29.04
N GLY A 147 15.83 29.95 -27.74
CA GLY A 147 16.66 29.16 -26.86
C GLY A 147 17.08 29.87 -25.60
N VAL A 148 16.57 31.08 -25.38
CA VAL A 148 16.93 31.85 -24.19
C VAL A 148 16.06 31.41 -23.03
N LEU A 149 16.64 31.43 -21.83
CA LEU A 149 15.93 30.99 -20.64
C LEU A 149 15.22 32.17 -19.99
N TYR A 150 13.93 32.01 -19.71
CA TYR A 150 13.13 33.04 -19.07
C TYR A 150 12.71 32.71 -17.65
N ALA A 151 12.46 31.45 -17.34
CA ALA A 151 12.08 31.06 -15.99
C ALA A 151 12.43 29.59 -15.80
N ASP A 152 13.48 29.31 -15.02
CA ASP A 152 13.85 27.95 -14.64
C ASP A 152 13.11 27.64 -13.34
N LEU A 153 11.97 26.97 -13.46
CA LEU A 153 11.11 26.75 -12.30
C LEU A 153 11.76 25.83 -11.28
N TYR A 154 12.64 24.93 -11.72
CA TYR A 154 13.27 24.00 -10.78
C TYR A 154 14.32 24.71 -9.92
N LYS A 155 15.06 25.65 -10.51
CA LYS A 155 16.03 26.41 -9.73
C LYS A 155 15.35 27.50 -8.90
N GLN A 156 14.24 28.04 -9.37
CA GLN A 156 13.57 29.11 -8.63
C GLN A 156 12.91 28.59 -7.36
N PHE A 157 12.27 27.42 -7.44
CA PHE A 157 11.61 26.84 -6.29
C PHE A 157 12.50 25.85 -5.52
N ASP A 158 13.74 25.68 -5.95
CA ASP A 158 14.73 24.87 -5.22
C ASP A 158 14.26 23.42 -5.07
N VAL A 159 13.84 22.84 -6.18
CA VAL A 159 13.48 21.43 -6.25
C VAL A 159 14.21 20.81 -7.43
N THR A 160 14.18 19.48 -7.49
CA THR A 160 14.92 18.72 -8.48
C THR A 160 13.97 17.99 -9.42
N LYS A 161 14.40 17.81 -10.66
CA LYS A 161 13.57 17.13 -11.65
C LYS A 161 13.55 15.62 -11.42
N LYS A 162 12.39 15.02 -11.62
CA LYS A 162 12.20 13.58 -11.45
C LYS A 162 11.92 12.95 -12.81
N THR A 163 12.66 11.90 -13.14
CA THR A 163 12.47 11.15 -14.37
C THR A 163 12.39 9.67 -14.04
N ILE A 164 11.55 8.95 -14.81
CA ILE A 164 11.29 7.54 -14.59
C ILE A 164 11.62 6.79 -15.87
N TYR A 165 12.40 5.71 -15.73
CA TYR A 165 12.81 4.89 -16.86
C TYR A 165 11.93 3.64 -16.89
N PHE A 166 11.01 3.58 -17.86
CA PHE A 166 10.07 2.47 -17.91
C PHE A 166 10.71 1.17 -18.38
N ASP A 167 11.84 1.25 -19.08
CA ASP A 167 12.57 0.07 -19.56
C ASP A 167 11.66 -0.83 -20.40
N LEU A 168 11.01 -0.22 -21.40
CA LEU A 168 10.05 -0.94 -22.23
C LEU A 168 10.71 -2.00 -23.11
N ASP A 169 12.00 -1.85 -23.40
CA ASP A 169 12.67 -2.83 -24.25
C ASP A 169 12.83 -4.17 -23.53
N ASN A 170 13.05 -4.15 -22.23
CA ASN A 170 13.27 -5.37 -21.47
C ASN A 170 11.94 -6.12 -21.32
N PRO A 171 11.84 -7.37 -21.75
CA PRO A 171 10.58 -8.11 -21.58
C PRO A 171 10.27 -8.45 -20.13
N ASN A 172 11.24 -8.36 -19.23
CA ASN A 172 11.03 -8.67 -17.82
C ASN A 172 10.80 -7.44 -16.96
N SER A 173 10.59 -6.28 -17.58
CA SER A 173 10.44 -5.04 -16.81
C SER A 173 9.11 -5.03 -16.06
N ASP A 174 9.14 -4.43 -14.86
CA ASP A 174 7.96 -4.27 -14.02
C ASP A 174 7.29 -2.95 -14.38
N ILE A 175 6.35 -3.00 -15.33
CA ILE A 175 5.61 -1.79 -15.68
C ILE A 175 4.77 -1.32 -14.50
N ASP A 176 4.23 -2.27 -13.72
CA ASP A 176 3.46 -1.91 -12.54
C ASP A 176 4.32 -1.16 -11.54
N ALA A 177 5.58 -1.57 -11.36
CA ALA A 177 6.46 -0.89 -10.41
C ALA A 177 6.74 0.54 -10.84
N HIS A 178 7.00 0.76 -12.13
CA HIS A 178 7.26 2.12 -12.61
C HIS A 178 6.00 2.98 -12.50
N ILE A 179 4.83 2.42 -12.83
CA ILE A 179 3.60 3.18 -12.70
C ILE A 179 3.34 3.53 -11.24
N GLU A 180 3.59 2.59 -10.33
CA GLU A 180 3.43 2.87 -8.91
C GLU A 180 4.41 3.93 -8.43
N ASP A 181 5.65 3.89 -8.92
CA ASP A 181 6.63 4.91 -8.54
C ASP A 181 6.18 6.29 -8.99
N LEU A 182 5.70 6.39 -10.24
CA LEU A 182 5.20 7.66 -10.74
C LEU A 182 3.99 8.12 -9.93
N ARG A 183 3.10 7.19 -9.58
CA ARG A 183 1.91 7.53 -8.81
C ARG A 183 2.28 8.04 -7.42
N MET A 184 3.23 7.38 -6.77
CA MET A 184 3.62 7.72 -5.41
C MET A 184 4.48 8.97 -5.34
N HIS A 185 5.22 9.29 -6.41
CA HIS A 185 6.05 10.48 -6.39
C HIS A 185 5.23 11.75 -6.21
N MET A 186 4.10 11.86 -6.90
CA MET A 186 3.25 13.04 -6.77
C MET A 186 2.72 13.18 -5.36
N GLU A 187 2.24 12.08 -4.77
CA GLU A 187 1.72 12.12 -3.42
C GLU A 187 2.81 12.47 -2.41
N ASP A 188 4.02 11.98 -2.62
CA ASP A 188 5.10 12.25 -1.67
C ASP A 188 5.59 13.69 -1.78
N GLU A 189 5.75 14.20 -2.99
CA GLU A 189 6.39 15.49 -3.20
C GLU A 189 5.41 16.63 -3.39
N ALA A 190 4.09 16.38 -3.30
CA ALA A 190 3.13 17.47 -3.41
C ALA A 190 3.31 18.47 -2.27
N LYS A 191 3.32 17.97 -1.03
CA LYS A 191 3.58 18.79 0.16
C LYS A 191 2.61 19.97 0.24
N THR A 192 1.36 19.72 -0.12
CA THR A 192 0.32 20.75 0.01
C THR A 192 -0.42 20.67 1.33
N GLY A 193 -0.14 19.65 2.16
CA GLY A 193 -0.79 19.49 3.43
C GLY A 193 -2.09 18.71 3.40
N THR A 194 -2.66 18.52 2.21
CA THR A 194 -3.90 17.78 2.06
C THR A 194 -3.60 16.36 1.58
N VAL A 195 -4.65 15.61 1.27
CA VAL A 195 -4.55 14.23 0.82
C VAL A 195 -4.52 14.21 -0.71
N ILE A 196 -3.49 13.57 -1.28
CA ILE A 196 -3.27 13.56 -2.72
C ILE A 196 -3.66 12.21 -3.28
N ASN A 197 -4.26 12.20 -4.46
CA ASN A 197 -4.59 10.99 -5.19
C ASN A 197 -3.69 10.95 -6.43
N GLY A 198 -2.71 10.06 -6.42
CA GLY A 198 -1.73 10.01 -7.49
C GLY A 198 -2.27 9.46 -8.80
N GLU A 199 -3.43 8.82 -8.78
CA GLU A 199 -4.01 8.28 -10.00
C GLU A 199 -4.54 9.35 -10.94
N GLU A 200 -4.72 10.58 -10.46
CA GLU A 200 -5.29 11.65 -11.27
C GLU A 200 -4.15 12.49 -11.84
N ILE A 201 -3.58 11.98 -12.93
CA ILE A 201 -2.49 12.66 -13.64
C ILE A 201 -2.73 12.52 -15.13
N HIS A 202 -2.09 13.41 -15.90
CA HIS A 202 -2.05 13.32 -17.35
C HIS A 202 -0.68 12.78 -17.75
N ILE A 203 -0.67 11.67 -18.49
CA ILE A 203 0.56 11.10 -19.04
C ILE A 203 0.49 11.24 -20.54
N VAL A 204 1.37 12.05 -21.10
CA VAL A 204 1.41 12.32 -22.54
C VAL A 204 2.73 11.77 -23.07
N VAL A 205 2.65 10.86 -24.04
CA VAL A 205 3.82 10.21 -24.60
C VAL A 205 3.87 10.46 -26.10
N ASP A 206 4.97 10.05 -26.74
CA ASP A 206 5.12 10.20 -28.18
C ASP A 206 4.83 8.87 -28.87
N ARG A 207 5.07 8.83 -30.19
CA ARG A 207 4.71 7.66 -30.98
C ARG A 207 5.51 6.42 -30.56
N THR A 208 6.83 6.58 -30.41
CA THR A 208 7.68 5.43 -30.13
C THR A 208 7.39 4.85 -28.74
N PHE A 209 7.20 5.71 -27.73
CA PHE A 209 6.88 5.21 -26.40
C PHE A 209 5.55 4.46 -26.40
N PHE A 210 4.54 5.02 -27.06
CA PHE A 210 3.23 4.37 -27.12
C PHE A 210 3.32 3.02 -27.82
N SER A 211 4.04 2.96 -28.95
CA SER A 211 4.18 1.71 -29.68
C SER A 211 4.92 0.67 -28.85
N LYS A 212 5.99 1.08 -28.16
CA LYS A 212 6.71 0.14 -27.31
C LYS A 212 5.86 -0.35 -26.15
N LEU A 213 5.06 0.54 -25.55
CA LEU A 213 4.25 0.14 -24.40
C LEU A 213 3.14 -0.81 -24.81
N ILE A 214 2.40 -0.50 -25.87
CA ILE A 214 1.26 -1.34 -26.24
C ILE A 214 1.70 -2.70 -26.77
N LYS A 215 2.95 -2.84 -27.20
CA LYS A 215 3.44 -4.08 -27.76
C LYS A 215 4.28 -4.89 -26.77
N HIS A 216 4.34 -4.47 -25.51
CA HIS A 216 5.12 -5.21 -24.53
C HIS A 216 4.48 -6.57 -24.28
N PRO A 217 5.28 -7.64 -24.19
CA PRO A 217 4.70 -8.97 -23.97
C PRO A 217 3.86 -9.08 -22.71
N LYS A 218 4.26 -8.40 -21.63
CA LYS A 218 3.48 -8.44 -20.40
C LYS A 218 2.09 -7.86 -20.60
N ILE A 219 2.02 -6.64 -21.14
CA ILE A 219 0.73 -5.96 -21.29
C ILE A 219 -0.16 -6.74 -22.26
N ARG A 220 0.40 -7.14 -23.41
CA ARG A 220 -0.40 -7.83 -24.41
C ARG A 220 -0.87 -9.19 -23.92
N ASP A 221 0.00 -9.94 -23.25
CA ASP A 221 -0.39 -11.26 -22.75
C ASP A 221 -1.41 -11.13 -21.62
N ALA A 222 -1.31 -10.06 -20.82
CA ALA A 222 -2.30 -9.84 -19.77
C ALA A 222 -3.66 -9.48 -20.36
N TYR A 223 -3.69 -8.60 -21.35
CA TYR A 223 -4.96 -8.18 -21.93
C TYR A 223 -5.55 -9.23 -22.86
N LEU A 224 -4.75 -10.18 -23.34
CA LEU A 224 -5.28 -11.22 -24.21
C LEU A 224 -6.13 -12.21 -23.44
N ALA A 225 -5.72 -12.55 -22.22
CA ALA A 225 -6.48 -13.47 -21.36
C ALA A 225 -7.54 -12.73 -20.56
N GLN A 226 -8.35 -11.94 -21.25
CA GLN A 226 -9.44 -11.20 -20.63
C GLN A 226 -10.69 -11.35 -21.49
N GLN A 227 -11.85 -11.31 -20.83
CA GLN A 227 -13.13 -11.37 -21.51
C GLN A 227 -13.95 -10.13 -21.21
N THR A 228 -13.30 -8.98 -21.15
CA THR A 228 -13.92 -7.68 -20.96
C THR A 228 -13.94 -6.91 -22.27
N PRO A 229 -14.95 -6.05 -22.48
CA PRO A 229 -14.96 -5.24 -23.71
C PRO A 229 -13.74 -4.36 -23.87
N LEU A 230 -13.15 -3.89 -22.76
CA LEU A 230 -11.96 -3.05 -22.85
C LEU A 230 -10.81 -3.81 -23.49
N ALA A 231 -10.58 -5.05 -23.06
CA ALA A 231 -9.49 -5.85 -23.63
C ALA A 231 -9.73 -6.15 -25.10
N TRP A 232 -10.97 -6.46 -25.47
CA TRP A 232 -11.29 -6.70 -26.86
C TRP A 232 -11.02 -5.45 -27.71
N GLN A 233 -11.39 -4.28 -27.19
CA GLN A 233 -11.12 -3.04 -27.93
C GLN A 233 -9.63 -2.78 -28.05
N GLN A 234 -8.86 -3.01 -26.98
CA GLN A 234 -7.44 -2.71 -27.02
C GLN A 234 -6.66 -3.68 -27.89
N ILE A 235 -7.07 -4.95 -27.94
CA ILE A 235 -6.31 -5.96 -28.67
C ILE A 235 -6.72 -5.98 -30.14
N THR A 236 -8.00 -6.27 -30.40
CA THR A 236 -8.54 -6.26 -31.76
C THR A 236 -9.62 -5.19 -31.82
N GLY A 237 -9.20 -3.96 -32.10
CA GLY A 237 -10.12 -2.85 -32.16
C GLY A 237 -9.37 -1.55 -32.27
N SER A 238 -10.15 -0.47 -32.37
CA SER A 238 -9.57 0.86 -32.51
C SER A 238 -8.96 1.32 -31.20
N LEU A 239 -7.70 1.72 -31.24
CA LEU A 239 -7.00 2.30 -30.09
C LEU A 239 -7.04 3.83 -30.12
N ARG A 240 -8.11 4.40 -30.67
CA ARG A 240 -8.17 5.84 -30.91
C ARG A 240 -9.41 6.44 -30.26
N THR A 241 -9.65 6.14 -29.00
CA THR A 241 -10.74 6.78 -28.30
C THR A 241 -10.34 8.19 -27.88
N GLY A 242 -11.16 9.14 -28.17
CA GLY A 242 -10.89 10.48 -27.64
C GLY A 242 -9.87 11.37 -28.26
N GLY A 243 -10.26 12.58 -28.62
CA GLY A 243 -9.22 13.45 -29.10
C GLY A 243 -9.48 14.77 -29.74
N THR A 244 -8.99 15.01 -30.96
CA THR A 244 -8.85 16.29 -31.66
C THR A 244 -7.55 16.78 -31.07
N ASP A 245 -6.44 16.49 -31.74
CA ASP A 245 -5.09 16.93 -31.36
C ASP A 245 -4.81 18.09 -32.25
N GLY A 246 -5.81 18.63 -32.92
CA GLY A 246 -5.62 19.61 -33.97
C GLY A 246 -5.77 18.90 -35.28
N VAL A 247 -4.83 18.08 -35.70
CA VAL A 247 -4.86 17.29 -36.94
C VAL A 247 -5.68 16.01 -36.81
N GLN A 248 -5.63 15.34 -35.66
CA GLN A 248 -6.34 14.07 -35.57
C GLN A 248 -7.75 14.29 -35.06
N ALA A 249 -8.69 13.50 -35.59
CA ALA A 249 -10.03 13.47 -35.03
C ALA A 249 -10.10 12.63 -33.77
N HIS A 250 -9.13 11.74 -33.56
CA HIS A 250 -9.16 10.81 -32.43
C HIS A 250 -7.72 10.40 -32.12
N MET A 251 -7.23 10.81 -30.96
CA MET A 251 -5.85 10.52 -30.57
C MET A 251 -5.75 9.16 -29.90
N ASN A 252 -4.56 8.57 -29.98
CA ASN A 252 -4.30 7.28 -29.39
C ASN A 252 -4.23 7.41 -27.88
N ARG A 253 -4.91 6.52 -27.16
CA ARG A 253 -4.78 6.43 -25.72
C ARG A 253 -4.93 4.98 -25.28
N PHE A 254 -4.27 4.62 -24.19
CA PHE A 254 -4.14 3.24 -23.74
C PHE A 254 -4.37 3.17 -22.24
N TYR A 255 -5.22 2.23 -21.81
CA TYR A 255 -5.53 2.01 -20.41
C TYR A 255 -4.83 0.74 -19.94
N TYR A 256 -3.93 0.88 -18.96
CA TYR A 256 -3.30 -0.28 -18.36
C TYR A 256 -3.65 -0.43 -16.88
N GLY A 257 -3.35 0.58 -16.07
CA GLY A 257 -3.68 0.53 -14.66
C GLY A 257 -4.76 1.55 -14.31
N GLY A 258 -4.51 2.32 -13.27
CA GLY A 258 -5.38 3.45 -12.97
C GLY A 258 -5.10 4.67 -13.79
N VAL A 259 -4.12 4.60 -14.67
CA VAL A 259 -3.69 5.74 -15.47
C VAL A 259 -3.93 5.45 -16.94
N VAL A 260 -3.83 6.49 -17.77
CA VAL A 260 -3.94 6.36 -19.21
C VAL A 260 -2.71 6.97 -19.85
N PHE A 261 -2.31 6.43 -20.99
CA PHE A 261 -1.20 6.94 -21.78
C PHE A 261 -1.73 7.50 -23.08
N VAL A 262 -1.46 8.78 -23.34
CA VAL A 262 -1.99 9.48 -24.50
C VAL A 262 -0.83 9.86 -25.39
N GLN A 263 -0.95 9.57 -26.69
CA GLN A 263 0.09 9.86 -27.67
C GLN A 263 -0.19 11.21 -28.32
N TYR A 264 0.77 12.11 -28.23
CA TYR A 264 0.67 13.45 -28.80
C TYR A 264 1.74 13.63 -29.85
N ASN A 265 1.33 13.98 -31.07
CA ASN A 265 2.25 14.11 -32.20
C ASN A 265 2.58 15.55 -32.53
N GLY A 266 2.25 16.50 -31.65
CA GLY A 266 2.47 17.90 -31.91
C GLY A 266 3.92 18.29 -32.16
N LYS A 267 4.15 19.11 -33.18
CA LYS A 267 5.49 19.59 -33.49
C LYS A 267 5.38 20.86 -34.31
N PHE A 268 6.30 21.79 -34.08
CA PHE A 268 6.34 23.07 -34.79
C PHE A 268 7.75 23.35 -35.26
N LYS A 269 7.88 24.36 -36.11
CA LYS A 269 9.17 24.79 -36.63
C LYS A 269 9.34 26.29 -36.40
N ASP A 270 10.58 26.71 -36.23
CA ASP A 270 10.94 28.11 -36.08
C ASP A 270 11.55 28.62 -37.38
N LYS A 271 11.86 29.92 -37.41
CA LYS A 271 12.37 30.53 -38.63
C LYS A 271 13.70 29.91 -39.06
N ARG A 272 14.46 29.38 -38.11
CA ARG A 272 15.71 28.71 -38.45
C ARG A 272 15.48 27.36 -39.12
N GLY A 273 14.25 26.86 -39.13
CA GLY A 273 13.93 25.60 -39.80
C GLY A 273 13.95 24.39 -38.90
N LYS A 274 14.57 24.48 -37.73
CA LYS A 274 14.64 23.34 -36.82
C LYS A 274 13.26 23.03 -36.25
N THR A 275 12.90 21.75 -36.28
CA THR A 275 11.61 21.33 -35.75
C THR A 275 11.62 21.35 -34.22
N HIS A 276 10.44 21.50 -33.63
CA HIS A 276 10.27 21.55 -32.18
C HIS A 276 9.20 20.54 -31.80
N THR A 277 9.61 19.33 -31.46
CA THR A 277 8.66 18.31 -31.02
C THR A 277 8.13 18.67 -29.63
N LEU A 278 6.80 18.68 -29.51
CA LEU A 278 6.19 19.08 -28.24
C LEU A 278 6.45 18.06 -27.14
N VAL A 279 6.45 16.78 -27.48
CA VAL A 279 6.72 15.71 -26.53
C VAL A 279 8.16 15.27 -26.78
N SER A 280 9.08 15.91 -26.06
CA SER A 280 10.50 15.60 -26.22
C SER A 280 11.25 16.01 -24.96
N ILE A 281 12.46 15.49 -24.83
CA ILE A 281 13.37 15.84 -23.75
C ILE A 281 14.54 16.60 -24.35
N ASP A 282 14.84 17.77 -23.79
CA ASP A 282 15.98 18.55 -24.26
C ASP A 282 17.27 17.81 -23.93
N GLY A 283 18.00 17.37 -24.96
CA GLY A 283 19.25 16.68 -24.75
C GLY A 283 19.32 15.30 -25.38
N VAL A 284 18.16 14.60 -25.23
CA VAL A 284 17.99 13.18 -25.62
C VAL A 284 17.37 13.06 -26.98
N SER A 285 18.05 12.44 -27.91
CA SER A 285 17.53 12.49 -29.29
C SER A 285 17.74 11.18 -30.03
N ASP A 286 17.84 10.06 -29.33
CA ASP A 286 17.89 8.78 -30.04
C ASP A 286 16.52 8.62 -30.65
N THR A 287 16.39 7.64 -31.51
CA THR A 287 15.14 7.43 -32.19
C THR A 287 14.60 6.23 -31.52
N ASN A 288 15.48 5.53 -30.86
CA ASN A 288 15.00 4.29 -30.27
C ASN A 288 14.64 4.53 -28.83
N VAL A 289 14.44 5.79 -28.44
CA VAL A 289 13.90 5.83 -27.09
C VAL A 289 12.62 6.64 -27.08
N GLY A 290 11.66 6.20 -26.27
CA GLY A 290 10.42 6.93 -26.11
C GLY A 290 10.46 7.85 -24.89
N VAL A 291 9.84 9.01 -25.04
CA VAL A 291 9.83 10.03 -23.99
C VAL A 291 8.38 10.39 -23.68
N GLY A 292 8.13 10.78 -22.43
CA GLY A 292 6.80 11.16 -22.02
C GLY A 292 6.86 12.26 -20.97
N HIS A 293 5.70 12.82 -20.69
CA HIS A 293 5.57 13.88 -19.70
C HIS A 293 4.34 13.62 -18.85
N ALA A 294 4.54 13.54 -17.54
CA ALA A 294 3.44 13.35 -16.60
C ALA A 294 3.30 14.59 -15.74
N PHE A 295 2.11 15.19 -15.75
CA PHE A 295 1.82 16.37 -14.95
C PHE A 295 0.50 16.16 -14.22
N PRO A 296 0.32 16.81 -13.07
CA PRO A 296 -0.91 16.60 -12.31
C PRO A 296 -2.15 17.01 -13.08
N ASN A 297 -3.23 16.26 -12.85
CA ASN A 297 -4.53 16.63 -13.38
C ASN A 297 -5.04 17.88 -12.69
N VAL A 298 -6.04 18.52 -13.32
CA VAL A 298 -6.60 19.73 -12.73
C VAL A 298 -7.29 19.42 -11.40
N ALA A 299 -7.99 18.29 -11.32
CA ALA A 299 -8.70 17.91 -10.10
C ALA A 299 -7.88 16.95 -9.24
N MET A 300 -6.64 17.30 -8.92
CA MET A 300 -5.84 16.53 -7.98
C MET A 300 -5.59 17.28 -6.69
N LEU A 301 -5.09 18.51 -6.78
CA LEU A 301 -4.93 19.37 -5.62
C LEU A 301 -6.15 20.24 -5.36
N GLY A 302 -7.15 20.18 -6.23
CA GLY A 302 -8.36 20.96 -6.07
C GLY A 302 -8.25 22.34 -6.67
N GLU A 303 -9.41 23.00 -6.76
CA GLU A 303 -9.44 24.37 -7.25
C GLU A 303 -8.79 25.35 -6.29
N ALA A 304 -8.72 25.01 -5.00
CA ALA A 304 -8.05 25.86 -4.03
C ALA A 304 -6.56 25.96 -4.33
N ASN A 305 -5.94 24.85 -4.75
CA ASN A 305 -4.51 24.80 -5.04
C ASN A 305 -4.34 24.50 -6.52
N ASN A 306 -4.35 25.56 -7.34
CA ASN A 306 -4.05 25.45 -8.76
C ASN A 306 -2.61 25.89 -8.99
N ILE A 307 -1.82 25.03 -9.64
CA ILE A 307 -0.40 25.27 -9.80
C ILE A 307 -0.02 25.72 -11.20
N PHE A 308 -0.96 25.69 -12.15
CA PHE A 308 -0.71 26.10 -13.53
C PHE A 308 -1.38 27.44 -13.76
N GLU A 309 -0.58 28.48 -14.00
CA GLU A 309 -1.07 29.82 -14.22
C GLU A 309 -0.31 30.45 -15.38
N VAL A 310 -0.92 31.45 -16.01
CA VAL A 310 -0.30 32.23 -17.06
C VAL A 310 -0.64 33.70 -16.82
N ALA A 311 0.37 34.56 -16.95
CA ALA A 311 0.22 35.99 -16.70
C ALA A 311 0.10 36.76 -18.01
N TYR A 312 -0.50 37.95 -17.91
CA TYR A 312 -0.69 38.81 -19.07
C TYR A 312 -0.57 40.26 -18.61
N ALA A 313 0.28 41.04 -19.27
CA ALA A 313 0.50 42.42 -18.90
C ALA A 313 0.39 43.32 -20.13
N PRO A 314 0.10 44.61 -19.94
CA PRO A 314 -0.21 45.47 -21.09
C PRO A 314 0.99 45.75 -21.97
N CYS A 315 0.69 46.10 -23.22
CA CYS A 315 1.70 46.51 -24.17
C CYS A 315 2.17 47.93 -23.87
N PRO A 316 3.39 48.29 -24.30
CA PRO A 316 3.92 49.63 -24.01
C PRO A 316 3.41 50.70 -24.98
N LYS A 317 2.12 50.75 -25.22
CA LYS A 317 1.57 51.75 -26.14
C LYS A 317 0.89 52.62 -25.13
N MET A 318 0.46 53.78 -25.51
CA MET A 318 -0.14 54.72 -24.58
C MET A 318 -1.58 54.37 -24.52
N GLY A 319 -2.07 54.55 -23.35
CA GLY A 319 -3.44 54.23 -23.14
C GLY A 319 -3.38 52.97 -22.43
N TYR A 320 -2.30 52.26 -22.76
CA TYR A 320 -2.50 50.98 -22.07
C TYR A 320 -1.63 50.85 -20.82
N ALA A 321 -1.01 51.94 -20.37
CA ALA A 321 -0.13 51.85 -19.21
C ALA A 321 -0.91 51.51 -17.95
N ASN A 322 -0.35 50.59 -17.16
CA ASN A 322 -0.90 50.20 -15.86
C ASN A 322 -2.34 49.67 -15.98
N THR A 323 -2.62 48.91 -17.03
CA THR A 323 -3.92 48.29 -17.23
C THR A 323 -3.78 46.78 -17.15
N LEU A 324 -4.92 46.10 -17.07
CA LEU A 324 -4.91 44.64 -17.03
C LEU A 324 -4.52 44.08 -18.40
N GLY A 325 -3.59 43.13 -18.40
CA GLY A 325 -3.12 42.56 -19.63
C GLY A 325 -4.16 41.72 -20.33
N GLN A 326 -4.01 41.61 -21.66
CA GLN A 326 -4.93 40.86 -22.48
C GLN A 326 -4.17 39.75 -23.20
N GLU A 327 -4.94 38.88 -23.86
CA GLU A 327 -4.34 37.78 -24.62
C GLU A 327 -3.49 38.32 -25.76
N LEU A 328 -4.00 39.30 -26.49
CA LEU A 328 -3.33 39.80 -27.68
C LEU A 328 -3.85 41.19 -28.01
N TYR A 329 -2.94 42.06 -28.45
CA TYR A 329 -3.28 43.40 -28.93
C TYR A 329 -3.04 43.47 -30.44
N VAL A 330 -4.01 43.98 -31.17
CA VAL A 330 -3.89 44.20 -32.61
C VAL A 330 -4.15 45.67 -32.89
N PHE A 331 -3.24 46.31 -33.62
CA PHE A 331 -3.28 47.74 -33.86
C PHE A 331 -3.30 48.03 -35.36
N GLU A 332 -4.09 49.02 -35.74
CA GLU A 332 -4.25 49.45 -37.13
C GLU A 332 -3.52 50.77 -37.31
N TYR A 333 -2.61 50.82 -38.28
CA TYR A 333 -1.84 52.02 -38.57
C TYR A 333 -1.81 52.24 -40.08
N GLU A 334 -1.98 53.48 -40.50
CA GLU A 334 -2.01 53.83 -41.91
C GLU A 334 -0.72 54.52 -42.31
N LYS A 335 -0.11 54.05 -43.40
CA LYS A 335 1.04 54.75 -43.95
C LYS A 335 0.63 56.11 -44.52
N ASP A 336 1.51 57.09 -44.38
CA ASP A 336 1.22 58.40 -44.93
C ASP A 336 1.30 58.37 -46.45
N ARG A 337 0.62 59.34 -47.08
CA ARG A 337 0.54 59.45 -48.54
C ARG A 337 -0.06 58.20 -49.18
N ASP A 338 -1.01 57.58 -48.48
CA ASP A 338 -1.74 56.43 -49.00
C ASP A 338 -0.80 55.31 -49.48
N GLU A 339 0.26 55.07 -48.72
CA GLU A 339 1.24 54.08 -49.11
C GLU A 339 0.90 52.68 -48.63
N GLY A 340 -0.16 52.51 -47.84
CA GLY A 340 -0.57 51.20 -47.40
C GLY A 340 -0.97 51.21 -45.95
N ILE A 341 -1.00 50.02 -45.35
CA ILE A 341 -1.46 49.83 -43.97
C ILE A 341 -0.39 49.06 -43.20
N ASP A 342 -0.21 49.42 -41.94
CA ASP A 342 0.70 48.73 -41.03
C ASP A 342 -0.10 47.96 -39.99
N PHE A 343 0.41 46.80 -39.61
CA PHE A 343 -0.20 45.95 -38.60
C PHE A 343 0.81 45.59 -37.54
N GLU A 344 0.39 45.63 -36.27
CA GLU A 344 1.21 45.22 -35.16
C GLU A 344 0.41 44.33 -34.23
N ALA A 345 1.06 43.30 -33.70
CA ALA A 345 0.45 42.39 -32.75
C ALA A 345 1.40 42.18 -31.58
N HIS A 346 0.89 42.34 -30.36
CA HIS A 346 1.70 42.25 -29.16
C HIS A 346 1.13 41.21 -28.21
N SER A 347 1.99 40.69 -27.34
CA SER A 347 1.58 39.77 -26.29
C SER A 347 2.69 39.71 -25.26
N TYR A 348 2.34 39.87 -23.98
CA TYR A 348 3.30 39.92 -22.88
C TYR A 348 2.86 38.90 -21.84
N MET A 349 3.43 37.70 -21.91
CA MET A 349 2.91 36.57 -21.15
C MET A 349 4.06 35.73 -20.61
N LEU A 350 3.73 34.89 -19.63
CA LEU A 350 4.64 33.88 -19.11
C LEU A 350 3.86 32.76 -18.44
N PRO A 351 3.98 31.52 -18.92
CA PRO A 351 3.39 30.39 -18.21
C PRO A 351 4.38 29.78 -17.23
N TYR A 352 3.87 29.42 -16.06
CA TYR A 352 4.72 28.90 -14.99
C TYR A 352 3.95 27.90 -14.15
N CYS A 353 4.70 27.11 -13.39
CA CYS A 353 4.15 26.14 -12.46
C CYS A 353 4.72 26.41 -11.08
N THR A 354 3.84 26.55 -10.09
CA THR A 354 4.28 26.87 -8.73
C THR A 354 4.81 25.65 -7.99
N ARG A 355 4.57 24.44 -8.49
CA ARG A 355 5.09 23.21 -7.91
C ARG A 355 5.73 22.40 -9.03
N PRO A 356 6.92 22.78 -9.47
CA PRO A 356 7.56 22.07 -10.59
C PRO A 356 7.91 20.62 -10.27
N GLN A 357 7.96 20.24 -8.99
CA GLN A 357 8.30 18.87 -8.64
C GLN A 357 7.25 17.89 -9.15
N LEU A 358 6.02 18.36 -9.35
CA LEU A 358 4.95 17.48 -9.80
C LEU A 358 5.00 17.19 -11.30
N LEU A 359 5.88 17.87 -12.03
CA LEU A 359 6.09 17.57 -13.45
C LEU A 359 7.17 16.50 -13.56
N VAL A 360 6.76 15.27 -13.89
CA VAL A 360 7.64 14.12 -13.90
C VAL A 360 7.86 13.69 -15.33
N ASP A 361 9.12 13.47 -15.69
CA ASP A 361 9.46 13.01 -17.03
C ASP A 361 9.45 11.48 -17.07
N VAL A 362 9.20 10.95 -18.27
CA VAL A 362 9.05 9.51 -18.47
C VAL A 362 9.86 9.11 -19.70
N ARG A 363 10.63 8.04 -19.57
CA ARG A 363 11.46 7.53 -20.65
C ARG A 363 11.18 6.05 -20.87
N SER A 364 11.59 5.54 -22.04
CA SER A 364 11.34 4.15 -22.40
C SER A 364 12.55 3.25 -22.24
N ASP A 365 13.76 3.80 -22.20
CA ASP A 365 14.96 3.00 -22.01
C ASP A 365 15.22 2.79 -20.52
N ALA A 366 16.35 2.17 -20.21
CA ALA A 366 16.74 1.91 -18.83
C ALA A 366 17.75 2.94 -18.36
N GLU A 367 17.75 3.18 -17.04
CA GLU A 367 18.67 4.14 -16.44
C GLU A 367 20.10 3.65 -16.53
N LEU B 2 0.98 46.19 -6.09
CA LEU B 2 0.39 46.58 -4.82
C LEU B 2 1.43 46.54 -3.69
N THR B 3 2.69 46.51 -4.06
CA THR B 3 3.78 46.49 -3.10
C THR B 3 5.03 47.05 -3.75
N ASN B 4 6.03 47.37 -2.92
CA ASN B 4 7.28 47.90 -3.42
C ASN B 4 7.97 46.88 -4.33
N SER B 5 8.63 47.39 -5.37
CA SER B 5 9.32 46.53 -6.33
C SER B 5 10.64 46.07 -5.74
N GLU B 6 11.44 45.38 -6.54
CA GLU B 6 12.72 44.85 -6.10
C GLU B 6 13.81 45.90 -6.37
N LYS B 7 14.66 46.17 -5.46
CA LYS B 7 15.78 47.04 -5.84
C LYS B 7 15.28 48.46 -6.12
N SER B 8 14.02 48.78 -5.97
CA SER B 8 13.59 50.21 -5.99
C SER B 8 12.47 50.41 -5.02
N ARG B 9 12.41 51.56 -4.47
CA ARG B 9 11.40 51.90 -3.45
C ARG B 9 10.27 52.74 -4.05
N PHE B 10 10.54 53.43 -5.15
CA PHE B 10 9.57 54.36 -5.73
C PHE B 10 8.74 53.72 -6.86
N PHE B 11 8.94 52.44 -7.13
CA PHE B 11 8.13 51.70 -8.10
C PHE B 11 7.36 50.59 -7.39
N LEU B 12 6.48 49.93 -8.14
CA LEU B 12 5.55 48.98 -7.56
C LEU B 12 5.64 47.62 -8.27
N ALA B 13 5.09 46.61 -7.60
CA ALA B 13 5.02 45.25 -8.13
C ALA B 13 3.83 44.56 -7.49
N ASP B 14 3.62 43.30 -7.86
CA ASP B 14 2.48 42.53 -7.38
C ASP B 14 2.95 41.31 -6.59
N LEU B 15 2.18 40.94 -5.57
CA LEU B 15 2.51 39.78 -4.75
C LEU B 15 1.90 38.50 -5.30
N THR B 16 0.65 38.56 -5.75
CA THR B 16 -0.03 37.42 -6.39
C THR B 16 0.05 36.15 -5.56
N GLY B 17 -0.16 36.30 -4.25
CA GLY B 17 -0.34 35.15 -3.38
C GLY B 17 0.94 34.61 -2.79
N GLU B 18 0.87 33.33 -2.40
CA GLU B 18 1.91 32.66 -1.63
C GLU B 18 1.71 31.16 -1.74
N VAL B 19 2.82 30.43 -1.79
CA VAL B 19 2.78 28.97 -1.78
C VAL B 19 3.23 28.47 -0.42
N GLN B 20 2.83 27.24 -0.09
CA GLN B 20 3.13 26.64 1.20
C GLN B 20 3.66 25.23 0.99
N SER B 21 4.47 24.78 1.95
CA SER B 21 5.05 23.44 1.93
C SER B 21 4.88 22.82 3.31
N ILE B 22 3.76 22.14 3.52
CA ILE B 22 3.47 21.44 4.78
C ILE B 22 4.12 20.07 4.71
N PRO B 23 4.78 19.60 5.77
CA PRO B 23 5.41 18.27 5.72
C PRO B 23 4.42 17.13 5.61
N ASN B 24 4.93 15.90 5.54
CA ASN B 24 4.10 14.72 5.41
C ASN B 24 3.96 14.03 6.76
N THR B 25 2.73 13.77 7.18
CA THR B 25 2.43 13.10 8.43
C THR B 25 1.62 11.85 8.13
N TYR B 26 1.99 10.74 8.76
CA TYR B 26 1.31 9.46 8.54
C TYR B 26 0.53 9.07 9.80
N GLY B 27 -0.66 8.52 9.59
CA GLY B 27 -1.51 8.14 10.71
C GLY B 27 -2.24 6.83 10.52
N TYR B 28 -1.66 5.89 9.77
CA TYR B 28 -2.33 4.63 9.49
C TYR B 28 -2.40 3.76 10.74
N ILE B 29 -1.24 3.47 11.34
CA ILE B 29 -1.20 2.58 12.49
C ILE B 29 -1.94 3.18 13.67
N SER B 30 -1.73 4.47 13.94
CA SER B 30 -2.46 5.12 15.03
C SER B 30 -3.95 5.20 14.72
N GLY B 31 -4.32 5.21 13.44
CA GLY B 31 -5.72 5.21 13.06
C GLY B 31 -6.36 3.84 13.12
N LEU B 32 -5.56 2.78 13.13
CA LEU B 32 -6.12 1.44 13.28
C LEU B 32 -6.83 1.28 14.61
N GLY B 33 -6.35 1.98 15.64
CA GLY B 33 -6.98 1.92 16.95
C GLY B 33 -6.89 0.57 17.63
N LEU B 34 -5.81 -0.17 17.40
CA LEU B 34 -5.65 -1.49 17.98
C LEU B 34 -4.91 -1.47 19.32
N PHE B 35 -4.50 -0.30 19.79
CA PHE B 35 -3.85 -0.16 21.09
C PHE B 35 -4.85 0.39 22.09
N ARG B 36 -5.01 -0.30 23.22
CA ARG B 36 -6.01 0.05 24.23
C ARG B 36 -5.35 0.82 25.35
N SER B 37 -5.89 2.00 25.66
CA SER B 37 -5.31 2.85 26.69
C SER B 37 -5.57 2.27 28.08
N ALA B 38 -4.52 2.22 28.90
CA ALA B 38 -4.61 1.72 30.27
C ALA B 38 -3.95 2.73 31.20
N PRO B 39 -4.62 3.82 31.53
CA PRO B 39 -4.04 4.82 32.42
C PRO B 39 -3.78 4.25 33.80
N GLN B 40 -2.73 4.75 34.44
CA GLN B 40 -2.31 4.23 35.74
C GLN B 40 -1.62 5.33 36.52
N THR B 41 -1.47 5.10 37.83
CA THR B 41 -0.97 6.12 38.74
C THR B 41 0.52 6.00 39.00
N GLN B 42 1.04 4.79 39.17
CA GLN B 42 2.43 4.62 39.53
C GLN B 42 3.33 4.73 38.29
N THR B 43 4.63 4.81 38.55
CA THR B 43 5.63 4.93 37.50
C THR B 43 6.12 3.58 36.98
N THR B 44 5.57 2.48 37.49
CA THR B 44 5.99 1.15 37.07
C THR B 44 4.87 0.17 37.36
N PHE B 45 4.49 -0.62 36.36
CA PHE B 45 3.45 -1.62 36.51
C PHE B 45 4.04 -3.01 36.35
N LEU B 46 3.43 -3.97 37.05
CA LEU B 46 3.91 -5.34 37.10
C LEU B 46 3.04 -6.23 36.22
N MET B 47 3.41 -7.51 36.17
CA MET B 47 2.64 -8.53 35.46
C MET B 47 3.16 -9.92 35.83
N ASP B 48 2.25 -10.86 36.09
CA ASP B 48 2.64 -12.23 36.40
C ASP B 48 2.12 -13.17 35.31
N LEU B 49 3.00 -14.05 34.85
CA LEU B 49 2.72 -14.95 33.74
C LEU B 49 2.53 -16.37 34.27
N THR B 50 1.43 -17.00 33.87
CA THR B 50 1.12 -18.37 34.28
C THR B 50 0.97 -19.23 33.02
N ASP B 51 1.56 -20.42 33.05
CA ASP B 51 1.43 -21.37 31.95
C ASP B 51 1.60 -22.80 32.48
N TRP B 52 0.43 -23.40 32.31
CA TRP B 52 0.28 -24.77 32.71
C TRP B 52 0.86 -25.53 31.64
N ASP B 53 1.42 -26.51 32.18
CA ASP B 53 2.22 -27.32 31.30
C ASP B 53 1.41 -28.03 30.29
N ILE B 54 2.21 -28.46 29.43
CA ILE B 54 1.55 -29.15 28.36
C ILE B 54 0.88 -30.36 29.01
N SER B 55 -0.17 -30.85 28.42
CA SER B 55 -0.63 -32.11 28.94
C SER B 55 0.25 -33.11 28.18
N LEU B 56 0.28 -34.35 28.57
CA LEU B 56 0.97 -35.41 27.85
C LEU B 56 -0.07 -36.51 27.70
N LEU B 57 0.09 -37.41 26.76
CA LEU B 57 -0.81 -38.55 26.52
C LEU B 57 -0.55 -39.50 27.68
N ASP B 58 -1.51 -40.31 28.10
CA ASP B 58 -1.35 -41.29 29.19
C ASP B 58 -0.75 -42.57 28.63
N ALA B 59 -0.07 -43.39 29.40
CA ALA B 59 0.48 -44.70 29.07
C ALA B 59 -0.38 -45.79 29.68
N VAL B 60 -0.31 -46.98 29.08
CA VAL B 60 -1.19 -48.07 29.46
C VAL B 60 -0.62 -48.79 30.67
N ASP B 61 -1.50 -49.42 31.47
CA ASP B 61 -1.08 -50.14 32.67
C ASP B 61 -1.64 -51.56 32.66
N ARG B 62 -1.56 -52.25 33.79
CA ARG B 62 -1.96 -53.65 33.88
C ARG B 62 -2.68 -53.86 35.21
N THR B 63 -2.86 -55.13 35.59
CA THR B 63 -3.49 -55.44 36.88
C THR B 63 -2.63 -55.00 38.06
N SER B 64 -1.33 -54.76 37.84
CA SER B 64 -0.54 -54.07 38.84
C SER B 64 -1.01 -52.62 38.92
N ARG B 65 -1.11 -52.11 40.15
CA ARG B 65 -1.75 -50.82 40.35
C ARG B 65 -0.82 -49.66 40.04
N LYS B 66 -0.19 -49.69 38.86
CA LYS B 66 0.66 -48.60 38.43
C LYS B 66 -0.18 -47.42 37.94
N ALA B 67 0.41 -46.24 37.95
CA ALA B 67 -0.34 -45.03 37.65
C ALA B 67 0.62 -44.00 37.06
N GLU B 68 0.10 -42.82 36.76
CA GLU B 68 0.87 -41.71 36.23
C GLU B 68 0.54 -40.46 37.04
N THR B 69 1.22 -39.37 36.71
CA THR B 69 1.01 -38.10 37.41
C THR B 69 1.31 -36.97 36.44
N SER B 70 0.90 -35.76 36.81
CA SER B 70 1.12 -34.57 35.99
C SER B 70 1.93 -33.55 36.77
N ALA B 71 2.81 -32.84 36.06
CA ALA B 71 3.64 -31.82 36.69
C ALA B 71 2.81 -30.58 37.02
N PRO B 72 3.25 -29.79 37.99
CA PRO B 72 2.52 -28.57 38.33
C PRO B 72 2.75 -27.46 37.31
N GLU B 73 2.19 -26.30 37.60
CA GLU B 73 2.25 -25.15 36.70
C GLU B 73 3.50 -24.31 36.99
N ARG B 74 3.59 -23.15 36.33
CA ARG B 74 4.75 -22.27 36.46
C ARG B 74 4.26 -20.83 36.50
N VAL B 75 4.70 -20.09 37.51
CA VAL B 75 4.29 -18.70 37.70
C VAL B 75 5.55 -17.83 37.71
N ARG B 76 5.51 -16.73 36.96
CA ARG B 76 6.62 -15.79 36.86
C ARG B 76 6.09 -14.38 37.10
N GLN B 77 6.98 -13.39 36.99
CA GLN B 77 6.59 -12.00 37.17
C GLN B 77 7.59 -11.10 36.47
N ILE B 78 7.07 -10.02 35.87
CA ILE B 78 7.88 -9.07 35.11
C ILE B 78 7.47 -7.66 35.49
N SER B 79 8.36 -6.71 35.17
CA SER B 79 8.15 -5.29 35.44
C SER B 79 8.30 -4.50 34.15
N PHE B 80 7.94 -3.20 34.23
CA PHE B 80 7.95 -2.36 33.05
C PHE B 80 8.17 -0.89 33.40
N PRO B 81 9.18 -0.24 32.83
CA PRO B 81 9.30 1.22 32.94
C PRO B 81 8.49 1.90 31.85
N MET B 82 8.59 3.23 31.81
CA MET B 82 7.86 4.01 30.84
C MET B 82 8.77 5.09 30.27
N MET B 83 8.34 5.68 29.15
CA MET B 83 9.09 6.75 28.49
C MET B 83 8.43 8.10 28.77
N TYR B 84 9.27 9.13 28.94
CA TYR B 84 8.78 10.47 29.26
C TYR B 84 9.22 11.45 28.18
N PHE B 85 8.27 12.29 27.75
CA PHE B 85 8.51 13.30 26.74
C PHE B 85 8.06 14.66 27.25
N LYS B 86 8.85 15.69 26.96
CA LYS B 86 8.52 17.06 27.35
C LYS B 86 8.80 17.98 26.17
N GLU B 87 8.02 19.06 26.08
CA GLU B 87 8.08 19.99 24.96
C GLU B 87 7.83 21.39 25.49
N VAL B 88 8.64 22.36 25.08
CA VAL B 88 8.53 23.74 25.58
C VAL B 88 8.52 24.71 24.40
N GLU B 89 7.69 25.74 24.50
CA GLU B 89 7.61 26.78 23.49
C GLU B 89 7.32 28.11 24.18
N SER B 90 7.72 29.22 23.53
CA SER B 90 7.55 30.55 24.07
C SER B 90 7.08 31.51 23.00
N ILE B 91 6.36 32.55 23.43
CA ILE B 91 5.91 33.62 22.54
C ILE B 91 6.37 34.95 23.14
N THR B 92 6.96 35.80 22.29
CA THR B 92 7.46 37.10 22.69
C THR B 92 6.88 38.16 21.76
N PRO B 93 6.61 39.37 22.27
CA PRO B 93 6.14 40.44 21.37
C PRO B 93 7.13 40.82 20.29
N ASP B 94 8.41 40.49 20.45
CA ASP B 94 9.42 40.86 19.45
C ASP B 94 9.21 40.13 18.14
N GLU B 95 8.56 38.97 18.16
CA GLU B 95 8.27 38.23 16.94
C GLU B 95 6.92 38.58 16.35
N ILE B 96 6.20 39.54 16.95
CA ILE B 96 4.93 40.01 16.44
C ILE B 96 5.03 41.44 15.92
N GLN B 97 5.82 42.28 16.59
CA GLN B 97 5.88 43.70 16.26
C GLN B 97 6.63 43.91 14.95
N GLY B 98 6.01 44.64 14.03
CA GLY B 98 6.66 45.01 12.80
C GLY B 98 6.91 43.89 11.82
N VAL B 99 6.25 42.75 12.00
CA VAL B 99 6.41 41.61 11.12
C VAL B 99 5.16 41.51 10.25
N ARG B 100 5.35 41.56 8.94
CA ARG B 100 4.23 41.47 8.00
C ARG B 100 3.80 40.02 7.85
N GLN B 101 2.53 39.83 7.52
CA GLN B 101 2.01 38.49 7.28
C GLN B 101 2.40 38.05 5.88
N PRO B 102 3.08 36.91 5.73
CA PRO B 102 3.46 36.44 4.40
C PRO B 102 2.23 36.22 3.52
N GLY B 103 2.36 36.56 2.24
CA GLY B 103 1.27 36.51 1.31
C GLY B 103 0.43 37.77 1.24
N THR B 104 0.69 38.75 2.10
CA THR B 104 -0.02 40.02 2.11
C THR B 104 0.98 41.16 2.01
N ALA B 105 0.60 42.21 1.29
CA ALA B 105 1.54 43.30 1.01
C ALA B 105 1.84 44.10 2.27
N ASN B 106 0.82 44.52 3.00
CA ASN B 106 1.01 45.42 4.15
C ASN B 106 0.12 45.01 5.31
N GLU B 107 0.05 43.72 5.62
CA GLU B 107 -0.74 43.22 6.74
C GLU B 107 0.19 42.66 7.80
N LEU B 108 0.03 43.14 9.03
CA LEU B 108 0.88 42.70 10.13
C LEU B 108 0.41 41.37 10.69
N THR B 109 1.35 40.61 11.23
CA THR B 109 1.02 39.37 11.90
C THR B 109 0.41 39.66 13.27
N THR B 110 -0.31 38.67 13.80
CA THR B 110 -0.99 38.80 15.08
C THR B 110 -0.53 37.71 16.04
N GLU B 111 -0.74 37.96 17.33
CA GLU B 111 -0.34 37.00 18.35
C GLU B 111 -1.14 35.71 18.24
N ALA B 112 -2.42 35.81 17.90
CA ALA B 112 -3.28 34.63 17.84
C ALA B 112 -2.79 33.63 16.81
N VAL B 113 -2.39 34.11 15.63
CA VAL B 113 -1.93 33.22 14.57
C VAL B 113 -0.65 32.49 15.00
N VAL B 114 0.28 33.23 15.59
CA VAL B 114 1.55 32.65 16.01
C VAL B 114 1.31 31.60 17.09
N ARG B 115 0.48 31.93 18.08
CA ARG B 115 0.18 30.98 19.15
C ARG B 115 -0.50 29.73 18.61
N ALA B 116 -1.45 29.91 17.69
CA ALA B 116 -2.16 28.76 17.13
C ALA B 116 -1.21 27.87 16.35
N LYS B 117 -0.33 28.45 15.53
CA LYS B 117 0.58 27.62 14.75
C LYS B 117 1.58 26.90 15.64
N LYS B 118 2.06 27.56 16.70
CA LYS B 118 2.98 26.90 17.63
C LYS B 118 2.31 25.73 18.32
N LEU B 119 1.09 25.93 18.83
CA LEU B 119 0.38 24.86 19.51
C LEU B 119 0.08 23.70 18.55
N MET B 120 -0.32 24.02 17.31
CA MET B 120 -0.59 22.97 16.34
C MET B 120 0.66 22.17 16.02
N LYS B 121 1.80 22.85 15.91
CA LYS B 121 3.05 22.12 15.67
C LYS B 121 3.39 21.21 16.84
N ILE B 122 3.16 21.67 18.07
CA ILE B 122 3.40 20.83 19.24
C ILE B 122 2.52 19.58 19.18
N ARG B 123 1.23 19.77 18.89
CA ARG B 123 0.30 18.65 18.87
C ARG B 123 0.68 17.64 17.78
N THR B 124 1.01 18.12 16.58
CA THR B 124 1.34 17.17 15.52
C THR B 124 2.68 16.49 15.78
N LYS B 125 3.61 17.17 16.45
CA LYS B 125 4.85 16.53 16.84
C LYS B 125 4.58 15.36 17.78
N PHE B 126 3.71 15.59 18.78
CA PHE B 126 3.36 14.50 19.69
C PHE B 126 2.62 13.39 18.96
N ASP B 127 1.77 13.74 18.01
CA ASP B 127 1.03 12.72 17.25
C ASP B 127 1.96 11.83 16.45
N ILE B 128 2.93 12.44 15.75
CA ILE B 128 3.85 11.62 14.95
C ILE B 128 4.76 10.80 15.85
N THR B 129 5.17 11.34 17.01
CA THR B 129 5.95 10.54 17.94
C THR B 129 5.15 9.34 18.44
N ARG B 130 3.86 9.55 18.72
CA ARG B 130 3.01 8.45 19.16
C ARG B 130 2.88 7.39 18.06
N GLU B 131 2.73 7.83 16.81
CA GLU B 131 2.66 6.88 15.70
C GLU B 131 3.94 6.06 15.58
N PHE B 132 5.09 6.73 15.69
CA PHE B 132 6.36 6.01 15.63
C PHE B 132 6.49 5.01 16.76
N LEU B 133 6.08 5.39 17.98
CA LEU B 133 6.16 4.48 19.11
C LEU B 133 5.22 3.29 18.93
N PHE B 134 4.03 3.52 18.36
CA PHE B 134 3.11 2.43 18.10
C PHE B 134 3.70 1.45 17.08
N MET B 135 4.35 1.98 16.04
CA MET B 135 5.06 1.11 15.10
C MET B 135 6.16 0.31 15.80
N GLN B 136 6.92 0.96 16.69
CA GLN B 136 7.97 0.24 17.41
C GLN B 136 7.38 -0.87 18.27
N ALA B 137 6.26 -0.61 18.94
CA ALA B 137 5.62 -1.63 19.75
C ALA B 137 5.11 -2.79 18.90
N LEU B 138 4.54 -2.48 17.73
CA LEU B 138 4.09 -3.54 16.83
C LEU B 138 5.25 -4.37 16.31
N LYS B 139 6.43 -3.76 16.15
CA LYS B 139 7.58 -4.51 15.66
C LYS B 139 8.09 -5.51 16.68
N GLY B 140 7.95 -5.21 17.97
CA GLY B 140 8.34 -6.16 18.99
C GLY B 140 9.09 -5.55 20.16
N LYS B 141 9.90 -4.52 19.91
CA LYS B 141 10.63 -3.82 20.96
C LYS B 141 10.42 -2.33 20.81
N VAL B 142 10.40 -1.64 21.95
CA VAL B 142 10.09 -0.22 22.00
C VAL B 142 11.40 0.56 22.14
N ILE B 143 11.74 1.34 21.11
CA ILE B 143 12.93 2.18 21.11
C ILE B 143 12.52 3.58 20.69
N ASP B 144 13.08 4.58 21.35
CA ASP B 144 12.75 5.96 21.03
C ASP B 144 13.48 6.43 19.78
N ALA B 145 13.31 7.70 19.44
CA ALA B 145 13.96 8.25 18.26
C ALA B 145 15.47 8.30 18.42
N ASN B 146 15.96 8.52 19.64
CA ASN B 146 17.40 8.54 19.88
C ASN B 146 18.00 7.14 19.82
N GLY B 147 17.17 6.10 19.73
CA GLY B 147 17.68 4.75 19.62
C GLY B 147 18.31 4.19 20.87
N VAL B 148 17.62 4.29 22.01
CA VAL B 148 18.11 3.67 23.24
C VAL B 148 17.84 2.17 23.19
N LEU B 149 18.84 1.41 22.78
CA LEU B 149 18.69 -0.01 22.51
C LEU B 149 19.86 -0.77 23.12
N TYR B 150 19.57 -1.68 24.04
CA TYR B 150 20.56 -2.56 24.64
C TYR B 150 20.17 -4.02 24.60
N ALA B 151 18.87 -4.33 24.60
CA ALA B 151 18.41 -5.71 24.49
C ALA B 151 16.99 -5.72 23.97
N ASP B 152 16.57 -6.91 23.53
CA ASP B 152 15.21 -7.09 23.04
C ASP B 152 14.22 -7.21 24.20
N LEU B 153 12.95 -6.92 23.90
CA LEU B 153 11.87 -7.20 24.84
C LEU B 153 11.26 -8.57 24.59
N TYR B 154 11.47 -9.13 23.40
CA TYR B 154 11.13 -10.52 23.14
C TYR B 154 11.81 -11.44 24.15
N LYS B 155 13.12 -11.23 24.35
CA LYS B 155 13.89 -12.11 25.22
C LYS B 155 13.46 -11.98 26.68
N GLN B 156 12.99 -10.80 27.07
CA GLN B 156 12.58 -10.63 28.46
C GLN B 156 11.11 -10.99 28.65
N PHE B 157 10.38 -11.20 27.55
CA PHE B 157 9.09 -11.88 27.66
C PHE B 157 9.29 -13.36 27.43
N ASP B 158 10.53 -13.75 27.15
CA ASP B 158 10.95 -15.14 27.00
C ASP B 158 10.23 -15.84 25.86
N VAL B 159 10.34 -15.26 24.66
CA VAL B 159 9.83 -15.86 23.44
C VAL B 159 10.83 -15.61 22.32
N THR B 160 10.58 -16.22 21.17
CA THR B 160 11.44 -16.11 20.01
C THR B 160 10.65 -15.52 18.84
N LYS B 161 11.23 -14.53 18.17
CA LYS B 161 10.58 -13.92 17.02
C LYS B 161 10.58 -14.88 15.84
N LYS B 162 9.49 -14.85 15.08
CA LYS B 162 9.32 -15.72 13.91
C LYS B 162 9.42 -14.87 12.65
N THR B 163 10.33 -15.25 11.76
CA THR B 163 10.50 -14.59 10.47
C THR B 163 10.15 -15.57 9.37
N ILE B 164 9.35 -15.12 8.41
CA ILE B 164 8.86 -15.95 7.31
C ILE B 164 9.47 -15.43 6.02
N TYR B 165 10.23 -16.30 5.34
CA TYR B 165 10.92 -15.92 4.11
C TYR B 165 10.07 -16.36 2.93
N PHE B 166 9.48 -15.39 2.23
CA PHE B 166 8.57 -15.73 1.14
C PHE B 166 9.32 -16.17 -0.11
N ASP B 167 10.56 -15.71 -0.30
CA ASP B 167 11.36 -16.04 -1.47
C ASP B 167 10.61 -15.67 -2.76
N LEU B 168 10.21 -14.40 -2.83
CA LEU B 168 9.42 -13.93 -3.97
C LEU B 168 10.22 -13.89 -5.26
N ASP B 169 11.55 -13.85 -5.18
CA ASP B 169 12.36 -13.78 -6.39
C ASP B 169 12.37 -15.12 -7.13
N ASN B 170 12.30 -16.23 -6.42
CA ASN B 170 12.35 -17.54 -7.04
C ASN B 170 11.01 -17.84 -7.71
N PRO B 171 10.99 -18.16 -9.00
CA PRO B 171 9.70 -18.44 -9.66
C PRO B 171 9.04 -19.72 -9.21
N ASN B 172 9.79 -20.67 -8.65
CA ASN B 172 9.26 -21.96 -8.26
C ASN B 172 8.79 -21.99 -6.82
N SER B 173 8.92 -20.90 -6.07
CA SER B 173 8.49 -20.87 -4.68
C SER B 173 6.97 -20.91 -4.60
N ASP B 174 6.46 -21.59 -3.58
CA ASP B 174 5.03 -21.73 -3.35
C ASP B 174 4.60 -20.71 -2.30
N ILE B 175 3.93 -19.65 -2.73
CA ILE B 175 3.46 -18.63 -1.81
C ILE B 175 2.38 -19.19 -0.90
N ASP B 176 1.62 -20.18 -1.38
CA ASP B 176 0.57 -20.78 -0.57
C ASP B 176 1.14 -21.41 0.69
N ALA B 177 2.29 -22.08 0.56
CA ALA B 177 2.92 -22.69 1.74
C ALA B 177 3.33 -21.62 2.75
N HIS B 178 3.87 -20.49 2.27
CA HIS B 178 4.28 -19.43 3.18
C HIS B 178 3.08 -18.81 3.88
N ILE B 179 1.98 -18.60 3.15
CA ILE B 179 0.78 -18.05 3.78
C ILE B 179 0.22 -19.04 4.79
N GLU B 180 0.27 -20.34 4.49
CA GLU B 180 -0.19 -21.35 5.42
C GLU B 180 0.67 -21.37 6.68
N ASP B 181 1.99 -21.19 6.52
CA ASP B 181 2.87 -21.07 7.67
C ASP B 181 2.50 -19.86 8.52
N LEU B 182 2.24 -18.73 7.86
CA LEU B 182 1.86 -17.52 8.60
C LEU B 182 0.56 -17.72 9.35
N ARG B 183 -0.40 -18.43 8.75
CA ARG B 183 -1.66 -18.71 9.44
C ARG B 183 -1.43 -19.64 10.63
N MET B 184 -0.72 -20.74 10.42
CA MET B 184 -0.58 -21.74 11.47
C MET B 184 0.29 -21.26 12.62
N HIS B 185 1.20 -20.32 12.37
CA HIS B 185 1.97 -19.77 13.47
C HIS B 185 1.07 -19.03 14.46
N MET B 186 0.13 -18.24 13.94
CA MET B 186 -0.80 -17.55 14.83
C MET B 186 -1.83 -18.50 15.41
N GLU B 187 -2.19 -19.56 14.68
CA GLU B 187 -3.15 -20.52 15.21
C GLU B 187 -2.56 -21.42 16.29
N ASP B 188 -1.25 -21.65 16.28
CA ASP B 188 -0.63 -22.58 17.21
C ASP B 188 0.09 -21.87 18.35
N GLU B 189 0.79 -20.78 18.08
CA GLU B 189 1.60 -20.10 19.07
C GLU B 189 0.81 -19.08 19.90
N ALA B 190 -0.49 -18.93 19.64
CA ALA B 190 -1.28 -18.02 20.45
C ALA B 190 -1.36 -18.50 21.89
N LYS B 191 -1.57 -19.80 22.09
CA LYS B 191 -1.61 -20.41 23.43
C LYS B 191 -2.66 -19.76 24.33
N THR B 192 -3.75 -19.27 23.73
CA THR B 192 -4.78 -18.57 24.49
C THR B 192 -5.85 -19.50 25.05
N GLY B 193 -5.86 -20.77 24.64
CA GLY B 193 -6.83 -21.72 25.14
C GLY B 193 -8.14 -21.75 24.37
N THR B 194 -8.36 -20.83 23.45
CA THR B 194 -9.55 -20.80 22.61
C THR B 194 -9.18 -21.10 21.17
N VAL B 195 -10.20 -21.33 20.35
CA VAL B 195 -9.98 -21.57 18.94
C VAL B 195 -9.58 -20.26 18.26
N ILE B 196 -8.68 -20.37 17.28
CA ILE B 196 -8.05 -19.21 16.67
C ILE B 196 -8.22 -19.29 15.16
N ASN B 197 -8.63 -18.19 14.55
CA ASN B 197 -8.72 -18.07 13.10
C ASN B 197 -7.50 -17.28 12.62
N GLY B 198 -6.69 -17.91 11.77
CA GLY B 198 -5.46 -17.31 11.29
C GLY B 198 -5.59 -16.41 10.08
N GLU B 199 -6.80 -16.15 9.59
CA GLU B 199 -6.96 -15.29 8.43
C GLU B 199 -6.80 -13.82 8.79
N GLU B 200 -7.08 -13.45 10.04
CA GLU B 200 -7.00 -12.05 10.47
C GLU B 200 -5.63 -11.80 11.08
N ILE B 201 -4.70 -11.32 10.25
CA ILE B 201 -3.30 -11.17 10.64
C ILE B 201 -2.72 -9.81 10.31
N HIS B 202 -3.48 -8.90 9.70
CA HIS B 202 -3.08 -7.52 9.50
C HIS B 202 -1.67 -7.40 8.91
N ILE B 203 -1.50 -7.91 7.69
CA ILE B 203 -0.20 -7.89 7.04
C ILE B 203 0.06 -6.48 6.52
N VAL B 204 1.16 -5.88 6.95
CA VAL B 204 1.60 -4.57 6.51
C VAL B 204 2.91 -4.76 5.75
N VAL B 205 2.96 -4.21 4.53
CA VAL B 205 3.97 -4.61 3.55
C VAL B 205 4.69 -3.38 3.02
N ASP B 206 6.01 -3.51 2.83
CA ASP B 206 6.82 -2.45 2.25
C ASP B 206 6.62 -2.42 0.73
N ARG B 207 7.06 -1.31 0.10
CA ARG B 207 6.85 -1.12 -1.32
C ARG B 207 7.47 -2.26 -2.15
N THR B 208 8.74 -2.56 -1.91
CA THR B 208 9.42 -3.57 -2.70
C THR B 208 8.81 -4.96 -2.50
N PHE B 209 8.44 -5.29 -1.25
CA PHE B 209 7.79 -6.56 -1.00
C PHE B 209 6.47 -6.66 -1.76
N PHE B 210 5.68 -5.59 -1.75
CA PHE B 210 4.40 -5.61 -2.46
C PHE B 210 4.62 -5.76 -3.97
N SER B 211 5.59 -5.05 -4.52
CA SER B 211 5.85 -5.15 -5.95
C SER B 211 6.30 -6.56 -6.33
N LYS B 212 7.19 -7.15 -5.55
CA LYS B 212 7.66 -8.51 -5.83
C LYS B 212 6.53 -9.52 -5.66
N LEU B 213 5.64 -9.29 -4.69
CA LEU B 213 4.53 -10.21 -4.48
C LEU B 213 3.56 -10.17 -5.65
N ILE B 214 3.16 -8.97 -6.09
CA ILE B 214 2.24 -8.90 -7.22
C ILE B 214 2.90 -9.29 -8.53
N LYS B 215 4.23 -9.21 -8.61
CA LYS B 215 4.95 -9.60 -9.82
C LYS B 215 5.10 -11.11 -9.95
N HIS B 216 4.95 -11.86 -8.86
CA HIS B 216 5.31 -13.27 -8.86
C HIS B 216 4.53 -14.05 -9.92
N PRO B 217 5.18 -14.90 -10.70
CA PRO B 217 4.48 -15.60 -11.78
C PRO B 217 3.36 -16.52 -11.32
N LYS B 218 3.50 -17.15 -10.14
CA LYS B 218 2.47 -18.07 -9.68
C LYS B 218 1.16 -17.35 -9.42
N ILE B 219 1.21 -16.25 -8.67
CA ILE B 219 0.00 -15.49 -8.38
C ILE B 219 -0.57 -14.88 -9.66
N ARG B 220 0.30 -14.36 -10.53
CA ARG B 220 -0.17 -13.73 -11.77
C ARG B 220 -0.87 -14.75 -12.65
N ASP B 221 -0.31 -15.95 -12.78
CA ASP B 221 -0.92 -16.97 -13.63
C ASP B 221 -2.17 -17.57 -13.00
N ALA B 222 -2.21 -17.67 -11.67
CA ALA B 222 -3.43 -18.12 -11.00
C ALA B 222 -4.55 -17.12 -11.21
N TYR B 223 -4.24 -15.82 -11.14
CA TYR B 223 -5.23 -14.78 -11.39
C TYR B 223 -5.43 -14.49 -12.87
N LEU B 224 -4.62 -14.82 -13.85
CA LEU B 224 -4.91 -14.39 -15.24
C LEU B 224 -6.03 -15.23 -15.76
N ALA B 225 -6.09 -16.47 -15.35
CA ALA B 225 -7.11 -17.44 -15.78
C ALA B 225 -8.30 -17.49 -14.86
N GLN B 226 -9.03 -16.43 -14.63
CA GLN B 226 -10.22 -16.34 -13.81
C GLN B 226 -10.96 -15.17 -14.37
N GLN B 227 -12.18 -15.35 -14.77
CA GLN B 227 -13.00 -14.30 -15.31
C GLN B 227 -13.91 -13.82 -14.21
N THR B 228 -13.37 -13.03 -13.31
CA THR B 228 -14.06 -12.38 -12.21
C THR B 228 -13.62 -10.92 -12.14
N PRO B 229 -14.48 -10.03 -11.65
CA PRO B 229 -14.07 -8.63 -11.48
C PRO B 229 -12.82 -8.49 -10.62
N LEU B 230 -12.68 -9.33 -9.59
CA LEU B 230 -11.47 -9.28 -8.77
C LEU B 230 -10.23 -9.59 -9.59
N ALA B 231 -10.31 -10.60 -10.46
CA ALA B 231 -9.18 -10.95 -11.30
C ALA B 231 -8.86 -9.84 -12.29
N TRP B 232 -9.89 -9.21 -12.86
CA TRP B 232 -9.68 -8.05 -13.72
C TRP B 232 -9.13 -6.85 -12.97
N GLN B 233 -9.32 -6.80 -11.66
CA GLN B 233 -8.85 -5.66 -10.85
C GLN B 233 -7.41 -5.85 -10.40
N GLN B 234 -7.05 -7.04 -9.93
CA GLN B 234 -5.71 -7.27 -9.42
C GLN B 234 -4.66 -7.25 -10.52
N ILE B 235 -5.06 -7.58 -11.75
CA ILE B 235 -4.18 -7.61 -12.90
C ILE B 235 -4.71 -6.63 -13.93
N THR B 236 -3.82 -5.77 -14.46
CA THR B 236 -4.19 -4.68 -15.36
C THR B 236 -5.29 -3.83 -14.74
N GLY B 237 -5.18 -3.56 -13.45
CA GLY B 237 -6.17 -2.79 -12.73
C GLY B 237 -5.52 -1.72 -11.87
N SER B 238 -6.39 -0.91 -11.26
CA SER B 238 -5.91 0.25 -10.53
C SER B 238 -5.25 -0.12 -9.20
N LEU B 239 -5.62 -1.26 -8.63
CA LEU B 239 -5.29 -1.57 -7.23
C LEU B 239 -5.74 -0.39 -6.38
N ARG B 240 -4.90 0.05 -5.44
CA ARG B 240 -5.12 1.28 -4.69
C ARG B 240 -6.52 1.32 -4.07
N THR B 241 -6.86 0.23 -3.38
CA THR B 241 -8.17 0.10 -2.74
C THR B 241 -7.95 0.08 -1.23
N GLY B 242 -8.11 1.24 -0.61
CA GLY B 242 -7.93 1.33 0.82
C GLY B 242 -8.13 2.76 1.30
N GLY B 243 -8.03 2.92 2.62
CA GLY B 243 -8.16 4.22 3.23
C GLY B 243 -6.92 5.06 3.07
N THR B 244 -6.97 6.25 3.66
CA THR B 244 -5.82 7.14 3.62
C THR B 244 -4.85 6.84 4.76
N ASP B 245 -3.57 7.03 4.48
CA ASP B 245 -2.53 6.89 5.49
C ASP B 245 -2.03 8.23 6.03
N GLY B 246 -2.42 9.34 5.40
CA GLY B 246 -1.94 10.64 5.80
C GLY B 246 -1.47 11.46 4.62
N VAL B 247 -0.95 10.80 3.59
CA VAL B 247 -0.47 11.49 2.40
C VAL B 247 -1.13 11.05 1.11
N GLN B 248 -1.67 9.84 1.02
CA GLN B 248 -2.30 9.36 -0.20
C GLN B 248 -3.75 8.98 0.10
N ALA B 249 -4.61 9.17 -0.90
CA ALA B 249 -6.03 8.89 -0.73
C ALA B 249 -6.28 7.42 -0.47
N HIS B 250 -5.57 6.54 -1.18
CA HIS B 250 -5.76 5.11 -1.06
C HIS B 250 -4.41 4.42 -1.02
N MET B 251 -4.36 3.28 -0.32
CA MET B 251 -3.16 2.49 -0.18
C MET B 251 -3.32 1.17 -0.94
N ASN B 252 -2.24 0.65 -1.41
CA ASN B 252 -2.32 -0.53 -2.26
C ASN B 252 -2.75 -1.65 -1.36
N ARG B 253 -3.61 -2.54 -1.79
CA ARG B 253 -4.03 -3.71 -1.04
C ARG B 253 -4.15 -4.81 -2.07
N PHE B 254 -3.61 -6.01 -1.85
CA PHE B 254 -3.75 -7.18 -2.75
C PHE B 254 -4.37 -8.28 -2.00
N TYR B 255 -5.32 -9.04 -2.53
CA TYR B 255 -6.10 -10.14 -1.95
C TYR B 255 -5.62 -11.44 -2.56
N TYR B 256 -5.22 -12.39 -1.72
CA TYR B 256 -4.78 -13.70 -2.21
C TYR B 256 -4.80 -14.68 -1.05
N GLY B 257 -5.53 -15.79 -1.22
CA GLY B 257 -5.53 -16.84 -0.22
C GLY B 257 -6.26 -16.52 1.06
N GLY B 258 -7.19 -15.57 1.04
CA GLY B 258 -7.93 -15.18 2.21
C GLY B 258 -7.26 -14.12 3.06
N VAL B 259 -6.00 -13.79 2.77
CA VAL B 259 -5.29 -12.75 3.51
C VAL B 259 -5.15 -11.52 2.63
N VAL B 260 -4.87 -10.38 3.25
CA VAL B 260 -4.74 -9.11 2.56
C VAL B 260 -3.36 -8.55 2.83
N PHE B 261 -2.63 -8.22 1.77
CA PHE B 261 -1.35 -7.54 1.89
C PHE B 261 -1.56 -6.06 1.65
N VAL B 262 -1.26 -5.23 2.65
CA VAL B 262 -1.46 -3.79 2.59
C VAL B 262 -0.11 -3.12 2.55
N GLN B 263 0.10 -2.26 1.56
CA GLN B 263 1.38 -1.59 1.36
C GLN B 263 1.36 -0.26 2.12
N TYR B 264 2.14 -0.18 3.19
CA TYR B 264 2.26 1.01 4.01
C TYR B 264 3.67 1.55 3.85
N ASN B 265 3.78 2.84 3.48
CA ASN B 265 5.07 3.49 3.28
C ASN B 265 5.06 4.79 4.08
N GLY B 266 5.38 4.69 5.37
CA GLY B 266 5.43 5.86 6.23
C GLY B 266 6.80 6.03 6.84
N LYS B 267 7.29 7.27 6.87
CA LYS B 267 8.63 7.55 7.39
C LYS B 267 8.61 8.89 8.12
N PHE B 268 9.51 9.03 9.10
CA PHE B 268 9.69 10.25 9.85
C PHE B 268 11.17 10.54 9.99
N LYS B 269 11.48 11.70 10.56
CA LYS B 269 12.85 12.11 10.81
C LYS B 269 13.02 12.54 12.26
N ASP B 270 14.19 12.29 12.81
CA ASP B 270 14.52 12.73 14.15
C ASP B 270 15.20 14.11 14.08
N LYS B 271 15.80 14.53 15.19
CA LYS B 271 16.50 15.81 15.19
C LYS B 271 17.66 15.82 14.20
N ARG B 272 18.44 14.75 14.16
CA ARG B 272 19.64 14.69 13.33
C ARG B 272 19.36 14.10 11.95
N GLY B 273 18.32 14.62 11.29
CA GLY B 273 18.03 14.31 9.90
C GLY B 273 17.94 12.85 9.51
N LYS B 274 17.91 11.94 10.48
CA LYS B 274 17.87 10.52 10.17
C LYS B 274 16.44 10.07 9.91
N THR B 275 16.24 9.37 8.79
CA THR B 275 14.92 8.93 8.38
C THR B 275 14.57 7.59 9.03
N HIS B 276 13.41 7.54 9.66
CA HIS B 276 12.95 6.35 10.36
C HIS B 276 11.77 5.76 9.59
N THR B 277 12.02 4.71 8.81
CA THR B 277 10.96 4.04 8.08
C THR B 277 10.14 3.19 9.04
N LEU B 278 8.81 3.31 8.96
CA LEU B 278 7.95 2.59 9.89
C LEU B 278 7.94 1.09 9.61
N VAL B 279 7.87 0.71 8.35
CA VAL B 279 7.83 -0.70 7.96
C VAL B 279 9.25 -1.08 7.57
N SER B 280 10.00 -1.57 8.54
CA SER B 280 11.38 -1.98 8.30
C SER B 280 11.78 -2.99 9.35
N ILE B 281 12.85 -3.74 9.06
CA ILE B 281 13.43 -4.70 9.97
C ILE B 281 14.82 -4.22 10.34
N ASP B 282 15.10 -4.13 11.64
CA ASP B 282 16.40 -3.68 12.09
C ASP B 282 17.48 -4.68 11.73
N GLY B 283 18.61 -4.17 11.25
CA GLY B 283 19.75 -4.99 10.90
C GLY B 283 19.90 -5.26 9.41
N VAL B 284 18.83 -5.10 8.63
CA VAL B 284 18.86 -5.33 7.19
C VAL B 284 18.56 -4.01 6.49
N SER B 285 19.44 -3.62 5.56
CA SER B 285 19.27 -2.39 4.81
C SER B 285 19.40 -2.63 3.30
N ASP B 286 19.30 -3.88 2.86
CA ASP B 286 19.38 -4.17 1.43
C ASP B 286 18.18 -3.61 0.70
N THR B 287 18.43 -3.01 -0.46
CA THR B 287 17.34 -2.45 -1.26
C THR B 287 16.55 -3.53 -1.98
N ASN B 288 17.21 -4.63 -2.38
CA ASN B 288 16.52 -5.69 -3.10
C ASN B 288 15.51 -6.41 -2.21
N VAL B 289 15.88 -6.64 -0.94
CA VAL B 289 15.01 -7.38 -0.03
C VAL B 289 13.78 -6.56 0.32
N GLY B 290 12.69 -7.25 0.60
CA GLY B 290 11.48 -6.60 1.06
C GLY B 290 11.11 -7.10 2.45
N VAL B 291 10.47 -6.23 3.23
CA VAL B 291 10.14 -6.53 4.61
C VAL B 291 8.67 -6.24 4.85
N GLY B 292 8.13 -6.85 5.89
CA GLY B 292 6.74 -6.63 6.27
C GLY B 292 6.50 -7.11 7.68
N HIS B 293 5.35 -6.74 8.22
CA HIS B 293 4.99 -7.07 9.58
C HIS B 293 3.55 -7.58 9.63
N ALA B 294 3.35 -8.67 10.38
CA ALA B 294 2.03 -9.23 10.59
C ALA B 294 1.76 -9.32 12.09
N PHE B 295 0.64 -8.74 12.52
CA PHE B 295 0.24 -8.75 13.92
C PHE B 295 -1.22 -9.13 14.00
N PRO B 296 -1.64 -9.81 15.07
CA PRO B 296 -3.03 -10.29 15.15
C PRO B 296 -4.03 -9.14 15.09
N ASN B 297 -5.15 -9.41 14.42
CA ASN B 297 -6.23 -8.45 14.29
C ASN B 297 -7.03 -8.41 15.59
N VAL B 298 -7.86 -7.37 15.74
CA VAL B 298 -8.63 -7.21 16.97
C VAL B 298 -9.63 -8.34 17.11
N ALA B 299 -10.19 -8.81 16.00
CA ALA B 299 -11.19 -9.88 16.04
C ALA B 299 -10.58 -11.27 16.17
N MET B 300 -9.26 -11.41 15.98
CA MET B 300 -8.64 -12.72 16.07
C MET B 300 -8.71 -13.28 17.49
N LEU B 301 -8.51 -12.44 18.49
CA LEU B 301 -8.53 -12.87 19.88
C LEU B 301 -9.75 -12.39 20.65
N GLY B 302 -10.49 -11.41 20.13
CA GLY B 302 -11.67 -10.91 20.81
C GLY B 302 -11.35 -9.83 21.81
N GLU B 303 -12.30 -9.11 22.38
CA GLU B 303 -11.88 -7.99 23.28
C GLU B 303 -11.47 -8.47 24.65
N ALA B 304 -11.17 -9.74 24.75
CA ALA B 304 -10.82 -10.32 26.05
C ALA B 304 -9.36 -10.65 26.03
N ASN B 305 -8.72 -10.39 24.92
CA ASN B 305 -7.27 -10.63 24.96
C ASN B 305 -6.55 -9.54 24.18
N ASN B 306 -7.09 -8.37 24.01
CA ASN B 306 -6.27 -7.33 23.37
C ASN B 306 -4.86 -7.51 23.85
N ILE B 307 -4.02 -8.07 23.02
CA ILE B 307 -2.61 -8.26 23.32
C ILE B 307 -1.94 -6.88 23.28
N PHE B 308 -2.63 -5.79 22.95
CA PHE B 308 -2.00 -4.50 22.74
C PHE B 308 -2.53 -3.53 23.78
N GLU B 309 -1.63 -2.83 24.47
CA GLU B 309 -2.01 -1.85 25.48
C GLU B 309 -0.99 -0.73 25.49
N VAL B 310 -1.45 0.44 25.92
CA VAL B 310 -0.59 1.58 26.17
C VAL B 310 -0.94 2.16 27.53
N ALA B 311 0.05 2.35 28.37
CA ALA B 311 -0.16 2.83 29.73
C ALA B 311 0.25 4.30 29.83
N TYR B 312 -0.41 5.02 30.74
CA TYR B 312 -0.18 6.44 30.92
C TYR B 312 0.06 6.72 32.40
N ALA B 313 1.00 7.63 32.68
CA ALA B 313 1.40 7.94 34.04
C ALA B 313 1.44 9.45 34.23
N PRO B 314 1.28 9.93 35.46
CA PRO B 314 1.14 11.37 35.68
C PRO B 314 2.45 12.12 35.51
N CYS B 315 2.31 13.42 35.30
CA CYS B 315 3.43 14.35 35.19
C CYS B 315 3.91 14.78 36.58
N PRO B 316 5.18 15.20 36.70
CA PRO B 316 5.77 15.55 38.01
C PRO B 316 5.51 16.99 38.45
N LYS B 317 4.23 17.39 38.46
CA LYS B 317 3.82 18.69 38.97
C LYS B 317 3.02 18.51 40.26
N MET B 318 2.90 19.60 41.00
CA MET B 318 2.14 19.56 42.24
C MET B 318 0.66 19.32 41.97
N GLY B 319 0.05 18.47 42.78
CA GLY B 319 -1.34 18.11 42.60
C GLY B 319 -1.60 17.00 41.62
N TYR B 320 -0.56 16.47 40.97
CA TYR B 320 -0.72 15.38 40.01
C TYR B 320 -0.12 14.07 40.49
N ALA B 321 0.50 14.04 41.67
CA ALA B 321 1.11 12.82 42.17
C ALA B 321 0.05 11.77 42.50
N ASN B 322 0.36 10.52 42.16
CA ASN B 322 -0.52 9.38 42.43
C ASN B 322 -1.90 9.57 41.81
N THR B 323 -1.94 10.10 40.59
CA THR B 323 -3.18 10.30 39.86
C THR B 323 -3.08 9.62 38.50
N LEU B 324 -4.23 9.19 37.98
CA LEU B 324 -4.29 8.52 36.69
C LEU B 324 -3.78 9.43 35.58
N GLY B 325 -2.68 9.04 34.94
CA GLY B 325 -2.12 9.84 33.88
C GLY B 325 -2.99 9.83 32.64
N GLN B 326 -2.81 10.86 31.82
CA GLN B 326 -3.56 11.01 30.58
C GLN B 326 -2.59 11.12 29.40
N GLU B 327 -3.16 11.25 28.21
CA GLU B 327 -2.36 11.24 26.99
C GLU B 327 -1.40 12.42 26.94
N LEU B 328 -1.89 13.62 27.26
CA LEU B 328 -1.10 14.83 27.12
C LEU B 328 -1.38 15.78 28.27
N TYR B 329 -0.31 16.40 28.78
CA TYR B 329 -0.39 17.43 29.81
C TYR B 329 0.04 18.75 29.20
N VAL B 330 -0.89 19.69 29.06
CA VAL B 330 -0.62 20.98 28.46
C VAL B 330 -0.62 22.03 29.57
N PHE B 331 0.49 22.74 29.70
CA PHE B 331 0.66 23.74 30.75
C PHE B 331 1.04 25.08 30.11
N GLU B 332 0.34 26.13 30.52
CA GLU B 332 0.58 27.47 30.02
C GLU B 332 0.98 28.37 31.19
N TYR B 333 2.13 29.04 31.06
CA TYR B 333 2.68 29.85 32.14
C TYR B 333 2.99 31.24 31.61
N GLU B 334 2.55 32.26 32.35
CA GLU B 334 2.81 33.63 31.97
C GLU B 334 4.19 34.06 32.44
N LYS B 335 4.94 34.70 31.54
CA LYS B 335 6.29 35.14 31.88
C LYS B 335 6.24 36.28 32.89
N ASP B 336 7.36 36.75 33.35
CA ASP B 336 7.30 37.75 34.42
C ASP B 336 7.05 39.09 33.80
N ARG B 337 7.07 40.16 34.55
CA ARG B 337 6.72 41.50 34.02
C ARG B 337 5.68 41.25 32.95
N ASP B 338 5.88 41.62 31.73
CA ASP B 338 4.89 41.29 30.68
C ASP B 338 5.70 40.97 29.44
N GLU B 339 6.33 39.83 29.39
CA GLU B 339 7.29 39.45 28.35
C GLU B 339 6.80 38.37 27.42
N GLY B 340 5.67 37.73 27.72
CA GLY B 340 5.10 36.74 26.83
C GLY B 340 4.60 35.53 27.60
N ILE B 341 4.36 34.45 26.86
CA ILE B 341 3.74 33.24 27.38
C ILE B 341 4.74 32.09 27.29
N ASP B 342 4.75 31.24 28.32
CA ASP B 342 5.51 30.01 28.31
C ASP B 342 4.56 28.82 28.20
N PHE B 343 5.01 27.77 27.51
CA PHE B 343 4.23 26.57 27.31
C PHE B 343 5.03 25.33 27.68
N GLU B 344 4.31 24.29 28.09
CA GLU B 344 4.91 23.00 28.39
C GLU B 344 3.93 21.90 27.96
N ALA B 345 4.47 20.82 27.41
CA ALA B 345 3.68 19.65 27.02
C ALA B 345 4.40 18.41 27.54
N HIS B 346 3.65 17.52 28.19
CA HIS B 346 4.22 16.33 28.82
C HIS B 346 3.50 15.08 28.34
N SER B 347 4.21 13.95 28.35
CA SER B 347 3.62 12.67 28.00
C SER B 347 4.49 11.57 28.61
N TYR B 348 3.91 10.75 29.47
CA TYR B 348 4.61 9.66 30.15
C TYR B 348 3.89 8.36 29.78
N MET B 349 4.38 7.69 28.75
CA MET B 349 3.67 6.57 28.15
C MET B 349 4.64 5.51 27.65
N LEU B 350 4.12 4.30 27.51
CA LEU B 350 4.85 3.19 26.90
C LEU B 350 3.89 2.13 26.38
N PRO B 351 3.87 1.88 25.07
CA PRO B 351 3.05 0.78 24.54
C PRO B 351 3.79 -0.54 24.62
N TYR B 352 3.01 -1.62 24.74
CA TYR B 352 3.59 -2.94 24.88
C TYR B 352 2.61 -3.99 24.39
N CYS B 353 3.13 -5.19 24.16
CA CYS B 353 2.35 -6.33 23.70
C CYS B 353 2.59 -7.50 24.65
N THR B 354 1.50 -8.13 25.11
CA THR B 354 1.61 -9.22 26.07
C THR B 354 1.78 -10.58 25.41
N ARG B 355 1.61 -10.68 24.09
CA ARG B 355 1.89 -11.91 23.33
C ARG B 355 2.76 -11.55 22.13
N PRO B 356 4.03 -11.20 22.36
CA PRO B 356 4.89 -10.79 21.25
C PRO B 356 5.16 -11.90 20.24
N GLN B 357 4.92 -13.16 20.59
CA GLN B 357 5.15 -14.26 19.66
C GLN B 357 4.25 -14.19 18.44
N LEU B 358 3.18 -13.40 18.48
CA LEU B 358 2.27 -13.25 17.36
C LEU B 358 2.65 -12.09 16.44
N LEU B 359 3.76 -11.42 16.72
CA LEU B 359 4.24 -10.31 15.88
C LEU B 359 5.24 -10.87 14.88
N VAL B 360 4.70 -11.46 13.81
CA VAL B 360 5.50 -12.10 12.78
C VAL B 360 5.90 -11.08 11.73
N ASP B 361 7.18 -11.09 11.35
CA ASP B 361 7.66 -10.28 10.25
C ASP B 361 8.00 -11.16 9.05
N VAL B 362 7.73 -10.64 7.87
CA VAL B 362 7.91 -11.39 6.63
C VAL B 362 9.01 -10.75 5.81
N ARG B 363 9.66 -11.57 4.98
CA ARG B 363 10.72 -11.11 4.10
C ARG B 363 10.53 -11.71 2.71
N SER B 364 11.05 -11.00 1.71
CA SER B 364 10.87 -11.41 0.32
C SER B 364 12.02 -12.25 -0.21
N ASP B 365 13.09 -12.44 0.56
CA ASP B 365 14.23 -13.22 0.12
C ASP B 365 14.18 -14.62 0.73
N ALA B 366 15.08 -15.47 0.27
CA ALA B 366 15.17 -16.84 0.77
C ALA B 366 15.95 -16.88 2.07
N GLU B 367 15.66 -17.89 2.88
CA GLU B 367 16.31 -18.04 4.19
C GLU B 367 17.80 -18.32 4.03
N LEU C 2 -1.94 -2.45 43.33
CA LEU C 2 -0.98 -1.80 44.22
C LEU C 2 -0.42 -2.78 45.25
N THR C 3 0.60 -3.55 44.86
CA THR C 3 1.14 -4.57 45.75
C THR C 3 2.35 -4.07 46.54
N ASN C 4 3.43 -3.71 45.84
CA ASN C 4 4.70 -3.32 46.44
C ASN C 4 5.64 -2.96 45.31
N SER C 5 6.67 -2.18 45.63
CA SER C 5 7.68 -1.84 44.65
C SER C 5 8.73 -2.96 44.58
N GLU C 6 9.57 -2.90 43.56
CA GLU C 6 10.68 -3.83 43.44
C GLU C 6 11.86 -3.34 44.27
N LYS C 7 12.40 -4.23 45.10
CA LYS C 7 13.56 -3.94 45.95
C LYS C 7 13.29 -2.80 46.93
N SER C 8 12.03 -2.65 47.35
CA SER C 8 11.71 -1.71 48.42
C SER C 8 10.32 -2.02 48.95
N ARG C 9 10.20 -2.06 50.27
CA ARG C 9 8.94 -2.33 50.93
C ARG C 9 8.17 -1.07 51.30
N PHE C 10 8.66 0.09 50.87
CA PHE C 10 8.03 1.36 51.21
C PHE C 10 7.52 2.13 50.00
N PHE C 11 7.52 1.53 48.81
CA PHE C 11 6.91 2.12 47.63
C PHE C 11 6.04 1.06 46.95
N LEU C 12 5.19 1.52 46.03
CA LEU C 12 4.10 0.71 45.50
C LEU C 12 4.14 0.66 43.98
N ALA C 13 3.82 -0.45 43.41
CA ALA C 13 3.77 -0.50 41.99
C ALA C 13 2.48 -1.18 41.70
N ASP C 14 2.07 -1.31 40.49
CA ASP C 14 0.74 -1.84 40.21
C ASP C 14 0.77 -3.19 39.56
N LEU C 15 0.14 -4.19 40.13
CA LEU C 15 0.01 -5.49 39.48
C LEU C 15 -1.15 -5.40 38.51
N THR C 16 -0.88 -5.03 37.28
CA THR C 16 -1.90 -4.87 36.27
C THR C 16 -2.63 -6.14 35.96
N GLY C 17 -1.98 -7.31 35.81
CA GLY C 17 -2.71 -8.59 35.65
C GLY C 17 -1.89 -9.78 35.32
N GLU C 18 -2.50 -10.90 34.93
CA GLU C 18 -1.84 -12.16 34.58
C GLU C 18 -2.01 -12.44 33.11
N VAL C 19 -1.12 -13.23 32.53
CA VAL C 19 -1.19 -13.54 31.09
C VAL C 19 -1.32 -15.06 30.97
N GLN C 20 -2.42 -15.72 31.07
CA GLN C 20 -2.33 -17.18 31.08
C GLN C 20 -2.00 -17.74 29.71
N SER C 21 -1.14 -18.75 29.64
CA SER C 21 -0.72 -19.42 28.40
C SER C 21 -1.08 -20.92 28.45
N ILE C 22 -2.27 -21.31 28.01
CA ILE C 22 -2.81 -22.70 28.00
C ILE C 22 -2.41 -23.53 26.78
N PRO C 23 -2.10 -24.81 26.88
CA PRO C 23 -1.76 -25.71 25.76
C PRO C 23 -2.96 -26.01 24.89
N ASN C 24 -2.69 -26.35 23.63
CA ASN C 24 -3.74 -26.59 22.66
C ASN C 24 -3.94 -28.09 22.46
N THR C 25 -5.21 -28.50 22.39
CA THR C 25 -5.60 -29.90 22.25
C THR C 25 -6.48 -30.07 21.01
N TYR C 26 -6.38 -31.23 20.37
CA TYR C 26 -7.14 -31.53 19.17
C TYR C 26 -8.23 -32.54 19.46
N GLY C 27 -9.40 -32.34 18.85
CA GLY C 27 -10.53 -33.22 19.09
C GLY C 27 -11.37 -33.53 17.87
N TYR C 28 -10.75 -33.55 16.69
CA TYR C 28 -11.50 -33.79 15.46
C TYR C 28 -12.06 -35.22 15.40
N ILE C 29 -11.20 -36.21 15.63
CA ILE C 29 -11.60 -37.60 15.48
C ILE C 29 -12.65 -37.97 16.52
N SER C 30 -12.42 -37.56 17.78
CA SER C 30 -13.41 -37.81 18.83
C SER C 30 -14.71 -37.08 18.55
N GLY C 31 -14.65 -35.92 17.88
CA GLY C 31 -15.85 -35.22 17.50
C GLY C 31 -16.59 -35.84 16.34
N LEU C 32 -15.90 -36.64 15.52
CA LEU C 32 -16.56 -37.32 14.42
C LEU C 32 -17.63 -38.31 14.90
N GLY C 33 -17.45 -38.88 16.09
CA GLY C 33 -18.44 -39.80 16.63
C GLY C 33 -18.63 -41.08 15.85
N LEU C 34 -17.52 -41.72 15.47
CA LEU C 34 -17.62 -42.94 14.66
C LEU C 34 -17.82 -44.18 15.52
N PHE C 35 -17.18 -44.23 16.68
CA PHE C 35 -17.15 -45.44 17.49
C PHE C 35 -18.39 -45.54 18.36
N ARG C 36 -18.91 -46.76 18.49
CA ARG C 36 -20.11 -47.02 19.28
C ARG C 36 -19.73 -47.69 20.59
N SER C 37 -20.26 -47.16 21.69
CA SER C 37 -19.95 -47.70 23.01
C SER C 37 -20.56 -49.09 23.18
N ALA C 38 -19.75 -50.04 23.63
CA ALA C 38 -20.17 -51.42 23.86
C ALA C 38 -19.71 -51.87 25.22
N PRO C 39 -20.40 -51.44 26.29
CA PRO C 39 -20.00 -51.86 27.64
C PRO C 39 -20.15 -53.36 27.82
N GLN C 40 -19.28 -53.93 28.64
CA GLN C 40 -19.23 -55.36 28.86
C GLN C 40 -18.73 -55.65 30.25
N THR C 41 -18.92 -56.90 30.70
CA THR C 41 -18.56 -57.31 32.04
C THR C 41 -17.26 -58.10 32.11
N GLN C 42 -16.92 -58.87 31.08
CA GLN C 42 -15.71 -59.68 31.09
C GLN C 42 -14.53 -58.90 30.53
N THR C 43 -13.34 -59.44 30.70
CA THR C 43 -12.12 -58.80 30.22
C THR C 43 -11.81 -59.10 28.76
N THR C 44 -12.42 -60.13 28.20
CA THR C 44 -12.23 -60.49 26.80
C THR C 44 -13.57 -60.87 26.18
N PHE C 45 -13.65 -60.76 24.86
CA PHE C 45 -14.87 -61.11 24.14
C PHE C 45 -14.49 -61.84 22.85
N LEU C 46 -15.47 -62.55 22.30
CA LEU C 46 -15.27 -63.35 21.11
C LEU C 46 -16.30 -62.96 20.05
N MET C 47 -15.97 -63.20 18.79
CA MET C 47 -16.87 -63.00 17.67
C MET C 47 -16.79 -64.19 16.72
N ASP C 48 -17.87 -64.40 15.99
CA ASP C 48 -17.96 -65.46 14.99
C ASP C 48 -17.84 -64.88 13.59
N LEU C 49 -17.01 -65.52 12.77
CA LEU C 49 -16.80 -65.10 11.39
C LEU C 49 -17.27 -66.22 10.48
N THR C 50 -18.34 -65.94 9.74
CA THR C 50 -18.98 -66.88 8.82
C THR C 50 -19.08 -66.41 7.39
N ASP C 51 -18.74 -67.22 6.39
CA ASP C 51 -18.71 -66.80 4.98
C ASP C 51 -19.13 -67.88 4.03
N TRP C 52 -20.26 -67.77 3.34
CA TRP C 52 -20.65 -68.69 2.27
C TRP C 52 -20.03 -68.03 1.14
N ASP C 53 -19.53 -68.75 0.22
CA ASP C 53 -18.79 -67.90 -0.70
C ASP C 53 -18.92 -68.50 -2.04
N ILE C 54 -20.06 -69.03 -2.11
CA ILE C 54 -20.07 -69.67 -3.38
C ILE C 54 -21.30 -69.30 -4.10
N SER C 55 -21.19 -69.54 -5.33
CA SER C 55 -22.34 -69.48 -6.19
C SER C 55 -21.51 -69.69 -7.45
N LEU C 56 -21.97 -70.51 -8.36
CA LEU C 56 -21.32 -70.83 -9.62
C LEU C 56 -22.53 -71.10 -10.53
N LEU C 57 -22.60 -72.06 -11.47
CA LEU C 57 -23.70 -72.30 -12.47
C LEU C 57 -23.37 -73.50 -13.38
N ASP C 58 -24.21 -74.18 -14.23
CA ASP C 58 -23.70 -75.12 -15.34
C ASP C 58 -24.70 -75.99 -16.09
N ALA C 59 -24.33 -76.59 -17.25
CA ALA C 59 -25.49 -77.06 -17.98
C ALA C 59 -25.37 -78.55 -18.22
N VAL C 60 -26.50 -79.25 -18.28
CA VAL C 60 -26.52 -80.70 -18.33
C VAL C 60 -27.54 -81.17 -19.37
N ASP C 61 -27.68 -82.44 -19.70
CA ASP C 61 -28.63 -82.96 -20.76
C ASP C 61 -29.97 -83.29 -20.15
N ARG C 62 -30.94 -83.86 -20.84
CA ARG C 62 -32.26 -83.93 -20.23
C ARG C 62 -32.83 -85.29 -20.13
N THR C 63 -32.31 -86.25 -20.85
CA THR C 63 -32.83 -87.60 -20.88
C THR C 63 -31.85 -88.45 -20.19
N SER C 64 -30.89 -87.92 -19.48
CA SER C 64 -29.92 -88.65 -18.66
C SER C 64 -29.85 -87.70 -17.53
N ARG C 65 -30.55 -87.92 -16.46
CA ARG C 65 -30.70 -86.83 -15.49
C ARG C 65 -29.50 -86.50 -14.60
N LYS C 66 -28.82 -85.33 -14.62
CA LYS C 66 -27.65 -85.12 -13.70
C LYS C 66 -27.70 -83.82 -12.78
N ALA C 67 -26.64 -83.40 -12.26
CA ALA C 67 -26.94 -82.20 -11.54
C ALA C 67 -25.70 -81.66 -11.00
N GLU C 68 -25.84 -80.44 -10.68
CA GLU C 68 -24.71 -79.88 -10.04
C GLU C 68 -25.30 -79.84 -8.65
N THR C 69 -24.48 -79.68 -7.64
CA THR C 69 -24.95 -79.52 -6.29
C THR C 69 -24.31 -78.28 -5.84
N SER C 70 -23.93 -78.17 -4.60
CA SER C 70 -23.45 -76.92 -4.06
C SER C 70 -22.79 -77.18 -2.73
N ALA C 71 -21.56 -76.80 -2.52
CA ALA C 71 -20.79 -76.96 -1.27
C ALA C 71 -21.26 -76.10 -0.12
N PRO C 72 -20.72 -76.22 1.11
CA PRO C 72 -21.15 -75.31 2.18
C PRO C 72 -20.34 -74.24 2.98
N GLU C 73 -20.95 -73.50 3.91
CA GLU C 73 -20.39 -72.36 4.67
C GLU C 73 -19.20 -72.63 5.55
N ARG C 74 -18.52 -71.61 6.02
CA ARG C 74 -17.31 -71.74 6.83
C ARG C 74 -17.48 -70.91 8.09
N VAL C 75 -17.42 -71.47 9.31
CA VAL C 75 -17.50 -70.68 10.55
C VAL C 75 -16.16 -70.66 11.30
N ARG C 76 -15.66 -69.51 11.80
CA ARG C 76 -14.44 -69.30 12.56
C ARG C 76 -14.74 -68.47 13.80
N GLN C 77 -13.73 -68.29 14.64
CA GLN C 77 -13.86 -67.52 15.88
C GLN C 77 -12.56 -66.79 16.19
N ILE C 78 -12.68 -65.68 16.92
CA ILE C 78 -11.55 -64.83 17.30
C ILE C 78 -11.82 -64.24 18.67
N SER C 79 -10.80 -63.59 19.23
CA SER C 79 -10.89 -63.00 20.56
C SER C 79 -10.12 -61.69 20.61
N PHE C 80 -10.46 -60.85 21.60
CA PHE C 80 -9.85 -59.53 21.75
C PHE C 80 -9.52 -59.26 23.21
N PRO C 81 -8.31 -58.79 23.52
CA PRO C 81 -8.03 -58.25 24.85
C PRO C 81 -8.29 -56.74 24.88
N MET C 82 -8.12 -56.11 26.05
CA MET C 82 -8.31 -54.66 26.16
C MET C 82 -7.22 -54.07 27.04
N MET C 83 -7.15 -52.75 27.06
CA MET C 83 -6.06 -52.03 27.71
C MET C 83 -6.61 -51.16 28.84
N TYR C 84 -5.79 -50.96 29.87
CA TYR C 84 -6.19 -50.32 31.12
C TYR C 84 -5.36 -49.07 31.37
N PHE C 85 -6.02 -48.02 31.87
CA PHE C 85 -5.37 -46.74 32.16
C PHE C 85 -5.66 -46.33 33.58
N LYS C 86 -4.65 -45.81 34.27
CA LYS C 86 -4.79 -45.32 35.64
C LYS C 86 -4.02 -44.02 35.80
N GLU C 87 -4.48 -43.18 36.72
CA GLU C 87 -3.84 -41.92 37.03
C GLU C 87 -4.19 -41.51 38.44
N VAL C 88 -3.22 -40.99 39.18
CA VAL C 88 -3.41 -40.62 40.58
C VAL C 88 -2.98 -39.18 40.80
N GLU C 89 -3.54 -38.56 41.83
CA GLU C 89 -3.24 -37.20 42.20
C GLU C 89 -3.47 -37.04 43.69
N SER C 90 -2.87 -35.99 44.27
CA SER C 90 -3.02 -35.72 45.69
C SER C 90 -3.08 -34.20 45.91
N ILE C 91 -3.68 -33.82 47.03
CA ILE C 91 -3.80 -32.42 47.43
C ILE C 91 -3.28 -32.29 48.85
N THR C 92 -2.38 -31.33 49.06
CA THR C 92 -1.74 -31.10 50.34
C THR C 92 -2.02 -29.69 50.84
N PRO C 93 -2.25 -29.50 52.14
CA PRO C 93 -2.48 -28.13 52.65
C PRO C 93 -1.31 -27.19 52.43
N ASP C 94 -0.11 -27.71 52.18
CA ASP C 94 1.03 -26.85 51.91
C ASP C 94 0.89 -26.09 50.59
N GLU C 95 -0.02 -26.52 49.71
CA GLU C 95 -0.27 -25.82 48.47
C GLU C 95 -1.17 -24.61 48.65
N ILE C 96 -1.73 -24.42 49.84
CA ILE C 96 -2.66 -23.33 50.10
C ILE C 96 -2.12 -22.34 51.14
N GLN C 97 -1.28 -22.79 52.07
CA GLN C 97 -0.83 -21.95 53.18
C GLN C 97 0.00 -20.79 52.67
N GLY C 98 -0.55 -19.59 52.72
CA GLY C 98 0.19 -18.38 52.42
C GLY C 98 0.68 -18.28 50.99
N VAL C 99 -0.14 -18.69 50.02
CA VAL C 99 0.23 -18.65 48.62
C VAL C 99 -0.68 -17.66 47.91
N ARG C 100 -0.08 -16.72 47.19
CA ARG C 100 -0.85 -15.73 46.46
C ARG C 100 -1.61 -16.36 45.31
N GLN C 101 -2.81 -15.86 45.06
CA GLN C 101 -3.50 -16.16 43.82
C GLN C 101 -2.87 -15.30 42.73
N PRO C 102 -2.29 -15.89 41.69
CA PRO C 102 -1.65 -15.08 40.65
C PRO C 102 -2.67 -14.17 39.96
N GLY C 103 -2.22 -12.96 39.60
CA GLY C 103 -3.06 -11.94 39.04
C GLY C 103 -3.61 -10.97 40.07
N THR C 104 -3.56 -11.34 41.34
CA THR C 104 -4.01 -10.50 42.44
C THR C 104 -2.82 -10.12 43.31
N ALA C 105 -3.05 -9.16 44.20
CA ALA C 105 -2.00 -8.66 45.07
C ALA C 105 -2.10 -9.14 46.52
N ASN C 106 -3.31 -9.48 46.97
CA ASN C 106 -3.53 -9.86 48.36
C ASN C 106 -4.28 -11.17 48.55
N GLU C 107 -5.07 -11.58 47.57
CA GLU C 107 -5.88 -12.79 47.73
C GLU C 107 -5.01 -14.03 47.85
N LEU C 108 -5.44 -14.97 48.69
CA LEU C 108 -4.76 -16.24 48.85
C LEU C 108 -5.46 -17.32 48.03
N THR C 109 -4.71 -18.36 47.69
CA THR C 109 -5.30 -19.50 47.01
C THR C 109 -6.26 -20.24 47.95
N THR C 110 -7.27 -20.86 47.36
CA THR C 110 -8.25 -21.64 48.09
C THR C 110 -8.14 -23.09 47.68
N GLU C 111 -8.72 -23.97 48.50
CA GLU C 111 -8.73 -25.39 48.17
C GLU C 111 -9.62 -25.68 46.98
N ALA C 112 -10.71 -24.92 46.81
CA ALA C 112 -11.65 -25.18 45.72
C ALA C 112 -10.99 -24.98 44.37
N VAL C 113 -10.27 -23.88 44.18
CA VAL C 113 -9.64 -23.60 42.90
C VAL C 113 -8.50 -24.58 42.63
N VAL C 114 -7.76 -24.94 43.68
CA VAL C 114 -6.67 -25.90 43.53
C VAL C 114 -7.22 -27.25 43.10
N ARG C 115 -8.31 -27.69 43.73
CA ARG C 115 -8.91 -28.98 43.38
C ARG C 115 -9.50 -28.95 41.97
N ALA C 116 -10.15 -27.84 41.60
CA ALA C 116 -10.70 -27.74 40.26
C ALA C 116 -9.60 -27.79 39.20
N LYS C 117 -8.47 -27.13 39.46
CA LYS C 117 -7.35 -27.17 38.52
C LYS C 117 -6.72 -28.56 38.49
N LYS C 118 -6.64 -29.22 39.64
CA LYS C 118 -6.09 -30.58 39.70
C LYS C 118 -6.95 -31.55 38.91
N LEU C 119 -8.28 -31.38 38.94
CA LEU C 119 -9.16 -32.27 38.21
C LEU C 119 -9.16 -31.93 36.72
N MET C 120 -8.02 -31.85 36.00
CA MET C 120 -7.80 -31.75 34.53
C MET C 120 -6.98 -33.00 34.24
N LYS C 121 -6.94 -33.92 35.20
CA LYS C 121 -6.31 -35.24 35.09
C LYS C 121 -7.40 -36.02 34.53
N ILE C 122 -8.50 -35.42 34.73
CA ILE C 122 -9.57 -36.06 34.04
C ILE C 122 -9.47 -35.39 32.75
N ARG C 123 -10.65 -35.31 32.31
CA ARG C 123 -10.80 -34.64 31.08
C ARG C 123 -9.59 -33.90 30.61
N THR C 124 -8.56 -34.51 30.07
CA THR C 124 -7.53 -33.78 29.35
C THR C 124 -6.33 -34.64 29.37
N LYS C 125 -6.38 -35.84 29.85
CA LYS C 125 -5.21 -36.70 29.68
C LYS C 125 -5.96 -37.86 29.17
N PHE C 126 -7.19 -37.94 29.53
CA PHE C 126 -8.18 -38.99 29.29
C PHE C 126 -9.07 -38.69 28.09
N ASP C 127 -8.82 -37.59 27.40
CA ASP C 127 -9.58 -37.18 26.23
C ASP C 127 -8.69 -37.06 25.01
N ILE C 128 -7.50 -36.48 25.16
CA ILE C 128 -6.50 -36.54 24.11
C ILE C 128 -5.99 -37.96 23.95
N THR C 129 -5.90 -38.71 25.05
CA THR C 129 -5.54 -40.12 24.97
C THR C 129 -6.61 -40.91 24.21
N ARG C 130 -7.89 -40.62 24.49
CA ARG C 130 -8.96 -41.28 23.75
C ARG C 130 -8.91 -40.92 22.27
N GLU C 131 -8.60 -39.67 21.95
CA GLU C 131 -8.47 -39.27 20.55
C GLU C 131 -7.33 -40.03 19.87
N PHE C 132 -6.19 -40.14 20.55
CA PHE C 132 -5.05 -40.86 20.01
C PHE C 132 -5.39 -42.33 19.79
N LEU C 133 -6.08 -42.95 20.75
CA LEU C 133 -6.45 -44.35 20.61
C LEU C 133 -7.47 -44.55 19.49
N PHE C 134 -8.41 -43.62 19.35
CA PHE C 134 -9.38 -43.71 18.27
C PHE C 134 -8.70 -43.59 16.92
N MET C 135 -7.72 -42.69 16.79
CA MET C 135 -6.99 -42.59 15.54
C MET C 135 -6.20 -43.87 15.26
N GLN C 136 -5.60 -44.45 16.30
CA GLN C 136 -4.90 -45.72 16.13
C GLN C 136 -5.84 -46.80 15.63
N ALA C 137 -7.04 -46.87 16.21
CA ALA C 137 -8.04 -47.85 15.75
C ALA C 137 -8.43 -47.60 14.32
N LEU C 138 -8.61 -46.33 13.93
CA LEU C 138 -8.91 -46.01 12.54
C LEU C 138 -7.76 -46.37 11.61
N LYS C 139 -6.54 -46.44 12.14
CA LYS C 139 -5.40 -46.86 11.34
C LYS C 139 -5.33 -48.37 11.14
N GLY C 140 -6.11 -49.13 11.90
CA GLY C 140 -6.16 -50.58 11.78
C GLY C 140 -5.37 -51.33 12.83
N LYS C 141 -4.47 -50.65 13.55
CA LYS C 141 -3.68 -51.27 14.59
C LYS C 141 -3.77 -50.42 15.85
N VAL C 142 -4.19 -51.03 16.95
CA VAL C 142 -4.38 -50.34 18.22
C VAL C 142 -3.07 -50.43 18.99
N ILE C 143 -2.31 -49.33 18.98
CA ILE C 143 -1.03 -49.25 19.69
C ILE C 143 -1.07 -48.02 20.58
N ASP C 144 -0.65 -48.18 21.83
CA ASP C 144 -0.70 -47.10 22.81
C ASP C 144 0.47 -46.14 22.58
N ALA C 145 0.62 -45.18 23.50
CA ALA C 145 1.70 -44.20 23.38
C ALA C 145 3.07 -44.85 23.50
N ASN C 146 3.20 -45.84 24.39
CA ASN C 146 4.48 -46.48 24.61
C ASN C 146 4.81 -47.54 23.55
N GLY C 147 4.07 -47.60 22.45
CA GLY C 147 4.38 -48.56 21.40
C GLY C 147 4.19 -50.02 21.78
N VAL C 148 3.09 -50.35 22.44
CA VAL C 148 2.77 -51.72 22.80
C VAL C 148 1.55 -52.16 22.01
N LEU C 149 1.71 -53.23 21.22
CA LEU C 149 0.62 -53.72 20.40
C LEU C 149 -0.47 -54.33 21.28
N TYR C 150 -1.72 -54.04 20.93
CA TYR C 150 -2.86 -54.55 21.67
C TYR C 150 -3.87 -55.28 20.81
N ALA C 151 -4.08 -54.84 19.58
CA ALA C 151 -5.06 -55.48 18.69
C ALA C 151 -4.63 -55.23 17.26
N ASP C 152 -4.00 -56.23 16.64
CA ASP C 152 -3.67 -56.18 15.21
C ASP C 152 -4.89 -56.68 14.46
N LEU C 153 -5.74 -55.75 14.02
CA LEU C 153 -6.99 -56.12 13.38
C LEU C 153 -6.80 -56.81 12.03
N TYR C 154 -5.68 -56.86 11.43
CA TYR C 154 -5.59 -57.44 10.08
C TYR C 154 -4.84 -58.66 10.18
N LYS C 155 -5.15 -59.47 11.16
CA LYS C 155 -4.40 -60.67 11.46
C LYS C 155 -5.43 -61.35 12.32
N GLN C 156 -6.34 -60.60 12.92
CA GLN C 156 -7.47 -61.22 13.62
C GLN C 156 -8.28 -61.55 12.40
N PHE C 157 -8.98 -60.62 11.81
CA PHE C 157 -9.57 -60.96 10.53
C PHE C 157 -8.36 -61.19 9.69
N ASP C 158 -8.32 -62.05 8.69
CA ASP C 158 -7.20 -62.35 7.78
C ASP C 158 -7.41 -61.58 6.47
N VAL C 159 -7.07 -60.30 6.50
CA VAL C 159 -7.13 -59.43 5.34
C VAL C 159 -5.87 -58.59 5.29
N THR C 160 -5.34 -58.38 4.09
CA THR C 160 -4.16 -57.55 3.92
C THR C 160 -4.54 -56.08 3.82
N LYS C 161 -3.76 -55.23 4.47
CA LYS C 161 -4.01 -53.79 4.41
C LYS C 161 -3.78 -53.27 3.01
N LYS C 162 -4.67 -52.38 2.57
CA LYS C 162 -4.60 -51.80 1.24
C LYS C 162 -3.99 -50.40 1.34
N THR C 163 -2.88 -50.20 0.64
CA THR C 163 -2.20 -48.90 0.59
C THR C 163 -2.20 -48.41 -0.85
N ILE C 164 -2.66 -47.19 -1.05
CA ILE C 164 -2.76 -46.59 -2.38
C ILE C 164 -1.66 -45.56 -2.53
N TYR C 165 -0.86 -45.71 -3.60
CA TYR C 165 0.27 -44.83 -3.87
C TYR C 165 -0.17 -43.83 -4.94
N PHE C 166 -0.42 -42.59 -4.52
CA PHE C 166 -0.94 -41.60 -5.45
C PHE C 166 0.12 -41.11 -6.43
N ASP C 167 1.38 -41.11 -6.01
CA ASP C 167 2.50 -40.65 -6.85
C ASP C 167 2.28 -39.22 -7.32
N LEU C 168 2.09 -38.32 -6.35
CA LEU C 168 1.83 -36.92 -6.64
C LEU C 168 3.06 -36.16 -7.10
N ASP C 169 4.24 -36.77 -7.02
CA ASP C 169 5.47 -36.07 -7.42
C ASP C 169 5.60 -36.00 -8.94
N ASN C 170 5.13 -37.03 -9.65
CA ASN C 170 5.28 -36.94 -11.09
C ASN C 170 4.04 -36.34 -11.73
N PRO C 171 4.20 -35.62 -12.84
CA PRO C 171 3.05 -34.97 -13.49
C PRO C 171 2.22 -35.87 -14.38
N ASN C 172 2.47 -37.18 -14.40
CA ASN C 172 1.77 -38.10 -15.29
C ASN C 172 1.07 -39.18 -14.48
N SER C 173 0.57 -38.83 -13.30
CA SER C 173 -0.13 -39.75 -12.43
C SER C 173 -1.63 -39.51 -12.59
N ASP C 174 -2.34 -40.53 -13.06
CA ASP C 174 -3.78 -40.42 -13.23
C ASP C 174 -4.48 -40.48 -11.89
N ILE C 175 -4.78 -39.32 -11.31
CA ILE C 175 -5.43 -39.27 -10.00
C ILE C 175 -6.81 -39.91 -10.05
N ASP C 176 -7.51 -39.77 -11.18
CA ASP C 176 -8.81 -40.40 -11.33
C ASP C 176 -8.71 -41.92 -11.21
N ALA C 177 -7.63 -42.50 -11.74
CA ALA C 177 -7.44 -43.94 -11.61
C ALA C 177 -7.27 -44.36 -10.15
N HIS C 178 -6.52 -43.57 -9.37
CA HIS C 178 -6.33 -43.91 -7.97
C HIS C 178 -7.62 -43.74 -7.17
N ILE C 179 -8.38 -42.69 -7.46
CA ILE C 179 -9.66 -42.51 -6.77
C ILE C 179 -10.62 -43.64 -7.12
N GLU C 180 -10.62 -44.07 -8.39
CA GLU C 180 -11.45 -45.21 -8.78
C GLU C 180 -10.98 -46.49 -8.12
N ASP C 181 -9.66 -46.66 -7.95
CA ASP C 181 -9.16 -47.81 -7.21
C ASP C 181 -9.64 -47.81 -5.78
N LEU C 182 -9.63 -46.64 -5.13
CA LEU C 182 -10.12 -46.52 -3.77
C LEU C 182 -11.62 -46.85 -3.70
N ARG C 183 -12.39 -46.34 -4.65
CA ARG C 183 -13.82 -46.64 -4.70
C ARG C 183 -14.08 -48.12 -4.90
N MET C 184 -13.33 -48.76 -5.81
CA MET C 184 -13.53 -50.17 -6.08
C MET C 184 -13.13 -51.02 -4.88
N HIS C 185 -12.08 -50.62 -4.16
CA HIS C 185 -11.75 -51.34 -2.93
C HIS C 185 -12.84 -51.18 -1.89
N MET C 186 -13.42 -49.97 -1.78
CA MET C 186 -14.52 -49.76 -0.85
C MET C 186 -15.74 -50.60 -1.20
N GLU C 187 -16.00 -50.78 -2.50
CA GLU C 187 -17.21 -51.47 -2.95
C GLU C 187 -17.06 -52.99 -2.94
N ASP C 188 -15.99 -53.50 -3.53
CA ASP C 188 -15.85 -54.96 -3.67
C ASP C 188 -15.49 -55.62 -2.35
N GLU C 189 -14.60 -55.01 -1.57
CA GLU C 189 -14.09 -55.66 -0.37
C GLU C 189 -15.03 -55.55 0.83
N ALA C 190 -16.14 -54.81 0.70
CA ALA C 190 -17.07 -54.69 1.81
C ALA C 190 -17.67 -56.05 2.17
N LYS C 191 -18.21 -56.75 1.17
CA LYS C 191 -18.78 -58.09 1.34
C LYS C 191 -19.83 -58.12 2.44
N THR C 192 -20.64 -57.07 2.51
CA THR C 192 -21.72 -56.99 3.49
C THR C 192 -23.05 -57.50 2.95
N GLY C 193 -23.09 -57.90 1.67
CA GLY C 193 -24.33 -58.36 1.07
C GLY C 193 -25.27 -57.28 0.62
N THR C 194 -24.91 -56.01 0.79
CA THR C 194 -25.75 -54.88 0.43
C THR C 194 -25.04 -54.01 -0.59
N VAL C 195 -25.80 -53.13 -1.23
CA VAL C 195 -25.25 -52.24 -2.25
C VAL C 195 -24.40 -51.18 -1.59
N ILE C 196 -23.18 -51.00 -2.08
CA ILE C 196 -22.18 -50.15 -1.44
C ILE C 196 -21.90 -48.95 -2.34
N ASN C 197 -21.88 -47.76 -1.73
CA ASN C 197 -21.50 -46.53 -2.42
C ASN C 197 -20.09 -46.18 -1.97
N GLY C 198 -19.12 -46.34 -2.87
CA GLY C 198 -17.73 -46.16 -2.51
C GLY C 198 -17.31 -44.72 -2.27
N GLU C 199 -18.18 -43.76 -2.60
CA GLU C 199 -17.86 -42.36 -2.41
C GLU C 199 -18.18 -41.85 -1.01
N GLU C 200 -18.84 -42.66 -0.19
CA GLU C 200 -19.18 -42.28 1.18
C GLU C 200 -18.03 -42.70 2.09
N ILE C 201 -16.95 -41.92 2.05
CA ILE C 201 -15.76 -42.19 2.84
C ILE C 201 -15.18 -40.89 3.35
N HIS C 202 -14.36 -41.00 4.39
CA HIS C 202 -13.56 -39.89 4.90
C HIS C 202 -12.13 -40.07 4.44
N ILE C 203 -11.49 -38.98 4.02
CA ILE C 203 -10.08 -38.99 3.63
C ILE C 203 -9.39 -37.95 4.51
N VAL C 204 -8.66 -38.41 5.51
CA VAL C 204 -7.94 -37.55 6.43
C VAL C 204 -6.45 -37.66 6.12
N VAL C 205 -5.83 -36.52 5.79
CA VAL C 205 -4.43 -36.49 5.36
C VAL C 205 -3.68 -35.47 6.21
N ASP C 206 -2.36 -35.47 6.07
CA ASP C 206 -1.51 -34.52 6.76
C ASP C 206 -1.23 -33.32 5.84
N ARG C 207 -0.35 -32.43 6.28
CA ARG C 207 -0.07 -31.24 5.48
C ARG C 207 0.66 -31.59 4.19
N THR C 208 1.61 -32.51 4.24
CA THR C 208 2.44 -32.80 3.07
C THR C 208 1.59 -33.36 1.92
N PHE C 209 0.74 -34.33 2.21
CA PHE C 209 -0.10 -34.93 1.17
C PHE C 209 -1.05 -33.89 0.59
N PHE C 210 -1.68 -33.08 1.44
CA PHE C 210 -2.59 -32.05 0.97
C PHE C 210 -1.88 -31.05 0.07
N SER C 211 -0.69 -30.59 0.50
CA SER C 211 0.05 -29.63 -0.28
C SER C 211 0.46 -30.20 -1.63
N LYS C 212 0.92 -31.46 -1.65
CA LYS C 212 1.30 -32.08 -2.92
C LYS C 212 0.08 -32.28 -3.82
N LEU C 213 -1.07 -32.59 -3.23
CA LEU C 213 -2.27 -32.86 -4.02
C LEU C 213 -2.81 -31.58 -4.66
N ILE C 214 -2.94 -30.51 -3.88
CA ILE C 214 -3.59 -29.31 -4.40
C ILE C 214 -2.82 -28.66 -5.54
N LYS C 215 -1.50 -28.85 -5.60
CA LYS C 215 -0.69 -28.24 -6.64
C LYS C 215 -0.30 -29.22 -7.75
N HIS C 216 -0.92 -30.40 -7.79
CA HIS C 216 -0.60 -31.35 -8.84
C HIS C 216 -1.03 -30.78 -10.18
N PRO C 217 -0.19 -30.89 -11.22
CA PRO C 217 -0.52 -30.23 -12.49
C PRO C 217 -1.83 -30.69 -13.10
N LYS C 218 -2.17 -31.98 -12.98
CA LYS C 218 -3.40 -32.47 -13.58
C LYS C 218 -4.62 -31.83 -12.92
N ILE C 219 -4.70 -31.91 -11.59
CA ILE C 219 -5.84 -31.36 -10.87
C ILE C 219 -5.88 -29.83 -11.01
N ARG C 220 -4.73 -29.18 -10.85
CA ARG C 220 -4.69 -27.72 -10.89
C ARG C 220 -5.08 -27.20 -12.26
N ASP C 221 -4.59 -27.84 -13.33
CA ASP C 221 -4.93 -27.39 -14.67
C ASP C 221 -6.31 -27.85 -15.12
N ALA C 222 -6.89 -28.87 -14.47
CA ALA C 222 -8.29 -29.18 -14.72
C ALA C 222 -9.21 -28.16 -14.07
N TYR C 223 -8.88 -27.71 -12.87
CA TYR C 223 -9.67 -26.69 -12.18
C TYR C 223 -9.46 -25.29 -12.75
N LEU C 224 -8.26 -24.99 -13.25
CA LEU C 224 -8.00 -23.66 -13.80
C LEU C 224 -8.77 -23.45 -15.10
N ALA C 225 -8.92 -24.50 -15.90
CA ALA C 225 -9.55 -24.35 -17.21
C ALA C 225 -11.06 -24.19 -17.13
N GLN C 226 -11.68 -24.53 -15.99
CA GLN C 226 -13.12 -24.40 -15.84
C GLN C 226 -13.46 -23.15 -15.05
N GLN C 227 -14.53 -22.48 -15.47
CA GLN C 227 -14.96 -21.22 -14.87
C GLN C 227 -16.17 -21.50 -13.98
N THR C 228 -15.89 -21.95 -12.75
CA THR C 228 -16.89 -22.28 -11.76
C THR C 228 -16.48 -21.58 -10.48
N PRO C 229 -17.43 -21.10 -9.68
CA PRO C 229 -17.06 -20.48 -8.39
C PRO C 229 -16.24 -21.40 -7.50
N LEU C 230 -16.46 -22.71 -7.56
CA LEU C 230 -15.64 -23.64 -6.79
C LEU C 230 -14.18 -23.59 -7.24
N ALA C 231 -13.95 -23.57 -8.55
CA ALA C 231 -12.58 -23.53 -9.06
C ALA C 231 -11.87 -22.25 -8.63
N TRP C 232 -12.57 -21.12 -8.70
CA TRP C 232 -12.00 -19.87 -8.21
C TRP C 232 -11.72 -19.94 -6.73
N GLN C 233 -12.62 -20.58 -5.97
CA GLN C 233 -12.44 -20.68 -4.52
C GLN C 233 -11.19 -21.48 -4.17
N GLN C 234 -10.98 -22.62 -4.83
CA GLN C 234 -9.84 -23.47 -4.50
C GLN C 234 -8.70 -23.37 -5.52
N ILE C 235 -8.59 -22.24 -6.21
CA ILE C 235 -7.40 -21.97 -7.01
C ILE C 235 -6.73 -20.71 -6.46
N THR C 236 -7.52 -19.66 -6.23
CA THR C 236 -7.00 -18.41 -5.69
C THR C 236 -7.49 -18.09 -4.29
N GLY C 237 -8.68 -18.55 -3.92
CA GLY C 237 -9.26 -18.22 -2.63
C GLY C 237 -8.73 -19.08 -1.50
N SER C 238 -9.30 -18.85 -0.32
CA SER C 238 -8.88 -19.59 0.86
C SER C 238 -9.42 -21.01 0.84
N LEU C 239 -8.55 -21.96 1.19
CA LEU C 239 -8.91 -23.37 1.21
C LEU C 239 -9.45 -23.83 2.56
N ARG C 240 -9.58 -22.91 3.53
CA ARG C 240 -10.01 -23.30 4.87
C ARG C 240 -11.46 -23.75 4.91
N THR C 241 -12.32 -23.20 4.05
CA THR C 241 -13.73 -23.59 3.97
C THR C 241 -14.38 -23.66 5.34
N GLY C 242 -14.57 -24.89 5.85
CA GLY C 242 -15.22 -25.09 7.12
C GLY C 242 -14.57 -26.22 7.90
N GLY C 243 -15.11 -26.46 9.09
CA GLY C 243 -14.62 -27.52 9.95
C GLY C 243 -13.76 -27.03 11.10
N THR C 244 -14.23 -27.25 12.34
CA THR C 244 -13.44 -26.88 13.49
C THR C 244 -12.49 -28.01 13.88
N ASP C 245 -11.45 -27.66 14.63
CA ASP C 245 -10.41 -28.60 15.01
C ASP C 245 -10.10 -28.62 16.51
N GLY C 246 -10.53 -27.62 17.27
CA GLY C 246 -10.10 -27.43 18.63
C GLY C 246 -8.89 -26.53 18.75
N VAL C 247 -8.14 -26.34 17.67
CA VAL C 247 -7.03 -25.39 17.61
C VAL C 247 -7.28 -24.47 16.42
N GLN C 248 -7.54 -25.07 15.27
CA GLN C 248 -7.86 -24.31 14.06
C GLN C 248 -9.35 -23.98 14.03
N ALA C 249 -9.66 -22.75 13.63
CA ALA C 249 -11.05 -22.35 13.48
C ALA C 249 -11.67 -22.86 12.19
N HIS C 250 -10.85 -23.28 11.22
CA HIS C 250 -11.35 -23.79 9.96
C HIS C 250 -10.38 -24.84 9.45
N MET C 251 -10.92 -25.95 8.96
CA MET C 251 -10.15 -27.14 8.65
C MET C 251 -9.97 -27.24 7.14
N ASN C 252 -8.74 -27.47 6.69
CA ASN C 252 -8.43 -27.48 5.26
C ASN C 252 -9.25 -28.56 4.54
N ARG C 253 -9.81 -28.19 3.40
CA ARG C 253 -10.66 -29.09 2.64
C ARG C 253 -10.41 -28.89 1.14
N PHE C 254 -10.68 -29.93 0.37
CA PHE C 254 -10.44 -29.91 -1.07
C PHE C 254 -11.36 -30.92 -1.74
N TYR C 255 -12.06 -30.48 -2.79
CA TYR C 255 -12.93 -31.36 -3.58
C TYR C 255 -12.33 -31.48 -4.98
N TYR C 256 -12.04 -32.70 -5.40
CA TYR C 256 -11.60 -32.95 -6.77
C TYR C 256 -12.60 -33.78 -7.55
N GLY C 257 -12.94 -34.97 -7.06
CA GLY C 257 -13.93 -35.84 -7.67
C GLY C 257 -15.18 -35.93 -6.84
N GLY C 258 -15.64 -37.16 -6.63
CA GLY C 258 -16.72 -37.38 -5.67
C GLY C 258 -16.28 -37.43 -4.24
N VAL C 259 -14.97 -37.33 -3.99
CA VAL C 259 -14.42 -37.42 -2.65
C VAL C 259 -13.92 -36.04 -2.23
N VAL C 260 -13.68 -35.90 -0.92
CA VAL C 260 -13.19 -34.66 -0.33
C VAL C 260 -12.00 -34.98 0.55
N PHE C 261 -10.93 -34.21 0.40
CA PHE C 261 -9.72 -34.37 1.18
C PHE C 261 -9.70 -33.37 2.33
N VAL C 262 -9.40 -33.86 3.53
CA VAL C 262 -9.33 -33.03 4.73
C VAL C 262 -7.93 -33.16 5.31
N GLN C 263 -7.28 -32.03 5.54
CA GLN C 263 -5.94 -32.00 6.13
C GLN C 263 -6.05 -31.83 7.63
N TYR C 264 -5.65 -32.86 8.37
CA TYR C 264 -5.71 -32.89 9.84
C TYR C 264 -4.30 -32.99 10.38
N ASN C 265 -3.81 -31.89 10.98
CA ASN C 265 -2.45 -31.82 11.49
C ASN C 265 -2.41 -31.89 13.01
N GLY C 266 -3.36 -32.59 13.63
CA GLY C 266 -3.36 -32.73 15.07
C GLY C 266 -2.26 -33.67 15.54
N LYS C 267 -1.69 -33.34 16.70
CA LYS C 267 -0.61 -34.13 17.27
C LYS C 267 -0.59 -33.90 18.78
N PHE C 268 -0.09 -34.91 19.50
CA PHE C 268 0.10 -34.83 20.94
C PHE C 268 1.50 -35.29 21.27
N LYS C 269 1.92 -35.06 22.51
CA LYS C 269 3.26 -35.38 22.95
C LYS C 269 3.24 -36.48 24.00
N ASP C 270 4.28 -37.31 23.99
CA ASP C 270 4.43 -38.39 24.94
C ASP C 270 5.20 -37.91 26.17
N LYS C 271 5.34 -38.79 27.15
CA LYS C 271 6.05 -38.43 28.37
C LYS C 271 7.53 -38.18 28.12
N ARG C 272 8.15 -38.95 27.22
CA ARG C 272 9.56 -38.80 26.90
C ARG C 272 9.82 -37.63 25.95
N GLY C 273 8.82 -36.78 25.72
CA GLY C 273 8.98 -35.68 24.79
C GLY C 273 8.79 -36.05 23.34
N LYS C 274 8.44 -37.28 23.04
CA LYS C 274 8.24 -37.74 21.67
C LYS C 274 6.86 -37.28 21.20
N THR C 275 6.83 -36.39 20.21
CA THR C 275 5.56 -35.97 19.64
C THR C 275 4.91 -37.11 18.87
N HIS C 276 3.60 -37.18 18.94
CA HIS C 276 2.82 -38.25 18.29
C HIS C 276 1.91 -37.62 17.27
N THR C 277 2.36 -37.54 16.03
CA THR C 277 1.52 -37.05 14.94
C THR C 277 0.43 -38.05 14.66
N LEU C 278 -0.83 -37.60 14.70
CA LEU C 278 -1.95 -38.50 14.57
C LEU C 278 -2.01 -39.12 13.18
N VAL C 279 -1.96 -38.31 12.14
CA VAL C 279 -2.05 -38.78 10.76
C VAL C 279 -0.62 -39.11 10.33
N SER C 280 -0.26 -40.39 10.44
CA SER C 280 1.07 -40.83 10.09
C SER C 280 1.02 -42.33 9.80
N ILE C 281 2.10 -42.84 9.20
CA ILE C 281 2.27 -44.25 8.93
C ILE C 281 3.54 -44.72 9.64
N ASP C 282 3.43 -45.80 10.41
CA ASP C 282 4.56 -46.27 11.20
C ASP C 282 5.72 -46.66 10.29
N GLY C 283 6.92 -46.27 10.71
CA GLY C 283 8.11 -46.57 9.93
C GLY C 283 8.20 -45.87 8.60
N VAL C 284 7.51 -44.75 8.41
CA VAL C 284 7.52 -44.08 7.07
C VAL C 284 7.90 -42.63 7.30
N SER C 285 9.09 -42.42 7.82
CA SER C 285 9.63 -41.06 7.95
C SER C 285 10.29 -40.70 6.63
N ASP C 286 9.93 -39.59 6.00
CA ASP C 286 10.68 -39.22 4.81
C ASP C 286 10.38 -37.78 4.50
N THR C 287 9.49 -37.14 5.24
CA THR C 287 9.23 -35.69 5.05
C THR C 287 8.78 -35.36 3.64
N ASN C 288 9.04 -36.22 2.67
CA ASN C 288 8.66 -35.97 1.28
C ASN C 288 7.60 -36.99 0.93
N VAL C 289 7.05 -37.62 1.95
CA VAL C 289 6.03 -38.64 1.73
C VAL C 289 4.82 -38.16 2.47
N GLY C 290 3.83 -37.71 1.76
CA GLY C 290 2.53 -37.43 2.33
C GLY C 290 1.79 -38.72 2.65
N VAL C 291 1.10 -38.71 3.79
CA VAL C 291 0.40 -39.90 4.28
C VAL C 291 -1.01 -39.50 4.69
N GLY C 292 -1.97 -40.38 4.42
CA GLY C 292 -3.34 -40.13 4.80
C GLY C 292 -4.07 -41.42 5.09
N HIS C 293 -5.25 -41.29 5.67
CA HIS C 293 -6.06 -42.43 6.08
C HIS C 293 -7.47 -42.28 5.51
N ALA C 294 -7.93 -43.32 4.82
CA ALA C 294 -9.29 -43.36 4.28
C ALA C 294 -10.07 -44.45 5.00
N PHE C 295 -11.20 -44.08 5.58
CA PHE C 295 -12.04 -45.01 6.32
C PHE C 295 -13.50 -44.74 5.98
N PRO C 296 -14.36 -45.76 6.09
CA PRO C 296 -15.76 -45.59 5.67
C PRO C 296 -16.47 -44.51 6.46
N ASN C 297 -17.37 -43.81 5.77
CA ASN C 297 -18.29 -42.87 6.40
C ASN C 297 -19.40 -43.65 7.11
N VAL C 298 -20.04 -42.98 8.06
CA VAL C 298 -21.10 -43.61 8.85
C VAL C 298 -22.29 -43.99 7.99
N ALA C 299 -22.41 -43.43 6.80
CA ALA C 299 -23.61 -43.62 5.98
C ALA C 299 -23.41 -44.59 4.82
N MET C 300 -22.20 -45.10 4.59
CA MET C 300 -22.01 -46.04 3.50
C MET C 300 -22.59 -47.40 3.83
N LEU C 301 -22.37 -47.87 5.06
CA LEU C 301 -22.86 -49.16 5.52
C LEU C 301 -24.20 -49.06 6.24
N GLY C 302 -24.57 -47.88 6.71
CA GLY C 302 -25.78 -47.71 7.48
C GLY C 302 -25.54 -47.74 8.98
N GLU C 303 -26.52 -47.22 9.72
CA GLU C 303 -26.41 -47.19 11.17
C GLU C 303 -26.45 -48.60 11.75
N ALA C 304 -27.32 -49.47 11.21
CA ALA C 304 -27.45 -50.81 11.74
C ALA C 304 -26.17 -51.62 11.57
N ASN C 305 -25.55 -51.52 10.40
CA ASN C 305 -24.31 -52.24 10.12
C ASN C 305 -23.09 -51.36 10.41
N ASN C 306 -22.92 -51.00 11.68
CA ASN C 306 -21.80 -50.17 12.09
C ASN C 306 -20.59 -51.04 12.42
N ILE C 307 -19.41 -50.58 12.02
CA ILE C 307 -18.19 -51.38 12.12
C ILE C 307 -17.16 -50.80 13.09
N PHE C 308 -17.45 -49.69 13.73
CA PHE C 308 -16.54 -49.12 14.72
C PHE C 308 -17.15 -49.26 16.11
N GLU C 309 -16.40 -49.88 17.02
CA GLU C 309 -16.92 -50.14 18.36
C GLU C 309 -15.81 -49.96 19.37
N VAL C 310 -16.22 -49.57 20.59
CA VAL C 310 -15.31 -49.47 21.72
C VAL C 310 -15.92 -50.21 22.90
N ALA C 311 -15.13 -51.07 23.53
CA ALA C 311 -15.59 -51.90 24.63
C ALA C 311 -15.11 -51.34 25.96
N TYR C 312 -15.84 -51.62 27.03
CA TYR C 312 -15.49 -51.19 28.37
C TYR C 312 -15.64 -52.34 29.35
N ALA C 313 -14.75 -52.39 30.32
CA ALA C 313 -14.75 -53.39 31.37
C ALA C 313 -14.56 -52.71 32.71
N PRO C 314 -15.01 -53.34 33.80
CA PRO C 314 -14.96 -52.68 35.11
C PRO C 314 -13.55 -52.62 35.68
N CYS C 315 -13.37 -51.73 36.64
CA CYS C 315 -12.11 -51.58 37.34
C CYS C 315 -11.91 -52.71 38.35
N PRO C 316 -10.67 -53.02 38.71
CA PRO C 316 -10.41 -54.10 39.68
C PRO C 316 -10.51 -53.62 41.12
N LYS C 317 -11.74 -53.33 41.55
CA LYS C 317 -12.01 -52.89 42.91
C LYS C 317 -13.21 -53.64 43.47
N MET C 318 -13.31 -53.66 44.79
CA MET C 318 -14.39 -54.38 45.45
C MET C 318 -15.74 -53.81 45.05
N GLY C 319 -16.68 -54.71 44.75
CA GLY C 319 -18.00 -54.31 44.32
C GLY C 319 -18.14 -54.01 42.85
N TYR C 320 -17.08 -54.18 42.06
CA TYR C 320 -17.13 -53.91 40.63
C TYR C 320 -16.91 -55.16 39.77
N ALA C 321 -16.71 -56.32 40.37
CA ALA C 321 -16.46 -57.53 39.61
C ALA C 321 -17.71 -57.96 38.84
N ASN C 322 -17.50 -58.37 37.59
CA ASN C 322 -18.58 -58.85 36.72
C ASN C 322 -19.70 -57.82 36.60
N THR C 323 -19.32 -56.57 36.37
CA THR C 323 -20.27 -55.47 36.22
C THR C 323 -20.02 -54.77 34.89
N LEU C 324 -21.05 -54.09 34.40
CA LEU C 324 -20.95 -53.35 33.15
C LEU C 324 -19.95 -52.21 33.29
N GLY C 325 -18.84 -52.30 32.57
CA GLY C 325 -17.85 -51.26 32.62
C GLY C 325 -18.32 -49.96 31.98
N GLN C 326 -17.77 -48.86 32.46
CA GLN C 326 -18.10 -47.54 31.97
C GLN C 326 -16.84 -46.83 31.47
N GLU C 327 -17.04 -45.62 30.96
CA GLU C 327 -15.94 -44.90 30.31
C GLU C 327 -14.82 -44.58 31.29
N LEU C 328 -15.16 -44.12 32.48
CA LEU C 328 -14.16 -43.65 33.43
C LEU C 328 -14.62 -43.93 34.85
N TYR C 329 -13.67 -44.31 35.71
CA TYR C 329 -13.92 -44.51 37.14
C TYR C 329 -13.12 -43.47 37.91
N VAL C 330 -13.80 -42.68 38.74
CA VAL C 330 -13.16 -41.65 39.53
C VAL C 330 -13.35 -41.99 41.00
N PHE C 331 -12.25 -42.06 41.75
CA PHE C 331 -12.25 -42.39 43.16
C PHE C 331 -11.53 -41.32 43.95
N GLU C 332 -12.09 -40.96 45.11
CA GLU C 332 -11.49 -39.99 46.00
C GLU C 332 -11.29 -40.62 47.37
N TYR C 333 -10.08 -40.49 47.91
CA TYR C 333 -9.73 -41.06 49.20
C TYR C 333 -9.13 -39.97 50.09
N GLU C 334 -9.24 -40.19 51.40
CA GLU C 334 -8.78 -39.24 52.39
C GLU C 334 -7.56 -39.80 53.12
N LYS C 335 -6.49 -39.00 53.18
CA LYS C 335 -5.32 -39.40 53.92
C LYS C 335 -5.61 -39.37 55.43
N ASP C 336 -4.83 -40.14 56.17
CA ASP C 336 -5.03 -40.21 57.62
C ASP C 336 -4.64 -38.90 58.28
N ARG C 337 -5.21 -38.67 59.47
CA ARG C 337 -4.86 -37.53 60.32
C ARG C 337 -4.98 -36.19 59.59
N ASP C 338 -5.99 -36.08 58.71
CA ASP C 338 -6.27 -34.83 58.00
C ASP C 338 -5.04 -34.31 57.26
N GLU C 339 -4.35 -35.20 56.56
CA GLU C 339 -3.13 -34.83 55.86
C GLU C 339 -3.35 -34.48 54.40
N GLY C 340 -4.54 -34.67 53.87
CA GLY C 340 -4.82 -34.31 52.49
C GLY C 340 -5.86 -35.23 51.88
N ILE C 341 -5.95 -35.18 50.55
CA ILE C 341 -6.93 -35.93 49.78
C ILE C 341 -6.22 -36.57 48.59
N ASP C 342 -6.61 -37.82 48.29
CA ASP C 342 -6.05 -38.57 47.18
C ASP C 342 -7.13 -38.80 46.13
N PHE C 343 -6.71 -38.85 44.86
CA PHE C 343 -7.62 -39.06 43.75
C PHE C 343 -7.09 -40.17 42.84
N GLU C 344 -8.01 -40.88 42.21
CA GLU C 344 -7.67 -41.93 41.26
C GLU C 344 -8.66 -41.90 40.10
N ALA C 345 -8.16 -42.07 38.88
CA ALA C 345 -8.99 -42.14 37.68
C ALA C 345 -8.63 -43.40 36.92
N HIS C 346 -9.63 -44.18 36.53
CA HIS C 346 -9.42 -45.46 35.86
C HIS C 346 -10.17 -45.49 34.54
N SER C 347 -9.68 -46.32 33.62
CA SER C 347 -10.35 -46.55 32.34
C SER C 347 -9.88 -47.87 31.78
N TYR C 348 -10.81 -48.70 31.33
CA TYR C 348 -10.53 -50.03 30.79
C TYR C 348 -11.31 -50.14 29.48
N MET C 349 -10.66 -49.85 28.37
CA MET C 349 -11.33 -49.74 27.08
C MET C 349 -10.41 -50.19 25.96
N LEU C 350 -11.00 -50.52 24.81
CA LEU C 350 -10.24 -50.78 23.60
C LEU C 350 -11.13 -50.63 22.36
N PRO C 351 -10.77 -49.76 21.43
CA PRO C 351 -11.53 -49.65 20.19
C PRO C 351 -11.03 -50.62 19.13
N TYR C 352 -11.94 -50.99 18.22
CA TYR C 352 -11.63 -51.97 17.19
C TYR C 352 -12.57 -51.79 16.02
N CYS C 353 -12.21 -52.40 14.90
CA CYS C 353 -13.00 -52.37 13.68
C CYS C 353 -13.27 -53.80 13.21
N THR C 354 -14.53 -54.10 12.91
CA THR C 354 -14.92 -55.44 12.49
C THR C 354 -14.65 -55.71 11.02
N ARG C 355 -14.39 -54.67 10.22
CA ARG C 355 -14.03 -54.83 8.81
C ARG C 355 -12.77 -54.00 8.57
N PRO C 356 -11.61 -54.50 9.01
CA PRO C 356 -10.37 -53.72 8.86
C PRO C 356 -9.95 -53.53 7.41
N GLN C 357 -10.48 -54.32 6.48
CA GLN C 357 -10.15 -54.14 5.07
C GLN C 357 -10.71 -52.84 4.51
N LEU C 358 -11.65 -52.21 5.21
CA LEU C 358 -12.22 -50.95 4.76
C LEU C 358 -11.39 -49.74 5.17
N LEU C 359 -10.32 -49.94 5.94
CA LEU C 359 -9.41 -48.86 6.32
C LEU C 359 -8.25 -48.86 5.35
N VAL C 360 -8.19 -47.84 4.49
CA VAL C 360 -7.21 -47.75 3.42
C VAL C 360 -6.28 -46.57 3.70
N ASP C 361 -4.99 -46.81 3.58
CA ASP C 361 -3.97 -45.78 3.74
C ASP C 361 -3.55 -45.28 2.37
N VAL C 362 -3.37 -43.97 2.25
CA VAL C 362 -3.00 -43.34 0.99
C VAL C 362 -1.66 -42.65 1.15
N ARG C 363 -0.73 -42.95 0.25
CA ARG C 363 0.59 -42.36 0.24
C ARG C 363 0.68 -41.33 -0.89
N SER C 364 1.82 -40.65 -0.97
CA SER C 364 2.05 -39.65 -2.00
C SER C 364 3.39 -39.89 -2.69
N ASP C 365 3.68 -41.15 -2.98
CA ASP C 365 4.92 -41.53 -3.66
C ASP C 365 4.63 -42.67 -4.62
N ALA C 366 5.62 -43.03 -5.42
CA ALA C 366 5.48 -44.13 -6.35
C ALA C 366 5.49 -45.46 -5.61
N GLU C 367 4.73 -46.41 -6.14
CA GLU C 367 4.64 -47.75 -5.56
C GLU C 367 5.96 -48.51 -5.74
N LEU D 2 -20.20 -67.26 27.68
CA LEU D 2 -19.58 -68.49 27.12
C LEU D 2 -18.26 -68.90 27.74
N THR D 3 -17.76 -70.08 27.40
CA THR D 3 -16.55 -70.64 28.00
C THR D 3 -15.46 -69.86 27.41
N ASN D 4 -14.41 -69.62 28.15
CA ASN D 4 -13.28 -68.79 27.77
C ASN D 4 -12.53 -69.42 26.64
N SER D 5 -11.26 -69.12 26.56
CA SER D 5 -10.53 -69.56 25.39
C SER D 5 -9.53 -70.63 25.76
N GLU D 6 -9.12 -70.70 27.01
CA GLU D 6 -8.19 -71.79 27.37
C GLU D 6 -8.65 -72.45 28.67
N LYS D 7 -9.88 -72.20 29.07
CA LYS D 7 -10.42 -72.83 30.28
C LYS D 7 -11.87 -73.21 30.13
N SER D 8 -12.27 -74.32 30.73
CA SER D 8 -13.59 -74.90 30.54
C SER D 8 -14.39 -74.25 31.62
N ARG D 9 -15.50 -74.84 32.08
CA ARG D 9 -16.44 -74.16 33.03
C ARG D 9 -15.64 -73.28 33.98
N PHE D 10 -14.35 -73.50 34.14
CA PHE D 10 -13.65 -72.70 35.11
C PHE D 10 -13.95 -71.31 34.71
N PHE D 11 -13.77 -70.82 33.50
CA PHE D 11 -13.87 -69.37 33.30
C PHE D 11 -14.64 -68.96 32.14
N LEU D 12 -15.26 -67.77 32.14
CA LEU D 12 -16.29 -67.33 31.18
C LEU D 12 -15.84 -66.11 30.40
N ALA D 13 -16.35 -65.86 29.20
CA ALA D 13 -16.04 -64.70 28.32
C ALA D 13 -17.25 -64.41 27.48
N ASP D 14 -17.28 -63.43 26.63
CA ASP D 14 -18.54 -63.05 25.98
C ASP D 14 -18.57 -63.16 24.49
N LEU D 15 -19.63 -63.70 23.87
CA LEU D 15 -19.79 -63.74 22.41
C LEU D 15 -20.52 -62.48 22.01
N THR D 16 -19.80 -61.46 21.61
CA THR D 16 -20.39 -60.18 21.26
C THR D 16 -21.36 -60.32 20.09
N GLY D 17 -20.95 -61.00 19.02
CA GLY D 17 -21.80 -61.11 17.86
C GLY D 17 -21.28 -62.04 16.78
N GLU D 18 -21.65 -61.76 15.54
CA GLU D 18 -21.32 -62.61 14.41
C GLU D 18 -21.19 -61.74 13.16
N VAL D 19 -20.13 -61.97 12.39
CA VAL D 19 -19.84 -61.19 11.19
C VAL D 19 -20.09 -62.07 9.98
N GLN D 20 -21.00 -61.62 9.12
CA GLN D 20 -21.36 -62.35 7.90
C GLN D 20 -20.67 -61.73 6.71
N SER D 21 -20.27 -62.58 5.76
CA SER D 21 -19.72 -62.15 4.48
C SER D 21 -20.54 -62.80 3.37
N ILE D 22 -20.96 -61.98 2.41
CA ILE D 22 -21.85 -62.43 1.34
C ILE D 22 -21.20 -62.13 0.00
N PRO D 23 -21.18 -63.08 -0.94
CA PRO D 23 -20.53 -62.82 -2.24
C PRO D 23 -21.27 -61.79 -3.05
N ASN D 24 -20.53 -61.13 -3.93
CA ASN D 24 -21.12 -60.12 -4.81
C ASN D 24 -21.93 -60.79 -5.91
N THR D 25 -23.07 -60.20 -6.24
CA THR D 25 -23.92 -60.67 -7.33
C THR D 25 -24.29 -59.48 -8.21
N TYR D 26 -24.47 -59.75 -9.50
CA TYR D 26 -24.71 -58.71 -10.48
C TYR D 26 -26.02 -59.01 -11.22
N GLY D 27 -26.79 -57.96 -11.47
CA GLY D 27 -28.08 -58.12 -12.12
C GLY D 27 -28.42 -57.04 -13.13
N TYR D 28 -27.41 -56.42 -13.74
CA TYR D 28 -27.67 -55.34 -14.69
C TYR D 28 -28.38 -55.85 -15.93
N ILE D 29 -27.86 -56.92 -16.54
CA ILE D 29 -28.45 -57.45 -17.76
C ILE D 29 -29.85 -57.98 -17.50
N SER D 30 -30.04 -58.70 -16.38
CA SER D 30 -31.37 -59.18 -16.04
C SER D 30 -32.32 -58.03 -15.78
N GLY D 31 -31.85 -56.98 -15.12
CA GLY D 31 -32.68 -55.81 -14.88
C GLY D 31 -32.99 -55.01 -16.12
N LEU D 32 -32.21 -55.18 -17.19
CA LEU D 32 -32.52 -54.51 -18.45
C LEU D 32 -33.85 -55.00 -19.01
N GLY D 33 -34.14 -56.29 -18.87
CA GLY D 33 -35.41 -56.83 -19.32
C GLY D 33 -35.63 -56.84 -20.81
N LEU D 34 -34.59 -57.11 -21.60
CA LEU D 34 -34.73 -57.15 -23.05
C LEU D 34 -35.46 -58.39 -23.50
N PHE D 35 -35.14 -59.54 -22.92
CA PHE D 35 -35.72 -60.81 -23.36
C PHE D 35 -37.12 -60.98 -22.78
N ARG D 36 -38.03 -61.48 -23.62
CA ARG D 36 -39.39 -61.75 -23.21
C ARG D 36 -39.68 -63.25 -23.29
N SER D 37 -40.48 -63.74 -22.36
CA SER D 37 -40.71 -65.17 -22.24
C SER D 37 -41.57 -65.68 -23.38
N ALA D 38 -41.21 -66.86 -23.90
CA ALA D 38 -41.96 -67.54 -24.94
C ALA D 38 -42.13 -69.00 -24.54
N PRO D 39 -43.06 -69.28 -23.63
CA PRO D 39 -43.26 -70.68 -23.19
C PRO D 39 -43.67 -71.57 -24.34
N GLN D 40 -43.24 -72.83 -24.28
CA GLN D 40 -43.42 -73.76 -25.38
C GLN D 40 -43.82 -75.13 -24.84
N THR D 41 -44.37 -75.96 -25.74
CA THR D 41 -44.74 -77.33 -25.42
C THR D 41 -43.83 -78.36 -26.09
N GLN D 42 -42.96 -77.94 -27.00
CA GLN D 42 -42.14 -78.86 -27.78
C GLN D 42 -40.67 -78.64 -27.45
N THR D 43 -39.88 -79.70 -27.64
CA THR D 43 -38.46 -79.62 -27.36
C THR D 43 -37.76 -78.68 -28.33
N THR D 44 -38.16 -78.69 -29.60
CA THR D 44 -37.58 -77.83 -30.61
C THR D 44 -38.68 -77.02 -31.30
N PHE D 45 -38.28 -75.89 -31.87
CA PHE D 45 -39.21 -75.03 -32.60
C PHE D 45 -38.57 -74.56 -33.89
N LEU D 46 -39.41 -74.26 -34.87
CA LEU D 46 -38.98 -73.85 -36.20
C LEU D 46 -39.27 -72.37 -36.43
N MET D 47 -38.74 -71.86 -37.53
CA MET D 47 -38.95 -70.47 -37.93
C MET D 47 -38.83 -70.37 -39.45
N ASP D 48 -39.46 -69.35 -40.01
CA ASP D 48 -39.50 -69.14 -41.45
C ASP D 48 -38.65 -67.93 -41.82
N LEU D 49 -37.78 -68.10 -42.81
CA LEU D 49 -36.94 -67.02 -43.32
C LEU D 49 -37.44 -66.66 -44.72
N THR D 50 -37.89 -65.42 -44.89
CA THR D 50 -38.41 -64.93 -46.16
C THR D 50 -37.71 -63.62 -46.52
N ASP D 51 -37.23 -63.53 -47.75
CA ASP D 51 -36.55 -62.32 -48.21
C ASP D 51 -36.75 -62.17 -49.70
N TRP D 52 -36.61 -60.93 -50.17
CA TRP D 52 -36.70 -60.61 -51.58
C TRP D 52 -35.75 -59.46 -51.88
N ASP D 53 -35.41 -59.30 -53.14
CA ASP D 53 -34.45 -58.30 -53.58
C ASP D 53 -35.04 -57.45 -54.69
N ILE D 54 -34.50 -56.24 -54.83
CA ILE D 54 -34.99 -55.26 -55.81
C ILE D 54 -33.82 -54.86 -56.71
N SER D 55 -34.17 -54.38 -57.90
CA SER D 55 -33.17 -54.00 -58.88
C SER D 55 -33.70 -52.82 -59.69
N LEU D 56 -32.79 -52.13 -60.37
CA LEU D 56 -33.12 -50.99 -61.21
C LEU D 56 -33.68 -51.45 -62.55
N LEU D 57 -34.28 -50.52 -63.28
CA LEU D 57 -34.89 -50.80 -64.57
C LEU D 57 -34.04 -50.21 -65.69
N ASP D 58 -33.80 -51.02 -66.72
CA ASP D 58 -33.14 -50.56 -67.92
C ASP D 58 -34.16 -49.98 -68.90
N ALA D 59 -33.76 -48.89 -69.57
CA ALA D 59 -34.62 -48.29 -70.56
C ALA D 59 -34.80 -49.20 -71.76
N VAL D 60 -35.95 -49.09 -72.42
CA VAL D 60 -36.32 -49.96 -73.52
C VAL D 60 -36.89 -49.13 -74.65
N ASP D 61 -36.82 -49.65 -75.87
CA ASP D 61 -37.35 -48.92 -77.02
C ASP D 61 -38.86 -48.85 -76.94
N ARG D 62 -39.42 -47.72 -77.38
CA ARG D 62 -40.86 -47.53 -77.27
C ARG D 62 -41.63 -48.34 -78.30
N THR D 63 -41.17 -48.48 -79.50
CA THR D 63 -41.93 -49.14 -80.54
C THR D 63 -41.41 -50.50 -80.71
N SER D 64 -40.81 -51.12 -79.73
CA SER D 64 -40.40 -52.52 -79.92
C SER D 64 -41.30 -53.28 -79.00
N ARG D 65 -41.82 -52.62 -77.99
CA ARG D 65 -42.69 -53.21 -76.98
C ARG D 65 -41.94 -54.25 -76.17
N LYS D 66 -40.83 -53.96 -75.49
CA LYS D 66 -40.04 -55.03 -74.85
C LYS D 66 -40.04 -54.74 -73.32
N ALA D 67 -39.53 -55.54 -72.45
CA ALA D 67 -39.83 -55.15 -71.11
C ALA D 67 -39.00 -55.93 -70.16
N GLU D 68 -39.25 -55.75 -68.92
CA GLU D 68 -38.41 -56.46 -67.99
C GLU D 68 -39.38 -57.01 -67.00
N THR D 69 -39.15 -58.19 -66.52
CA THR D 69 -40.00 -58.80 -65.52
C THR D 69 -39.21 -58.64 -64.24
N SER D 70 -39.62 -59.35 -63.22
CA SER D 70 -38.93 -59.28 -61.93
C SER D 70 -38.91 -60.69 -61.43
N ALA D 71 -38.02 -61.04 -60.55
CA ALA D 71 -37.86 -62.44 -60.16
C ALA D 71 -38.54 -62.71 -58.84
N PRO D 72 -38.73 -63.97 -58.46
CA PRO D 72 -39.48 -64.24 -57.26
C PRO D 72 -38.74 -64.28 -55.95
N GLU D 73 -39.42 -64.51 -54.84
CA GLU D 73 -38.83 -64.43 -53.50
C GLU D 73 -38.24 -65.77 -53.09
N ARG D 74 -37.65 -65.81 -51.89
CA ARG D 74 -37.04 -67.01 -51.35
C ARG D 74 -37.59 -67.29 -49.97
N VAL D 75 -37.84 -68.57 -49.68
CA VAL D 75 -38.37 -69.00 -48.40
C VAL D 75 -37.49 -70.13 -47.86
N ARG D 76 -37.14 -70.05 -46.58
CA ARG D 76 -36.32 -71.07 -45.94
C ARG D 76 -36.90 -71.40 -44.57
N GLN D 77 -36.25 -72.33 -43.87
CA GLN D 77 -36.65 -72.76 -42.54
C GLN D 77 -35.41 -73.07 -41.71
N ILE D 78 -35.58 -73.00 -40.38
CA ILE D 78 -34.52 -73.27 -39.43
C ILE D 78 -35.13 -73.97 -38.21
N SER D 79 -34.29 -74.29 -37.23
CA SER D 79 -34.71 -74.99 -36.03
C SER D 79 -33.81 -74.58 -34.87
N PHE D 80 -34.28 -74.87 -33.66
CA PHE D 80 -33.57 -74.47 -32.44
C PHE D 80 -33.70 -75.52 -31.34
N PRO D 81 -32.60 -75.97 -30.75
CA PRO D 81 -32.69 -76.75 -29.51
C PRO D 81 -32.56 -75.85 -28.29
N MET D 82 -32.82 -76.38 -27.09
CA MET D 82 -32.69 -75.59 -25.87
C MET D 82 -31.90 -76.37 -24.84
N MET D 83 -31.39 -75.66 -23.84
CA MET D 83 -30.61 -76.29 -22.78
C MET D 83 -31.52 -76.84 -21.68
N TYR D 84 -30.93 -77.65 -20.82
CA TYR D 84 -31.59 -78.18 -19.63
C TYR D 84 -30.67 -77.97 -18.43
N PHE D 85 -31.24 -77.54 -17.32
CA PHE D 85 -30.50 -77.32 -16.09
C PHE D 85 -31.17 -78.08 -14.96
N LYS D 86 -30.39 -78.89 -14.25
CA LYS D 86 -30.88 -79.68 -13.14
C LYS D 86 -29.92 -79.57 -11.96
N GLU D 87 -30.46 -79.27 -10.78
CA GLU D 87 -29.67 -79.18 -9.56
C GLU D 87 -30.41 -79.92 -8.45
N VAL D 88 -29.66 -80.64 -7.63
CA VAL D 88 -30.23 -81.46 -6.56
C VAL D 88 -29.65 -81.02 -5.22
N GLU D 89 -30.38 -81.34 -4.17
CA GLU D 89 -30.00 -80.99 -2.81
C GLU D 89 -30.58 -82.02 -1.86
N SER D 90 -30.01 -82.10 -0.66
CA SER D 90 -30.48 -83.04 0.34
C SER D 90 -30.27 -82.45 1.72
N ILE D 91 -31.11 -82.89 2.67
CA ILE D 91 -31.02 -82.49 4.06
C ILE D 91 -30.96 -83.74 4.92
N THR D 92 -29.99 -83.78 5.82
CA THR D 92 -29.77 -84.93 6.69
C THR D 92 -29.73 -84.45 8.14
N PRO D 93 -30.26 -85.25 9.08
CA PRO D 93 -30.18 -84.85 10.49
C PRO D 93 -28.76 -84.65 11.00
N ASP D 94 -27.75 -85.19 10.31
CA ASP D 94 -26.37 -85.02 10.74
C ASP D 94 -25.90 -83.58 10.67
N GLU D 95 -26.61 -82.72 9.92
CA GLU D 95 -26.28 -81.31 9.83
C GLU D 95 -26.96 -80.47 10.90
N ILE D 96 -27.78 -81.09 11.76
CA ILE D 96 -28.53 -80.38 12.78
C ILE D 96 -28.16 -80.84 14.18
N GLN D 97 -27.90 -82.14 14.36
CA GLN D 97 -27.67 -82.69 15.69
C GLN D 97 -26.40 -82.14 16.30
N GLY D 98 -26.54 -81.47 17.45
CA GLY D 98 -25.39 -80.99 18.19
C GLY D 98 -24.55 -79.95 17.47
N VAL D 99 -25.19 -79.08 16.69
CA VAL D 99 -24.50 -78.04 15.93
C VAL D 99 -24.95 -76.70 16.49
N ARG D 100 -23.99 -75.91 16.95
CA ARG D 100 -24.29 -74.60 17.51
C ARG D 100 -24.60 -73.61 16.40
N GLN D 101 -25.67 -72.85 16.57
CA GLN D 101 -26.01 -71.80 15.62
C GLN D 101 -24.98 -70.67 15.76
N PRO D 102 -24.28 -70.30 14.69
CA PRO D 102 -23.24 -69.28 14.81
C PRO D 102 -23.81 -67.95 15.31
N GLY D 103 -23.02 -67.25 16.12
CA GLY D 103 -23.43 -66.01 16.71
C GLY D 103 -24.12 -66.13 18.05
N THR D 104 -24.44 -67.34 18.49
CA THR D 104 -25.09 -67.58 19.77
C THR D 104 -24.18 -68.41 20.66
N ALA D 105 -24.54 -68.50 21.94
CA ALA D 105 -23.72 -69.18 22.93
C ALA D 105 -24.02 -70.68 22.99
N ASN D 106 -25.26 -71.05 23.27
CA ASN D 106 -25.63 -72.45 23.43
C ASN D 106 -26.98 -72.73 22.76
N GLU D 107 -27.15 -72.21 21.55
CA GLU D 107 -28.37 -72.43 20.77
C GLU D 107 -28.06 -73.36 19.60
N LEU D 108 -28.90 -74.38 19.42
CA LEU D 108 -28.72 -75.36 18.37
C LEU D 108 -29.41 -74.91 17.09
N THR D 109 -28.93 -75.44 15.97
CA THR D 109 -29.55 -75.15 14.68
C THR D 109 -30.85 -75.92 14.53
N THR D 110 -31.63 -75.52 13.52
CA THR D 110 -32.90 -76.16 13.23
C THR D 110 -32.92 -76.58 11.76
N GLU D 111 -33.81 -77.52 11.44
CA GLU D 111 -33.94 -77.97 10.06
C GLU D 111 -34.49 -76.86 9.15
N ALA D 112 -35.35 -76.01 9.70
CA ALA D 112 -35.94 -74.93 8.89
C ALA D 112 -34.86 -73.96 8.41
N VAL D 113 -33.90 -73.63 9.27
CA VAL D 113 -32.86 -72.67 8.91
C VAL D 113 -32.02 -73.21 7.75
N VAL D 114 -31.57 -74.46 7.86
CA VAL D 114 -30.73 -75.04 6.82
C VAL D 114 -31.53 -75.25 5.54
N ARG D 115 -32.81 -75.60 5.65
CA ARG D 115 -33.63 -75.78 4.47
C ARG D 115 -33.81 -74.45 3.72
N ALA D 116 -34.08 -73.38 4.47
CA ALA D 116 -34.22 -72.06 3.87
C ALA D 116 -32.91 -71.63 3.22
N LYS D 117 -31.79 -71.87 3.88
CA LYS D 117 -30.49 -71.50 3.31
C LYS D 117 -30.24 -72.23 2.00
N LYS D 118 -30.50 -73.55 1.98
CA LYS D 118 -30.26 -74.33 0.77
C LYS D 118 -31.18 -73.89 -0.37
N LEU D 119 -32.46 -73.65 -0.08
CA LEU D 119 -33.38 -73.21 -1.13
C LEU D 119 -32.99 -71.84 -1.66
N MET D 120 -32.60 -70.92 -0.77
CA MET D 120 -32.17 -69.60 -1.21
C MET D 120 -30.93 -69.68 -2.07
N LYS D 121 -29.97 -70.54 -1.70
CA LYS D 121 -28.79 -70.71 -2.52
C LYS D 121 -29.12 -71.28 -3.89
N ILE D 122 -30.03 -72.25 -3.94
CA ILE D 122 -30.42 -72.83 -5.23
C ILE D 122 -31.04 -71.77 -6.12
N ARG D 123 -31.96 -70.97 -5.56
CA ARG D 123 -32.60 -69.92 -6.33
C ARG D 123 -31.60 -68.88 -6.80
N THR D 124 -30.67 -68.50 -5.94
CA THR D 124 -29.64 -67.53 -6.32
C THR D 124 -28.76 -68.09 -7.44
N LYS D 125 -28.41 -69.37 -7.36
CA LYS D 125 -27.61 -69.99 -8.42
C LYS D 125 -28.34 -69.96 -9.75
N PHE D 126 -29.64 -70.29 -9.74
CA PHE D 126 -30.40 -70.26 -10.98
C PHE D 126 -30.51 -68.85 -11.55
N ASP D 127 -30.72 -67.86 -10.68
CA ASP D 127 -30.75 -66.47 -11.15
C ASP D 127 -29.41 -66.06 -11.74
N ILE D 128 -28.32 -66.46 -11.10
CA ILE D 128 -26.99 -66.10 -11.56
C ILE D 128 -26.73 -66.70 -12.93
N THR D 129 -27.08 -67.98 -13.11
CA THR D 129 -26.91 -68.64 -14.40
C THR D 129 -27.80 -68.02 -15.45
N ARG D 130 -29.00 -67.58 -15.07
CA ARG D 130 -29.88 -66.91 -16.03
C ARG D 130 -29.26 -65.60 -16.50
N GLU D 131 -28.67 -64.84 -15.59
CA GLU D 131 -27.98 -63.61 -15.98
C GLU D 131 -26.83 -63.90 -16.93
N PHE D 132 -26.02 -64.92 -16.61
CA PHE D 132 -24.91 -65.28 -17.48
C PHE D 132 -25.39 -65.69 -18.86
N LEU D 133 -26.48 -66.47 -18.93
CA LEU D 133 -27.02 -66.90 -20.21
C LEU D 133 -27.56 -65.73 -21.01
N PHE D 134 -28.21 -64.78 -20.34
CA PHE D 134 -28.71 -63.60 -21.05
C PHE D 134 -27.57 -62.80 -21.64
N MET D 135 -26.48 -62.62 -20.88
CA MET D 135 -25.33 -61.92 -21.42
C MET D 135 -24.72 -62.67 -22.59
N GLN D 136 -24.63 -64.00 -22.49
CA GLN D 136 -24.09 -64.79 -23.59
C GLN D 136 -24.95 -64.66 -24.84
N ALA D 137 -26.28 -64.67 -24.67
CA ALA D 137 -27.17 -64.49 -25.80
C ALA D 137 -27.00 -63.11 -26.43
N LEU D 138 -26.82 -62.08 -25.59
CA LEU D 138 -26.57 -60.75 -26.11
C LEU D 138 -25.25 -60.69 -26.88
N LYS D 139 -24.28 -61.53 -26.50
CA LYS D 139 -23.00 -61.55 -27.22
C LYS D 139 -23.18 -62.05 -28.65
N GLY D 140 -24.10 -62.99 -28.87
CA GLY D 140 -24.37 -63.49 -30.20
C GLY D 140 -24.36 -65.00 -30.30
N LYS D 141 -23.45 -65.65 -29.58
CA LYS D 141 -23.39 -67.10 -29.52
C LYS D 141 -23.88 -67.56 -28.16
N VAL D 142 -24.78 -68.53 -28.15
CA VAL D 142 -25.45 -68.98 -26.93
C VAL D 142 -24.68 -70.19 -26.43
N ILE D 143 -23.72 -69.95 -25.55
CA ILE D 143 -22.82 -70.98 -25.03
C ILE D 143 -22.99 -71.05 -23.51
N ASP D 144 -22.92 -72.26 -22.97
CA ASP D 144 -23.06 -72.46 -21.54
C ASP D 144 -21.73 -72.22 -20.82
N ALA D 145 -21.72 -72.46 -19.51
CA ALA D 145 -20.52 -72.23 -18.72
C ALA D 145 -19.39 -73.19 -19.11
N ASN D 146 -19.73 -74.45 -19.36
CA ASN D 146 -18.71 -75.44 -19.71
C ASN D 146 -18.16 -75.26 -21.11
N GLY D 147 -18.76 -74.39 -21.92
CA GLY D 147 -18.28 -74.15 -23.27
C GLY D 147 -18.99 -74.92 -24.36
N VAL D 148 -20.11 -75.58 -24.05
CA VAL D 148 -20.86 -76.33 -25.04
C VAL D 148 -21.73 -75.36 -25.84
N LEU D 149 -21.57 -75.37 -27.16
CA LEU D 149 -22.34 -74.49 -28.02
C LEU D 149 -23.74 -75.06 -28.22
N TYR D 150 -24.76 -74.22 -28.04
CA TYR D 150 -26.14 -74.64 -28.20
C TYR D 150 -26.87 -73.91 -29.33
N ALA D 151 -26.45 -72.69 -29.65
CA ALA D 151 -27.08 -71.94 -30.75
C ALA D 151 -26.09 -70.89 -31.23
N ASP D 152 -25.57 -71.07 -32.44
CA ASP D 152 -24.72 -70.07 -33.09
C ASP D 152 -25.61 -69.26 -34.02
N LEU D 153 -26.01 -68.07 -33.57
CA LEU D 153 -27.02 -67.30 -34.28
C LEU D 153 -26.50 -66.75 -35.60
N TYR D 154 -25.27 -66.42 -35.69
CA TYR D 154 -24.77 -65.72 -36.88
C TYR D 154 -24.49 -66.70 -37.83
N LYS D 155 -25.11 -67.85 -37.71
CA LYS D 155 -24.90 -68.90 -38.72
C LYS D 155 -26.21 -69.59 -38.87
N GLN D 156 -27.08 -69.49 -37.91
CA GLN D 156 -28.42 -70.04 -38.19
C GLN D 156 -28.96 -69.04 -39.16
N PHE D 157 -28.55 -67.78 -39.09
CA PHE D 157 -29.16 -66.78 -39.95
C PHE D 157 -28.25 -66.35 -41.10
N ASP D 158 -27.08 -66.96 -41.24
CA ASP D 158 -26.15 -66.68 -42.34
C ASP D 158 -25.81 -65.20 -42.41
N VAL D 159 -25.31 -64.67 -41.29
CA VAL D 159 -24.90 -63.27 -41.19
C VAL D 159 -23.55 -63.22 -40.51
N THR D 160 -22.86 -62.09 -40.66
CA THR D 160 -21.49 -61.92 -40.20
C THR D 160 -21.45 -61.04 -38.96
N LYS D 161 -20.67 -61.45 -37.97
CA LYS D 161 -20.47 -60.64 -36.77
C LYS D 161 -19.61 -59.44 -37.09
N LYS D 162 -19.97 -58.29 -36.54
CA LYS D 162 -19.27 -57.03 -36.78
C LYS D 162 -18.46 -56.63 -35.56
N THR D 163 -17.19 -56.32 -35.77
CA THR D 163 -16.31 -55.83 -34.72
C THR D 163 -15.75 -54.48 -35.14
N ILE D 164 -15.77 -53.52 -34.21
CA ILE D 164 -15.28 -52.17 -34.46
C ILE D 164 -14.09 -51.92 -33.56
N TYR D 165 -12.97 -51.52 -34.15
CA TYR D 165 -11.72 -51.30 -33.43
C TYR D 165 -11.58 -49.81 -33.17
N PHE D 166 -11.74 -49.41 -31.90
CA PHE D 166 -11.71 -47.99 -31.56
C PHE D 166 -10.29 -47.44 -31.58
N ASP D 167 -9.29 -48.29 -31.39
CA ASP D 167 -7.88 -47.88 -31.37
C ASP D 167 -7.65 -46.76 -30.36
N LEU D 168 -8.08 -47.01 -29.13
CA LEU D 168 -8.05 -46.00 -28.08
C LEU D 168 -6.64 -45.67 -27.60
N ASP D 169 -5.64 -46.47 -27.97
CA ASP D 169 -4.27 -46.21 -27.53
C ASP D 169 -3.56 -45.18 -28.40
N ASN D 170 -3.83 -45.17 -29.70
CA ASN D 170 -3.18 -44.22 -30.59
C ASN D 170 -3.80 -42.84 -30.41
N PRO D 171 -3.01 -41.80 -30.10
CA PRO D 171 -3.61 -40.46 -29.91
C PRO D 171 -3.86 -39.76 -31.22
N ASN D 172 -4.45 -40.47 -32.19
CA ASN D 172 -4.90 -39.89 -33.45
C ASN D 172 -6.15 -40.54 -34.00
N SER D 173 -6.65 -41.61 -33.37
CA SER D 173 -7.82 -42.32 -33.89
C SER D 173 -9.06 -41.50 -33.62
N ASP D 174 -9.65 -40.93 -34.66
CA ASP D 174 -10.87 -40.13 -34.52
C ASP D 174 -12.02 -41.09 -34.25
N ILE D 175 -12.60 -40.98 -33.05
CA ILE D 175 -13.59 -41.95 -32.60
C ILE D 175 -14.97 -41.62 -33.15
N ASP D 176 -15.16 -40.40 -33.65
CA ASP D 176 -16.43 -40.06 -34.30
C ASP D 176 -16.70 -40.99 -35.47
N ALA D 177 -15.66 -41.33 -36.23
CA ALA D 177 -15.83 -42.27 -37.34
C ALA D 177 -16.24 -43.65 -36.86
N HIS D 178 -15.68 -44.13 -35.74
CA HIS D 178 -16.05 -45.44 -35.22
C HIS D 178 -17.50 -45.45 -34.73
N ILE D 179 -17.91 -44.38 -34.04
CA ILE D 179 -19.30 -44.28 -33.60
C ILE D 179 -20.24 -44.24 -34.80
N GLU D 180 -19.88 -43.49 -35.83
CA GLU D 180 -20.69 -43.44 -37.04
C GLU D 180 -20.74 -44.80 -37.73
N ASP D 181 -19.61 -45.52 -37.74
CA ASP D 181 -19.60 -46.86 -38.33
C ASP D 181 -20.56 -47.78 -37.59
N LEU D 182 -20.55 -47.74 -36.26
CA LEU D 182 -21.48 -48.57 -35.49
C LEU D 182 -22.92 -48.19 -35.79
N ARG D 183 -23.21 -46.88 -35.79
CA ARG D 183 -24.58 -46.41 -36.01
C ARG D 183 -25.10 -46.85 -37.37
N MET D 184 -24.33 -46.61 -38.43
CA MET D 184 -24.84 -46.97 -39.74
C MET D 184 -24.75 -48.46 -39.98
N HIS D 185 -23.91 -49.19 -39.23
CA HIS D 185 -23.96 -50.64 -39.33
C HIS D 185 -25.31 -51.14 -38.86
N MET D 186 -25.77 -50.66 -37.70
CA MET D 186 -27.10 -51.04 -37.25
C MET D 186 -28.16 -50.59 -38.25
N GLU D 187 -28.06 -49.36 -38.74
CA GLU D 187 -29.07 -48.82 -39.64
C GLU D 187 -29.17 -49.62 -40.94
N ASP D 188 -28.02 -49.99 -41.52
CA ASP D 188 -28.03 -50.72 -42.78
C ASP D 188 -28.35 -52.20 -42.61
N GLU D 189 -27.79 -52.85 -41.60
CA GLU D 189 -27.97 -54.29 -41.45
C GLU D 189 -29.24 -54.67 -40.71
N ALA D 190 -30.01 -53.69 -40.23
CA ALA D 190 -31.29 -54.02 -39.60
C ALA D 190 -32.20 -54.76 -40.58
N LYS D 191 -32.31 -54.27 -41.81
CA LYS D 191 -33.08 -54.90 -42.88
C LYS D 191 -34.53 -55.12 -42.49
N THR D 192 -35.06 -54.31 -41.57
CA THR D 192 -36.43 -54.48 -41.09
C THR D 192 -37.47 -53.85 -42.02
N GLY D 193 -37.04 -53.06 -43.01
CA GLY D 193 -37.96 -52.42 -43.92
C GLY D 193 -38.54 -51.11 -43.43
N THR D 194 -38.18 -50.67 -42.23
CA THR D 194 -38.65 -49.41 -41.68
C THR D 194 -37.47 -48.53 -41.31
N VAL D 195 -37.71 -47.22 -41.28
CA VAL D 195 -36.65 -46.29 -40.91
C VAL D 195 -36.36 -46.45 -39.42
N ILE D 196 -35.06 -46.44 -39.08
CA ILE D 196 -34.62 -46.67 -37.71
C ILE D 196 -33.57 -45.63 -37.34
N ASN D 197 -33.39 -45.46 -36.03
CA ASN D 197 -32.39 -44.55 -35.46
C ASN D 197 -31.33 -45.38 -34.77
N GLY D 198 -30.11 -45.37 -35.31
CA GLY D 198 -29.02 -46.14 -34.78
C GLY D 198 -28.27 -45.51 -33.63
N GLU D 199 -28.70 -44.33 -33.17
CA GLU D 199 -28.03 -43.59 -32.11
C GLU D 199 -28.54 -43.96 -30.73
N GLU D 200 -29.53 -44.85 -30.65
CA GLU D 200 -30.23 -45.08 -29.39
C GLU D 200 -30.03 -46.51 -28.90
N ILE D 201 -28.80 -47.00 -29.02
CA ILE D 201 -28.46 -48.37 -28.65
C ILE D 201 -27.80 -48.36 -27.27
N HIS D 202 -27.58 -49.56 -26.75
CA HIS D 202 -26.85 -49.75 -25.50
C HIS D 202 -25.40 -50.08 -25.80
N ILE D 203 -24.48 -49.44 -25.09
CA ILE D 203 -23.06 -49.76 -25.17
C ILE D 203 -22.59 -50.09 -23.76
N VAL D 204 -22.16 -51.32 -23.54
CA VAL D 204 -21.69 -51.79 -22.25
C VAL D 204 -20.25 -52.25 -22.42
N VAL D 205 -19.34 -51.66 -21.63
CA VAL D 205 -17.90 -51.90 -21.79
C VAL D 205 -17.30 -52.24 -20.43
N ASP D 206 -16.10 -52.82 -20.47
CA ASP D 206 -15.40 -53.19 -19.25
C ASP D 206 -14.55 -52.02 -18.78
N ARG D 207 -13.77 -52.24 -17.70
CA ARG D 207 -13.04 -51.14 -17.09
C ARG D 207 -11.92 -50.64 -17.99
N THR D 208 -11.21 -51.54 -18.67
CA THR D 208 -10.09 -51.12 -19.51
C THR D 208 -10.55 -50.20 -20.63
N PHE D 209 -11.62 -50.57 -21.33
CA PHE D 209 -12.13 -49.74 -22.41
C PHE D 209 -12.58 -48.38 -21.89
N PHE D 210 -13.29 -48.36 -20.76
CA PHE D 210 -13.78 -47.11 -20.20
C PHE D 210 -12.62 -46.20 -19.81
N SER D 211 -11.60 -46.75 -19.17
CA SER D 211 -10.45 -45.95 -18.77
C SER D 211 -9.70 -45.41 -19.98
N LYS D 212 -9.49 -46.26 -20.99
CA LYS D 212 -8.81 -45.80 -22.19
C LYS D 212 -9.61 -44.77 -22.97
N LEU D 213 -10.94 -44.80 -22.87
CA LEU D 213 -11.79 -43.89 -23.62
C LEU D 213 -11.93 -42.54 -22.94
N ILE D 214 -12.21 -42.52 -21.63
CA ILE D 214 -12.48 -41.25 -20.96
C ILE D 214 -11.24 -40.36 -20.94
N LYS D 215 -10.05 -40.94 -20.98
CA LYS D 215 -8.82 -40.17 -20.92
C LYS D 215 -8.16 -39.97 -22.28
N HIS D 216 -8.83 -40.35 -23.36
CA HIS D 216 -8.27 -40.16 -24.69
C HIS D 216 -8.10 -38.67 -24.97
N PRO D 217 -7.00 -38.26 -25.62
CA PRO D 217 -6.76 -36.83 -25.85
C PRO D 217 -7.81 -36.15 -26.72
N LYS D 218 -8.54 -36.89 -27.56
CA LYS D 218 -9.58 -36.28 -28.38
C LYS D 218 -10.80 -35.87 -27.59
N ILE D 219 -11.16 -36.63 -26.56
CA ILE D 219 -12.29 -36.27 -25.71
C ILE D 219 -11.86 -35.33 -24.57
N ARG D 220 -10.67 -35.53 -24.03
CA ARG D 220 -10.25 -34.80 -22.84
C ARG D 220 -10.20 -33.30 -23.09
N ASP D 221 -9.49 -32.88 -24.15
CA ASP D 221 -9.41 -31.45 -24.43
C ASP D 221 -10.74 -30.91 -24.95
N ALA D 222 -11.52 -31.75 -25.63
CA ALA D 222 -12.84 -31.31 -26.10
C ALA D 222 -13.74 -30.94 -24.93
N TYR D 223 -13.51 -31.51 -23.78
CA TYR D 223 -14.43 -31.18 -22.68
C TYR D 223 -13.75 -30.19 -21.71
N LEU D 224 -12.45 -30.02 -21.77
CA LEU D 224 -11.76 -29.04 -20.95
C LEU D 224 -11.67 -27.88 -21.88
N ALA D 225 -12.78 -27.29 -22.24
CA ALA D 225 -12.79 -26.25 -23.27
C ALA D 225 -14.23 -25.91 -23.48
N GLN D 226 -15.07 -26.78 -23.00
CA GLN D 226 -16.50 -26.54 -23.15
C GLN D 226 -16.98 -26.19 -21.80
N GLN D 227 -17.44 -24.99 -21.63
CA GLN D 227 -17.92 -24.48 -20.36
C GLN D 227 -19.39 -24.79 -20.25
N THR D 228 -19.75 -26.05 -20.11
CA THR D 228 -21.13 -26.50 -19.97
C THR D 228 -21.22 -27.31 -18.74
N PRO D 229 -22.34 -27.41 -18.02
CA PRO D 229 -22.40 -28.30 -16.90
C PRO D 229 -21.81 -29.69 -16.97
N LEU D 230 -21.54 -30.29 -18.14
CA LEU D 230 -20.76 -31.54 -18.24
C LEU D 230 -19.29 -31.12 -18.10
N ALA D 231 -18.95 -30.75 -16.84
CA ALA D 231 -17.63 -30.40 -16.33
C ALA D 231 -17.51 -31.45 -15.27
N TRP D 232 -18.24 -32.55 -15.39
CA TRP D 232 -17.98 -33.80 -14.71
C TRP D 232 -16.78 -34.39 -15.50
N GLN D 233 -15.60 -33.69 -15.57
CA GLN D 233 -14.24 -34.00 -16.10
C GLN D 233 -13.42 -33.77 -14.85
N GLN D 234 -13.95 -32.92 -14.00
CA GLN D 234 -13.33 -32.72 -12.69
C GLN D 234 -14.05 -33.60 -11.69
N ILE D 235 -15.34 -33.81 -11.81
CA ILE D 235 -16.14 -34.65 -10.89
C ILE D 235 -16.20 -36.13 -11.14
N THR D 236 -17.36 -36.76 -10.92
CA THR D 236 -17.47 -38.24 -10.94
C THR D 236 -18.29 -38.84 -12.06
N GLY D 237 -17.83 -39.96 -12.67
CA GLY D 237 -18.49 -40.66 -13.79
C GLY D 237 -19.58 -41.49 -13.24
N SER D 238 -19.49 -41.88 -12.00
CA SER D 238 -20.46 -42.71 -11.30
C SER D 238 -21.74 -41.92 -11.22
N LEU D 239 -22.35 -41.74 -12.36
CA LEU D 239 -23.53 -40.90 -12.44
C LEU D 239 -24.59 -41.86 -12.68
N ARG D 240 -24.16 -43.05 -12.78
CA ARG D 240 -25.20 -43.87 -13.32
C ARG D 240 -26.29 -44.24 -12.41
N THR D 241 -27.07 -44.94 -13.13
CA THR D 241 -28.22 -45.45 -12.45
C THR D 241 -27.57 -46.76 -12.20
N GLY D 242 -26.83 -46.77 -11.18
CA GLY D 242 -26.10 -48.00 -11.03
C GLY D 242 -27.04 -48.97 -10.45
N GLY D 243 -26.65 -49.43 -9.32
CA GLY D 243 -27.52 -50.43 -8.87
C GLY D 243 -27.14 -51.42 -9.87
N THR D 244 -25.85 -51.60 -10.07
CA THR D 244 -25.58 -52.84 -10.78
C THR D 244 -26.01 -53.51 -9.55
N ASP D 245 -27.31 -53.25 -9.05
CA ASP D 245 -27.70 -53.75 -7.74
C ASP D 245 -26.74 -54.86 -7.31
N GLY D 246 -26.40 -54.86 -6.03
CA GLY D 246 -25.60 -55.92 -5.49
C GLY D 246 -24.20 -55.53 -5.06
N VAL D 247 -23.54 -54.67 -5.84
CA VAL D 247 -22.15 -54.31 -5.54
C VAL D 247 -22.00 -52.81 -5.33
N GLN D 248 -22.26 -52.02 -6.37
CA GLN D 248 -22.03 -50.58 -6.31
C GLN D 248 -23.32 -49.82 -6.55
N ALA D 249 -23.49 -48.72 -5.83
CA ALA D 249 -24.73 -47.94 -5.92
C ALA D 249 -24.88 -47.28 -7.29
N HIS D 250 -23.80 -46.74 -7.84
CA HIS D 250 -23.86 -46.00 -9.10
C HIS D 250 -22.78 -46.53 -10.04
N MET D 251 -23.17 -46.83 -11.27
CA MET D 251 -22.28 -47.37 -12.28
C MET D 251 -21.66 -46.24 -13.09
N ASN D 252 -20.45 -46.49 -13.58
CA ASN D 252 -19.75 -45.50 -14.38
C ASN D 252 -20.52 -45.24 -15.67
N ARG D 253 -20.58 -43.96 -16.07
CA ARG D 253 -21.34 -43.56 -17.24
C ARG D 253 -20.65 -42.39 -17.91
N PHE D 254 -20.46 -42.47 -19.23
CA PHE D 254 -19.77 -41.44 -19.98
C PHE D 254 -20.60 -41.08 -21.20
N TYR D 255 -20.83 -39.77 -21.39
CA TYR D 255 -21.61 -39.26 -22.51
C TYR D 255 -20.68 -38.64 -23.53
N TYR D 256 -20.78 -39.09 -24.77
CA TYR D 256 -19.97 -38.52 -25.85
C TYR D 256 -20.56 -38.92 -27.20
N GLY D 257 -20.69 -37.94 -28.08
CA GLY D 257 -21.13 -38.20 -29.45
C GLY D 257 -22.56 -38.70 -29.56
N GLY D 258 -23.40 -38.37 -28.59
CA GLY D 258 -24.78 -38.81 -28.59
C GLY D 258 -25.02 -40.19 -28.06
N VAL D 259 -23.97 -40.97 -27.79
CA VAL D 259 -24.09 -42.30 -27.24
C VAL D 259 -23.55 -42.28 -25.81
N VAL D 260 -23.87 -43.34 -25.07
CA VAL D 260 -23.48 -43.45 -23.66
C VAL D 260 -22.70 -44.73 -23.48
N PHE D 261 -21.54 -44.65 -22.85
CA PHE D 261 -20.73 -45.80 -22.50
C PHE D 261 -20.92 -46.13 -21.03
N VAL D 262 -21.31 -47.37 -20.74
CA VAL D 262 -21.56 -47.84 -19.38
C VAL D 262 -20.53 -48.89 -19.04
N GLN D 263 -19.89 -48.74 -17.89
CA GLN D 263 -18.89 -49.70 -17.42
C GLN D 263 -19.56 -50.74 -16.53
N TYR D 264 -19.48 -52.00 -16.94
CA TYR D 264 -20.12 -53.11 -16.24
C TYR D 264 -19.03 -54.11 -15.87
N ASN D 265 -18.73 -54.22 -14.58
CA ASN D 265 -17.73 -55.15 -14.08
C ASN D 265 -18.45 -56.39 -13.56
N GLY D 266 -18.92 -57.22 -14.49
CA GLY D 266 -19.65 -58.42 -14.12
C GLY D 266 -18.81 -59.67 -14.20
N LYS D 267 -18.52 -60.27 -13.04
CA LYS D 267 -17.70 -61.47 -12.95
C LYS D 267 -18.48 -62.57 -12.24
N PHE D 268 -18.40 -63.79 -12.78
CA PHE D 268 -19.01 -64.94 -12.16
C PHE D 268 -18.01 -66.08 -12.14
N LYS D 269 -18.04 -66.87 -11.06
CA LYS D 269 -17.07 -67.96 -10.90
C LYS D 269 -17.61 -69.22 -11.57
N ASP D 270 -16.92 -70.34 -11.34
CA ASP D 270 -17.28 -71.61 -11.93
C ASP D 270 -16.79 -72.73 -11.02
N LYS D 271 -17.35 -73.91 -11.22
CA LYS D 271 -16.95 -75.06 -10.41
C LYS D 271 -15.50 -75.46 -10.66
N ARG D 272 -14.93 -75.07 -11.79
CA ARG D 272 -13.52 -75.30 -12.08
C ARG D 272 -12.65 -74.12 -11.68
N GLY D 273 -13.22 -73.06 -11.11
CA GLY D 273 -12.48 -71.90 -10.70
C GLY D 273 -12.31 -70.82 -11.74
N LYS D 274 -12.75 -71.06 -12.97
CA LYS D 274 -12.63 -70.04 -14.01
C LYS D 274 -13.58 -68.88 -13.73
N THR D 275 -13.09 -67.67 -13.96
CA THR D 275 -13.89 -66.45 -13.78
C THR D 275 -14.50 -66.08 -15.12
N HIS D 276 -15.82 -66.12 -15.21
CA HIS D 276 -16.54 -65.79 -16.43
C HIS D 276 -16.92 -64.32 -16.39
N THR D 277 -16.10 -63.48 -17.01
CA THR D 277 -16.41 -62.06 -17.10
C THR D 277 -17.56 -61.85 -18.07
N LEU D 278 -18.57 -61.09 -17.63
CA LEU D 278 -19.75 -60.88 -18.47
C LEU D 278 -19.41 -60.06 -19.71
N VAL D 279 -18.57 -59.03 -19.57
CA VAL D 279 -18.19 -58.21 -20.71
C VAL D 279 -16.82 -58.65 -21.20
N SER D 280 -16.79 -59.58 -22.16
CA SER D 280 -15.54 -60.11 -22.66
C SER D 280 -15.77 -60.71 -24.04
N ILE D 281 -14.67 -60.96 -24.73
CA ILE D 281 -14.68 -61.63 -26.03
C ILE D 281 -13.86 -62.90 -25.91
N ASP D 282 -14.39 -64.01 -26.41
CA ASP D 282 -13.71 -65.29 -26.30
C ASP D 282 -12.41 -65.27 -27.11
N GLY D 283 -11.36 -65.82 -26.53
CA GLY D 283 -10.05 -65.84 -27.18
C GLY D 283 -9.46 -64.45 -27.35
N VAL D 284 -9.69 -63.56 -26.39
CA VAL D 284 -9.20 -62.19 -26.48
C VAL D 284 -8.45 -61.74 -25.24
N SER D 285 -8.67 -62.36 -24.08
CA SER D 285 -8.14 -61.90 -22.79
C SER D 285 -6.67 -61.56 -22.87
N ASP D 286 -6.36 -60.28 -22.64
CA ASP D 286 -5.00 -59.76 -22.76
C ASP D 286 -4.62 -58.89 -21.57
N THR D 287 -5.59 -58.31 -20.87
CA THR D 287 -5.44 -57.32 -19.80
C THR D 287 -4.91 -55.98 -20.32
N ASN D 288 -4.74 -55.83 -21.63
CA ASN D 288 -4.36 -54.55 -22.22
C ASN D 288 -5.36 -54.04 -23.24
N VAL D 289 -6.34 -54.84 -23.62
CA VAL D 289 -7.38 -54.44 -24.58
C VAL D 289 -8.71 -54.43 -23.86
N GLY D 290 -9.46 -53.33 -24.00
CA GLY D 290 -10.79 -53.23 -23.45
C GLY D 290 -11.82 -53.57 -24.52
N VAL D 291 -12.85 -54.30 -24.11
CA VAL D 291 -13.87 -54.77 -25.03
C VAL D 291 -15.24 -54.31 -24.53
N GLY D 292 -16.19 -54.23 -25.47
CA GLY D 292 -17.54 -53.84 -25.15
C GLY D 292 -18.50 -54.46 -26.14
N HIS D 293 -19.78 -54.40 -25.79
CA HIS D 293 -20.84 -55.00 -26.60
C HIS D 293 -21.94 -53.97 -26.81
N ALA D 294 -22.37 -53.82 -28.06
CA ALA D 294 -23.45 -52.90 -28.43
C ALA D 294 -24.60 -53.71 -28.98
N PHE D 295 -25.79 -53.50 -28.43
CA PHE D 295 -27.00 -54.19 -28.86
C PHE D 295 -28.15 -53.20 -28.93
N PRO D 296 -29.14 -53.47 -29.78
CA PRO D 296 -30.26 -52.53 -29.93
C PRO D 296 -31.08 -52.39 -28.66
N ASN D 297 -31.66 -51.20 -28.51
CA ASN D 297 -32.55 -50.92 -27.39
C ASN D 297 -33.97 -51.40 -27.69
N VAL D 298 -34.84 -51.28 -26.69
CA VAL D 298 -36.23 -51.71 -26.86
C VAL D 298 -36.94 -50.88 -27.91
N ALA D 299 -36.74 -49.56 -27.88
CA ALA D 299 -37.47 -48.65 -28.76
C ALA D 299 -36.77 -48.43 -30.11
N MET D 300 -35.61 -49.04 -30.32
CA MET D 300 -34.90 -48.85 -31.58
C MET D 300 -35.69 -49.40 -32.76
N LEU D 301 -36.10 -50.66 -32.66
CA LEU D 301 -36.75 -51.32 -33.81
C LEU D 301 -38.22 -51.36 -33.50
N GLY D 302 -38.57 -51.27 -32.27
CA GLY D 302 -39.99 -51.20 -31.93
C GLY D 302 -40.23 -52.16 -30.81
N GLU D 303 -41.34 -52.03 -30.10
CA GLU D 303 -41.59 -52.88 -28.91
C GLU D 303 -42.34 -54.13 -29.36
N ALA D 304 -42.77 -54.11 -30.60
CA ALA D 304 -43.50 -55.24 -31.17
C ALA D 304 -42.78 -55.57 -32.45
N ASN D 305 -41.49 -55.47 -32.41
CA ASN D 305 -40.70 -55.89 -33.57
C ASN D 305 -39.41 -56.27 -32.86
N ASN D 306 -39.56 -56.92 -31.70
CA ASN D 306 -38.45 -57.32 -30.80
C ASN D 306 -37.46 -58.21 -31.48
N ILE D 307 -36.55 -58.68 -30.68
CA ILE D 307 -35.48 -59.40 -31.34
C ILE D 307 -35.02 -60.33 -30.25
N PHE D 308 -35.33 -60.04 -29.00
CA PHE D 308 -34.84 -60.89 -27.92
C PHE D 308 -36.01 -61.68 -27.35
N GLU D 309 -35.88 -63.00 -27.35
CA GLU D 309 -36.88 -63.89 -26.76
C GLU D 309 -36.17 -65.02 -26.04
N VAL D 310 -36.88 -65.60 -25.07
CA VAL D 310 -36.41 -66.78 -24.35
C VAL D 310 -37.53 -67.82 -24.38
N ALA D 311 -37.17 -69.06 -24.70
CA ALA D 311 -38.13 -70.13 -24.89
C ALA D 311 -38.02 -71.14 -23.74
N TYR D 312 -39.16 -71.51 -23.18
CA TYR D 312 -39.22 -72.45 -22.07
C TYR D 312 -39.98 -73.71 -22.50
N ALA D 313 -39.48 -74.86 -22.09
CA ALA D 313 -40.02 -76.16 -22.45
C ALA D 313 -40.31 -76.96 -21.19
N PRO D 314 -41.24 -77.91 -21.26
CA PRO D 314 -41.61 -78.66 -20.06
C PRO D 314 -40.54 -79.64 -19.63
N CYS D 315 -40.55 -79.96 -18.33
CA CYS D 315 -39.64 -80.94 -17.75
C CYS D 315 -40.08 -82.35 -18.13
N PRO D 316 -39.16 -83.31 -18.11
CA PRO D 316 -39.52 -84.69 -18.47
C PRO D 316 -40.00 -85.51 -17.28
N LYS D 317 -41.18 -85.20 -16.76
CA LYS D 317 -41.67 -85.90 -15.55
C LYS D 317 -43.13 -86.13 -15.88
N MET D 318 -43.79 -87.12 -15.32
CA MET D 318 -45.16 -87.35 -15.71
C MET D 318 -46.05 -86.23 -15.22
N GLY D 319 -46.87 -85.70 -16.10
CA GLY D 319 -47.83 -84.67 -15.73
C GLY D 319 -47.48 -83.49 -16.51
N TYR D 320 -46.32 -83.50 -17.09
CA TYR D 320 -45.82 -82.30 -17.75
C TYR D 320 -45.50 -82.55 -19.14
N ALA D 321 -45.86 -83.69 -19.72
CA ALA D 321 -45.64 -83.82 -21.15
C ALA D 321 -46.59 -82.91 -21.93
N ASN D 322 -46.05 -82.26 -22.97
CA ASN D 322 -46.83 -81.42 -23.88
C ASN D 322 -47.57 -80.32 -23.13
N THR D 323 -46.85 -79.64 -22.23
CA THR D 323 -47.40 -78.52 -21.47
C THR D 323 -46.48 -77.32 -21.61
N LEU D 324 -47.04 -76.14 -21.35
CA LEU D 324 -46.27 -74.91 -21.42
C LEU D 324 -45.10 -74.96 -20.43
N GLY D 325 -43.93 -74.52 -20.88
CA GLY D 325 -42.77 -74.54 -20.02
C GLY D 325 -42.82 -73.45 -18.97
N GLN D 326 -42.03 -73.65 -17.92
CA GLN D 326 -41.92 -72.70 -16.82
C GLN D 326 -40.46 -72.32 -16.62
N GLU D 327 -40.26 -71.19 -15.93
CA GLU D 327 -38.90 -70.74 -15.63
C GLU D 327 -38.20 -71.73 -14.70
N LEU D 328 -38.91 -72.25 -13.71
CA LEU D 328 -38.33 -73.16 -12.73
C LEU D 328 -39.29 -74.29 -12.44
N TYR D 329 -38.73 -75.45 -12.08
CA TYR D 329 -39.48 -76.64 -11.71
C TYR D 329 -38.86 -77.18 -10.43
N VAL D 330 -39.48 -76.86 -9.29
CA VAL D 330 -38.98 -77.29 -7.99
C VAL D 330 -39.77 -78.51 -7.53
N PHE D 331 -39.06 -79.54 -7.08
CA PHE D 331 -39.66 -80.79 -6.64
C PHE D 331 -39.11 -81.18 -5.28
N GLU D 332 -39.95 -81.87 -4.50
CA GLU D 332 -39.61 -82.30 -3.15
C GLU D 332 -39.85 -83.80 -3.02
N TYR D 333 -38.85 -84.52 -2.50
CA TYR D 333 -38.94 -85.96 -2.34
C TYR D 333 -38.36 -86.36 -0.99
N GLU D 334 -38.75 -87.53 -0.53
CA GLU D 334 -38.26 -88.10 0.71
C GLU D 334 -37.32 -89.26 0.41
N LYS D 335 -36.46 -89.57 1.38
CA LYS D 335 -35.52 -90.66 1.25
C LYS D 335 -36.09 -91.95 1.84
N ASP D 336 -35.38 -93.05 1.62
CA ASP D 336 -35.82 -94.34 2.14
C ASP D 336 -35.88 -94.30 3.65
N ARG D 337 -36.90 -94.97 4.21
CA ARG D 337 -37.16 -94.98 5.64
C ARG D 337 -37.33 -93.53 6.09
N ASP D 338 -36.50 -93.00 6.98
CA ASP D 338 -36.59 -91.61 7.42
C ASP D 338 -35.22 -90.96 7.41
N GLU D 339 -34.46 -91.17 6.33
CA GLU D 339 -33.11 -90.62 6.27
C GLU D 339 -33.11 -89.11 6.08
N GLY D 340 -34.08 -88.58 5.35
CA GLY D 340 -34.14 -87.14 5.13
C GLY D 340 -35.02 -86.82 3.94
N ILE D 341 -34.73 -85.68 3.32
CA ILE D 341 -35.48 -85.18 2.18
C ILE D 341 -34.51 -84.83 1.06
N ASP D 342 -35.02 -84.83 -0.17
CA ASP D 342 -34.24 -84.54 -1.35
C ASP D 342 -34.94 -83.50 -2.20
N PHE D 343 -34.16 -82.67 -2.88
CA PHE D 343 -34.68 -81.57 -3.69
C PHE D 343 -34.25 -81.72 -5.14
N GLU D 344 -34.99 -81.08 -6.03
CA GLU D 344 -34.68 -81.08 -7.45
C GLU D 344 -35.21 -79.81 -8.07
N ALA D 345 -34.38 -79.15 -8.88
CA ALA D 345 -34.76 -77.94 -9.60
C ALA D 345 -34.46 -78.13 -11.08
N HIS D 346 -35.43 -77.84 -11.93
CA HIS D 346 -35.30 -78.03 -13.37
C HIS D 346 -35.52 -76.71 -14.08
N SER D 347 -34.95 -76.60 -15.28
CA SER D 347 -35.12 -75.39 -16.10
C SER D 347 -34.77 -75.72 -17.54
N TYR D 348 -35.71 -75.50 -18.45
CA TYR D 348 -35.50 -75.65 -19.88
C TYR D 348 -35.59 -74.27 -20.51
N MET D 349 -34.49 -73.79 -21.08
CA MET D 349 -34.48 -72.43 -21.59
C MET D 349 -33.45 -72.29 -22.70
N LEU D 350 -33.70 -71.33 -23.59
CA LEU D 350 -32.74 -70.94 -24.63
C LEU D 350 -33.01 -69.50 -25.02
N PRO D 351 -32.17 -68.56 -24.58
CA PRO D 351 -32.30 -67.17 -25.05
C PRO D 351 -31.62 -67.00 -26.40
N TYR D 352 -32.27 -66.26 -27.30
CA TYR D 352 -31.76 -66.10 -28.64
C TYR D 352 -32.17 -64.73 -29.19
N CYS D 353 -31.48 -64.32 -30.25
CA CYS D 353 -31.77 -63.08 -30.96
C CYS D 353 -32.08 -63.42 -32.41
N THR D 354 -33.23 -62.93 -32.90
CA THR D 354 -33.65 -63.24 -34.25
C THR D 354 -32.87 -62.44 -35.30
N ARG D 355 -32.24 -61.34 -34.91
CA ARG D 355 -31.42 -60.54 -35.82
C ARG D 355 -30.07 -60.31 -35.15
N PRO D 356 -29.18 -61.32 -35.20
CA PRO D 356 -27.89 -61.20 -34.51
C PRO D 356 -26.93 -60.23 -35.16
N GLN D 357 -27.23 -59.72 -36.35
CA GLN D 357 -26.36 -58.75 -37.00
C GLN D 357 -26.31 -57.42 -36.25
N LEU D 358 -27.28 -57.16 -35.39
CA LEU D 358 -27.33 -55.91 -34.63
C LEU D 358 -26.57 -55.99 -33.32
N LEU D 359 -25.97 -57.13 -33.00
CA LEU D 359 -25.11 -57.26 -31.83
C LEU D 359 -23.66 -57.03 -32.26
N VAL D 360 -23.09 -55.91 -31.85
CA VAL D 360 -21.77 -55.47 -32.29
C VAL D 360 -20.83 -55.46 -31.11
N ASP D 361 -19.62 -55.97 -31.31
CA ASP D 361 -18.57 -55.94 -30.30
C ASP D 361 -17.57 -54.84 -30.63
N VAL D 362 -17.24 -54.02 -29.63
CA VAL D 362 -16.30 -52.92 -29.80
C VAL D 362 -15.05 -53.20 -29.00
N ARG D 363 -13.90 -52.96 -29.62
CA ARG D 363 -12.59 -53.20 -29.01
C ARG D 363 -11.88 -51.86 -28.81
N SER D 364 -10.74 -51.92 -28.13
CA SER D 364 -9.96 -50.72 -27.83
C SER D 364 -8.57 -50.76 -28.46
N ASP D 365 -8.39 -51.78 -29.28
CA ASP D 365 -7.13 -51.97 -29.96
C ASP D 365 -7.34 -51.59 -31.40
N ALA D 366 -6.59 -52.13 -32.33
CA ALA D 366 -6.68 -51.73 -33.75
C ALA D 366 -6.72 -52.94 -34.63
N GLU D 367 -7.40 -52.86 -35.76
CA GLU D 367 -7.68 -54.01 -36.64
C GLU D 367 -6.44 -54.84 -36.87
N LEU E 2 -49.84 -74.23 -35.99
CA LEU E 2 -48.77 -73.58 -35.24
C LEU E 2 -47.88 -74.71 -34.72
N THR E 3 -48.18 -75.92 -35.16
CA THR E 3 -47.38 -77.11 -34.83
C THR E 3 -47.38 -78.01 -36.05
N ASN E 4 -46.26 -78.52 -36.48
CA ASN E 4 -46.20 -79.30 -37.73
C ASN E 4 -45.18 -80.41 -37.60
N SER E 5 -44.67 -80.96 -38.68
CA SER E 5 -43.78 -82.11 -38.58
C SER E 5 -42.37 -81.68 -38.15
N GLU E 6 -41.30 -82.48 -38.26
CA GLU E 6 -39.91 -82.07 -37.96
C GLU E 6 -38.76 -82.70 -38.81
N LYS E 7 -38.52 -84.02 -38.77
CA LYS E 7 -37.59 -84.85 -39.60
C LYS E 7 -38.23 -86.23 -39.64
N SER E 8 -39.48 -86.31 -39.19
CA SER E 8 -40.34 -87.49 -39.32
C SER E 8 -41.70 -86.90 -39.51
N ARG E 9 -42.56 -87.53 -40.24
CA ARG E 9 -43.94 -87.10 -40.38
C ARG E 9 -44.82 -87.50 -39.20
N PHE E 10 -44.32 -88.31 -38.27
CA PHE E 10 -45.12 -88.84 -37.18
C PHE E 10 -44.80 -88.18 -35.84
N PHE E 11 -43.98 -87.13 -35.82
CA PHE E 11 -43.74 -86.34 -34.63
C PHE E 11 -44.00 -84.87 -34.93
N LEU E 12 -44.25 -84.10 -33.88
CA LEU E 12 -44.66 -82.71 -34.02
C LEU E 12 -43.59 -81.78 -33.48
N ALA E 13 -43.42 -80.64 -34.16
CA ALA E 13 -42.54 -79.57 -33.71
C ALA E 13 -43.35 -78.30 -33.55
N ASP E 14 -42.68 -77.18 -33.31
CA ASP E 14 -43.37 -75.91 -33.07
C ASP E 14 -42.94 -74.88 -34.12
N LEU E 15 -43.91 -74.06 -34.53
CA LEU E 15 -43.70 -73.00 -35.52
C LEU E 15 -44.01 -71.68 -34.84
N THR E 16 -42.98 -71.00 -34.35
CA THR E 16 -43.18 -69.75 -33.63
C THR E 16 -43.64 -68.63 -34.55
N GLY E 17 -43.03 -68.49 -35.72
CA GLY E 17 -43.41 -67.41 -36.61
C GLY E 17 -42.46 -67.31 -37.79
N GLU E 18 -42.29 -66.08 -38.28
CA GLU E 18 -41.52 -65.80 -39.47
C GLU E 18 -40.79 -64.48 -39.32
N VAL E 19 -39.56 -64.43 -39.82
CA VAL E 19 -38.74 -63.21 -39.83
C VAL E 19 -38.40 -62.87 -41.27
N GLN E 20 -38.60 -61.61 -41.63
CA GLN E 20 -38.42 -61.14 -42.99
C GLN E 20 -37.39 -60.02 -43.03
N SER E 21 -36.62 -59.99 -44.12
CA SER E 21 -35.65 -58.93 -44.38
C SER E 21 -36.03 -58.23 -45.68
N ILE E 22 -36.14 -56.91 -45.62
CA ILE E 22 -36.60 -56.09 -46.73
C ILE E 22 -35.43 -55.24 -47.21
N PRO E 23 -35.16 -55.17 -48.52
CA PRO E 23 -34.02 -54.38 -48.99
C PRO E 23 -34.21 -52.90 -48.71
N ASN E 24 -33.09 -52.22 -48.51
CA ASN E 24 -33.11 -50.79 -48.24
C ASN E 24 -33.54 -50.00 -49.48
N THR E 25 -34.32 -48.96 -49.26
CA THR E 25 -34.79 -48.08 -50.32
C THR E 25 -34.51 -46.63 -49.93
N TYR E 26 -33.84 -45.90 -50.80
CA TYR E 26 -33.43 -44.53 -50.53
C TYR E 26 -34.26 -43.57 -51.37
N GLY E 27 -34.73 -42.49 -50.76
CA GLY E 27 -35.57 -41.52 -51.46
C GLY E 27 -35.29 -40.07 -51.12
N TYR E 28 -34.04 -39.74 -50.79
CA TYR E 28 -33.71 -38.37 -50.39
C TYR E 28 -33.84 -37.40 -51.56
N ILE E 29 -33.24 -37.74 -52.70
CA ILE E 29 -33.25 -36.82 -53.83
C ILE E 29 -34.66 -36.65 -54.37
N SER E 30 -35.42 -37.75 -54.45
CA SER E 30 -36.81 -37.65 -54.92
C SER E 30 -37.65 -36.80 -53.98
N GLY E 31 -37.43 -36.95 -52.67
CA GLY E 31 -38.14 -36.14 -51.70
C GLY E 31 -37.68 -34.71 -51.59
N LEU E 32 -36.51 -34.38 -52.16
CA LEU E 32 -36.03 -33.01 -52.14
C LEU E 32 -36.94 -32.08 -52.95
N GLY E 33 -37.67 -32.62 -53.91
CA GLY E 33 -38.59 -31.81 -54.70
C GLY E 33 -37.92 -30.86 -55.66
N LEU E 34 -36.69 -31.15 -56.09
CA LEU E 34 -35.97 -30.24 -56.97
C LEU E 34 -36.60 -30.20 -58.36
N PHE E 35 -36.88 -31.35 -58.94
CA PHE E 35 -37.34 -31.44 -60.32
C PHE E 35 -38.85 -31.21 -60.37
N ARG E 36 -39.28 -30.25 -61.17
CA ARG E 36 -40.69 -29.97 -61.34
C ARG E 36 -41.22 -30.64 -62.59
N SER E 37 -42.45 -31.15 -62.51
CA SER E 37 -43.02 -31.93 -63.59
C SER E 37 -43.44 -31.04 -64.76
N ALA E 38 -43.12 -31.48 -65.96
CA ALA E 38 -43.49 -30.79 -67.20
C ALA E 38 -44.09 -31.80 -68.17
N PRO E 39 -45.36 -32.16 -67.98
CA PRO E 39 -45.99 -33.14 -68.86
C PRO E 39 -46.00 -32.68 -70.31
N GLN E 40 -45.84 -33.62 -71.23
CA GLN E 40 -45.73 -33.34 -72.64
C GLN E 40 -46.73 -34.14 -73.45
N THR E 41 -46.98 -33.69 -74.66
CA THR E 41 -47.85 -34.38 -75.61
C THR E 41 -47.09 -34.96 -76.79
N GLN E 42 -45.78 -34.78 -76.83
CA GLN E 42 -44.96 -35.23 -77.96
C GLN E 42 -43.80 -36.07 -77.44
N THR E 43 -43.18 -36.82 -78.35
CA THR E 43 -42.07 -37.69 -78.00
C THR E 43 -40.75 -36.94 -77.89
N THR E 44 -40.68 -35.70 -78.32
CA THR E 44 -39.46 -34.92 -78.24
C THR E 44 -39.83 -33.44 -78.16
N PHE E 45 -38.92 -32.64 -77.58
CA PHE E 45 -39.16 -31.21 -77.42
C PHE E 45 -37.87 -30.46 -77.69
N LEU E 46 -38.03 -29.18 -78.01
CA LEU E 46 -36.93 -28.32 -78.45
C LEU E 46 -36.79 -27.12 -77.53
N MET E 47 -35.58 -26.55 -77.54
CA MET E 47 -35.29 -25.37 -76.74
C MET E 47 -34.49 -24.38 -77.56
N ASP E 48 -34.57 -23.12 -77.17
CA ASP E 48 -33.82 -22.03 -77.81
C ASP E 48 -32.73 -21.56 -76.86
N LEU E 49 -31.51 -21.43 -77.38
CA LEU E 49 -30.36 -20.96 -76.61
C LEU E 49 -29.87 -19.66 -77.25
N THR E 50 -30.05 -18.56 -76.53
CA THR E 50 -29.67 -17.22 -77.00
C THR E 50 -28.65 -16.55 -76.10
N ASP E 51 -27.53 -16.07 -76.61
CA ASP E 51 -26.47 -15.50 -75.79
C ASP E 51 -25.85 -14.25 -76.37
N TRP E 52 -26.06 -13.11 -75.76
CA TRP E 52 -25.58 -11.79 -76.18
C TRP E 52 -24.18 -11.83 -75.76
N ASP E 53 -23.97 -12.58 -74.75
CA ASP E 53 -22.67 -12.70 -74.09
C ASP E 53 -21.53 -11.88 -74.69
N ILE E 54 -21.76 -10.64 -74.78
CA ILE E 54 -20.55 -9.95 -75.11
C ILE E 54 -20.71 -8.54 -74.72
N SER E 55 -20.13 -8.15 -73.62
CA SER E 55 -20.07 -6.75 -73.38
C SER E 55 -18.57 -6.60 -73.40
N LEU E 56 -18.08 -5.51 -73.96
CA LEU E 56 -16.65 -5.22 -73.87
C LEU E 56 -16.47 -3.77 -73.52
N LEU E 57 -15.29 -3.30 -73.25
CA LEU E 57 -14.80 -2.01 -72.79
C LEU E 57 -14.64 -1.06 -73.97
N ASP E 58 -15.05 0.19 -73.78
CA ASP E 58 -14.98 1.18 -74.85
C ASP E 58 -13.56 1.74 -74.93
N ALA E 59 -12.85 1.44 -76.01
CA ALA E 59 -11.53 2.00 -76.23
C ALA E 59 -11.64 3.44 -76.69
N VAL E 60 -10.84 4.31 -76.07
CA VAL E 60 -10.90 5.73 -76.38
C VAL E 60 -10.30 5.98 -77.76
N ASP E 61 -10.96 6.99 -78.40
CA ASP E 61 -10.71 7.43 -79.79
C ASP E 61 -10.62 8.96 -79.85
N ARG E 62 -10.34 9.62 -80.99
CA ARG E 62 -10.12 11.08 -80.96
C ARG E 62 -11.29 11.87 -81.49
N THR E 63 -11.70 12.92 -80.85
CA THR E 63 -12.90 13.64 -81.19
C THR E 63 -12.90 14.04 -82.58
N SER E 64 -11.76 14.36 -83.17
CA SER E 64 -11.77 14.91 -84.54
C SER E 64 -11.77 13.83 -85.58
N ARG E 65 -11.45 12.61 -85.25
CA ARG E 65 -11.29 11.55 -86.23
C ARG E 65 -12.65 11.05 -86.53
N LYS E 66 -13.59 11.14 -85.61
CA LYS E 66 -14.96 10.59 -85.71
C LYS E 66 -14.94 9.05 -85.84
N ALA E 67 -14.42 8.22 -84.93
CA ALA E 67 -14.50 6.74 -85.13
C ALA E 67 -15.36 5.97 -84.09
N GLU E 68 -15.42 4.61 -83.90
CA GLU E 68 -16.42 3.94 -82.98
C GLU E 68 -16.47 2.38 -82.87
N THR E 69 -17.53 1.59 -82.41
CA THR E 69 -17.56 0.13 -82.31
C THR E 69 -18.95 -0.42 -82.63
N SER E 70 -19.15 -1.72 -82.42
CA SER E 70 -20.43 -2.38 -82.69
C SER E 70 -20.48 -3.69 -81.91
N ALA E 71 -21.50 -4.52 -82.18
CA ALA E 71 -21.66 -5.77 -81.44
C ALA E 71 -22.63 -6.73 -82.13
N PRO E 72 -22.27 -8.01 -82.29
CA PRO E 72 -23.17 -9.00 -82.91
C PRO E 72 -24.09 -9.72 -81.92
N GLU E 73 -24.86 -10.69 -82.41
CA GLU E 73 -25.79 -11.46 -81.60
C GLU E 73 -25.82 -12.90 -82.09
N ARG E 74 -26.16 -13.84 -81.19
CA ARG E 74 -26.16 -15.26 -81.49
C ARG E 74 -27.42 -15.93 -80.94
N VAL E 75 -27.96 -16.88 -81.71
CA VAL E 75 -29.12 -17.67 -81.31
C VAL E 75 -28.94 -19.09 -81.83
N ARG E 76 -29.26 -20.08 -81.00
CA ARG E 76 -29.15 -21.49 -81.37
C ARG E 76 -30.41 -22.23 -80.96
N GLN E 77 -30.43 -23.53 -81.26
CA GLN E 77 -31.57 -24.41 -80.96
C GLN E 77 -31.06 -25.82 -80.70
N ILE E 78 -31.76 -26.54 -79.82
CA ILE E 78 -31.42 -27.91 -79.45
C ILE E 78 -32.70 -28.73 -79.35
N SER E 79 -32.53 -30.05 -79.16
CA SER E 79 -33.64 -30.98 -79.08
C SER E 79 -33.39 -31.96 -77.94
N PHE E 80 -34.40 -32.79 -77.64
CA PHE E 80 -34.34 -33.66 -76.47
C PHE E 80 -35.13 -34.96 -76.67
N PRO E 81 -34.49 -36.13 -76.53
CA PRO E 81 -35.25 -37.39 -76.46
C PRO E 81 -35.57 -37.77 -75.02
N MET E 82 -36.33 -38.84 -74.83
CA MET E 82 -36.72 -39.28 -73.50
C MET E 82 -36.60 -40.80 -73.37
N MET E 83 -36.68 -41.28 -72.13
CA MET E 83 -36.51 -42.69 -71.81
C MET E 83 -37.85 -43.38 -71.63
N TYR E 84 -37.87 -44.69 -71.90
CA TYR E 84 -39.08 -45.48 -71.81
C TYR E 84 -38.83 -46.74 -70.99
N PHE E 85 -39.85 -47.18 -70.25
CA PHE E 85 -39.77 -48.34 -69.37
C PHE E 85 -41.04 -49.18 -69.51
N LYS E 86 -40.88 -50.50 -69.49
CA LYS E 86 -41.95 -51.44 -69.81
C LYS E 86 -42.00 -52.58 -68.77
N GLU E 87 -42.06 -52.21 -67.49
CA GLU E 87 -42.24 -53.22 -66.45
C GLU E 87 -43.49 -54.06 -66.72
N VAL E 88 -43.33 -55.37 -66.84
CA VAL E 88 -44.44 -56.30 -67.06
C VAL E 88 -44.29 -57.48 -66.13
N GLU E 89 -45.43 -58.13 -65.83
CA GLU E 89 -45.45 -59.30 -64.97
C GLU E 89 -46.85 -59.88 -65.00
N SER E 90 -46.94 -61.20 -64.78
CA SER E 90 -48.22 -61.91 -64.83
C SER E 90 -48.35 -62.86 -63.65
N ILE E 91 -49.60 -63.20 -63.32
CA ILE E 91 -49.91 -64.16 -62.26
C ILE E 91 -50.65 -65.33 -62.88
N THR E 92 -50.49 -66.51 -62.29
CA THR E 92 -51.11 -67.74 -62.75
C THR E 92 -51.61 -68.55 -61.55
N PRO E 93 -52.57 -69.46 -61.77
CA PRO E 93 -53.04 -70.30 -60.65
C PRO E 93 -51.97 -71.22 -60.08
N ASP E 94 -50.88 -71.45 -60.81
CA ASP E 94 -49.84 -72.36 -60.32
C ASP E 94 -49.11 -71.81 -59.10
N GLU E 95 -49.29 -70.53 -58.78
CA GLU E 95 -48.69 -69.92 -57.61
C GLU E 95 -49.59 -69.97 -56.38
N ILE E 96 -50.75 -70.62 -56.49
CA ILE E 96 -51.71 -70.66 -55.38
C ILE E 96 -52.04 -72.10 -55.04
N GLN E 97 -51.88 -72.99 -56.03
CA GLN E 97 -52.31 -74.39 -55.89
C GLN E 97 -51.29 -75.14 -55.04
N GLY E 98 -51.67 -75.43 -53.79
CA GLY E 98 -50.90 -76.31 -52.93
C GLY E 98 -49.72 -75.69 -52.23
N VAL E 99 -49.52 -74.38 -52.34
CA VAL E 99 -48.40 -73.72 -51.70
C VAL E 99 -48.90 -73.05 -50.42
N ARG E 100 -48.25 -73.37 -49.30
CA ARG E 100 -48.65 -72.82 -48.01
C ARG E 100 -48.03 -71.45 -47.80
N GLN E 101 -48.70 -70.63 -47.00
CA GLN E 101 -48.20 -69.30 -46.70
C GLN E 101 -46.99 -69.40 -45.77
N PRO E 102 -45.91 -68.67 -46.03
CA PRO E 102 -44.80 -68.64 -45.07
C PRO E 102 -45.24 -68.09 -43.74
N GLY E 103 -44.70 -68.66 -42.67
CA GLY E 103 -45.02 -68.23 -41.32
C GLY E 103 -46.24 -68.90 -40.72
N THR E 104 -46.92 -69.76 -41.46
CA THR E 104 -48.10 -70.47 -40.97
C THR E 104 -47.89 -71.97 -41.14
N ALA E 105 -48.74 -72.74 -40.47
CA ALA E 105 -48.57 -74.19 -40.47
C ALA E 105 -49.28 -74.85 -41.65
N ASN E 106 -50.58 -74.67 -41.76
CA ASN E 106 -51.38 -75.38 -42.74
C ASN E 106 -52.40 -74.45 -43.40
N GLU E 107 -51.99 -73.22 -43.68
CA GLU E 107 -52.85 -72.24 -44.34
C GLU E 107 -52.30 -71.97 -45.74
N LEU E 108 -53.16 -72.14 -46.74
CA LEU E 108 -52.76 -71.93 -48.12
C LEU E 108 -52.78 -70.45 -48.46
N THR E 109 -51.87 -70.04 -49.34
CA THR E 109 -51.82 -68.65 -49.77
C THR E 109 -52.96 -68.35 -50.72
N THR E 110 -53.33 -67.07 -50.79
CA THR E 110 -54.42 -66.61 -51.64
C THR E 110 -53.87 -65.78 -52.79
N GLU E 111 -54.73 -65.54 -53.78
CA GLU E 111 -54.34 -64.74 -54.94
C GLU E 111 -54.18 -63.27 -54.57
N ALA E 112 -54.99 -62.77 -53.62
CA ALA E 112 -54.97 -61.35 -53.29
C ALA E 112 -53.61 -60.92 -52.74
N VAL E 113 -53.02 -61.73 -51.85
CA VAL E 113 -51.74 -61.37 -51.27
C VAL E 113 -50.64 -61.42 -52.33
N VAL E 114 -50.72 -62.39 -53.25
CA VAL E 114 -49.74 -62.48 -54.33
C VAL E 114 -49.80 -61.24 -55.20
N ARG E 115 -51.02 -60.86 -55.62
CA ARG E 115 -51.18 -59.66 -56.44
C ARG E 115 -50.71 -58.42 -55.71
N ALA E 116 -51.04 -58.29 -54.43
CA ALA E 116 -50.67 -57.09 -53.68
C ALA E 116 -49.16 -56.97 -53.57
N LYS E 117 -48.48 -58.05 -53.18
CA LYS E 117 -47.03 -57.98 -53.03
C LYS E 117 -46.35 -57.77 -54.38
N LYS E 118 -46.89 -58.37 -55.44
CA LYS E 118 -46.30 -58.21 -56.76
C LYS E 118 -46.43 -56.77 -57.25
N LEU E 119 -47.60 -56.17 -57.07
CA LEU E 119 -47.79 -54.78 -57.47
C LEU E 119 -46.94 -53.83 -56.62
N MET E 120 -46.82 -54.11 -55.31
CA MET E 120 -45.96 -53.28 -54.47
C MET E 120 -44.51 -53.35 -54.91
N LYS E 121 -44.04 -54.56 -55.27
CA LYS E 121 -42.68 -54.70 -55.77
C LYS E 121 -42.50 -53.92 -57.06
N ILE E 122 -43.50 -53.98 -57.95
CA ILE E 122 -43.40 -53.23 -59.21
C ILE E 122 -43.30 -51.73 -58.92
N ARG E 123 -44.13 -51.23 -58.00
CA ARG E 123 -44.14 -49.80 -57.71
C ARG E 123 -42.81 -49.34 -57.09
N THR E 124 -42.29 -50.09 -56.13
CA THR E 124 -41.02 -49.67 -55.52
C THR E 124 -39.86 -49.80 -56.52
N LYS E 125 -39.89 -50.83 -57.36
CA LYS E 125 -38.89 -50.96 -58.42
C LYS E 125 -38.98 -49.81 -59.40
N PHE E 126 -40.18 -49.24 -59.57
CA PHE E 126 -40.33 -48.13 -60.50
C PHE E 126 -39.91 -46.80 -59.87
N ASP E 127 -40.07 -46.66 -58.55
CA ASP E 127 -39.63 -45.46 -57.86
C ASP E 127 -38.12 -45.38 -57.65
N ILE E 128 -37.47 -46.53 -57.41
CA ILE E 128 -36.02 -46.48 -57.20
C ILE E 128 -35.30 -46.02 -58.46
N THR E 129 -35.80 -46.41 -59.64
CA THR E 129 -35.19 -45.93 -60.88
C THR E 129 -35.45 -44.44 -61.08
N ARG E 130 -36.60 -43.93 -60.64
CA ARG E 130 -36.82 -42.49 -60.69
C ARG E 130 -35.81 -41.76 -59.83
N GLU E 131 -35.55 -42.27 -58.63
CA GLU E 131 -34.53 -41.66 -57.76
C GLU E 131 -33.15 -41.71 -58.41
N PHE E 132 -32.80 -42.86 -59.00
CA PHE E 132 -31.51 -43.00 -59.65
C PHE E 132 -31.36 -42.03 -60.82
N LEU E 133 -32.41 -41.89 -61.63
CA LEU E 133 -32.36 -40.98 -62.76
C LEU E 133 -32.28 -39.53 -62.30
N PHE E 134 -32.96 -39.18 -61.21
CA PHE E 134 -32.84 -37.83 -60.66
C PHE E 134 -31.41 -37.55 -60.20
N MET E 135 -30.79 -38.52 -59.53
CA MET E 135 -29.40 -38.34 -59.11
C MET E 135 -28.47 -38.22 -60.32
N GLN E 136 -28.70 -39.02 -61.36
CA GLN E 136 -27.87 -38.95 -62.56
C GLN E 136 -28.02 -37.60 -63.25
N ALA E 137 -29.24 -37.06 -63.28
CA ALA E 137 -29.45 -35.74 -63.84
C ALA E 137 -28.76 -34.66 -63.01
N LEU E 138 -28.78 -34.82 -61.68
CA LEU E 138 -28.03 -33.90 -60.83
C LEU E 138 -26.54 -33.98 -61.11
N LYS E 139 -26.03 -35.16 -61.46
CA LYS E 139 -24.63 -35.29 -61.83
C LYS E 139 -24.30 -34.66 -63.17
N GLY E 140 -25.31 -34.29 -63.96
CA GLY E 140 -25.10 -33.61 -65.22
C GLY E 140 -25.18 -34.47 -66.46
N LYS E 141 -25.20 -35.79 -66.30
CA LYS E 141 -25.26 -36.72 -67.44
C LYS E 141 -26.34 -37.75 -67.15
N VAL E 142 -27.37 -37.78 -67.99
CA VAL E 142 -28.48 -38.72 -67.82
C VAL E 142 -28.09 -40.02 -68.52
N ILE E 143 -27.68 -41.01 -67.74
CA ILE E 143 -27.22 -42.29 -68.25
C ILE E 143 -28.13 -43.39 -67.73
N ASP E 144 -28.59 -44.26 -68.61
CA ASP E 144 -29.45 -45.37 -68.23
C ASP E 144 -28.67 -46.37 -67.37
N ALA E 145 -29.42 -47.17 -66.61
CA ALA E 145 -28.80 -48.16 -65.74
C ALA E 145 -27.96 -49.17 -66.53
N ASN E 146 -28.22 -49.33 -67.82
CA ASN E 146 -27.41 -50.18 -68.68
C ASN E 146 -26.25 -49.42 -69.31
N GLY E 147 -25.97 -48.21 -68.83
CA GLY E 147 -24.90 -47.41 -69.40
C GLY E 147 -25.16 -46.93 -70.80
N VAL E 148 -26.39 -46.50 -71.09
CA VAL E 148 -26.75 -45.97 -72.40
C VAL E 148 -27.02 -44.48 -72.22
N LEU E 149 -26.28 -43.66 -72.95
CA LEU E 149 -26.39 -42.22 -72.80
C LEU E 149 -27.67 -41.70 -73.47
N TYR E 150 -28.40 -40.86 -72.76
CA TYR E 150 -29.63 -40.26 -73.29
C TYR E 150 -29.57 -38.74 -73.35
N ALA E 151 -28.79 -38.09 -72.49
CA ALA E 151 -28.66 -36.64 -72.53
C ALA E 151 -27.33 -36.25 -71.89
N ASP E 152 -26.38 -35.83 -72.72
CA ASP E 152 -25.11 -35.28 -72.24
C ASP E 152 -25.28 -33.77 -72.16
N LEU E 153 -25.57 -33.28 -70.99
CA LEU E 153 -26.05 -31.92 -70.85
C LEU E 153 -24.93 -30.93 -70.88
N TYR E 154 -23.73 -31.36 -71.04
CA TYR E 154 -22.63 -30.41 -70.97
C TYR E 154 -22.01 -30.49 -72.26
N LYS E 155 -22.79 -30.63 -73.29
CA LYS E 155 -22.31 -30.73 -74.65
C LYS E 155 -23.49 -30.26 -75.42
N GLN E 156 -24.66 -30.50 -74.89
CA GLN E 156 -25.91 -30.02 -75.49
C GLN E 156 -25.89 -28.61 -75.08
N PHE E 157 -25.01 -28.30 -74.16
CA PHE E 157 -25.15 -26.92 -73.73
C PHE E 157 -23.85 -26.14 -73.87
N ASP E 158 -22.78 -26.78 -74.33
CA ASP E 158 -21.49 -26.14 -74.58
C ASP E 158 -20.94 -25.48 -73.31
N VAL E 159 -20.85 -26.28 -72.26
CA VAL E 159 -20.26 -25.88 -71.00
C VAL E 159 -19.32 -26.99 -70.52
N THR E 160 -18.56 -26.69 -69.47
CA THR E 160 -17.62 -27.64 -68.90
C THR E 160 -17.92 -27.82 -67.41
N LYS E 161 -17.88 -29.07 -66.96
CA LYS E 161 -18.10 -29.36 -65.55
C LYS E 161 -16.88 -28.98 -64.74
N LYS E 162 -17.09 -28.43 -63.55
CA LYS E 162 -16.01 -28.00 -62.67
C LYS E 162 -15.90 -28.96 -61.50
N THR E 163 -14.69 -29.40 -61.20
CA THR E 163 -14.39 -30.22 -60.04
C THR E 163 -13.51 -29.41 -59.09
N ILE E 164 -13.87 -29.42 -57.80
CA ILE E 164 -13.17 -28.66 -56.79
C ILE E 164 -12.47 -29.64 -55.86
N TYR E 165 -11.15 -29.54 -55.76
CA TYR E 165 -10.34 -30.46 -54.98
C TYR E 165 -10.10 -29.84 -53.61
N PHE E 166 -10.66 -30.46 -52.57
CA PHE E 166 -10.54 -29.92 -51.22
C PHE E 166 -9.21 -30.27 -50.57
N ASP E 167 -8.63 -31.42 -50.90
CA ASP E 167 -7.38 -31.90 -50.32
C ASP E 167 -7.48 -31.94 -48.79
N LEU E 168 -8.39 -32.78 -48.30
CA LEU E 168 -8.68 -32.84 -46.88
C LEU E 168 -7.65 -33.67 -46.11
N ASP E 169 -6.73 -34.36 -46.81
CA ASP E 169 -5.69 -35.11 -46.12
C ASP E 169 -4.68 -34.20 -45.45
N ASN E 170 -4.33 -33.09 -46.09
CA ASN E 170 -3.22 -32.26 -45.66
C ASN E 170 -3.70 -31.17 -44.71
N PRO E 171 -3.16 -31.08 -43.49
CA PRO E 171 -3.61 -30.03 -42.57
C PRO E 171 -3.37 -28.62 -43.08
N ASN E 172 -2.31 -28.41 -43.87
CA ASN E 172 -1.99 -27.09 -44.38
C ASN E 172 -2.97 -26.60 -45.44
N SER E 173 -3.86 -27.46 -45.92
CA SER E 173 -4.84 -27.06 -46.92
C SER E 173 -5.80 -26.02 -46.35
N ASP E 174 -6.19 -25.07 -47.19
CA ASP E 174 -7.07 -23.98 -46.78
C ASP E 174 -8.49 -24.34 -47.20
N ILE E 175 -9.27 -24.87 -46.25
CA ILE E 175 -10.65 -25.27 -46.54
C ILE E 175 -11.49 -24.05 -46.89
N ASP E 176 -11.22 -22.91 -46.24
CA ASP E 176 -11.96 -21.69 -46.55
C ASP E 176 -11.78 -21.29 -48.01
N ALA E 177 -10.56 -21.45 -48.54
CA ALA E 177 -10.32 -21.11 -49.93
C ALA E 177 -11.14 -21.99 -50.87
N HIS E 178 -11.20 -23.29 -50.59
CA HIS E 178 -11.97 -24.18 -51.45
C HIS E 178 -13.46 -23.89 -51.36
N ILE E 179 -13.97 -23.63 -50.17
CA ILE E 179 -15.39 -23.29 -50.02
C ILE E 179 -15.70 -21.99 -50.75
N GLU E 180 -14.80 -21.00 -50.64
CA GLU E 180 -15.01 -19.74 -51.34
C GLU E 180 -14.98 -19.91 -52.85
N ASP E 181 -14.07 -20.76 -53.35
CA ASP E 181 -14.02 -21.03 -54.78
C ASP E 181 -15.30 -21.71 -55.26
N LEU E 182 -15.79 -22.69 -54.49
CA LEU E 182 -17.04 -23.35 -54.84
C LEU E 182 -18.20 -22.37 -54.85
N ARG E 183 -18.24 -21.47 -53.88
CA ARG E 183 -19.32 -20.49 -53.81
C ARG E 183 -19.22 -19.47 -54.94
N MET E 184 -18.00 -19.07 -55.29
CA MET E 184 -17.80 -18.03 -56.30
C MET E 184 -18.03 -18.53 -57.72
N HIS E 185 -17.70 -19.80 -57.99
CA HIS E 185 -17.94 -20.35 -59.32
C HIS E 185 -19.41 -20.31 -59.68
N MET E 186 -20.27 -20.68 -58.72
CA MET E 186 -21.70 -20.75 -59.01
C MET E 186 -22.33 -19.36 -59.11
N GLU E 187 -21.61 -18.31 -58.71
CA GLU E 187 -22.04 -16.93 -58.90
C GLU E 187 -21.55 -16.38 -60.24
N ASP E 188 -20.30 -16.67 -60.59
CA ASP E 188 -19.69 -16.12 -61.79
C ASP E 188 -20.07 -16.88 -63.06
N GLU E 189 -20.63 -18.08 -62.93
CA GLU E 189 -20.93 -18.90 -64.09
C GLU E 189 -22.42 -19.10 -64.35
N ALA E 190 -23.29 -18.57 -63.48
CA ALA E 190 -24.72 -18.70 -63.69
C ALA E 190 -25.14 -17.99 -64.98
N LYS E 191 -24.70 -16.75 -65.16
CA LYS E 191 -24.98 -15.95 -66.34
C LYS E 191 -26.48 -15.86 -66.62
N THR E 192 -27.24 -15.66 -65.54
CA THR E 192 -28.67 -15.45 -65.65
C THR E 192 -29.05 -13.98 -65.73
N GLY E 193 -28.07 -13.07 -65.63
CA GLY E 193 -28.34 -11.65 -65.68
C GLY E 193 -28.84 -11.05 -64.39
N THR E 194 -28.99 -11.85 -63.33
CA THR E 194 -29.50 -11.39 -62.06
C THR E 194 -28.40 -11.46 -61.00
N VAL E 195 -28.77 -11.15 -59.77
CA VAL E 195 -27.85 -11.16 -58.64
C VAL E 195 -27.92 -12.52 -57.96
N ILE E 196 -26.76 -13.13 -57.72
CA ILE E 196 -26.66 -14.50 -57.24
C ILE E 196 -26.14 -14.49 -55.81
N ASN E 197 -26.87 -15.17 -54.92
CA ASN E 197 -26.41 -15.29 -53.53
C ASN E 197 -25.19 -16.19 -53.43
N GLY E 198 -25.24 -17.37 -54.06
CA GLY E 198 -24.12 -18.28 -54.10
C GLY E 198 -23.92 -19.14 -52.88
N GLU E 199 -24.66 -18.90 -51.79
CA GLU E 199 -24.54 -19.68 -50.58
C GLU E 199 -25.75 -20.55 -50.30
N GLU E 200 -26.73 -20.59 -51.20
CA GLU E 200 -27.91 -21.42 -51.03
C GLU E 200 -27.73 -22.82 -51.60
N ILE E 201 -26.53 -23.12 -52.11
CA ILE E 201 -26.30 -24.37 -52.81
C ILE E 201 -26.44 -25.56 -51.87
N HIS E 202 -26.85 -26.69 -52.41
CA HIS E 202 -26.81 -27.95 -51.68
C HIS E 202 -25.44 -28.61 -51.86
N ILE E 203 -25.01 -29.33 -50.83
CA ILE E 203 -23.79 -30.12 -50.89
C ILE E 203 -24.10 -31.50 -50.34
N VAL E 204 -23.87 -32.54 -51.14
CA VAL E 204 -24.20 -33.91 -50.79
C VAL E 204 -22.91 -34.73 -50.89
N VAL E 205 -22.49 -35.30 -49.77
CA VAL E 205 -21.23 -36.05 -49.70
C VAL E 205 -21.48 -37.46 -49.19
N ASP E 206 -20.41 -38.25 -49.05
CA ASP E 206 -20.48 -39.62 -48.56
C ASP E 206 -19.67 -39.75 -47.27
N ARG E 207 -19.49 -40.99 -46.82
CA ARG E 207 -18.72 -41.25 -45.59
C ARG E 207 -17.35 -40.61 -45.65
N THR E 208 -16.59 -40.89 -46.71
CA THR E 208 -15.18 -40.49 -46.75
C THR E 208 -15.04 -38.98 -46.66
N PHE E 209 -15.77 -38.25 -47.50
CA PHE E 209 -15.67 -36.80 -47.52
C PHE E 209 -16.12 -36.19 -46.20
N PHE E 210 -17.23 -36.69 -45.65
CA PHE E 210 -17.75 -36.12 -44.41
C PHE E 210 -16.79 -36.35 -43.25
N SER E 211 -16.27 -37.57 -43.12
CA SER E 211 -15.35 -37.88 -42.04
C SER E 211 -14.07 -37.07 -42.18
N LYS E 212 -13.52 -36.97 -43.39
CA LYS E 212 -12.29 -36.23 -43.59
C LYS E 212 -12.50 -34.73 -43.36
N LEU E 213 -13.70 -34.23 -43.67
CA LEU E 213 -13.99 -32.82 -43.43
C LEU E 213 -14.10 -32.53 -41.94
N ILE E 214 -14.86 -33.34 -41.20
CA ILE E 214 -14.99 -33.10 -39.77
C ILE E 214 -13.71 -33.42 -39.02
N LYS E 215 -12.80 -34.19 -39.63
CA LYS E 215 -11.53 -34.52 -38.99
C LYS E 215 -10.48 -33.42 -39.11
N HIS E 216 -10.72 -32.41 -39.94
CA HIS E 216 -9.66 -31.46 -40.27
C HIS E 216 -9.30 -30.62 -39.04
N PRO E 217 -8.00 -30.43 -38.77
CA PRO E 217 -7.60 -29.64 -37.60
C PRO E 217 -8.10 -28.21 -37.63
N LYS E 218 -8.14 -27.56 -38.80
CA LYS E 218 -8.63 -26.19 -38.87
C LYS E 218 -10.12 -26.14 -38.53
N ILE E 219 -10.90 -27.05 -39.09
CA ILE E 219 -12.34 -27.07 -38.84
C ILE E 219 -12.62 -27.34 -37.36
N ARG E 220 -11.91 -28.30 -36.78
CA ARG E 220 -12.11 -28.63 -35.38
C ARG E 220 -11.69 -27.49 -34.47
N ASP E 221 -10.58 -26.82 -34.81
CA ASP E 221 -10.10 -25.70 -33.99
C ASP E 221 -11.05 -24.51 -34.08
N ALA E 222 -11.65 -24.28 -35.24
CA ALA E 222 -12.57 -23.14 -35.39
C ALA E 222 -13.78 -23.26 -34.47
N TYR E 223 -14.15 -24.48 -34.07
CA TYR E 223 -15.29 -24.70 -33.20
C TYR E 223 -14.93 -25.04 -31.77
N LEU E 224 -13.73 -25.58 -31.53
CA LEU E 224 -13.36 -26.01 -30.18
C LEU E 224 -13.29 -24.82 -29.23
N ALA E 225 -12.73 -23.70 -29.68
CA ALA E 225 -12.57 -22.50 -28.85
C ALA E 225 -13.79 -21.59 -28.92
N GLN E 226 -14.95 -22.11 -29.26
CA GLN E 226 -16.17 -21.32 -29.43
C GLN E 226 -17.20 -21.79 -28.41
N GLN E 227 -17.82 -20.84 -27.70
CA GLN E 227 -18.78 -21.14 -26.66
C GLN E 227 -20.22 -21.09 -27.15
N THR E 228 -20.43 -21.16 -28.45
CA THR E 228 -21.78 -21.22 -28.99
C THR E 228 -22.33 -22.64 -28.81
N PRO E 229 -23.64 -22.78 -28.55
CA PRO E 229 -24.22 -24.14 -28.49
C PRO E 229 -24.01 -24.94 -29.76
N LEU E 230 -23.95 -24.29 -30.92
CA LEU E 230 -23.67 -25.00 -32.15
C LEU E 230 -22.28 -25.65 -32.11
N ALA E 231 -21.29 -24.93 -31.58
CA ALA E 231 -19.95 -25.50 -31.44
C ALA E 231 -19.96 -26.71 -30.51
N TRP E 232 -20.68 -26.60 -29.38
CA TRP E 232 -20.78 -27.71 -28.45
C TRP E 232 -21.42 -28.93 -29.12
N GLN E 233 -22.49 -28.71 -29.89
CA GLN E 233 -23.17 -29.80 -30.55
C GLN E 233 -22.30 -30.43 -31.63
N GLN E 234 -21.55 -29.62 -32.37
CA GLN E 234 -20.79 -30.15 -33.49
C GLN E 234 -19.48 -30.79 -33.05
N ILE E 235 -18.94 -30.41 -31.91
CA ILE E 235 -17.69 -31.01 -31.43
C ILE E 235 -17.97 -32.20 -30.52
N THR E 236 -18.95 -32.08 -29.63
CA THR E 236 -19.26 -33.12 -28.66
C THR E 236 -20.56 -33.85 -28.96
N GLY E 237 -21.59 -33.14 -29.43
CA GLY E 237 -22.91 -33.72 -29.61
C GLY E 237 -23.06 -34.67 -30.77
N SER E 238 -24.31 -34.85 -31.21
CA SER E 238 -24.64 -35.92 -32.15
C SER E 238 -24.02 -35.69 -33.53
N LEU E 239 -24.22 -34.50 -34.09
CA LEU E 239 -23.92 -34.13 -35.48
C LEU E 239 -24.91 -34.77 -36.46
N ARG E 240 -25.79 -35.65 -36.00
CA ARG E 240 -26.88 -36.17 -36.82
C ARG E 240 -28.14 -35.34 -36.56
N THR E 241 -28.12 -34.13 -37.11
CA THR E 241 -29.12 -33.13 -36.75
C THR E 241 -30.52 -33.51 -37.27
N GLY E 242 -30.65 -33.61 -38.60
CA GLY E 242 -31.96 -33.84 -39.17
C GLY E 242 -31.89 -34.40 -40.58
N GLY E 243 -33.05 -34.75 -41.09
CA GLY E 243 -33.19 -35.35 -42.40
C GLY E 243 -33.59 -36.82 -42.31
N THR E 244 -33.96 -37.35 -43.47
CA THR E 244 -34.35 -38.76 -43.57
C THR E 244 -34.16 -39.21 -45.01
N ASP E 245 -33.24 -40.14 -45.22
CA ASP E 245 -33.00 -40.70 -46.54
C ASP E 245 -33.81 -41.96 -46.80
N GLY E 246 -34.64 -42.39 -45.85
CA GLY E 246 -35.47 -43.55 -46.00
C GLY E 246 -34.95 -44.79 -45.31
N VAL E 247 -33.69 -44.79 -44.88
CA VAL E 247 -33.11 -45.96 -44.23
C VAL E 247 -32.65 -45.60 -42.82
N GLN E 248 -32.27 -44.34 -42.62
CA GLN E 248 -31.82 -43.86 -41.31
C GLN E 248 -32.72 -42.72 -40.87
N ALA E 249 -32.97 -42.66 -39.56
CA ALA E 249 -33.93 -41.68 -39.03
C ALA E 249 -33.41 -40.25 -39.14
N HIS E 250 -32.10 -40.06 -39.07
CA HIS E 250 -31.52 -38.72 -39.12
C HIS E 250 -30.22 -38.75 -39.90
N MET E 251 -30.16 -37.96 -40.96
CA MET E 251 -28.92 -37.78 -41.70
C MET E 251 -28.05 -36.74 -41.00
N ASN E 252 -26.73 -36.92 -41.11
CA ASN E 252 -25.77 -36.06 -40.43
C ASN E 252 -25.40 -34.89 -41.31
N ARG E 253 -25.48 -33.68 -40.75
CA ARG E 253 -25.16 -32.45 -41.44
C ARG E 253 -24.12 -31.67 -40.66
N PHE E 254 -23.34 -30.87 -41.39
CA PHE E 254 -22.27 -30.09 -40.78
C PHE E 254 -22.34 -28.66 -41.31
N TYR E 255 -22.06 -27.70 -40.44
CA TYR E 255 -22.12 -26.28 -40.76
C TYR E 255 -20.74 -25.66 -40.60
N TYR E 256 -20.23 -25.05 -41.66
CA TYR E 256 -18.99 -24.29 -41.61
C TYR E 256 -19.16 -22.96 -42.33
N GLY E 257 -20.24 -22.25 -42.00
CA GLY E 257 -20.55 -20.97 -42.61
C GLY E 257 -21.95 -20.98 -43.20
N GLY E 258 -22.10 -20.36 -44.38
CA GLY E 258 -23.37 -20.37 -45.06
C GLY E 258 -23.67 -21.64 -45.82
N VAL E 259 -22.73 -22.57 -45.87
CA VAL E 259 -22.88 -23.83 -46.60
C VAL E 259 -23.13 -24.95 -45.60
N VAL E 260 -23.81 -26.00 -46.03
CA VAL E 260 -24.11 -27.16 -45.21
C VAL E 260 -23.66 -28.40 -45.97
N PHE E 261 -22.90 -29.25 -45.31
CA PHE E 261 -22.44 -30.52 -45.88
C PHE E 261 -23.35 -31.63 -45.37
N VAL E 262 -24.03 -32.30 -46.29
CA VAL E 262 -24.99 -33.35 -45.95
C VAL E 262 -24.47 -34.67 -46.51
N GLN E 263 -24.43 -35.70 -45.67
CA GLN E 263 -23.90 -37.00 -46.06
C GLN E 263 -25.06 -37.91 -46.49
N TYR E 264 -25.10 -38.22 -47.78
CA TYR E 264 -26.10 -39.11 -48.35
C TYR E 264 -25.41 -40.34 -48.89
N ASN E 265 -25.92 -41.52 -48.52
CA ASN E 265 -25.35 -42.80 -48.95
C ASN E 265 -26.46 -43.68 -49.49
N GLY E 266 -26.75 -43.53 -50.78
CA GLY E 266 -27.78 -44.30 -51.46
C GLY E 266 -27.14 -45.29 -52.42
N LYS E 267 -27.63 -46.53 -52.36
CA LYS E 267 -27.09 -47.62 -53.16
C LYS E 267 -28.23 -48.36 -53.85
N PHE E 268 -28.01 -48.72 -55.10
CA PHE E 268 -28.98 -49.50 -55.87
C PHE E 268 -28.24 -50.51 -56.72
N LYS E 269 -28.95 -51.55 -57.16
CA LYS E 269 -28.39 -52.60 -58.00
C LYS E 269 -29.22 -52.74 -59.26
N ASP E 270 -28.57 -53.20 -60.33
CA ASP E 270 -29.25 -53.51 -61.58
C ASP E 270 -29.43 -55.01 -61.72
N LYS E 271 -29.92 -55.44 -62.88
CA LYS E 271 -30.11 -56.86 -63.13
C LYS E 271 -28.78 -57.61 -63.11
N ARG E 272 -27.68 -56.93 -63.43
CA ARG E 272 -26.37 -57.56 -63.46
C ARG E 272 -25.68 -57.56 -62.11
N GLY E 273 -26.28 -56.98 -61.08
CA GLY E 273 -25.75 -57.01 -59.74
C GLY E 273 -24.77 -55.91 -59.39
N LYS E 274 -24.41 -55.06 -60.35
CA LYS E 274 -23.47 -53.98 -60.07
C LYS E 274 -24.14 -52.92 -59.21
N THR E 275 -23.42 -52.45 -58.18
CA THR E 275 -23.96 -51.48 -57.25
C THR E 275 -23.83 -50.08 -57.84
N HIS E 276 -24.95 -49.37 -57.92
CA HIS E 276 -25.00 -48.01 -58.45
C HIS E 276 -25.12 -47.05 -57.27
N THR E 277 -23.99 -46.69 -56.69
CA THR E 277 -23.99 -45.72 -55.60
C THR E 277 -24.34 -44.34 -56.13
N LEU E 278 -25.23 -43.64 -55.42
CA LEU E 278 -25.78 -42.39 -55.93
C LEU E 278 -24.77 -41.25 -55.87
N VAL E 279 -24.03 -41.16 -54.77
CA VAL E 279 -23.05 -40.09 -54.57
C VAL E 279 -21.70 -40.65 -55.00
N SER E 280 -21.39 -40.50 -56.29
CA SER E 280 -20.14 -41.01 -56.82
C SER E 280 -19.80 -40.26 -58.11
N ILE E 281 -18.55 -40.37 -58.52
CA ILE E 281 -18.07 -39.83 -59.78
C ILE E 281 -17.60 -40.99 -60.64
N ASP E 282 -18.11 -41.05 -61.88
CA ASP E 282 -17.72 -42.13 -62.78
C ASP E 282 -16.24 -42.03 -63.11
N GLY E 283 -15.61 -43.19 -63.24
CA GLY E 283 -14.18 -43.27 -63.51
C GLY E 283 -13.29 -43.41 -62.29
N VAL E 284 -13.58 -42.65 -61.23
CA VAL E 284 -12.78 -42.70 -60.01
C VAL E 284 -13.37 -43.79 -59.10
N SER E 285 -12.94 -45.02 -59.36
CA SER E 285 -13.33 -46.16 -58.53
C SER E 285 -12.23 -46.47 -57.51
N ASP E 286 -12.02 -45.51 -56.62
CA ASP E 286 -10.97 -45.58 -55.62
C ASP E 286 -11.56 -45.32 -54.24
N THR E 287 -11.12 -46.10 -53.26
CA THR E 287 -11.50 -45.89 -51.87
C THR E 287 -10.67 -44.74 -51.30
N ASN E 288 -10.85 -44.46 -50.01
CA ASN E 288 -10.10 -43.44 -49.26
C ASN E 288 -10.08 -42.09 -49.97
N VAL E 289 -11.02 -41.86 -50.88
CA VAL E 289 -11.16 -40.59 -51.58
C VAL E 289 -12.61 -40.16 -51.48
N GLY E 290 -12.85 -38.99 -50.87
CA GLY E 290 -14.21 -38.51 -50.71
C GLY E 290 -14.72 -37.88 -52.00
N VAL E 291 -16.00 -38.11 -52.27
CA VAL E 291 -16.66 -37.59 -53.46
C VAL E 291 -17.97 -36.95 -53.04
N GLY E 292 -18.22 -35.73 -53.52
CA GLY E 292 -19.45 -35.03 -53.20
C GLY E 292 -19.95 -34.26 -54.40
N HIS E 293 -21.23 -33.89 -54.34
CA HIS E 293 -21.88 -33.15 -55.41
C HIS E 293 -22.53 -31.89 -54.85
N ALA E 294 -22.40 -30.79 -55.60
CA ALA E 294 -22.98 -29.51 -55.23
C ALA E 294 -23.89 -29.03 -56.35
N PHE E 295 -25.05 -28.48 -55.98
CA PHE E 295 -26.01 -28.00 -56.96
C PHE E 295 -26.88 -26.93 -56.31
N PRO E 296 -27.42 -26.01 -57.09
CA PRO E 296 -28.26 -24.95 -56.52
C PRO E 296 -29.59 -25.49 -56.00
N ASN E 297 -30.22 -24.70 -55.14
CA ASN E 297 -31.53 -25.02 -54.61
C ASN E 297 -32.60 -24.19 -55.30
N VAL E 298 -33.83 -24.27 -54.81
CA VAL E 298 -34.93 -23.54 -55.43
C VAL E 298 -34.79 -22.04 -55.21
N ALA E 299 -34.19 -21.62 -54.10
CA ALA E 299 -34.14 -20.21 -53.73
C ALA E 299 -32.96 -19.46 -54.34
N MET E 300 -32.02 -20.15 -54.97
CA MET E 300 -30.84 -19.47 -55.51
C MET E 300 -31.21 -18.59 -56.70
N LEU E 301 -31.70 -19.19 -57.76
CA LEU E 301 -31.93 -18.48 -59.04
C LEU E 301 -33.39 -18.05 -59.09
N GLY E 302 -34.21 -18.55 -58.20
CA GLY E 302 -35.59 -18.07 -58.11
C GLY E 302 -36.49 -19.15 -58.58
N GLU E 303 -37.81 -18.94 -58.68
CA GLU E 303 -38.72 -19.94 -59.30
C GLU E 303 -39.15 -19.34 -60.63
N ALA E 304 -38.39 -18.35 -61.04
CA ALA E 304 -38.61 -17.77 -62.36
C ALA E 304 -37.45 -18.26 -63.18
N ASN E 305 -36.76 -19.25 -62.65
CA ASN E 305 -35.70 -19.87 -63.44
C ASN E 305 -35.35 -21.23 -62.85
N ASN E 306 -36.29 -22.15 -62.74
CA ASN E 306 -35.90 -23.49 -62.28
C ASN E 306 -34.93 -24.02 -63.31
N ILE E 307 -33.87 -24.63 -62.86
CA ILE E 307 -32.89 -25.20 -63.79
C ILE E 307 -33.33 -26.65 -64.01
N PHE E 308 -33.89 -27.32 -63.02
CA PHE E 308 -34.25 -28.74 -63.06
C PHE E 308 -35.68 -28.92 -63.31
N GLU E 309 -36.08 -29.86 -64.12
CA GLU E 309 -37.45 -30.22 -64.46
C GLU E 309 -37.44 -31.55 -65.19
N VAL E 310 -38.58 -32.24 -65.14
CA VAL E 310 -38.73 -33.57 -65.71
C VAL E 310 -39.93 -33.55 -66.65
N ALA E 311 -39.76 -34.15 -67.82
CA ALA E 311 -40.80 -34.18 -68.84
C ALA E 311 -41.38 -35.59 -68.96
N TYR E 312 -42.71 -35.68 -68.94
CA TYR E 312 -43.42 -36.94 -69.10
C TYR E 312 -44.20 -36.93 -70.41
N ALA E 313 -44.24 -38.08 -71.06
CA ALA E 313 -44.85 -38.24 -72.37
C ALA E 313 -45.78 -39.44 -72.35
N PRO E 314 -46.77 -39.49 -73.26
CA PRO E 314 -47.74 -40.59 -73.22
C PRO E 314 -47.18 -41.92 -73.70
N CYS E 315 -48.05 -42.93 -73.77
CA CYS E 315 -47.69 -44.29 -74.12
C CYS E 315 -48.29 -44.67 -75.47
N PRO E 316 -47.69 -45.66 -76.18
CA PRO E 316 -48.19 -46.07 -77.51
C PRO E 316 -49.43 -46.96 -77.45
N LYS E 317 -50.49 -46.44 -76.84
CA LYS E 317 -51.75 -47.15 -76.72
C LYS E 317 -52.88 -46.30 -77.31
N MET E 318 -53.97 -46.96 -77.66
CA MET E 318 -55.12 -46.25 -78.22
C MET E 318 -55.73 -45.33 -77.17
N GLY E 319 -56.09 -44.12 -77.59
CA GLY E 319 -56.61 -43.12 -76.69
C GLY E 319 -55.56 -42.37 -75.90
N TYR E 320 -54.28 -42.67 -76.12
CA TYR E 320 -53.18 -42.03 -75.41
C TYR E 320 -52.22 -41.35 -76.37
N ALA E 321 -52.75 -40.75 -77.43
CA ALA E 321 -51.94 -40.06 -78.43
C ALA E 321 -52.17 -38.56 -78.33
N ASN E 322 -51.08 -37.79 -78.36
CA ASN E 322 -51.13 -36.33 -78.22
C ASN E 322 -51.83 -35.93 -76.93
N THR E 323 -51.52 -36.63 -75.85
CA THR E 323 -52.07 -36.34 -74.53
C THR E 323 -50.93 -36.08 -73.55
N LEU E 324 -51.26 -35.40 -72.46
CA LEU E 324 -50.26 -35.11 -71.43
C LEU E 324 -49.72 -36.41 -70.84
N GLY E 325 -48.42 -36.43 -70.61
CA GLY E 325 -47.79 -37.61 -70.05
C GLY E 325 -48.12 -37.79 -68.58
N GLN E 326 -47.85 -39.00 -68.10
CA GLN E 326 -48.12 -39.36 -66.71
C GLN E 326 -46.92 -40.11 -66.15
N GLU E 327 -46.78 -40.08 -64.83
CA GLU E 327 -45.67 -40.76 -64.18
C GLU E 327 -45.73 -42.26 -64.41
N LEU E 328 -46.91 -42.84 -64.34
CA LEU E 328 -47.07 -44.28 -64.46
C LEU E 328 -48.32 -44.61 -65.25
N TYR E 329 -48.21 -45.59 -66.15
CA TYR E 329 -49.35 -46.16 -66.87
C TYR E 329 -49.45 -47.62 -66.49
N VAL E 330 -50.52 -47.99 -65.80
CA VAL E 330 -50.72 -49.36 -65.33
C VAL E 330 -51.89 -49.95 -66.10
N PHE E 331 -51.66 -51.11 -66.73
CA PHE E 331 -52.67 -51.80 -67.51
C PHE E 331 -52.83 -53.22 -67.00
N GLU E 332 -54.06 -53.72 -67.04
CA GLU E 332 -54.38 -55.07 -66.61
C GLU E 332 -55.11 -55.80 -67.73
N TYR E 333 -54.62 -56.99 -68.07
CA TYR E 333 -55.23 -57.81 -69.11
C TYR E 333 -55.39 -59.24 -68.61
N GLU E 334 -56.44 -59.90 -69.09
CA GLU E 334 -56.73 -61.27 -68.70
C GLU E 334 -56.32 -62.21 -69.83
N LYS E 335 -55.63 -63.29 -69.47
CA LYS E 335 -55.24 -64.29 -70.46
C LYS E 335 -56.47 -65.00 -71.01
N ASP E 336 -56.38 -65.50 -72.20
CA ASP E 336 -57.49 -66.13 -72.86
C ASP E 336 -57.80 -67.46 -72.20
N ARG E 337 -59.04 -67.94 -72.24
CA ARG E 337 -59.42 -69.26 -71.74
C ARG E 337 -59.21 -69.39 -70.25
N ASP E 338 -59.01 -68.33 -69.54
CA ASP E 338 -58.92 -68.32 -68.07
C ASP E 338 -57.61 -68.92 -67.61
N GLU E 339 -56.49 -68.36 -67.97
CA GLU E 339 -55.19 -68.91 -67.61
C GLU E 339 -54.34 -67.96 -66.78
N GLY E 340 -54.85 -66.80 -66.38
CA GLY E 340 -54.11 -65.90 -65.52
C GLY E 340 -54.44 -64.46 -65.82
N ILE E 341 -53.59 -63.57 -65.33
CA ILE E 341 -53.77 -62.13 -65.42
C ILE E 341 -52.45 -61.50 -65.83
N ASP E 342 -52.51 -60.51 -66.74
CA ASP E 342 -51.34 -59.82 -67.23
C ASP E 342 -51.32 -58.39 -66.75
N PHE E 343 -50.12 -57.90 -66.41
CA PHE E 343 -49.91 -56.54 -65.96
C PHE E 343 -48.90 -55.83 -66.84
N GLU E 344 -48.97 -54.51 -66.88
CA GLU E 344 -48.02 -53.69 -67.61
C GLU E 344 -47.78 -52.39 -66.85
N ALA E 345 -46.61 -51.79 -67.08
CA ALA E 345 -46.26 -50.53 -66.44
C ALA E 345 -45.36 -49.74 -67.39
N HIS E 346 -45.81 -48.56 -67.79
CA HIS E 346 -45.10 -47.73 -68.76
C HIS E 346 -44.75 -46.38 -68.15
N SER E 347 -43.70 -45.77 -68.68
CA SER E 347 -43.32 -44.41 -68.30
C SER E 347 -42.38 -43.84 -69.35
N TYR E 348 -42.75 -42.69 -69.92
CA TYR E 348 -41.94 -41.99 -70.91
C TYR E 348 -41.43 -40.72 -70.23
N MET E 349 -40.26 -40.81 -69.61
CA MET E 349 -39.76 -39.76 -68.74
C MET E 349 -38.28 -39.49 -69.02
N LEU E 350 -37.86 -38.25 -68.77
CA LEU E 350 -36.46 -37.87 -68.83
C LEU E 350 -36.20 -36.60 -68.05
N PRO E 351 -35.39 -36.65 -66.99
CA PRO E 351 -35.00 -35.44 -66.28
C PRO E 351 -33.78 -34.78 -66.91
N TYR E 352 -33.72 -33.46 -66.78
CA TYR E 352 -32.63 -32.70 -67.37
C TYR E 352 -32.43 -31.41 -66.61
N CYS E 353 -31.29 -30.78 -66.84
CA CYS E 353 -30.92 -29.53 -66.20
C CYS E 353 -30.49 -28.53 -67.27
N THR E 354 -31.04 -27.31 -67.20
CA THR E 354 -30.81 -26.33 -68.26
C THR E 354 -29.51 -25.56 -68.10
N ARG E 355 -28.90 -25.58 -66.91
CA ARG E 355 -27.60 -24.94 -66.68
C ARG E 355 -26.70 -25.94 -65.98
N PRO E 356 -26.17 -26.92 -66.72
CA PRO E 356 -25.34 -27.95 -66.08
C PRO E 356 -24.05 -27.42 -65.49
N GLN E 357 -23.60 -26.23 -65.90
CA GLN E 357 -22.41 -25.64 -65.30
C GLN E 357 -22.59 -25.35 -63.82
N LEU E 358 -23.84 -25.31 -63.34
CA LEU E 358 -24.09 -25.09 -61.93
C LEU E 358 -24.05 -26.40 -61.15
N LEU E 359 -23.79 -27.52 -61.81
CA LEU E 359 -23.60 -28.80 -61.15
C LEU E 359 -22.10 -29.09 -61.08
N VAL E 360 -21.52 -28.96 -59.89
CA VAL E 360 -20.09 -29.14 -59.71
C VAL E 360 -19.85 -30.29 -58.75
N ASP E 361 -18.64 -30.83 -58.79
CA ASP E 361 -18.24 -31.93 -57.92
C ASP E 361 -17.14 -31.47 -56.98
N VAL E 362 -17.12 -32.04 -55.78
CA VAL E 362 -16.09 -31.76 -54.79
C VAL E 362 -15.40 -33.06 -54.43
N ARG E 363 -14.08 -33.00 -54.29
CA ARG E 363 -13.27 -34.18 -54.01
C ARG E 363 -12.38 -33.90 -52.82
N SER E 364 -12.03 -34.97 -52.09
CA SER E 364 -11.24 -34.86 -50.87
C SER E 364 -9.75 -35.02 -51.11
N ASP E 365 -9.47 -35.13 -52.37
CA ASP E 365 -8.07 -35.36 -52.74
C ASP E 365 -7.59 -34.06 -53.30
N ALA E 366 -6.40 -34.08 -53.83
CA ALA E 366 -5.83 -32.84 -54.32
C ALA E 366 -5.63 -32.97 -55.81
N GLU E 367 -5.44 -31.86 -56.47
CA GLU E 367 -5.36 -31.91 -57.93
C GLU E 367 -3.99 -32.46 -58.29
N LEU F 2 -46.99 -27.92 -81.53
CA LEU F 2 -46.67 -26.54 -81.25
C LEU F 2 -45.74 -25.97 -82.33
N THR F 3 -44.68 -26.69 -82.63
CA THR F 3 -43.68 -26.26 -83.59
C THR F 3 -43.34 -27.42 -84.51
N ASN F 4 -42.88 -27.16 -85.72
CA ASN F 4 -42.55 -28.20 -86.72
C ASN F 4 -41.37 -29.02 -86.29
N SER F 5 -41.40 -30.28 -86.59
CA SER F 5 -40.40 -31.23 -86.12
C SER F 5 -39.03 -31.02 -86.69
N GLU F 6 -38.06 -31.64 -86.05
CA GLU F 6 -36.66 -31.42 -86.42
C GLU F 6 -36.43 -31.76 -87.90
N LYS F 7 -36.64 -32.97 -88.38
CA LYS F 7 -36.37 -33.18 -89.82
C LYS F 7 -37.59 -33.49 -90.70
N SER F 8 -38.78 -32.98 -90.43
CA SER F 8 -39.93 -33.10 -91.36
C SER F 8 -40.86 -31.98 -91.10
N ARG F 9 -41.48 -31.44 -92.10
CA ARG F 9 -42.42 -30.34 -92.03
C ARG F 9 -43.85 -30.79 -91.78
N PHE F 10 -44.11 -32.09 -91.71
CA PHE F 10 -45.45 -32.62 -91.50
C PHE F 10 -45.62 -33.26 -90.13
N PHE F 11 -44.68 -33.04 -89.22
CA PHE F 11 -44.76 -33.54 -87.86
C PHE F 11 -44.48 -32.39 -86.90
N LEU F 12 -44.90 -32.57 -85.64
CA LEU F 12 -44.85 -31.50 -84.65
C LEU F 12 -43.99 -31.89 -83.46
N ALA F 13 -43.47 -30.87 -82.79
CA ALA F 13 -42.66 -31.04 -81.59
C ALA F 13 -42.67 -29.72 -80.83
N ASP F 14 -43.08 -29.75 -79.56
CA ASP F 14 -43.33 -28.52 -78.83
C ASP F 14 -42.03 -27.81 -78.47
N LEU F 15 -42.12 -26.48 -78.38
CA LEU F 15 -41.02 -25.62 -77.97
C LEU F 15 -41.20 -25.26 -76.50
N THR F 16 -40.29 -25.76 -75.66
CA THR F 16 -40.40 -25.56 -74.21
C THR F 16 -39.49 -24.42 -73.77
N GLY F 17 -39.94 -23.20 -74.01
CA GLY F 17 -39.27 -22.05 -73.45
C GLY F 17 -37.92 -21.75 -74.10
N GLU F 18 -37.09 -21.05 -73.34
CA GLU F 18 -35.82 -20.52 -73.84
C GLU F 18 -34.94 -20.17 -72.66
N VAL F 19 -33.62 -20.31 -72.86
CA VAL F 19 -32.63 -19.94 -71.86
C VAL F 19 -31.72 -18.87 -72.43
N GLN F 20 -31.30 -17.93 -71.59
CA GLN F 20 -30.46 -16.82 -72.00
C GLN F 20 -29.24 -16.73 -71.10
N SER F 21 -28.17 -16.15 -71.63
CA SER F 21 -26.90 -16.01 -70.91
C SER F 21 -26.43 -14.56 -71.01
N ILE F 22 -26.85 -13.74 -70.05
CA ILE F 22 -26.43 -12.35 -69.95
C ILE F 22 -25.04 -12.30 -69.35
N PRO F 23 -24.13 -11.46 -69.86
CA PRO F 23 -22.76 -11.41 -69.32
C PRO F 23 -22.71 -10.89 -67.89
N ASN F 24 -21.50 -10.82 -67.34
CA ASN F 24 -21.29 -10.35 -65.97
C ASN F 24 -20.85 -8.89 -66.00
N THR F 25 -21.65 -8.03 -65.38
CA THR F 25 -21.33 -6.61 -65.23
C THR F 25 -21.13 -6.29 -63.77
N TYR F 26 -20.10 -5.51 -63.46
CA TYR F 26 -19.71 -5.22 -62.09
C TYR F 26 -19.94 -3.74 -61.78
N GLY F 27 -20.10 -3.45 -60.49
CA GLY F 27 -20.23 -2.08 -60.03
C GLY F 27 -19.44 -1.81 -58.77
N TYR F 28 -20.10 -1.25 -57.76
CA TYR F 28 -19.56 -1.03 -56.42
C TYR F 28 -18.52 0.10 -56.39
N ILE F 29 -18.14 0.61 -57.56
CA ILE F 29 -17.28 1.78 -57.65
C ILE F 29 -18.06 2.99 -58.13
N SER F 30 -18.84 2.83 -59.21
CA SER F 30 -19.81 3.85 -59.57
C SER F 30 -21.00 3.85 -58.63
N GLY F 31 -21.18 2.78 -57.84
CA GLY F 31 -22.24 2.77 -56.85
C GLY F 31 -22.01 3.77 -55.74
N LEU F 32 -20.78 3.86 -55.25
CA LEU F 32 -20.45 4.86 -54.25
C LEU F 32 -20.43 6.25 -54.88
N GLY F 33 -20.97 7.23 -54.16
CA GLY F 33 -21.04 8.59 -54.67
C GLY F 33 -19.76 9.36 -54.48
N LEU F 34 -18.63 8.75 -54.82
CA LEU F 34 -17.33 9.41 -54.66
C LEU F 34 -17.10 10.46 -55.76
N PHE F 35 -17.36 10.11 -56.99
CA PHE F 35 -16.97 11.04 -58.06
C PHE F 35 -18.07 11.95 -58.34
N ARG F 36 -17.90 13.22 -58.03
CA ARG F 36 -18.90 14.26 -58.25
C ARG F 36 -18.74 14.73 -59.64
N SER F 37 -19.80 15.09 -60.31
CA SER F 37 -19.77 15.45 -61.72
C SER F 37 -19.53 16.93 -61.83
N ALA F 38 -18.56 17.32 -62.62
CA ALA F 38 -18.29 18.72 -62.86
C ALA F 38 -18.39 18.94 -64.34
N PRO F 39 -19.56 19.19 -64.92
CA PRO F 39 -19.66 19.50 -66.35
C PRO F 39 -19.03 20.84 -66.67
N GLN F 40 -18.43 20.93 -67.85
CA GLN F 40 -17.77 22.15 -68.30
C GLN F 40 -17.99 22.31 -69.80
N THR F 41 -17.44 23.39 -70.35
CA THR F 41 -17.68 23.76 -71.73
C THR F 41 -16.47 23.53 -72.65
N GLN F 42 -15.25 23.68 -72.13
CA GLN F 42 -14.06 23.59 -72.97
C GLN F 42 -13.49 22.18 -72.97
N THR F 43 -12.59 21.93 -73.93
CA THR F 43 -12.02 20.61 -74.09
C THR F 43 -10.93 20.33 -73.06
N THR F 44 -10.47 21.35 -72.35
CA THR F 44 -9.46 21.20 -71.31
C THR F 44 -9.73 22.22 -70.21
N PHE F 45 -9.31 21.88 -68.99
CA PHE F 45 -9.55 22.73 -67.83
C PHE F 45 -8.28 22.86 -67.00
N LEU F 46 -8.14 24.02 -66.36
CA LEU F 46 -6.99 24.33 -65.52
C LEU F 46 -7.37 24.28 -64.05
N MET F 47 -6.34 24.27 -63.20
CA MET F 47 -6.56 24.26 -61.76
C MET F 47 -5.37 24.93 -61.08
N ASP F 48 -5.66 25.67 -60.02
CA ASP F 48 -4.66 26.45 -59.31
C ASP F 48 -4.22 25.69 -58.06
N LEU F 49 -2.90 25.61 -57.84
CA LEU F 49 -2.33 24.97 -56.68
C LEU F 49 -1.69 26.05 -55.81
N THR F 50 -2.05 26.08 -54.53
CA THR F 50 -1.53 27.07 -53.61
C THR F 50 -1.27 26.43 -52.25
N ASP F 51 -0.28 26.98 -51.54
CA ASP F 51 0.06 26.51 -50.21
C ASP F 51 0.91 27.56 -49.50
N TRP F 52 1.00 27.42 -48.18
CA TRP F 52 1.84 28.27 -47.36
C TRP F 52 2.32 27.47 -46.17
N ASP F 53 3.16 28.09 -45.34
CA ASP F 53 3.67 27.44 -44.14
C ASP F 53 3.76 28.46 -43.02
N ILE F 54 3.76 27.95 -41.79
CA ILE F 54 3.76 28.77 -40.59
C ILE F 54 4.99 28.42 -39.74
N SER F 55 5.34 29.33 -38.84
CA SER F 55 6.53 29.16 -38.03
C SER F 55 6.27 29.50 -36.56
N LEU F 56 7.33 29.58 -35.77
CA LEU F 56 7.23 29.81 -34.34
C LEU F 56 7.78 31.18 -33.99
N LEU F 57 7.06 31.92 -33.16
CA LEU F 57 7.49 33.25 -32.78
C LEU F 57 8.68 33.18 -31.83
N ASP F 58 9.49 34.23 -31.84
CA ASP F 58 10.64 34.35 -30.94
C ASP F 58 10.40 35.50 -29.97
N ALA F 59 10.86 35.33 -28.74
CA ALA F 59 10.71 36.36 -27.72
C ALA F 59 11.48 37.61 -28.12
N VAL F 60 10.93 38.77 -27.80
CA VAL F 60 11.47 40.06 -28.22
C VAL F 60 11.45 41.00 -27.03
N ASP F 61 12.53 41.78 -26.87
CA ASP F 61 12.58 42.78 -25.81
C ASP F 61 11.47 43.80 -25.98
N ARG F 62 10.80 44.13 -24.88
CA ARG F 62 9.64 45.01 -24.94
C ARG F 62 10.04 46.44 -25.22
N THR F 63 11.15 46.91 -24.64
CA THR F 63 11.55 48.30 -24.80
C THR F 63 12.17 48.56 -26.16
N SER F 64 12.89 47.58 -26.72
CA SER F 64 13.58 47.78 -27.98
C SER F 64 12.62 47.89 -29.17
N ARG F 65 11.37 47.49 -28.99
CA ARG F 65 10.33 47.57 -30.03
C ARG F 65 10.66 46.73 -31.25
N LYS F 66 11.47 45.69 -31.10
CA LYS F 66 11.72 44.79 -32.22
C LYS F 66 10.47 43.97 -32.51
N ALA F 67 10.46 43.30 -33.67
CA ALA F 67 9.25 42.64 -34.13
C ALA F 67 9.62 41.40 -34.93
N GLU F 68 8.61 40.81 -35.57
CA GLU F 68 8.74 39.57 -36.33
C GLU F 68 7.95 39.73 -37.61
N THR F 69 8.15 38.81 -38.57
CA THR F 69 7.46 38.91 -39.84
C THR F 69 7.20 37.50 -40.37
N SER F 70 6.26 37.41 -41.31
CA SER F 70 5.85 36.15 -41.91
C SER F 70 6.18 36.15 -43.39
N ALA F 71 6.45 34.95 -43.92
CA ALA F 71 6.75 34.81 -45.34
C ALA F 71 5.46 34.71 -46.14
N PRO F 72 5.50 35.02 -47.44
CA PRO F 72 4.31 34.91 -48.28
C PRO F 72 4.08 33.48 -48.74
N GLU F 73 3.04 33.31 -49.55
CA GLU F 73 2.59 31.99 -49.98
C GLU F 73 3.11 31.67 -51.39
N ARG F 74 2.72 30.50 -51.89
CA ARG F 74 3.16 30.00 -53.19
C ARG F 74 1.95 29.57 -54.01
N VAL F 75 1.97 29.88 -55.30
CA VAL F 75 0.86 29.59 -56.20
C VAL F 75 1.39 28.91 -57.45
N ARG F 76 0.69 27.85 -57.88
CA ARG F 76 1.06 27.11 -59.09
C ARG F 76 -0.17 26.91 -59.96
N GLN F 77 0.02 26.18 -61.05
CA GLN F 77 -1.05 25.91 -62.01
C GLN F 77 -0.77 24.61 -62.74
N ILE F 78 -1.85 23.91 -63.10
CA ILE F 78 -1.78 22.64 -63.83
C ILE F 78 -2.94 22.59 -64.82
N SER F 79 -2.85 21.69 -65.80
CA SER F 79 -3.87 21.51 -66.81
C SER F 79 -4.18 20.03 -67.01
N PHE F 80 -5.37 19.74 -67.52
CA PHE F 80 -5.83 18.37 -67.71
C PHE F 80 -6.44 18.20 -69.10
N PRO F 81 -6.13 17.12 -69.81
CA PRO F 81 -6.89 16.75 -71.00
C PRO F 81 -7.99 15.75 -70.66
N MET F 82 -8.87 15.53 -71.62
CA MET F 82 -10.00 14.64 -71.44
C MET F 82 -10.04 13.60 -72.55
N MET F 83 -10.70 12.48 -72.26
CA MET F 83 -10.78 11.35 -73.18
C MET F 83 -12.18 11.21 -73.73
N TYR F 84 -12.27 10.87 -75.02
CA TYR F 84 -13.52 10.88 -75.76
C TYR F 84 -13.71 9.54 -76.45
N PHE F 85 -14.85 8.90 -76.17
CA PHE F 85 -15.19 7.64 -76.83
C PHE F 85 -16.63 7.68 -77.31
N LYS F 86 -16.86 7.11 -78.49
CA LYS F 86 -18.19 7.09 -79.08
C LYS F 86 -18.43 5.71 -79.69
N GLU F 87 -19.72 5.37 -79.84
CA GLU F 87 -20.13 4.09 -80.39
C GLU F 87 -21.33 4.31 -81.29
N VAL F 88 -21.36 3.59 -82.42
CA VAL F 88 -22.43 3.71 -83.40
C VAL F 88 -23.16 2.39 -83.53
N GLU F 89 -24.42 2.46 -83.94
CA GLU F 89 -25.24 1.28 -84.16
C GLU F 89 -26.38 1.66 -85.09
N SER F 90 -26.78 0.73 -85.95
CA SER F 90 -27.80 0.98 -86.96
C SER F 90 -28.84 -0.13 -86.93
N ILE F 91 -30.06 0.22 -87.31
CA ILE F 91 -31.17 -0.70 -87.41
C ILE F 91 -31.75 -0.63 -88.81
N THR F 92 -31.93 -1.79 -89.44
CA THR F 92 -32.39 -1.94 -90.81
C THR F 92 -33.67 -2.78 -90.82
N PRO F 93 -34.62 -2.51 -91.73
CA PRO F 93 -35.80 -3.39 -91.81
C PRO F 93 -35.48 -4.71 -92.49
N ASP F 94 -34.38 -5.32 -92.08
CA ASP F 94 -34.01 -6.66 -92.52
C ASP F 94 -33.77 -7.62 -91.36
N GLU F 95 -33.60 -7.13 -90.14
CA GLU F 95 -33.48 -7.96 -88.96
C GLU F 95 -34.78 -8.06 -88.19
N ILE F 96 -35.88 -7.55 -88.76
CA ILE F 96 -37.19 -7.66 -88.13
C ILE F 96 -38.19 -8.16 -89.18
N GLN F 97 -37.71 -8.46 -90.37
CA GLN F 97 -38.54 -8.91 -91.49
C GLN F 97 -38.41 -10.42 -91.61
N GLY F 98 -39.44 -11.13 -91.18
CA GLY F 98 -39.51 -12.57 -91.34
C GLY F 98 -38.78 -13.38 -90.30
N VAL F 99 -38.12 -12.74 -89.34
CA VAL F 99 -37.40 -13.44 -88.28
C VAL F 99 -38.33 -13.63 -87.09
N ARG F 100 -38.40 -14.86 -86.60
CA ARG F 100 -39.29 -15.15 -85.48
C ARG F 100 -38.60 -14.83 -84.15
N GLN F 101 -39.42 -14.56 -83.15
CA GLN F 101 -38.88 -14.29 -81.81
C GLN F 101 -38.40 -15.60 -81.19
N PRO F 102 -37.15 -15.69 -80.78
CA PRO F 102 -36.67 -16.91 -80.12
C PRO F 102 -37.46 -17.19 -78.85
N GLY F 103 -37.70 -18.48 -78.60
CA GLY F 103 -38.55 -18.89 -77.49
C GLY F 103 -40.02 -18.96 -77.80
N THR F 104 -40.43 -18.56 -79.01
CA THR F 104 -41.81 -18.62 -79.43
C THR F 104 -41.92 -19.40 -80.73
N ALA F 105 -43.12 -19.94 -80.99
CA ALA F 105 -43.31 -20.79 -82.15
C ALA F 105 -43.37 -19.98 -83.44
N ASN F 106 -44.34 -19.07 -83.54
CA ASN F 106 -44.57 -18.33 -84.77
C ASN F 106 -44.85 -16.85 -84.47
N GLU F 107 -44.06 -16.26 -83.58
CA GLU F 107 -44.18 -14.85 -83.25
C GLU F 107 -43.01 -14.10 -83.89
N LEU F 108 -43.32 -13.05 -84.65
CA LEU F 108 -42.30 -12.27 -85.33
C LEU F 108 -41.71 -11.22 -84.39
N THR F 109 -40.44 -10.89 -84.62
CA THR F 109 -39.80 -9.84 -83.86
C THR F 109 -40.37 -8.48 -84.23
N THR F 110 -40.20 -7.52 -83.33
CA THR F 110 -40.72 -6.17 -83.50
C THR F 110 -39.55 -5.20 -83.54
N GLU F 111 -39.76 -4.07 -84.22
CA GLU F 111 -38.75 -3.02 -84.26
C GLU F 111 -38.46 -2.50 -82.86
N ALA F 112 -39.50 -2.42 -82.02
CA ALA F 112 -39.31 -1.93 -80.65
C ALA F 112 -38.39 -2.84 -79.85
N VAL F 113 -38.51 -4.15 -80.04
CA VAL F 113 -37.67 -5.10 -79.29
C VAL F 113 -36.21 -4.89 -79.64
N VAL F 114 -35.90 -4.82 -80.95
CA VAL F 114 -34.53 -4.63 -81.39
C VAL F 114 -34.00 -3.27 -80.91
N ARG F 115 -34.83 -2.24 -81.02
CA ARG F 115 -34.45 -0.91 -80.56
C ARG F 115 -34.07 -0.93 -79.08
N ALA F 116 -34.94 -1.50 -78.25
CA ALA F 116 -34.67 -1.53 -76.82
C ALA F 116 -33.43 -2.35 -76.51
N LYS F 117 -33.26 -3.49 -77.17
CA LYS F 117 -32.09 -4.33 -76.92
C LYS F 117 -30.80 -3.61 -77.26
N LYS F 118 -30.74 -2.98 -78.43
CA LYS F 118 -29.53 -2.29 -78.84
C LYS F 118 -29.23 -1.09 -77.95
N LEU F 119 -30.27 -0.32 -77.60
CA LEU F 119 -30.04 0.82 -76.72
C LEU F 119 -29.57 0.38 -75.34
N MET F 120 -30.15 -0.70 -74.81
CA MET F 120 -29.72 -1.21 -73.52
C MET F 120 -28.28 -1.70 -73.57
N LYS F 121 -27.89 -2.36 -74.66
CA LYS F 121 -26.52 -2.82 -74.78
C LYS F 121 -25.54 -1.65 -74.85
N ILE F 122 -25.90 -0.60 -75.59
CA ILE F 122 -25.05 0.59 -75.65
C ILE F 122 -24.92 1.21 -74.26
N ARG F 123 -26.04 1.32 -73.54
CA ARG F 123 -26.01 1.94 -72.22
C ARG F 123 -25.15 1.13 -71.25
N THR F 124 -25.28 -0.20 -71.27
CA THR F 124 -24.48 -1.01 -70.36
C THR F 124 -23.01 -1.02 -70.75
N LYS F 125 -22.71 -0.91 -72.05
CA LYS F 125 -21.33 -0.76 -72.48
C LYS F 125 -20.71 0.51 -71.91
N PHE F 126 -21.44 1.62 -72.02
CA PHE F 126 -20.94 2.86 -71.45
C PHE F 126 -20.83 2.77 -69.93
N ASP F 127 -21.77 2.09 -69.28
CA ASP F 127 -21.72 1.94 -67.83
C ASP F 127 -20.48 1.17 -67.40
N ILE F 128 -20.18 0.06 -68.07
CA ILE F 128 -19.04 -0.75 -67.64
C ILE F 128 -17.73 -0.03 -67.95
N THR F 129 -17.64 0.68 -69.09
CA THR F 129 -16.40 1.41 -69.34
C THR F 129 -16.24 2.57 -68.38
N ARG F 130 -17.34 3.21 -67.97
CA ARG F 130 -17.25 4.27 -66.96
C ARG F 130 -16.79 3.71 -65.62
N GLU F 131 -17.29 2.53 -65.24
CA GLU F 131 -16.83 1.89 -64.01
C GLU F 131 -15.35 1.57 -64.07
N PHE F 132 -14.89 1.06 -65.22
CA PHE F 132 -13.47 0.77 -65.37
C PHE F 132 -12.63 2.04 -65.25
N LEU F 133 -13.10 3.13 -65.87
CA LEU F 133 -12.36 4.39 -65.78
C LEU F 133 -12.33 4.92 -64.36
N PHE F 134 -13.44 4.79 -63.63
CA PHE F 134 -13.45 5.23 -62.24
C PHE F 134 -12.47 4.43 -61.40
N MET F 135 -12.43 3.12 -61.60
CA MET F 135 -11.47 2.29 -60.87
C MET F 135 -10.03 2.67 -61.24
N GLN F 136 -9.80 2.98 -62.52
CA GLN F 136 -8.47 3.44 -62.92
C GLN F 136 -8.10 4.75 -62.23
N ALA F 137 -9.05 5.68 -62.14
CA ALA F 137 -8.79 6.97 -61.50
C ALA F 137 -8.52 6.80 -60.01
N LEU F 138 -9.17 5.82 -59.38
CA LEU F 138 -8.90 5.55 -57.97
C LEU F 138 -7.50 5.03 -57.73
N LYS F 139 -6.79 4.61 -58.78
CA LYS F 139 -5.42 4.15 -58.68
C LYS F 139 -4.40 5.25 -58.99
N GLY F 140 -4.85 6.48 -59.21
CA GLY F 140 -3.95 7.57 -59.53
C GLY F 140 -3.77 7.82 -61.01
N LYS F 141 -3.32 6.80 -61.75
CA LYS F 141 -3.10 6.96 -63.19
C LYS F 141 -4.39 6.63 -63.94
N VAL F 142 -4.83 7.56 -64.78
CA VAL F 142 -6.03 7.38 -65.59
C VAL F 142 -5.56 6.87 -66.95
N ILE F 143 -5.70 5.57 -67.17
CA ILE F 143 -5.20 4.92 -68.38
C ILE F 143 -6.38 4.37 -69.17
N ASP F 144 -6.19 4.30 -70.48
CA ASP F 144 -7.17 3.78 -71.41
C ASP F 144 -7.31 2.26 -71.24
N ALA F 145 -8.37 1.71 -71.82
CA ALA F 145 -8.45 0.27 -72.00
C ALA F 145 -7.41 -0.22 -72.98
N ASN F 146 -7.09 0.60 -74.00
CA ASN F 146 -6.02 0.27 -74.93
C ASN F 146 -4.65 0.49 -74.32
N GLY F 147 -4.56 1.18 -73.19
CA GLY F 147 -3.30 1.36 -72.49
C GLY F 147 -2.63 2.69 -72.68
N VAL F 148 -3.26 3.65 -73.34
CA VAL F 148 -2.66 4.97 -73.53
C VAL F 148 -2.91 5.82 -72.29
N LEU F 149 -1.95 6.68 -71.95
CA LEU F 149 -2.02 7.46 -70.73
C LEU F 149 -2.74 8.77 -70.97
N TYR F 150 -3.61 9.15 -70.04
CA TYR F 150 -4.36 10.40 -70.13
C TYR F 150 -4.13 11.34 -68.97
N ALA F 151 -3.76 10.82 -67.80
CA ALA F 151 -3.55 11.68 -66.63
C ALA F 151 -2.70 10.92 -65.62
N ASP F 152 -1.57 11.50 -65.24
CA ASP F 152 -0.70 10.98 -64.19
C ASP F 152 -0.76 11.97 -63.04
N LEU F 153 -1.68 11.73 -62.10
CA LEU F 153 -1.93 12.69 -61.04
C LEU F 153 -0.71 12.85 -60.13
N TYR F 154 0.03 11.77 -59.89
CA TYR F 154 1.19 11.86 -59.01
C TYR F 154 2.26 12.76 -59.59
N LYS F 155 2.50 12.68 -60.91
CA LYS F 155 3.41 13.61 -61.55
C LYS F 155 2.77 14.98 -61.73
N GLN F 156 1.45 15.03 -61.93
CA GLN F 156 0.77 16.31 -62.11
C GLN F 156 0.83 17.15 -60.84
N PHE F 157 0.60 16.54 -59.69
CA PHE F 157 0.63 17.24 -58.41
C PHE F 157 1.98 17.15 -57.72
N ASP F 158 2.96 16.48 -58.33
CA ASP F 158 4.32 16.36 -57.80
C ASP F 158 4.32 15.74 -56.40
N VAL F 159 3.64 14.62 -56.26
CA VAL F 159 3.65 13.85 -55.03
C VAL F 159 4.23 12.47 -55.31
N THR F 160 4.52 11.74 -54.24
CA THR F 160 5.11 10.40 -54.34
C THR F 160 4.07 9.37 -53.94
N LYS F 161 3.95 8.32 -54.75
CA LYS F 161 2.99 7.26 -54.45
C LYS F 161 3.36 6.56 -53.16
N LYS F 162 2.35 6.29 -52.33
CA LYS F 162 2.54 5.60 -51.06
C LYS F 162 2.09 4.15 -51.20
N THR F 163 2.91 3.25 -50.66
CA THR F 163 2.59 1.82 -50.66
C THR F 163 2.85 1.27 -49.27
N ILE F 164 1.92 0.47 -48.77
CA ILE F 164 2.05 -0.18 -47.48
C ILE F 164 2.22 -1.68 -47.72
N TYR F 165 3.35 -2.23 -47.29
CA TYR F 165 3.67 -3.64 -47.48
C TYR F 165 3.29 -4.38 -46.20
N PHE F 166 2.14 -5.07 -46.25
CA PHE F 166 1.64 -5.75 -45.05
C PHE F 166 2.49 -6.95 -44.68
N ASP F 167 3.19 -7.56 -45.63
CA ASP F 167 4.05 -8.73 -45.38
C ASP F 167 3.25 -9.84 -44.71
N LEU F 168 2.10 -10.16 -45.30
CA LEU F 168 1.20 -11.16 -44.71
C LEU F 168 1.80 -12.55 -44.71
N ASP F 169 2.86 -12.79 -45.49
CA ASP F 169 3.51 -14.09 -45.50
C ASP F 169 4.44 -14.30 -44.31
N ASN F 170 4.70 -13.26 -43.52
CA ASN F 170 5.57 -13.39 -42.36
C ASN F 170 4.71 -13.45 -41.10
N PRO F 171 4.67 -14.58 -40.41
CA PRO F 171 3.73 -14.72 -39.28
C PRO F 171 3.96 -13.72 -38.15
N ASN F 172 5.19 -13.26 -37.93
CA ASN F 172 5.46 -12.28 -36.89
C ASN F 172 5.38 -10.85 -37.40
N SER F 173 4.61 -10.63 -38.46
CA SER F 173 4.42 -9.29 -39.00
C SER F 173 3.61 -8.45 -38.03
N ASP F 174 3.55 -7.14 -38.30
CA ASP F 174 2.86 -6.18 -37.43
C ASP F 174 1.73 -5.56 -38.23
N ILE F 175 0.56 -6.19 -38.21
CA ILE F 175 -0.59 -5.67 -38.93
C ILE F 175 -1.05 -4.36 -38.31
N ASP F 176 -1.03 -4.27 -36.98
CA ASP F 176 -1.42 -3.04 -36.31
C ASP F 176 -0.52 -1.89 -36.70
N ALA F 177 0.79 -2.13 -36.81
CA ALA F 177 1.72 -1.09 -37.21
C ALA F 177 1.41 -0.61 -38.62
N HIS F 178 1.09 -1.52 -39.54
CA HIS F 178 0.79 -1.12 -40.91
C HIS F 178 -0.52 -0.34 -40.98
N ILE F 179 -1.52 -0.74 -40.22
CA ILE F 179 -2.77 0.01 -40.18
C ILE F 179 -2.53 1.40 -39.60
N GLU F 180 -1.68 1.50 -38.57
CA GLU F 180 -1.37 2.80 -38.00
C GLU F 180 -0.63 3.67 -38.99
N ASP F 181 0.29 3.10 -39.77
CA ASP F 181 0.98 3.87 -40.80
C ASP F 181 0.00 4.34 -41.87
N LEU F 182 -0.97 3.49 -42.24
CA LEU F 182 -1.99 3.89 -43.19
C LEU F 182 -2.80 5.07 -42.67
N ARG F 183 -3.23 4.98 -41.41
CA ARG F 183 -3.98 6.09 -40.82
C ARG F 183 -3.15 7.35 -40.73
N MET F 184 -1.87 7.22 -40.37
CA MET F 184 -0.99 8.37 -40.27
C MET F 184 -0.79 9.04 -41.62
N HIS F 185 -0.64 8.24 -42.68
CA HIS F 185 -0.51 8.82 -44.01
C HIS F 185 -1.79 9.53 -44.42
N MET F 186 -2.96 8.94 -44.14
CA MET F 186 -4.20 9.58 -44.52
C MET F 186 -4.45 10.86 -43.74
N GLU F 187 -3.98 10.92 -42.49
CA GLU F 187 -4.23 12.10 -41.66
C GLU F 187 -3.23 13.21 -41.94
N ASP F 188 -1.94 12.90 -41.89
CA ASP F 188 -0.92 13.94 -42.00
C ASP F 188 -0.81 14.48 -43.43
N GLU F 189 -0.81 13.59 -44.42
CA GLU F 189 -0.59 14.03 -45.80
C GLU F 189 -1.75 14.82 -46.36
N ALA F 190 -2.96 14.66 -45.82
CA ALA F 190 -4.12 15.45 -46.23
C ALA F 190 -3.99 16.82 -45.58
N LYS F 191 -3.61 17.82 -46.37
CA LYS F 191 -3.35 19.16 -45.86
C LYS F 191 -4.54 20.09 -46.04
N THR F 192 -5.75 19.56 -45.83
CA THR F 192 -6.96 20.38 -45.96
C THR F 192 -7.09 21.38 -44.82
N GLY F 193 -6.29 21.26 -43.77
CA GLY F 193 -6.33 22.21 -42.68
C GLY F 193 -7.48 22.03 -41.72
N THR F 194 -8.20 20.92 -41.80
CA THR F 194 -9.32 20.63 -40.91
C THR F 194 -9.04 19.34 -40.14
N VAL F 195 -9.90 19.06 -39.16
CA VAL F 195 -9.80 17.84 -38.39
C VAL F 195 -10.14 16.65 -39.29
N ILE F 196 -9.30 15.63 -39.27
CA ILE F 196 -9.42 14.50 -40.18
C ILE F 196 -9.42 13.21 -39.37
N ASN F 197 -10.21 12.24 -39.84
CA ASN F 197 -10.35 10.94 -39.20
C ASN F 197 -9.66 9.90 -40.06
N GLY F 198 -8.71 9.17 -39.47
CA GLY F 198 -7.97 8.17 -40.23
C GLY F 198 -8.76 6.92 -40.57
N GLU F 199 -9.75 6.57 -39.76
CA GLU F 199 -10.55 5.37 -39.99
C GLU F 199 -11.78 5.67 -40.83
N GLU F 200 -11.58 6.32 -41.97
CA GLU F 200 -12.65 6.64 -42.91
C GLU F 200 -12.20 6.33 -44.33
N ILE F 201 -11.62 5.14 -44.52
CA ILE F 201 -11.04 4.75 -45.79
C ILE F 201 -11.77 3.53 -46.32
N HIS F 202 -11.82 3.40 -47.65
CA HIS F 202 -12.26 2.19 -48.30
C HIS F 202 -11.01 1.38 -48.68
N ILE F 203 -10.86 0.20 -48.10
CA ILE F 203 -9.74 -0.68 -48.42
C ILE F 203 -10.30 -1.78 -49.32
N VAL F 204 -10.21 -1.56 -50.62
CA VAL F 204 -10.71 -2.51 -51.61
C VAL F 204 -9.55 -3.40 -52.03
N VAL F 205 -9.69 -4.70 -51.80
CA VAL F 205 -8.62 -5.67 -52.03
C VAL F 205 -9.15 -6.79 -52.93
N ASP F 206 -8.23 -7.59 -53.44
CA ASP F 206 -8.56 -8.72 -54.29
C ASP F 206 -8.63 -10.00 -53.47
N ARG F 207 -8.84 -11.12 -54.16
CA ARG F 207 -9.03 -12.39 -53.47
C ARG F 207 -7.76 -12.86 -52.78
N THR F 208 -6.60 -12.68 -53.42
CA THR F 208 -5.35 -13.16 -52.85
C THR F 208 -5.02 -12.42 -51.55
N PHE F 209 -5.05 -11.09 -51.59
CA PHE F 209 -4.75 -10.31 -50.40
C PHE F 209 -5.73 -10.61 -49.28
N PHE F 210 -7.03 -10.70 -49.62
CA PHE F 210 -8.04 -10.99 -48.60
C PHE F 210 -7.81 -12.35 -47.96
N SER F 211 -7.55 -13.37 -48.79
CA SER F 211 -7.34 -14.72 -48.27
C SER F 211 -6.09 -14.79 -47.39
N LYS F 212 -5.02 -14.09 -47.80
CA LYS F 212 -3.81 -14.11 -46.99
C LYS F 212 -4.00 -13.32 -45.69
N LEU F 213 -4.77 -12.24 -45.72
CA LEU F 213 -5.02 -11.46 -44.51
C LEU F 213 -5.93 -12.19 -43.53
N ILE F 214 -6.87 -12.98 -44.03
CA ILE F 214 -7.84 -13.63 -43.16
C ILE F 214 -7.15 -14.57 -42.18
N LYS F 215 -6.21 -15.37 -42.67
CA LYS F 215 -5.60 -16.43 -41.88
C LYS F 215 -4.24 -16.04 -41.29
N HIS F 216 -3.94 -14.75 -41.20
CA HIS F 216 -2.68 -14.34 -40.62
C HIS F 216 -2.66 -14.68 -39.12
N PRO F 217 -1.52 -15.20 -38.62
CA PRO F 217 -1.49 -15.61 -37.21
C PRO F 217 -1.81 -14.49 -36.23
N LYS F 218 -1.38 -13.26 -36.51
CA LYS F 218 -1.64 -12.15 -35.60
C LYS F 218 -3.12 -11.82 -35.50
N ILE F 219 -3.91 -12.15 -36.50
CA ILE F 219 -5.33 -11.82 -36.55
C ILE F 219 -6.19 -13.02 -36.17
N ARG F 220 -5.95 -14.16 -36.82
CA ARG F 220 -6.77 -15.34 -36.58
C ARG F 220 -6.64 -15.82 -35.14
N ASP F 221 -5.42 -15.84 -34.61
CA ASP F 221 -5.23 -16.25 -33.22
C ASP F 221 -5.92 -15.29 -32.25
N ALA F 222 -5.82 -13.99 -32.52
CA ALA F 222 -6.45 -13.01 -31.65
C ALA F 222 -7.97 -13.14 -31.67
N TYR F 223 -8.55 -13.41 -32.84
CA TYR F 223 -10.01 -13.58 -32.91
C TYR F 223 -10.45 -14.90 -32.32
N LEU F 224 -9.64 -15.96 -32.46
CA LEU F 224 -9.96 -17.24 -31.84
C LEU F 224 -9.93 -17.13 -30.32
N ALA F 225 -8.94 -16.43 -29.77
CA ALA F 225 -8.87 -16.26 -28.33
C ALA F 225 -9.98 -15.35 -27.82
N GLN F 226 -10.44 -14.41 -28.65
CA GLN F 226 -11.47 -13.46 -28.26
C GLN F 226 -12.78 -14.22 -28.07
N GLN F 227 -13.18 -14.43 -26.83
CA GLN F 227 -14.34 -15.24 -26.50
C GLN F 227 -15.53 -14.34 -26.17
N THR F 228 -16.72 -14.86 -26.45
CA THR F 228 -18.01 -14.18 -26.30
C THR F 228 -18.02 -12.77 -26.88
N PRO F 229 -17.53 -12.55 -28.11
CA PRO F 229 -17.63 -11.20 -28.71
C PRO F 229 -18.79 -11.04 -29.70
N LEU F 230 -19.55 -12.10 -29.98
CA LEU F 230 -20.49 -12.17 -31.09
C LEU F 230 -19.81 -12.06 -32.44
N ALA F 231 -18.48 -12.01 -32.46
CA ALA F 231 -17.70 -11.96 -33.69
C ALA F 231 -17.13 -13.33 -34.05
N TRP F 232 -17.83 -14.41 -33.67
CA TRP F 232 -17.49 -15.73 -34.16
C TRP F 232 -17.79 -15.87 -35.64
N GLN F 233 -18.57 -14.94 -36.20
CA GLN F 233 -18.89 -15.00 -37.63
C GLN F 233 -17.64 -14.86 -38.48
N GLN F 234 -16.70 -14.01 -38.07
CA GLN F 234 -15.49 -13.80 -38.85
C GLN F 234 -14.56 -15.00 -38.84
N ILE F 235 -14.78 -15.96 -37.94
CA ILE F 235 -13.98 -17.19 -37.89
C ILE F 235 -14.76 -18.39 -38.39
N THR F 236 -15.98 -18.57 -37.89
CA THR F 236 -16.83 -19.70 -38.24
C THR F 236 -17.89 -19.36 -39.28
N GLY F 237 -18.59 -18.23 -39.10
CA GLY F 237 -19.65 -17.86 -40.00
C GLY F 237 -19.13 -17.38 -41.35
N SER F 238 -20.08 -16.98 -42.18
CA SER F 238 -19.74 -16.50 -43.51
C SER F 238 -19.26 -15.06 -43.46
N LEU F 239 -18.27 -14.74 -44.28
CA LEU F 239 -17.76 -13.37 -44.40
C LEU F 239 -18.57 -12.53 -45.38
N ARG F 240 -19.54 -13.13 -46.07
CA ARG F 240 -20.42 -12.40 -46.98
C ARG F 240 -21.46 -11.65 -46.17
N THR F 241 -21.00 -10.63 -45.46
CA THR F 241 -21.80 -9.93 -44.47
C THR F 241 -22.33 -8.59 -44.95
N GLY F 242 -22.17 -8.27 -46.22
CA GLY F 242 -22.73 -7.03 -46.74
C GLY F 242 -22.14 -6.67 -48.08
N GLY F 243 -22.71 -5.63 -48.66
CA GLY F 243 -22.27 -5.13 -49.95
C GLY F 243 -22.80 -5.95 -51.10
N THR F 244 -22.67 -5.38 -52.31
CA THR F 244 -23.08 -6.08 -53.52
C THR F 244 -22.47 -5.39 -54.73
N ASP F 245 -21.81 -6.15 -55.58
CA ASP F 245 -21.47 -5.69 -56.92
C ASP F 245 -22.57 -6.13 -57.87
N GLY F 246 -22.31 -6.04 -59.18
CA GLY F 246 -23.35 -6.35 -60.15
C GLY F 246 -23.78 -7.81 -60.13
N VAL F 247 -22.83 -8.73 -59.94
CA VAL F 247 -23.10 -10.15 -60.12
C VAL F 247 -23.20 -10.93 -58.81
N GLN F 248 -22.82 -10.34 -57.69
CA GLN F 248 -22.70 -11.07 -56.43
C GLN F 248 -23.55 -10.40 -55.37
N ALA F 249 -24.36 -11.20 -54.67
CA ALA F 249 -25.32 -10.65 -53.72
C ALA F 249 -24.64 -10.03 -52.51
N HIS F 250 -23.63 -10.71 -51.96
CA HIS F 250 -22.96 -10.25 -50.76
C HIS F 250 -21.46 -10.34 -50.97
N MET F 251 -20.76 -9.26 -50.67
CA MET F 251 -19.32 -9.18 -50.92
C MET F 251 -18.54 -9.42 -49.63
N ASN F 252 -17.38 -10.06 -49.79
CA ASN F 252 -16.53 -10.37 -48.65
C ASN F 252 -16.05 -9.09 -47.97
N ARG F 253 -16.09 -9.08 -46.64
CA ARG F 253 -15.56 -7.97 -45.88
C ARG F 253 -15.12 -8.46 -44.50
N PHE F 254 -14.06 -7.84 -43.98
CA PHE F 254 -13.45 -8.25 -42.73
C PHE F 254 -13.19 -7.02 -41.87
N TYR F 255 -13.35 -7.19 -40.56
CA TYR F 255 -13.14 -6.11 -39.60
C TYR F 255 -11.94 -6.43 -38.72
N TYR F 256 -10.99 -5.50 -38.65
CA TYR F 256 -9.85 -5.64 -37.77
C TYR F 256 -9.16 -4.29 -37.61
N GLY F 257 -8.86 -3.92 -36.37
CA GLY F 257 -8.13 -2.70 -36.11
C GLY F 257 -8.89 -1.43 -36.41
N GLY F 258 -10.22 -1.47 -36.43
CA GLY F 258 -11.03 -0.31 -36.72
C GLY F 258 -11.25 -0.02 -38.19
N VAL F 259 -10.63 -0.78 -39.08
CA VAL F 259 -10.79 -0.59 -40.51
C VAL F 259 -11.45 -1.83 -41.10
N VAL F 260 -12.00 -1.67 -42.30
CA VAL F 260 -12.73 -2.74 -42.98
C VAL F 260 -12.00 -3.06 -44.28
N PHE F 261 -11.67 -4.33 -44.47
CA PHE F 261 -11.10 -4.82 -45.72
C PHE F 261 -12.21 -5.46 -46.53
N VAL F 262 -12.40 -4.98 -47.76
CA VAL F 262 -13.48 -5.44 -48.63
C VAL F 262 -12.85 -6.06 -49.87
N GLN F 263 -13.32 -7.25 -50.24
CA GLN F 263 -12.83 -7.94 -51.42
C GLN F 263 -13.70 -7.60 -52.62
N TYR F 264 -13.08 -7.17 -53.71
CA TYR F 264 -13.77 -6.79 -54.92
C TYR F 264 -13.20 -7.56 -56.10
N ASN F 265 -14.10 -8.23 -56.81
CA ASN F 265 -13.71 -9.24 -57.79
C ASN F 265 -13.91 -8.78 -59.22
N GLY F 266 -14.18 -7.54 -59.48
CA GLY F 266 -14.46 -7.01 -60.80
C GLY F 266 -13.38 -7.27 -61.76
N LYS F 267 -13.72 -7.41 -63.03
CA LYS F 267 -12.77 -7.72 -64.08
C LYS F 267 -13.62 -7.48 -65.26
N PHE F 268 -13.12 -7.13 -66.42
CA PHE F 268 -13.95 -6.76 -67.58
C PHE F 268 -13.13 -7.13 -68.72
N LYS F 269 -13.68 -7.41 -69.87
CA LYS F 269 -12.92 -7.96 -70.99
C LYS F 269 -12.60 -6.85 -72.00
N ASP F 270 -12.09 -7.24 -73.16
CA ASP F 270 -11.70 -6.30 -74.20
C ASP F 270 -11.82 -6.97 -75.56
N LYS F 271 -11.79 -6.15 -76.61
CA LYS F 271 -11.89 -6.69 -77.97
C LYS F 271 -10.70 -7.56 -78.32
N ARG F 272 -9.51 -7.18 -77.86
CA ARG F 272 -8.32 -8.00 -78.07
C ARG F 272 -8.35 -9.27 -77.22
N GLY F 273 -9.30 -9.39 -76.29
CA GLY F 273 -9.43 -10.56 -75.46
C GLY F 273 -8.76 -10.45 -74.11
N LYS F 274 -7.94 -9.44 -73.88
CA LYS F 274 -7.25 -9.29 -72.61
C LYS F 274 -8.23 -8.81 -71.54
N THR F 275 -8.25 -9.50 -70.41
CA THR F 275 -9.11 -9.13 -69.28
C THR F 275 -8.42 -8.08 -68.44
N HIS F 276 -9.20 -7.12 -67.94
CA HIS F 276 -8.68 -6.03 -67.12
C HIS F 276 -9.20 -6.19 -65.70
N THR F 277 -8.34 -6.67 -64.80
CA THR F 277 -8.71 -6.82 -63.40
C THR F 277 -8.77 -5.44 -62.75
N LEU F 278 -9.91 -5.14 -62.13
CA LEU F 278 -10.10 -3.81 -61.54
C LEU F 278 -9.17 -3.57 -60.37
N VAL F 279 -9.06 -4.55 -59.48
CA VAL F 279 -8.20 -4.44 -58.30
C VAL F 279 -6.87 -5.11 -58.66
N SER F 280 -5.95 -4.31 -59.19
CA SER F 280 -4.64 -4.82 -59.56
C SER F 280 -3.67 -3.65 -59.67
N ILE F 281 -2.43 -3.88 -59.26
CA ILE F 281 -1.37 -2.90 -59.40
C ILE F 281 -0.60 -3.19 -60.68
N ASP F 282 -0.45 -2.19 -61.54
CA ASP F 282 0.26 -2.38 -62.78
C ASP F 282 1.75 -2.59 -62.52
N GLY F 283 2.33 -3.56 -63.21
CA GLY F 283 3.73 -3.88 -63.08
C GLY F 283 4.04 -5.11 -62.26
N VAL F 284 3.09 -5.60 -61.47
CA VAL F 284 3.26 -6.82 -60.68
C VAL F 284 2.25 -7.84 -61.14
N SER F 285 2.74 -8.99 -61.60
CA SER F 285 1.90 -10.11 -62.04
C SER F 285 2.43 -11.37 -61.36
N ASP F 286 1.92 -11.63 -60.15
CA ASP F 286 2.33 -12.80 -59.39
C ASP F 286 1.13 -13.38 -58.68
N THR F 287 1.01 -14.71 -58.70
CA THR F 287 -0.13 -15.36 -58.05
C THR F 287 -0.01 -15.29 -56.53
N ASN F 288 1.21 -15.14 -56.01
CA ASN F 288 1.45 -15.12 -54.58
C ASN F 288 1.44 -13.72 -53.98
N VAL F 289 1.10 -12.70 -54.76
CA VAL F 289 1.08 -11.33 -54.29
C VAL F 289 -0.34 -10.79 -54.41
N GLY F 290 -0.89 -10.33 -53.30
CA GLY F 290 -2.21 -9.71 -53.28
C GLY F 290 -2.07 -8.20 -53.20
N VAL F 291 -2.94 -7.49 -53.93
CA VAL F 291 -2.87 -6.05 -54.05
C VAL F 291 -4.23 -5.45 -53.74
N GLY F 292 -4.22 -4.37 -52.98
CA GLY F 292 -5.44 -3.66 -52.66
C GLY F 292 -5.19 -2.16 -52.62
N HIS F 293 -6.27 -1.39 -52.76
CA HIS F 293 -6.18 0.07 -52.79
C HIS F 293 -7.00 0.66 -51.65
N ALA F 294 -6.40 1.62 -50.94
CA ALA F 294 -7.08 2.33 -49.87
C ALA F 294 -7.26 3.79 -50.26
N PHE F 295 -8.50 4.27 -50.19
CA PHE F 295 -8.84 5.64 -50.54
C PHE F 295 -9.90 6.16 -49.58
N PRO F 296 -9.94 7.48 -49.36
CA PRO F 296 -10.93 8.03 -48.43
C PRO F 296 -12.35 7.89 -48.95
N ASN F 297 -13.29 7.83 -48.01
CA ASN F 297 -14.71 7.81 -48.34
C ASN F 297 -15.25 9.24 -48.35
N VAL F 298 -16.58 9.37 -48.40
CA VAL F 298 -17.21 10.70 -48.45
C VAL F 298 -17.34 11.35 -47.08
N ALA F 299 -17.05 10.62 -46.00
CA ALA F 299 -17.24 11.14 -44.66
C ALA F 299 -15.99 11.76 -44.06
N MET F 300 -14.81 11.44 -44.60
CA MET F 300 -13.57 11.98 -44.04
C MET F 300 -13.49 13.49 -44.20
N LEU F 301 -13.84 14.00 -45.38
CA LEU F 301 -13.69 15.42 -45.68
C LEU F 301 -15.00 16.13 -45.97
N GLY F 302 -16.07 15.42 -46.29
CA GLY F 302 -17.36 16.04 -46.46
C GLY F 302 -17.55 16.67 -47.82
N GLU F 303 -18.71 17.32 -47.97
CA GLU F 303 -19.04 18.00 -49.21
C GLU F 303 -18.18 19.23 -49.45
N ALA F 304 -17.52 19.74 -48.41
CA ALA F 304 -16.69 20.94 -48.55
C ALA F 304 -15.39 20.67 -49.28
N ASN F 305 -14.97 19.42 -49.30
CA ASN F 305 -13.67 19.11 -49.90
C ASN F 305 -13.65 17.77 -50.62
N ASN F 306 -14.64 17.38 -51.40
CA ASN F 306 -14.49 16.14 -52.17
C ASN F 306 -13.19 16.22 -52.94
N ILE F 307 -12.52 15.09 -53.17
CA ILE F 307 -11.22 15.08 -53.83
C ILE F 307 -11.49 14.47 -55.18
N PHE F 308 -12.72 14.06 -55.42
CA PHE F 308 -12.98 13.24 -56.60
C PHE F 308 -13.96 13.85 -57.42
N GLU F 309 -13.66 14.13 -58.67
CA GLU F 309 -14.54 14.83 -59.59
C GLU F 309 -14.48 14.17 -60.96
N VAL F 310 -15.53 14.39 -61.74
CA VAL F 310 -15.58 13.99 -63.14
C VAL F 310 -15.94 15.21 -63.96
N ALA F 311 -15.12 15.51 -64.96
CA ALA F 311 -15.36 16.62 -65.86
C ALA F 311 -16.04 16.12 -67.12
N TYR F 312 -16.94 16.94 -67.67
CA TYR F 312 -17.70 16.59 -68.86
C TYR F 312 -17.62 17.72 -69.85
N ALA F 313 -17.42 17.37 -71.13
CA ALA F 313 -17.29 18.34 -72.20
C ALA F 313 -18.25 17.99 -73.33
N PRO F 314 -18.67 18.98 -74.11
CA PRO F 314 -19.65 18.70 -75.17
C PRO F 314 -19.05 17.90 -76.31
N CYS F 315 -19.92 17.14 -76.98
CA CYS F 315 -19.54 16.41 -78.18
C CYS F 315 -19.41 17.37 -79.36
N PRO F 316 -18.63 17.00 -80.38
CA PRO F 316 -18.51 17.88 -81.55
C PRO F 316 -19.78 17.86 -82.39
N LYS F 317 -20.57 18.93 -82.28
CA LYS F 317 -21.83 19.03 -82.99
C LYS F 317 -22.14 20.51 -83.20
N MET F 318 -23.02 20.78 -84.15
CA MET F 318 -23.39 22.17 -84.43
C MET F 318 -24.11 22.80 -83.26
N GLY F 319 -25.04 22.07 -82.63
CA GLY F 319 -25.78 22.61 -81.51
C GLY F 319 -25.09 22.49 -80.17
N TYR F 320 -24.02 21.71 -80.08
CA TYR F 320 -23.30 21.48 -78.83
C TYR F 320 -21.88 21.99 -79.01
N ALA F 321 -21.68 23.28 -78.74
CA ALA F 321 -20.35 23.88 -78.83
C ALA F 321 -20.26 24.97 -77.76
N ASN F 322 -19.20 24.94 -76.98
CA ASN F 322 -19.02 25.84 -75.84
C ASN F 322 -20.21 25.76 -74.89
N THR F 323 -20.72 24.54 -74.69
CA THR F 323 -21.86 24.29 -73.83
C THR F 323 -21.51 23.21 -72.83
N LEU F 324 -22.28 23.16 -71.74
CA LEU F 324 -22.01 22.21 -70.67
C LEU F 324 -22.16 20.78 -71.18
N GLY F 325 -21.17 19.94 -70.87
CA GLY F 325 -21.22 18.55 -71.26
C GLY F 325 -22.10 17.72 -70.34
N GLN F 326 -22.35 16.50 -70.77
CA GLN F 326 -23.31 15.64 -70.12
C GLN F 326 -22.83 14.23 -70.17
N GLU F 327 -23.27 13.39 -69.29
CA GLU F 327 -22.68 12.05 -69.21
C GLU F 327 -22.72 11.35 -70.55
N LEU F 328 -23.81 11.40 -71.30
CA LEU F 328 -23.90 10.60 -72.53
C LEU F 328 -24.66 11.44 -73.51
N TYR F 329 -24.40 11.24 -74.77
CA TYR F 329 -24.96 11.97 -75.91
C TYR F 329 -25.53 10.94 -76.88
N VAL F 330 -26.79 10.57 -76.68
CA VAL F 330 -27.47 9.62 -77.56
C VAL F 330 -28.17 10.41 -78.66
N PHE F 331 -27.84 10.10 -79.90
CA PHE F 331 -28.34 10.84 -81.07
C PHE F 331 -29.13 9.91 -81.96
N GLU F 332 -30.27 10.40 -82.45
CA GLU F 332 -31.10 9.65 -83.38
C GLU F 332 -30.93 10.22 -84.78
N TYR F 333 -30.63 9.35 -85.74
CA TYR F 333 -30.48 9.74 -87.12
C TYR F 333 -31.27 8.80 -88.01
N GLU F 334 -31.82 9.33 -89.09
CA GLU F 334 -32.65 8.58 -90.02
C GLU F 334 -31.89 8.39 -91.33
N LYS F 335 -31.81 7.15 -91.79
CA LYS F 335 -31.17 6.88 -93.06
C LYS F 335 -31.99 7.43 -94.21
N ASP F 336 -31.33 7.64 -95.34
CA ASP F 336 -31.97 8.26 -96.49
C ASP F 336 -33.06 7.35 -97.06
N ARG F 337 -34.18 7.96 -97.45
CA ARG F 337 -35.28 7.27 -98.13
C ARG F 337 -35.80 6.09 -97.30
N ASP F 338 -35.95 6.33 -95.99
CA ASP F 338 -36.54 5.36 -95.07
C ASP F 338 -35.83 4.01 -95.13
N GLU F 339 -34.50 4.05 -95.21
CA GLU F 339 -33.71 2.83 -95.28
C GLU F 339 -33.41 2.24 -93.92
N GLY F 340 -33.66 2.96 -92.84
CA GLY F 340 -33.41 2.46 -91.51
C GLY F 340 -33.09 3.59 -90.56
N ILE F 341 -32.57 3.21 -89.39
CA ILE F 341 -32.22 4.13 -88.32
C ILE F 341 -30.82 3.80 -87.83
N ASP F 342 -30.00 4.83 -87.64
CA ASP F 342 -28.66 4.67 -87.09
C ASP F 342 -28.49 5.57 -85.88
N PHE F 343 -27.74 5.09 -84.89
CA PHE F 343 -27.57 5.78 -83.63
C PHE F 343 -26.12 6.22 -83.44
N GLU F 344 -25.95 7.16 -82.50
CA GLU F 344 -24.63 7.61 -82.07
C GLU F 344 -24.69 7.87 -80.57
N ALA F 345 -23.64 7.49 -79.86
CA ALA F 345 -23.55 7.68 -78.42
C ALA F 345 -22.16 8.23 -78.10
N HIS F 346 -22.09 9.48 -77.66
CA HIS F 346 -20.84 10.16 -77.38
C HIS F 346 -20.65 10.35 -75.88
N SER F 347 -19.38 10.52 -75.50
CA SER F 347 -19.02 10.83 -74.13
C SER F 347 -17.63 11.43 -74.11
N TYR F 348 -17.43 12.45 -73.29
CA TYR F 348 -16.16 13.19 -73.22
C TYR F 348 -15.93 13.54 -71.76
N MET F 349 -15.19 12.68 -71.05
CA MET F 349 -15.06 12.83 -69.60
C MET F 349 -13.64 12.49 -69.17
N LEU F 350 -13.34 12.85 -67.92
CA LEU F 350 -12.08 12.48 -67.30
C LEU F 350 -12.23 12.45 -65.78
N PRO F 351 -12.15 11.29 -65.15
CA PRO F 351 -12.11 11.25 -63.68
C PRO F 351 -10.70 11.49 -63.16
N TYR F 352 -10.63 12.21 -62.04
CA TYR F 352 -9.34 12.59 -61.48
C TYR F 352 -9.51 12.80 -59.98
N CYS F 353 -8.36 12.84 -59.29
CA CYS F 353 -8.31 13.10 -57.86
C CYS F 353 -7.41 14.31 -57.62
N THR F 354 -7.92 15.29 -56.86
CA THR F 354 -7.18 16.51 -56.61
C THR F 354 -6.14 16.38 -55.51
N ARG F 355 -6.18 15.30 -54.72
CA ARG F 355 -5.19 15.02 -53.69
C ARG F 355 -4.73 13.57 -53.86
N PRO F 356 -3.89 13.31 -54.86
CA PRO F 356 -3.46 11.92 -55.13
C PRO F 356 -2.67 11.29 -54.00
N GLN F 357 -2.13 12.08 -53.06
CA GLN F 357 -1.40 11.52 -51.93
C GLN F 357 -2.29 10.72 -51.00
N LEU F 358 -3.60 10.83 -51.12
CA LEU F 358 -4.54 10.05 -50.32
C LEU F 358 -4.90 8.72 -50.96
N LEU F 359 -4.46 8.47 -52.19
CA LEU F 359 -4.68 7.20 -52.88
C LEU F 359 -3.45 6.33 -52.64
N VAL F 360 -3.58 5.36 -51.75
CA VAL F 360 -2.49 4.48 -51.36
C VAL F 360 -2.90 3.04 -51.61
N ASP F 361 -2.02 2.26 -52.24
CA ASP F 361 -2.27 0.85 -52.49
C ASP F 361 -1.51 0.01 -51.47
N VAL F 362 -2.09 -1.12 -51.10
CA VAL F 362 -1.51 -2.03 -50.13
C VAL F 362 -1.14 -3.33 -50.83
N ARG F 363 -0.08 -3.96 -50.34
CA ARG F 363 0.44 -5.19 -50.93
C ARG F 363 0.67 -6.23 -49.83
N SER F 364 0.58 -7.49 -50.23
CA SER F 364 0.70 -8.62 -49.29
C SER F 364 2.09 -9.25 -49.33
N ASP F 365 3.13 -8.46 -49.60
CA ASP F 365 4.49 -8.97 -49.61
C ASP F 365 5.39 -8.00 -48.85
N ALA F 366 6.61 -8.44 -48.57
CA ALA F 366 7.55 -7.63 -47.82
C ALA F 366 8.03 -6.44 -48.64
N GLU F 367 8.50 -5.41 -47.93
CA GLU F 367 9.04 -4.22 -48.55
C GLU F 367 10.21 -4.55 -49.47
N LEU G 2 -7.72 -57.19 102.48
CA LEU G 2 -6.68 -57.56 101.49
C LEU G 2 -5.69 -58.57 101.98
N THR G 3 -4.79 -59.02 101.14
CA THR G 3 -3.94 -60.16 101.51
C THR G 3 -2.73 -59.68 102.14
N ASN G 4 -2.21 -60.43 103.05
CA ASN G 4 -1.08 -60.13 103.92
C ASN G 4 0.14 -59.70 103.11
N SER G 5 1.21 -59.41 103.84
CA SER G 5 2.48 -58.98 103.26
C SER G 5 3.44 -60.13 103.05
N GLU G 6 3.22 -61.32 103.59
CA GLU G 6 4.18 -62.40 103.31
C GLU G 6 3.52 -63.76 103.22
N LYS G 7 2.60 -64.16 104.10
CA LYS G 7 1.84 -65.44 104.04
C LYS G 7 1.01 -65.16 102.90
N SER G 8 0.80 -63.94 102.95
CA SER G 8 0.30 -63.55 101.70
C SER G 8 -0.86 -64.41 101.42
N ARG G 9 -0.71 -65.14 100.39
CA ARG G 9 -1.92 -65.71 99.92
C ARG G 9 -2.79 -66.20 101.05
N PHE G 10 -2.31 -66.32 102.29
CA PHE G 10 -3.24 -67.06 103.15
C PHE G 10 -3.62 -66.31 104.41
N PHE G 11 -3.16 -65.07 104.58
CA PHE G 11 -3.51 -64.25 105.73
C PHE G 11 -4.04 -62.91 105.23
N LEU G 12 -4.66 -62.16 106.13
CA LEU G 12 -5.33 -60.91 105.77
C LEU G 12 -4.74 -59.73 106.53
N ALA G 13 -4.72 -58.58 105.85
CA ALA G 13 -4.30 -57.33 106.46
C ALA G 13 -5.35 -56.26 106.21
N ASP G 14 -5.05 -55.01 106.52
CA ASP G 14 -5.99 -53.91 106.35
C ASP G 14 -5.38 -52.87 105.41
N LEU G 15 -6.13 -52.49 104.38
CA LEU G 15 -5.70 -51.47 103.42
C LEU G 15 -6.35 -50.15 103.79
N THR G 16 -5.61 -49.18 104.28
CA THR G 16 -6.21 -47.97 104.82
C THR G 16 -6.25 -46.81 103.85
N GLY G 17 -5.65 -46.85 102.66
CA GLY G 17 -5.80 -45.77 101.68
C GLY G 17 -4.60 -45.43 100.86
N GLU G 18 -4.63 -44.33 100.12
CA GLU G 18 -3.51 -43.84 99.30
C GLU G 18 -3.09 -42.49 99.80
N VAL G 19 -1.83 -42.13 99.65
CA VAL G 19 -1.38 -40.76 99.96
C VAL G 19 -0.69 -40.22 98.68
N GLN G 20 -1.33 -39.35 97.91
CA GLN G 20 -0.78 -38.81 96.67
C GLN G 20 0.11 -37.61 96.96
N SER G 21 1.02 -37.33 96.03
CA SER G 21 1.97 -36.22 96.13
C SER G 21 1.96 -35.47 94.80
N ILE G 22 1.08 -34.47 94.69
CA ILE G 22 0.96 -33.66 93.48
C ILE G 22 2.13 -32.68 93.41
N PRO G 23 2.79 -32.55 92.27
CA PRO G 23 3.90 -31.60 92.16
C PRO G 23 3.41 -30.16 92.21
N ASN G 24 4.35 -29.26 92.56
CA ASN G 24 4.02 -27.86 92.72
C ASN G 24 4.01 -27.14 91.37
N THR G 25 2.99 -26.31 91.15
CA THR G 25 2.86 -25.51 89.95
C THR G 25 2.58 -24.07 90.33
N TYR G 26 3.18 -23.14 89.58
CA TYR G 26 3.03 -21.71 89.83
C TYR G 26 2.37 -21.05 88.64
N GLY G 27 1.49 -20.08 88.91
CA GLY G 27 0.77 -19.41 87.84
C GLY G 27 0.59 -17.91 88.03
N TYR G 28 1.54 -17.26 88.69
CA TYR G 28 1.40 -15.83 88.98
C TYR G 28 1.46 -14.99 87.71
N ILE G 29 2.48 -15.22 86.88
CA ILE G 29 2.66 -14.39 85.70
C ILE G 29 1.51 -14.55 84.72
N SER G 30 1.10 -15.80 84.45
CA SER G 30 -0.04 -16.02 83.56
C SER G 30 -1.33 -15.47 84.16
N GLY G 31 -1.47 -15.56 85.48
CA GLY G 31 -2.64 -15.01 86.13
C GLY G 31 -2.68 -13.49 86.13
N LEU G 32 -1.53 -12.84 85.96
CA LEU G 32 -1.52 -11.38 85.87
C LEU G 32 -2.26 -10.89 84.64
N GLY G 33 -2.27 -11.67 83.56
CA GLY G 33 -2.98 -11.29 82.35
C GLY G 33 -2.42 -10.09 81.64
N LEU G 34 -1.10 -9.98 81.54
CA LEU G 34 -0.48 -8.84 80.88
C LEU G 34 -0.53 -8.95 79.36
N PHE G 35 -0.44 -10.16 78.82
CA PHE G 35 -0.31 -10.37 77.38
C PHE G 35 -1.69 -10.43 76.74
N ARG G 36 -1.90 -9.61 75.72
CA ARG G 36 -3.18 -9.60 75.01
C ARG G 36 -3.09 -10.47 73.76
N SER G 37 -4.08 -11.33 73.57
CA SER G 37 -4.06 -12.30 72.49
C SER G 37 -4.23 -11.61 71.13
N ALA G 38 -3.43 -12.04 70.17
CA ALA G 38 -3.51 -11.53 68.80
C ALA G 38 -3.28 -12.66 67.81
N PRO G 39 -4.31 -13.37 67.38
CA PRO G 39 -4.12 -14.51 66.49
C PRO G 39 -3.87 -14.09 65.04
N GLN G 40 -2.93 -14.78 64.41
CA GLN G 40 -2.56 -14.54 63.03
C GLN G 40 -2.93 -15.73 62.16
N THR G 41 -3.12 -15.46 60.87
CA THR G 41 -3.41 -16.49 59.89
C THR G 41 -2.19 -16.96 59.13
N GLN G 42 -1.10 -16.21 59.15
CA GLN G 42 0.14 -16.57 58.50
C GLN G 42 1.15 -17.08 59.52
N THR G 43 2.25 -17.62 59.01
CA THR G 43 3.31 -18.12 59.88
C THR G 43 4.31 -17.05 60.28
N THR G 44 4.19 -15.84 59.73
CA THR G 44 5.09 -14.75 60.07
C THR G 44 4.32 -13.43 59.95
N PHE G 45 4.62 -12.49 60.84
CA PHE G 45 3.98 -11.19 60.84
C PHE G 45 5.04 -10.09 60.96
N LEU G 46 4.65 -8.89 60.56
CA LEU G 46 5.58 -7.77 60.42
C LEU G 46 5.10 -6.59 61.26
N MET G 47 6.06 -5.76 61.67
CA MET G 47 5.79 -4.50 62.36
C MET G 47 6.34 -3.33 61.54
N ASP G 48 6.16 -2.13 62.06
CA ASP G 48 6.54 -0.92 61.34
C ASP G 48 7.00 0.12 62.35
N LEU G 49 8.31 0.22 62.55
CA LEU G 49 8.85 1.18 63.49
C LEU G 49 9.07 2.53 62.82
N THR G 50 8.79 3.60 63.56
CA THR G 50 8.99 4.95 63.03
C THR G 50 9.22 5.91 64.20
N ASP G 51 10.01 6.95 63.96
CA ASP G 51 10.33 7.92 64.98
C ASP G 51 10.82 9.21 64.34
N TRP G 52 10.77 10.29 65.13
CA TRP G 52 11.31 11.58 64.72
C TRP G 52 11.94 12.23 65.95
N ASP G 53 12.52 13.42 65.74
CA ASP G 53 13.20 14.13 66.81
C ASP G 53 13.05 15.63 66.59
N ILE G 54 13.19 16.39 67.68
CA ILE G 54 13.05 17.84 67.66
C ILE G 54 14.34 18.46 68.17
N SER G 55 14.53 19.74 67.85
CA SER G 55 15.74 20.45 68.23
C SER G 55 15.38 21.90 68.56
N LEU G 56 16.30 22.57 69.24
CA LEU G 56 16.11 23.96 69.63
C LEU G 56 16.30 24.87 68.42
N LEU G 57 15.88 26.12 68.58
CA LEU G 57 15.87 27.10 67.50
C LEU G 57 16.80 28.26 67.85
N ASP G 58 17.68 28.62 66.93
CA ASP G 58 18.64 29.69 67.15
C ASP G 58 18.13 30.99 66.52
N ALA G 59 18.30 32.09 67.25
CA ALA G 59 17.89 33.39 66.75
C ALA G 59 18.81 33.84 65.61
N VAL G 60 18.21 34.51 64.62
CA VAL G 60 18.94 35.02 63.47
C VAL G 60 18.66 36.51 63.34
N ASP G 61 19.41 37.16 62.46
CA ASP G 61 19.20 38.57 62.21
C ASP G 61 17.88 38.80 61.47
N ARG G 62 17.38 40.03 61.55
CA ARG G 62 16.11 40.37 60.93
C ARG G 62 16.27 40.96 59.53
N THR G 63 17.22 41.89 59.37
CA THR G 63 17.46 42.49 58.07
C THR G 63 17.92 41.44 57.06
N SER G 64 18.83 40.56 57.48
CA SER G 64 19.19 39.41 56.67
C SER G 64 18.15 38.32 56.89
N ARG G 65 17.52 37.87 55.80
CA ARG G 65 16.38 36.97 55.92
C ARG G 65 16.83 35.53 56.11
N LYS G 66 17.69 35.27 57.09
CA LYS G 66 18.18 33.93 57.33
C LYS G 66 17.15 33.13 58.14
N ALA G 67 17.23 31.80 58.00
CA ALA G 67 16.30 30.91 58.68
C ALA G 67 16.97 29.54 58.83
N GLU G 68 16.18 28.54 59.19
CA GLU G 68 16.70 27.19 59.37
C GLU G 68 15.55 26.20 59.20
N THR G 69 15.89 24.93 59.01
CA THR G 69 14.91 23.89 58.69
C THR G 69 15.02 22.74 59.71
N SER G 70 14.23 21.71 59.50
CA SER G 70 14.16 20.55 60.38
C SER G 70 14.31 19.27 59.58
N ALA G 71 14.91 18.26 60.21
CA ALA G 71 15.17 17.00 59.53
C ALA G 71 13.90 16.15 59.45
N PRO G 72 13.83 15.25 58.48
CA PRO G 72 12.65 14.38 58.33
C PRO G 72 12.67 13.24 59.34
N GLU G 73 11.69 12.35 59.20
CA GLU G 73 11.52 11.24 60.13
C GLU G 73 12.28 10.01 59.62
N ARG G 74 12.02 8.86 60.24
CA ARG G 74 12.72 7.62 59.94
C ARG G 74 11.80 6.44 60.21
N VAL G 75 11.74 5.50 59.28
CA VAL G 75 10.90 4.31 59.43
C VAL G 75 11.72 3.06 59.12
N ARG G 76 11.30 1.93 59.69
CA ARG G 76 11.97 0.65 59.53
C ARG G 76 10.91 -0.45 59.45
N GLN G 77 11.37 -1.70 59.40
CA GLN G 77 10.49 -2.86 59.37
C GLN G 77 11.19 -4.05 60.01
N ILE G 78 10.41 -4.89 60.70
CA ILE G 78 10.92 -6.08 61.37
C ILE G 78 9.94 -7.22 61.17
N SER G 79 10.39 -8.43 61.52
CA SER G 79 9.59 -9.64 61.37
C SER G 79 9.75 -10.52 62.60
N PHE G 80 8.76 -11.40 62.82
CA PHE G 80 8.74 -12.28 63.97
C PHE G 80 8.34 -13.69 63.55
N PRO G 81 9.12 -14.70 63.91
CA PRO G 81 8.65 -16.09 63.80
C PRO G 81 8.02 -16.53 65.12
N MET G 82 7.35 -17.68 65.07
CA MET G 82 6.66 -18.22 66.24
C MET G 82 7.17 -19.62 66.55
N MET G 83 6.78 -20.11 67.73
CA MET G 83 7.22 -21.41 68.24
C MET G 83 6.10 -22.42 68.10
N TYR G 84 6.45 -23.65 67.74
CA TYR G 84 5.50 -24.73 67.55
C TYR G 84 5.73 -25.82 68.60
N PHE G 85 4.67 -26.24 69.27
CA PHE G 85 4.71 -27.30 70.26
C PHE G 85 3.74 -28.40 69.89
N LYS G 86 4.16 -29.65 70.09
CA LYS G 86 3.34 -30.80 69.79
C LYS G 86 3.50 -31.83 70.88
N GLU G 87 2.38 -32.44 71.29
CA GLU G 87 2.36 -33.47 72.31
C GLU G 87 1.50 -34.62 71.83
N VAL G 88 1.97 -35.86 72.03
CA VAL G 88 1.29 -37.05 71.56
C VAL G 88 1.15 -38.03 72.72
N GLU G 89 0.01 -38.70 72.78
CA GLU G 89 -0.23 -39.74 73.77
C GLU G 89 -1.17 -40.77 73.19
N SER G 90 -1.15 -41.97 73.77
CA SER G 90 -1.98 -43.07 73.32
C SER G 90 -2.42 -43.91 74.50
N ILE G 91 -3.56 -44.57 74.34
CA ILE G 91 -4.12 -45.46 75.37
C ILE G 91 -4.44 -46.79 74.71
N THR G 92 -4.12 -47.88 75.40
CA THR G 92 -4.26 -49.23 74.90
C THR G 92 -4.86 -50.11 75.98
N PRO G 93 -5.50 -51.22 75.61
CA PRO G 93 -6.06 -52.12 76.63
C PRO G 93 -5.02 -52.75 77.54
N ASP G 94 -3.75 -52.77 77.13
CA ASP G 94 -2.73 -53.47 77.90
C ASP G 94 -2.49 -52.83 79.27
N GLU G 95 -2.74 -51.53 79.39
CA GLU G 95 -2.55 -50.83 80.65
C GLU G 95 -3.80 -50.81 81.51
N ILE G 96 -4.88 -51.47 81.07
CA ILE G 96 -6.12 -51.54 81.80
C ILE G 96 -6.44 -52.96 82.26
N GLN G 97 -6.12 -53.95 81.44
CA GLN G 97 -6.49 -55.33 81.73
C GLN G 97 -5.75 -55.85 82.96
N GLY G 98 -6.52 -56.27 83.96
CA GLY G 98 -5.95 -56.89 85.15
C GLY G 98 -5.03 -55.99 85.96
N VAL G 99 -5.36 -54.71 86.08
CA VAL G 99 -4.56 -53.75 86.83
C VAL G 99 -5.40 -53.26 88.00
N ARG G 100 -4.86 -53.40 89.20
CA ARG G 100 -5.58 -52.98 90.39
C ARG G 100 -5.58 -51.47 90.53
N GLN G 101 -6.73 -50.91 90.84
CA GLN G 101 -6.83 -49.47 91.11
C GLN G 101 -6.16 -49.17 92.44
N PRO G 102 -5.16 -48.30 92.48
CA PRO G 102 -4.49 -48.00 93.75
C PRO G 102 -5.47 -47.39 94.75
N GLY G 103 -5.27 -47.71 96.02
CA GLY G 103 -6.18 -47.29 97.07
C GLY G 103 -7.36 -48.20 97.28
N THR G 104 -7.51 -49.26 96.49
CA THR G 104 -8.60 -50.20 96.62
C THR G 104 -8.04 -51.61 96.75
N ALA G 105 -8.86 -52.51 97.29
CA ALA G 105 -8.40 -53.87 97.57
C ALA G 105 -8.41 -54.73 96.31
N ASN G 106 -9.56 -54.84 95.66
CA ASN G 106 -9.72 -55.73 94.51
C ASN G 106 -10.54 -55.04 93.41
N GLU G 107 -10.23 -53.78 93.13
CA GLU G 107 -10.91 -53.01 92.10
C GLU G 107 -9.99 -52.81 90.91
N LEU G 108 -10.56 -52.85 89.71
CA LEU G 108 -9.80 -52.71 88.48
C LEU G 108 -9.93 -51.29 87.93
N THR G 109 -8.91 -50.87 87.18
CA THR G 109 -8.95 -49.56 86.55
C THR G 109 -9.88 -49.57 85.35
N THR G 110 -10.28 -48.37 84.92
CA THR G 110 -11.15 -48.18 83.78
C THR G 110 -10.46 -47.30 82.74
N GLU G 111 -11.05 -47.25 81.55
CA GLU G 111 -10.51 -46.39 80.50
C GLU G 111 -10.70 -44.91 80.82
N ALA G 112 -11.82 -44.58 81.49
CA ALA G 112 -12.13 -43.18 81.75
C ALA G 112 -11.08 -42.52 82.64
N VAL G 113 -10.62 -43.22 83.68
CA VAL G 113 -9.66 -42.63 84.60
C VAL G 113 -8.32 -42.42 83.90
N VAL G 114 -7.90 -43.37 83.06
CA VAL G 114 -6.64 -43.22 82.33
C VAL G 114 -6.74 -42.06 81.36
N ARG G 115 -7.87 -41.96 80.64
CA ARG G 115 -8.07 -40.85 79.72
C ARG G 115 -8.00 -39.52 80.45
N ALA G 116 -8.69 -39.42 81.58
CA ALA G 116 -8.69 -38.18 82.34
C ALA G 116 -7.30 -37.83 82.82
N LYS G 117 -6.55 -38.82 83.32
CA LYS G 117 -5.20 -38.56 83.80
C LYS G 117 -4.31 -38.04 82.68
N LYS G 118 -4.35 -38.70 81.53
CA LYS G 118 -3.48 -38.30 80.42
C LYS G 118 -3.84 -36.90 79.91
N LEU G 119 -5.14 -36.62 79.73
CA LEU G 119 -5.54 -35.31 79.24
C LEU G 119 -5.19 -34.22 80.25
N MET G 120 -5.39 -34.49 81.54
CA MET G 120 -5.05 -33.50 82.55
C MET G 120 -3.56 -33.22 82.58
N LYS G 121 -2.74 -34.27 82.43
CA LYS G 121 -1.30 -34.06 82.41
C LYS G 121 -0.88 -33.25 81.19
N ILE G 122 -1.48 -33.51 80.04
CA ILE G 122 -1.16 -32.74 78.84
C ILE G 122 -1.54 -31.27 79.03
N ARG G 123 -2.73 -31.02 79.58
CA ARG G 123 -3.17 -29.65 79.84
C ARG G 123 -2.23 -28.95 80.81
N THR G 124 -1.82 -29.64 81.88
CA THR G 124 -0.91 -29.05 82.85
C THR G 124 0.44 -28.73 82.22
N LYS G 125 0.95 -29.63 81.37
CA LYS G 125 2.21 -29.37 80.70
C LYS G 125 2.12 -28.13 79.83
N PHE G 126 1.01 -28.00 79.07
CA PHE G 126 0.86 -26.83 78.22
C PHE G 126 0.72 -25.55 79.06
N ASP G 127 0.01 -25.62 80.18
CA ASP G 127 -0.14 -24.44 81.02
C ASP G 127 1.18 -23.99 81.62
N ILE G 128 1.99 -24.93 82.12
CA ILE G 128 3.27 -24.54 82.70
C ILE G 128 4.23 -24.05 81.62
N THR G 129 4.17 -24.63 80.42
CA THR G 129 5.00 -24.12 79.32
C THR G 129 4.58 -22.70 78.95
N ARG G 130 3.27 -22.43 78.92
CA ARG G 130 2.80 -21.09 78.62
C ARG G 130 3.26 -20.09 79.67
N GLU G 131 3.20 -20.47 80.95
CA GLU G 131 3.70 -19.60 82.01
C GLU G 131 5.18 -19.33 81.84
N PHE G 132 5.97 -20.36 81.55
CA PHE G 132 7.41 -20.18 81.37
C PHE G 132 7.70 -19.24 80.20
N LEU G 133 6.97 -19.42 79.09
CA LEU G 133 7.19 -18.57 77.93
C LEU G 133 6.79 -17.12 78.20
N PHE G 134 5.69 -16.92 78.93
CA PHE G 134 5.30 -15.56 79.28
C PHE G 134 6.35 -14.90 80.15
N MET G 135 6.88 -15.62 81.14
CA MET G 135 7.91 -15.04 82.00
C MET G 135 9.17 -14.75 81.21
N GLN G 136 9.53 -15.63 80.27
CA GLN G 136 10.69 -15.37 79.42
C GLN G 136 10.48 -14.13 78.55
N ALA G 137 9.27 -13.97 78.02
CA ALA G 137 8.97 -12.79 77.22
C ALA G 137 9.03 -11.52 78.05
N LEU G 138 8.67 -11.62 79.34
CA LEU G 138 8.81 -10.46 80.23
C LEU G 138 10.27 -10.06 80.43
N LYS G 139 11.21 -10.97 80.15
CA LYS G 139 12.63 -10.68 80.29
C LYS G 139 13.21 -10.00 79.07
N GLY G 140 12.49 -9.95 77.95
CA GLY G 140 12.95 -9.34 76.74
C GLY G 140 13.52 -10.32 75.71
N LYS G 141 13.84 -11.53 76.13
CA LYS G 141 14.35 -12.56 75.23
C LYS G 141 13.51 -13.82 75.38
N VAL G 142 12.98 -14.30 74.26
CA VAL G 142 12.10 -15.47 74.25
C VAL G 142 12.95 -16.68 73.87
N ILE G 143 13.27 -17.51 74.85
CA ILE G 143 14.12 -18.68 74.67
C ILE G 143 13.35 -19.91 75.07
N ASP G 144 13.44 -20.96 74.26
CA ASP G 144 12.76 -22.22 74.54
C ASP G 144 13.38 -22.89 75.77
N ALA G 145 12.71 -23.93 76.26
CA ALA G 145 13.22 -24.70 77.39
C ALA G 145 14.53 -25.38 77.03
N ASN G 146 14.66 -25.88 75.80
CA ASN G 146 15.90 -26.49 75.36
C ASN G 146 17.04 -25.48 75.26
N GLY G 147 16.73 -24.21 75.00
CA GLY G 147 17.73 -23.17 74.89
C GLY G 147 17.82 -22.51 73.53
N VAL G 148 17.05 -22.97 72.54
CA VAL G 148 17.07 -22.33 71.23
C VAL G 148 16.34 -20.99 71.31
N LEU G 149 16.88 -19.99 70.62
CA LEU G 149 16.39 -18.63 70.70
C LEU G 149 15.48 -18.34 69.52
N TYR G 150 14.32 -17.75 69.79
CA TYR G 150 13.35 -17.39 68.77
C TYR G 150 13.21 -15.88 68.58
N ALA G 151 13.08 -15.14 69.67
CA ALA G 151 12.93 -13.68 69.61
C ALA G 151 13.93 -13.03 70.56
N ASP G 152 14.70 -12.07 70.04
CA ASP G 152 15.60 -11.24 70.82
C ASP G 152 15.15 -9.80 70.60
N LEU G 153 14.22 -9.34 71.43
CA LEU G 153 13.56 -8.06 71.18
C LEU G 153 14.52 -6.89 71.28
N TYR G 154 15.53 -7.00 72.15
CA TYR G 154 16.49 -5.90 72.31
C TYR G 154 17.29 -5.67 71.03
N LYS G 155 17.70 -6.75 70.36
CA LYS G 155 18.45 -6.60 69.12
C LYS G 155 17.55 -6.32 67.92
N GLN G 156 16.24 -6.53 68.04
CA GLN G 156 15.33 -6.24 66.94
C GLN G 156 14.83 -4.81 66.96
N PHE G 157 14.47 -4.30 68.13
CA PHE G 157 14.09 -2.90 68.26
C PHE G 157 15.29 -1.99 68.46
N ASP G 158 16.50 -2.55 68.52
CA ASP G 158 17.74 -1.79 68.61
C ASP G 158 17.77 -0.90 69.85
N VAL G 159 17.65 -1.57 71.00
CA VAL G 159 17.74 -0.91 72.30
C VAL G 159 18.62 -1.76 73.22
N THR G 160 19.13 -1.12 74.27
CA THR G 160 19.96 -1.79 75.25
C THR G 160 19.19 -1.99 76.54
N LYS G 161 19.29 -3.19 77.11
CA LYS G 161 18.61 -3.49 78.36
C LYS G 161 19.16 -2.63 79.49
N LYS G 162 18.29 -2.18 80.37
CA LYS G 162 18.67 -1.37 81.52
C LYS G 162 18.72 -2.25 82.76
N THR G 163 19.86 -2.26 83.44
CA THR G 163 20.04 -2.99 84.68
C THR G 163 20.38 -1.99 85.77
N ILE G 164 19.68 -2.07 86.89
CA ILE G 164 19.88 -1.17 88.02
C ILE G 164 20.43 -1.99 89.18
N TYR G 165 21.59 -1.59 89.67
CA TYR G 165 22.33 -2.37 90.67
C TYR G 165 22.00 -1.82 92.06
N PHE G 166 21.05 -2.47 92.73
CA PHE G 166 20.76 -2.16 94.13
C PHE G 166 21.90 -2.70 94.98
N ASP G 167 22.83 -1.83 95.36
CA ASP G 167 24.00 -2.25 96.14
C ASP G 167 23.53 -2.54 97.56
N LEU G 168 22.84 -3.67 97.73
CA LEU G 168 22.18 -4.00 98.98
C LEU G 168 23.14 -4.52 100.04
N ASP G 169 24.40 -4.76 99.70
CA ASP G 169 25.34 -5.31 100.68
C ASP G 169 25.94 -4.22 101.56
N ASN G 170 26.51 -3.18 100.95
CA ASN G 170 27.13 -2.13 101.74
C ASN G 170 26.06 -1.24 102.38
N PRO G 171 26.34 -0.71 103.58
CA PRO G 171 25.34 0.13 104.25
C PRO G 171 25.24 1.54 103.67
N ASN G 172 26.31 2.07 103.08
CA ASN G 172 26.28 3.40 102.49
C ASN G 172 25.77 3.35 101.05
N SER G 173 24.56 2.83 100.88
CA SER G 173 23.96 2.66 99.56
C SER G 173 22.71 3.54 99.46
N ASP G 174 22.61 4.27 98.36
CA ASP G 174 21.47 5.17 98.12
C ASP G 174 20.35 4.37 97.46
N ILE G 175 19.55 3.70 98.29
CA ILE G 175 18.40 2.97 97.77
C ILE G 175 17.38 3.92 97.17
N ASP G 176 17.23 5.10 97.78
CA ASP G 176 16.34 6.12 97.24
C ASP G 176 16.78 6.52 95.83
N ALA G 177 18.08 6.66 95.61
CA ALA G 177 18.58 7.00 94.29
C ALA G 177 18.29 5.89 93.29
N HIS G 178 18.38 4.63 93.72
CA HIS G 178 18.10 3.52 92.81
C HIS G 178 16.62 3.51 92.41
N ILE G 179 15.72 3.68 93.37
CA ILE G 179 14.31 3.76 93.04
C ILE G 179 14.06 4.97 92.14
N GLU G 180 14.73 6.08 92.43
CA GLU G 180 14.49 7.31 91.68
C GLU G 180 14.93 7.19 90.23
N ASP G 181 16.12 6.66 89.97
CA ASP G 181 16.54 6.58 88.57
C ASP G 181 15.89 5.41 87.86
N LEU G 182 15.37 4.41 88.59
CA LEU G 182 14.50 3.42 87.96
C LEU G 182 13.23 4.08 87.45
N ARG G 183 12.61 4.92 88.29
CA ARG G 183 11.44 5.68 87.85
C ARG G 183 11.79 6.61 86.69
N MET G 184 12.96 7.24 86.75
CA MET G 184 13.38 8.14 85.69
C MET G 184 13.54 7.41 84.37
N HIS G 185 14.15 6.22 84.39
CA HIS G 185 14.28 5.43 83.18
C HIS G 185 12.91 5.03 82.63
N MET G 186 12.02 4.56 83.51
CA MET G 186 10.71 4.13 83.03
C MET G 186 9.86 5.30 82.54
N GLU G 187 10.17 6.52 82.98
CA GLU G 187 9.43 7.68 82.49
C GLU G 187 10.04 8.28 81.22
N ASP G 188 11.36 8.19 81.06
CA ASP G 188 12.02 8.84 79.94
C ASP G 188 12.12 7.95 78.71
N GLU G 189 12.38 6.65 78.92
CA GLU G 189 12.62 5.76 77.78
C GLU G 189 11.34 5.23 77.15
N ALA G 190 10.16 5.58 77.69
CA ALA G 190 8.92 5.16 77.07
C ALA G 190 8.75 5.78 75.69
N LYS G 191 8.96 7.10 75.60
CA LYS G 191 8.84 7.84 74.35
C LYS G 191 7.49 7.61 73.67
N THR G 192 6.43 7.58 74.48
CA THR G 192 5.08 7.40 73.96
C THR G 192 4.46 8.71 73.50
N GLY G 193 5.05 9.85 73.87
CA GLY G 193 4.48 11.14 73.57
C GLY G 193 3.52 11.67 74.62
N THR G 194 3.19 10.88 75.63
CA THR G 194 2.31 11.27 76.71
C THR G 194 3.06 11.24 78.03
N VAL G 195 2.48 11.87 79.04
CA VAL G 195 3.09 11.84 80.36
C VAL G 195 3.02 10.42 80.92
N ILE G 196 3.92 10.01 81.82
CA ILE G 196 4.03 8.64 82.41
C ILE G 196 4.07 8.78 83.93
N ASN G 197 3.61 7.84 84.76
CA ASN G 197 3.61 8.07 86.23
C ASN G 197 4.82 7.42 86.78
N GLY G 198 5.44 6.50 86.07
CA GLY G 198 6.77 6.04 86.44
C GLY G 198 6.85 5.08 87.55
N GLU G 199 5.97 5.19 88.51
CA GLU G 199 5.96 4.35 89.71
C GLU G 199 4.83 3.38 89.59
N GLU G 200 4.25 3.24 88.43
CA GLU G 200 3.27 2.21 88.15
C GLU G 200 3.90 0.90 87.72
N ILE G 201 5.16 0.71 87.92
CA ILE G 201 5.87 -0.50 87.51
C ILE G 201 5.52 -1.65 88.45
N HIS G 202 5.81 -2.90 88.08
CA HIS G 202 5.59 -4.09 88.90
C HIS G 202 6.95 -4.65 89.09
N ILE G 203 7.50 -4.78 90.28
CA ILE G 203 8.90 -5.24 90.53
C ILE G 203 8.80 -6.59 91.20
N VAL G 204 9.12 -7.65 90.50
CA VAL G 204 9.08 -9.02 90.99
C VAL G 204 10.52 -9.48 91.19
N VAL G 205 10.83 -9.93 92.41
CA VAL G 205 12.18 -10.29 92.81
C VAL G 205 12.16 -11.68 93.42
N ASP G 206 13.35 -12.21 93.67
CA ASP G 206 13.53 -13.54 94.25
C ASP G 206 13.77 -13.42 95.75
N ARG G 207 14.06 -14.56 96.38
CA ARG G 207 14.22 -14.60 97.83
C ARG G 207 15.43 -13.80 98.29
N THR G 208 16.54 -13.93 97.57
CA THR G 208 17.77 -13.26 98.00
C THR G 208 17.62 -11.74 97.97
N PHE G 209 17.10 -11.20 96.87
CA PHE G 209 16.94 -9.76 96.76
C PHE G 209 15.98 -9.23 97.82
N PHE G 210 14.86 -9.92 98.03
CA PHE G 210 13.88 -9.49 99.02
C PHE G 210 14.48 -9.52 100.42
N SER G 211 15.19 -10.60 100.76
CA SER G 211 15.78 -10.72 102.08
C SER G 211 16.84 -9.65 102.33
N LYS G 212 17.67 -9.37 101.32
CA LYS G 212 18.67 -8.31 101.49
C LYS G 212 18.03 -6.93 101.55
N LEU G 213 16.93 -6.73 100.83
CA LEU G 213 16.30 -5.41 100.79
C LEU G 213 15.59 -5.08 102.10
N ILE G 214 14.84 -6.04 102.65
CA ILE G 214 14.05 -5.74 103.84
C ILE G 214 14.94 -5.46 105.04
N LYS G 215 16.13 -6.06 105.09
CA LYS G 215 17.02 -5.93 106.23
C LYS G 215 18.10 -4.86 106.05
N HIS G 216 18.06 -4.13 104.94
CA HIS G 216 19.08 -3.11 104.69
C HIS G 216 19.03 -2.04 105.78
N PRO G 217 20.17 -1.56 106.26
CA PRO G 217 20.16 -0.58 107.36
C PRO G 217 19.37 0.68 107.06
N LYS G 218 19.45 1.20 105.84
CA LYS G 218 18.70 2.42 105.51
C LYS G 218 17.20 2.17 105.62
N ILE G 219 16.70 1.13 104.95
CA ILE G 219 15.27 0.86 104.93
C ILE G 219 14.77 0.52 106.33
N ARG G 220 15.49 -0.34 107.04
CA ARG G 220 15.05 -0.78 108.36
C ARG G 220 15.09 0.37 109.36
N ASP G 221 16.22 1.07 109.44
CA ASP G 221 16.36 2.15 110.41
C ASP G 221 15.41 3.31 110.11
N ALA G 222 15.09 3.54 108.83
CA ALA G 222 14.11 4.56 108.52
C ALA G 222 12.71 4.16 108.99
N TYR G 223 12.45 2.87 109.14
CA TYR G 223 11.14 2.38 109.57
C TYR G 223 11.06 2.19 111.08
N LEU G 224 11.62 3.13 111.80
CA LEU G 224 11.46 3.27 113.28
C LEU G 224 10.82 4.68 113.45
N ALA G 225 9.54 4.77 113.10
CA ALA G 225 8.69 5.93 113.02
C ALA G 225 7.39 5.28 113.37
N GLN G 226 6.53 5.86 114.16
CA GLN G 226 5.37 5.13 114.68
C GLN G 226 4.19 5.17 113.78
N GLN G 227 4.33 4.65 112.58
CA GLN G 227 3.26 4.72 111.58
C GLN G 227 2.46 3.47 111.76
N THR G 228 1.15 3.63 111.71
CA THR G 228 0.15 2.66 112.02
C THR G 228 0.36 1.50 111.28
N PRO G 229 1.55 1.12 111.37
CA PRO G 229 1.83 -0.22 110.96
C PRO G 229 2.68 -0.31 109.73
N LEU G 230 2.63 0.67 108.88
CA LEU G 230 3.57 0.36 107.82
C LEU G 230 4.85 0.21 108.62
N ALA G 231 5.04 0.84 109.73
CA ALA G 231 6.34 0.64 110.36
C ALA G 231 6.35 -0.56 111.27
N TRP G 232 5.24 -1.00 111.82
CA TRP G 232 5.14 -2.11 112.76
C TRP G 232 5.00 -3.44 112.03
N GLN G 233 4.10 -3.50 111.05
CA GLN G 233 3.96 -4.73 110.26
C GLN G 233 5.19 -4.99 109.40
N GLN G 234 5.86 -3.93 108.93
CA GLN G 234 7.02 -4.12 108.07
C GLN G 234 8.25 -4.53 108.86
N ILE G 235 8.23 -4.39 110.19
CA ILE G 235 9.39 -4.68 111.01
C ILE G 235 9.15 -5.94 111.83
N THR G 236 8.13 -5.93 112.68
CA THR G 236 7.81 -7.05 113.54
C THR G 236 6.48 -7.71 113.17
N GLY G 237 6.04 -7.57 111.91
CA GLY G 237 4.81 -8.16 111.45
C GLY G 237 5.05 -9.34 110.52
N SER G 238 3.96 -9.76 109.87
CA SER G 238 4.00 -10.96 109.03
C SER G 238 4.81 -10.71 107.76
N LEU G 239 4.56 -9.59 107.09
CA LEU G 239 5.17 -9.20 105.82
C LEU G 239 4.77 -10.11 104.66
N ARG G 240 3.93 -11.11 104.90
CA ARG G 240 3.55 -12.07 103.86
C ARG G 240 2.24 -11.72 103.18
N THR G 241 1.66 -10.54 103.48
CA THR G 241 0.42 -10.13 102.83
C THR G 241 0.59 -10.07 101.31
N GLY G 242 -0.28 -10.73 100.58
CA GLY G 242 -0.16 -10.75 99.13
C GLY G 242 -1.16 -11.70 98.51
N GLY G 243 -0.96 -11.94 97.22
CA GLY G 243 -1.82 -12.84 96.46
C GLY G 243 -1.43 -14.29 96.62
N THR G 244 -1.61 -15.05 95.54
CA THR G 244 -1.28 -16.47 95.54
C THR G 244 -0.53 -16.80 94.26
N ASP G 245 0.70 -17.30 94.39
CA ASP G 245 1.45 -17.74 93.22
C ASP G 245 0.95 -19.08 92.72
N GLY G 246 0.43 -19.91 93.62
CA GLY G 246 -0.08 -21.21 93.26
C GLY G 246 0.30 -22.28 94.26
N VAL G 247 1.33 -22.00 95.07
CA VAL G 247 1.82 -22.97 96.05
C VAL G 247 1.61 -22.43 97.45
N GLN G 248 1.70 -21.10 97.61
CA GLN G 248 1.52 -20.46 98.90
C GLN G 248 0.33 -19.52 98.82
N ALA G 249 -0.50 -19.52 99.86
CA ALA G 249 -1.72 -18.73 99.87
C ALA G 249 -1.46 -17.24 100.02
N HIS G 250 -0.27 -16.84 100.43
CA HIS G 250 0.06 -15.43 100.63
C HIS G 250 1.50 -15.19 100.20
N MET G 251 1.70 -14.18 99.36
CA MET G 251 3.01 -13.87 98.81
C MET G 251 3.64 -12.70 99.53
N ASN G 252 4.95 -12.79 99.75
CA ASN G 252 5.68 -11.72 100.41
C ASN G 252 5.68 -10.47 99.54
N ARG G 253 5.43 -9.32 100.16
CA ARG G 253 5.52 -8.05 99.46
C ARG G 253 5.89 -6.95 100.45
N PHE G 254 6.63 -5.95 99.96
CA PHE G 254 7.22 -4.91 100.80
C PHE G 254 6.91 -3.55 100.20
N TYR G 255 6.61 -2.58 101.06
CA TYR G 255 6.31 -1.22 100.63
C TYR G 255 7.40 -0.27 101.08
N TYR G 256 7.98 0.47 100.15
CA TYR G 256 8.94 1.51 100.48
C TYR G 256 9.10 2.46 99.29
N GLY G 257 8.97 3.75 99.57
CA GLY G 257 9.22 4.75 98.54
C GLY G 257 8.19 4.79 97.43
N GLY G 258 6.98 4.31 97.68
CA GLY G 258 5.93 4.32 96.69
C GLY G 258 5.95 3.16 95.72
N VAL G 259 6.90 2.24 95.85
CA VAL G 259 6.96 1.06 95.00
C VAL G 259 6.83 -0.18 95.88
N VAL G 260 6.36 -1.25 95.26
CA VAL G 260 6.09 -2.51 95.96
C VAL G 260 7.00 -3.58 95.40
N PHE G 261 7.71 -4.28 96.28
CA PHE G 261 8.60 -5.38 95.91
C PHE G 261 7.88 -6.68 96.24
N VAL G 262 7.69 -7.52 95.24
CA VAL G 262 6.98 -8.79 95.42
C VAL G 262 7.95 -9.94 95.16
N GLN G 263 7.94 -10.93 96.06
CA GLN G 263 8.80 -12.09 95.95
C GLN G 263 8.04 -13.22 95.26
N TYR G 264 8.64 -13.78 94.21
CA TYR G 264 8.03 -14.85 93.42
C TYR G 264 9.00 -16.01 93.34
N ASN G 265 8.68 -17.09 94.05
CA ASN G 265 9.51 -18.30 94.04
C ASN G 265 8.92 -19.33 93.09
N GLY G 266 9.10 -19.08 91.80
CA GLY G 266 8.56 -19.94 90.75
C GLY G 266 9.66 -20.60 89.97
N LYS G 267 9.50 -21.90 89.73
CA LYS G 267 10.49 -22.66 88.97
C LYS G 267 9.82 -23.89 88.37
N PHE G 268 10.40 -24.38 87.27
CA PHE G 268 9.91 -25.56 86.59
C PHE G 268 11.09 -26.38 86.10
N LYS G 269 10.80 -27.63 85.74
CA LYS G 269 11.81 -28.55 85.23
C LYS G 269 11.48 -28.94 83.80
N ASP G 270 12.53 -29.16 83.01
CA ASP G 270 12.40 -29.59 81.63
C ASP G 270 12.52 -31.11 81.55
N LYS G 271 12.64 -31.63 80.32
CA LYS G 271 12.78 -33.07 80.13
C LYS G 271 14.05 -33.61 80.78
N ARG G 272 15.15 -32.87 80.70
CA ARG G 272 16.44 -33.31 81.20
C ARG G 272 16.65 -32.96 82.67
N GLY G 273 15.62 -32.47 83.35
CA GLY G 273 15.69 -32.27 84.78
C GLY G 273 16.27 -30.94 85.24
N LYS G 274 16.70 -30.08 84.33
CA LYS G 274 17.24 -28.79 84.73
C LYS G 274 16.12 -27.91 85.30
N THR G 275 16.44 -27.16 86.33
CA THR G 275 15.46 -26.29 86.99
C THR G 275 15.51 -24.91 86.34
N HIS G 276 14.36 -24.46 85.85
CA HIS G 276 14.24 -23.15 85.21
C HIS G 276 13.51 -22.22 86.17
N THR G 277 14.27 -21.49 86.98
CA THR G 277 13.68 -20.49 87.87
C THR G 277 13.11 -19.35 87.04
N LEU G 278 11.91 -18.91 87.40
CA LEU G 278 11.24 -17.87 86.62
C LEU G 278 11.86 -16.50 86.85
N VAL G 279 12.35 -16.23 88.05
CA VAL G 279 12.97 -14.96 88.37
C VAL G 279 14.48 -15.20 88.41
N SER G 280 15.13 -14.98 87.28
CA SER G 280 16.57 -15.23 87.16
C SER G 280 17.11 -14.39 86.01
N ILE G 281 18.36 -13.98 86.14
CA ILE G 281 19.04 -13.22 85.08
C ILE G 281 20.06 -14.24 84.64
N ASP G 282 20.10 -14.57 83.38
CA ASP G 282 20.92 -15.65 82.82
C ASP G 282 22.38 -15.28 82.83
N GLY G 283 23.20 -16.09 83.46
CA GLY G 283 24.58 -15.65 83.57
C GLY G 283 24.91 -15.30 84.98
N VAL G 284 23.93 -15.02 85.81
CA VAL G 284 24.18 -14.82 87.26
C VAL G 284 23.88 -16.13 87.99
N SER G 285 24.80 -17.10 88.04
CA SER G 285 24.58 -18.31 88.83
C SER G 285 25.01 -18.16 90.27
N ASP G 286 25.56 -17.01 90.67
CA ASP G 286 25.97 -16.80 92.05
C ASP G 286 24.75 -16.79 92.96
N THR G 287 24.88 -17.48 94.10
CA THR G 287 23.79 -17.53 95.07
C THR G 287 23.71 -16.29 95.95
N ASN G 288 24.78 -15.48 95.98
CA ASN G 288 24.76 -14.25 96.77
C ASN G 288 23.98 -13.14 96.08
N VAL G 289 24.01 -13.10 94.74
CA VAL G 289 23.39 -12.00 94.02
C VAL G 289 21.89 -12.23 93.91
N GLY G 290 21.12 -11.23 94.34
CA GLY G 290 19.67 -11.24 94.15
C GLY G 290 19.32 -10.66 92.80
N VAL G 291 18.23 -11.16 92.23
CA VAL G 291 17.83 -10.81 90.86
C VAL G 291 16.34 -10.54 90.84
N GLY G 292 15.95 -9.43 90.21
CA GLY G 292 14.56 -9.07 90.06
C GLY G 292 14.26 -8.59 88.65
N HIS G 293 12.98 -8.29 88.43
CA HIS G 293 12.54 -7.82 87.11
C HIS G 293 11.44 -6.79 87.34
N ALA G 294 11.58 -5.62 86.72
CA ALA G 294 10.59 -4.56 86.79
C ALA G 294 10.02 -4.29 85.40
N PHE G 295 8.70 -4.27 85.32
CA PHE G 295 7.99 -4.03 84.06
C PHE G 295 6.74 -3.22 84.34
N PRO G 296 6.25 -2.47 83.35
CA PRO G 296 5.04 -1.67 83.57
C PRO G 296 3.80 -2.55 83.71
N ASN G 297 2.78 -1.99 84.35
CA ASN G 297 1.49 -2.63 84.47
C ASN G 297 0.52 -2.01 83.46
N VAL G 298 -0.75 -2.42 83.54
CA VAL G 298 -1.76 -1.89 82.62
C VAL G 298 -2.09 -0.43 82.92
N ALA G 299 -1.78 0.06 84.12
CA ALA G 299 -2.13 1.42 84.48
C ALA G 299 -1.32 2.44 83.69
N MET G 300 -0.01 2.26 83.65
CA MET G 300 0.85 3.17 82.91
C MET G 300 0.82 2.83 81.42
N LEU G 301 0.86 3.87 80.58
CA LEU G 301 0.70 3.84 79.14
C LEU G 301 -0.74 3.55 78.73
N GLY G 302 -1.65 3.36 79.68
CA GLY G 302 -3.03 3.09 79.35
C GLY G 302 -3.25 1.67 78.87
N GLU G 303 -4.51 1.37 78.58
CA GLU G 303 -4.91 0.06 78.09
C GLU G 303 -4.83 -0.06 76.58
N ALA G 304 -5.14 1.01 75.84
CA ALA G 304 -5.06 0.97 74.38
C ALA G 304 -3.62 0.78 73.92
N ASN G 305 -2.67 1.43 74.58
CA ASN G 305 -1.26 1.31 74.22
C ASN G 305 -0.58 0.18 74.97
N ASN G 306 -1.15 -1.02 74.86
CA ASN G 306 -0.56 -2.19 75.50
C ASN G 306 0.70 -2.62 74.74
N ILE G 307 1.76 -2.95 75.46
CA ILE G 307 3.01 -3.33 74.83
C ILE G 307 3.23 -4.83 74.79
N PHE G 308 2.50 -5.61 75.59
CA PHE G 308 2.64 -7.06 75.62
C PHE G 308 1.58 -7.69 74.72
N GLU G 309 2.04 -8.48 73.76
CA GLU G 309 1.16 -9.18 72.84
C GLU G 309 1.64 -10.62 72.68
N VAL G 310 0.72 -11.49 72.31
CA VAL G 310 1.03 -12.89 72.01
C VAL G 310 0.34 -13.27 70.70
N ALA G 311 1.06 -14.01 69.87
CA ALA G 311 0.60 -14.37 68.53
C ALA G 311 0.25 -15.85 68.45
N TYR G 312 -0.69 -16.15 67.56
CA TYR G 312 -1.13 -17.52 67.34
C TYR G 312 -1.24 -17.77 65.85
N ALA G 313 -0.89 -18.99 65.43
CA ALA G 313 -0.90 -19.38 64.03
C ALA G 313 -1.50 -20.78 63.91
N PRO G 314 -2.01 -21.12 62.73
CA PRO G 314 -2.70 -22.42 62.59
C PRO G 314 -1.74 -23.59 62.51
N CYS G 315 -2.30 -24.78 62.73
CA CYS G 315 -1.59 -26.04 62.67
C CYS G 315 -1.58 -26.58 61.23
N PRO G 316 -0.63 -27.45 60.89
CA PRO G 316 -0.55 -27.98 59.51
C PRO G 316 -1.47 -29.17 59.29
N LYS G 317 -2.77 -28.93 59.33
CA LYS G 317 -3.78 -29.94 59.08
C LYS G 317 -4.71 -29.48 57.98
N MET G 318 -5.41 -30.44 57.38
CA MET G 318 -6.35 -30.13 56.31
C MET G 318 -7.52 -29.32 56.85
N GLY G 319 -7.89 -28.27 56.11
CA GLY G 319 -8.96 -27.40 56.51
C GLY G 319 -8.58 -26.31 57.50
N TYR G 320 -7.32 -26.26 57.93
CA TYR G 320 -6.85 -25.26 58.87
C TYR G 320 -5.86 -24.28 58.26
N ALA G 321 -5.51 -24.46 56.98
CA ALA G 321 -4.56 -23.56 56.34
C ALA G 321 -5.18 -22.17 56.16
N ASN G 322 -4.37 -21.15 56.40
CA ASN G 322 -4.78 -19.74 56.29
C ASN G 322 -5.98 -19.42 57.18
N THR G 323 -6.04 -20.01 58.38
CA THR G 323 -7.11 -19.74 59.33
C THR G 323 -6.54 -19.04 60.57
N LEU G 324 -7.43 -18.39 61.30
CA LEU G 324 -7.03 -17.72 62.53
C LEU G 324 -6.67 -18.75 63.59
N GLY G 325 -5.39 -18.83 63.93
CA GLY G 325 -4.90 -19.81 64.88
C GLY G 325 -5.48 -19.68 66.27
N GLN G 326 -5.77 -20.78 66.95
CA GLN G 326 -6.35 -20.80 68.27
C GLN G 326 -5.27 -21.21 69.21
N GLU G 327 -5.53 -21.21 70.50
CA GLU G 327 -4.46 -21.47 71.44
C GLU G 327 -4.04 -22.89 71.42
N LEU G 328 -4.94 -23.86 71.53
CA LEU G 328 -4.55 -25.27 71.62
C LEU G 328 -5.43 -26.04 70.70
N TYR G 329 -4.83 -26.78 69.83
CA TYR G 329 -5.46 -27.73 68.94
C TYR G 329 -5.38 -29.12 69.56
N VAL G 330 -6.53 -29.79 69.68
CA VAL G 330 -6.60 -31.13 70.26
C VAL G 330 -7.17 -32.07 69.21
N PHE G 331 -6.47 -33.17 68.96
CA PHE G 331 -6.86 -34.14 67.94
C PHE G 331 -6.86 -35.53 68.54
N GLU G 332 -7.89 -36.31 68.19
CA GLU G 332 -8.05 -37.67 68.67
C GLU G 332 -8.22 -38.60 67.49
N TYR G 333 -7.45 -39.68 67.47
CA TYR G 333 -7.46 -40.63 66.37
C TYR G 333 -7.59 -42.05 66.91
N GLU G 334 -8.15 -42.93 66.11
CA GLU G 334 -8.40 -44.32 66.49
C GLU G 334 -7.45 -45.23 65.73
N LYS G 335 -6.79 -46.13 66.46
CA LYS G 335 -5.88 -47.07 65.84
C LYS G 335 -6.64 -48.11 65.04
N ASP G 336 -5.89 -48.85 64.23
CA ASP G 336 -6.57 -49.76 63.31
C ASP G 336 -6.88 -51.04 64.02
N ARG G 337 -7.96 -51.69 63.68
CA ARG G 337 -8.22 -53.01 64.24
C ARG G 337 -8.35 -52.77 65.71
N ASP G 338 -9.20 -51.87 66.09
CA ASP G 338 -9.52 -51.71 67.50
C ASP G 338 -8.32 -51.96 68.40
N GLU G 339 -7.27 -51.25 68.26
CA GLU G 339 -6.10 -51.46 69.09
C GLU G 339 -5.83 -50.34 70.08
N GLY G 340 -6.55 -49.23 70.00
CA GLY G 340 -6.35 -48.16 70.96
C GLY G 340 -6.78 -46.82 70.37
N ILE G 341 -6.43 -45.77 71.10
CA ILE G 341 -6.73 -44.39 70.73
C ILE G 341 -5.43 -43.60 70.72
N ASP G 342 -5.38 -42.57 69.88
CA ASP G 342 -4.24 -41.67 69.81
C ASP G 342 -4.70 -40.24 70.02
N PHE G 343 -3.83 -39.43 70.65
CA PHE G 343 -4.13 -38.04 70.92
C PHE G 343 -2.99 -37.16 70.45
N GLU G 344 -3.33 -35.93 70.04
CA GLU G 344 -2.36 -34.95 69.60
C GLU G 344 -2.77 -33.58 70.11
N ALA G 345 -1.81 -32.81 70.60
CA ALA G 345 -2.03 -31.46 71.08
C ALA G 345 -1.04 -30.52 70.41
N HIS G 346 -1.54 -29.40 69.90
CA HIS G 346 -0.75 -28.48 69.11
C HIS G 346 -0.87 -27.06 69.66
N SER G 347 0.20 -26.28 69.47
CA SER G 347 0.19 -24.88 69.82
C SER G 347 1.26 -24.16 69.00
N TYR G 348 0.89 -23.01 68.45
CA TYR G 348 1.78 -22.22 67.61
C TYR G 348 1.75 -20.80 68.17
N MET G 349 2.75 -20.45 68.97
CA MET G 349 2.65 -19.30 69.85
C MET G 349 3.99 -18.58 69.93
N LEU G 350 3.92 -17.27 70.17
CA LEU G 350 5.09 -16.45 70.45
C LEU G 350 4.70 -15.21 71.24
N PRO G 351 5.08 -15.13 72.51
CA PRO G 351 4.86 -13.88 73.26
C PRO G 351 5.99 -12.90 73.05
N TYR G 352 5.63 -11.62 72.97
CA TYR G 352 6.62 -10.59 72.70
C TYR G 352 6.14 -9.26 73.26
N CYS G 353 7.08 -8.32 73.38
CA CYS G 353 6.79 -6.97 73.86
C CYS G 353 7.29 -5.97 72.83
N THR G 354 6.46 -4.97 72.51
CA THR G 354 6.79 -4.02 71.46
C THR G 354 7.65 -2.86 71.94
N ARG G 355 7.84 -2.71 73.25
CA ARG G 355 8.74 -1.70 73.81
C ARG G 355 9.67 -2.39 74.80
N PRO G 356 10.66 -3.14 74.30
CA PRO G 356 11.54 -3.89 75.21
C PRO G 356 12.35 -3.01 76.14
N GLN G 357 12.56 -1.74 75.80
CA GLN G 357 13.34 -0.86 76.66
C GLN G 357 12.67 -0.64 78.02
N LEU G 358 11.35 -0.83 78.10
CA LEU G 358 10.64 -0.76 79.38
C LEU G 358 10.56 -2.13 80.03
N LEU G 359 11.71 -2.79 80.16
CA LEU G 359 11.83 -4.09 80.82
C LEU G 359 13.14 -4.05 81.60
N VAL G 360 13.06 -3.66 82.86
CA VAL G 360 14.24 -3.40 83.68
C VAL G 360 14.42 -4.55 84.66
N ASP G 361 15.64 -5.05 84.75
CA ASP G 361 16.02 -6.06 85.73
C ASP G 361 16.90 -5.44 86.80
N VAL G 362 16.59 -5.73 88.06
CA VAL G 362 17.31 -5.16 89.19
C VAL G 362 18.18 -6.25 89.81
N ARG G 363 19.35 -5.85 90.31
CA ARG G 363 20.31 -6.77 90.90
C ARG G 363 20.70 -6.29 92.29
N SER G 364 21.02 -7.24 93.16
CA SER G 364 21.39 -6.93 94.54
C SER G 364 22.88 -6.71 94.74
N ASP G 365 23.68 -6.80 93.67
CA ASP G 365 25.11 -6.58 93.76
C ASP G 365 25.46 -5.24 93.10
N ALA G 366 26.73 -4.88 93.17
CA ALA G 366 27.23 -3.63 92.61
C ALA G 366 27.81 -3.88 91.22
N GLU G 367 27.87 -2.82 90.42
CA GLU G 367 28.40 -2.91 89.07
C GLU G 367 29.89 -3.23 89.07
N LEU H 2 -2.39 -8.07 54.99
CA LEU H 2 -1.74 -9.06 54.15
C LEU H 2 -0.84 -8.40 53.11
N THR H 3 0.46 -8.57 53.27
CA THR H 3 1.46 -7.99 52.39
C THR H 3 2.41 -9.08 51.91
N ASN H 4 3.32 -8.69 51.00
CA ASN H 4 4.26 -9.64 50.43
C ASN H 4 5.21 -10.17 51.49
N SER H 5 5.67 -11.40 51.29
CA SER H 5 6.61 -12.02 52.23
C SER H 5 7.97 -11.34 52.12
N GLU H 6 8.83 -11.64 53.10
CA GLU H 6 10.11 -10.95 53.20
C GLU H 6 11.01 -11.26 52.02
N LYS H 7 11.07 -12.53 51.59
CA LYS H 7 12.03 -12.94 50.58
C LYS H 7 11.36 -13.65 49.41
N SER H 8 10.05 -13.49 49.24
CA SER H 8 9.35 -14.07 48.11
C SER H 8 8.23 -13.15 47.67
N ARG H 9 8.05 -13.03 46.36
CA ARG H 9 7.00 -12.20 45.79
C ARG H 9 5.71 -12.96 45.53
N PHE H 10 5.67 -14.26 45.84
CA PHE H 10 4.50 -15.08 45.63
C PHE H 10 3.91 -15.63 46.92
N PHE H 11 4.48 -15.29 48.06
CA PHE H 11 3.97 -15.68 49.37
C PHE H 11 3.65 -14.43 50.16
N LEU H 12 2.75 -14.56 51.12
CA LEU H 12 2.23 -13.42 51.86
C LEU H 12 2.63 -13.48 53.34
N ALA H 13 2.50 -12.34 54.00
CA ALA H 13 2.76 -12.21 55.42
C ALA H 13 1.73 -11.23 56.00
N ASP H 14 1.87 -10.90 57.27
CA ASP H 14 0.93 -10.03 57.95
C ASP H 14 1.64 -8.76 58.43
N LEU H 15 0.97 -7.63 58.27
CA LEU H 15 1.43 -6.35 58.82
C LEU H 15 0.62 -6.08 60.08
N THR H 16 1.21 -6.39 61.23
CA THR H 16 0.49 -6.29 62.50
C THR H 16 0.12 -4.85 62.81
N GLY H 17 1.04 -3.92 62.59
CA GLY H 17 0.75 -2.52 62.88
C GLY H 17 2.01 -1.69 62.86
N GLU H 18 1.98 -0.59 63.63
CA GLU H 18 3.04 0.40 63.64
C GLU H 18 3.23 0.94 65.05
N VAL H 19 4.49 1.15 65.43
CA VAL H 19 4.83 1.73 66.72
C VAL H 19 5.53 3.06 66.48
N GLN H 20 5.25 4.04 67.33
CA GLN H 20 5.81 5.38 67.21
C GLN H 20 6.65 5.72 68.43
N SER H 21 7.66 6.57 68.22
CA SER H 21 8.55 7.03 69.28
C SER H 21 8.61 8.55 69.20
N ILE H 22 7.67 9.21 69.87
CA ILE H 22 7.60 10.67 69.86
C ILE H 22 8.60 11.22 70.88
N PRO H 23 9.45 12.17 70.50
CA PRO H 23 10.37 12.75 71.48
C PRO H 23 9.62 13.52 72.55
N ASN H 24 10.24 13.58 73.73
CA ASN H 24 9.60 14.17 74.90
C ASN H 24 10.03 15.62 75.08
N THR H 25 9.05 16.48 75.35
CA THR H 25 9.28 17.91 75.51
C THR H 25 8.86 18.32 76.92
N TYR H 26 9.64 19.22 77.53
CA TYR H 26 9.41 19.67 78.90
C TYR H 26 8.81 21.06 78.86
N GLY H 27 7.49 21.14 79.03
CA GLY H 27 6.85 22.43 79.23
C GLY H 27 6.43 22.64 80.67
N TYR H 28 7.22 23.41 81.42
CA TYR H 28 6.89 23.73 82.81
C TYR H 28 6.89 25.23 83.07
N ILE H 29 7.94 25.94 82.64
CA ILE H 29 8.02 27.38 82.88
C ILE H 29 6.91 28.09 82.13
N SER H 30 6.65 27.71 80.88
CA SER H 30 5.58 28.33 80.11
C SER H 30 4.21 28.01 80.70
N GLY H 31 4.09 26.92 81.47
CA GLY H 31 2.85 26.64 82.15
C GLY H 31 2.59 27.47 83.38
N LEU H 32 3.64 28.03 83.97
CA LEU H 32 3.46 28.87 85.16
C LEU H 32 2.73 30.17 84.83
N GLY H 33 2.89 30.68 83.60
CA GLY H 33 2.23 31.88 83.19
C GLY H 33 2.71 33.13 83.93
N LEU H 34 4.02 33.32 83.98
CA LEU H 34 4.62 34.45 84.67
C LEU H 34 4.74 35.68 83.79
N PHE H 35 5.10 35.50 82.53
CA PHE H 35 5.35 36.62 81.64
C PHE H 35 4.06 37.14 81.05
N ARG H 36 3.92 38.46 80.98
CA ARG H 36 2.73 39.12 80.44
C ARG H 36 3.00 39.60 79.02
N SER H 37 2.05 39.34 78.13
CA SER H 37 2.19 39.74 76.74
C SER H 37 2.10 41.26 76.61
N ALA H 38 3.08 41.84 75.91
CA ALA H 38 3.13 43.28 75.68
C ALA H 38 3.38 43.54 74.20
N PRO H 39 2.35 43.41 73.37
CA PRO H 39 2.53 43.65 71.93
C PRO H 39 3.00 45.08 71.67
N GLN H 40 3.88 45.22 70.68
CA GLN H 40 4.52 46.49 70.39
C GLN H 40 4.46 46.77 68.90
N THR H 41 4.41 48.06 68.55
CA THR H 41 4.39 48.52 67.17
C THR H 41 5.73 49.05 66.71
N GLN H 42 6.78 48.91 67.52
CA GLN H 42 8.10 49.44 67.19
C GLN H 42 9.14 48.34 67.35
N THR H 43 10.36 48.63 66.92
CA THR H 43 11.46 47.68 67.03
C THR H 43 12.21 47.80 68.35
N THR H 44 11.91 48.80 69.18
CA THR H 44 12.55 48.95 70.47
C THR H 44 11.65 49.78 71.37
N PHE H 45 11.89 49.68 72.68
CA PHE H 45 11.13 50.43 73.66
C PHE H 45 12.06 51.03 74.70
N LEU H 46 11.59 52.08 75.35
CA LEU H 46 12.33 52.79 76.38
C LEU H 46 11.55 52.78 77.68
N MET H 47 12.28 52.91 78.80
CA MET H 47 11.68 53.06 80.11
C MET H 47 12.41 54.13 80.89
N ASP H 48 11.71 54.73 81.85
CA ASP H 48 12.25 55.78 82.71
C ASP H 48 12.48 55.21 84.10
N LEU H 49 13.68 55.42 84.63
CA LEU H 49 14.05 54.94 85.97
C LEU H 49 14.16 56.15 86.89
N THR H 50 13.15 56.33 87.74
CA THR H 50 13.12 57.43 88.70
C THR H 50 13.25 56.88 90.10
N ASP H 51 14.17 57.43 90.89
CA ASP H 51 14.37 57.00 92.25
C ASP H 51 14.77 58.19 93.10
N TRP H 52 14.54 58.06 94.41
CA TRP H 52 14.86 59.11 95.35
C TRP H 52 15.33 58.47 96.65
N ASP H 53 16.00 59.28 97.48
CA ASP H 53 16.58 58.79 98.72
C ASP H 53 16.23 59.76 99.85
N ILE H 54 16.22 59.23 101.08
CA ILE H 54 15.89 60.01 102.26
C ILE H 54 16.99 59.81 103.29
N SER H 55 17.10 60.77 104.20
CA SER H 55 18.13 60.75 105.23
C SER H 55 17.46 61.00 106.58
N LEU H 56 18.27 61.19 107.60
CA LEU H 56 17.80 61.33 108.98
C LEU H 56 17.97 62.77 109.42
N LEU H 57 16.94 63.32 110.06
CA LEU H 57 16.94 64.71 110.48
C LEU H 57 18.02 64.96 111.53
N ASP H 58 18.53 66.18 111.56
CA ASP H 58 19.59 66.59 112.46
C ASP H 58 19.10 67.72 113.36
N ALA H 59 19.39 67.60 114.65
CA ALA H 59 18.95 68.60 115.62
C ALA H 59 19.67 69.92 115.38
N VAL H 60 18.93 71.02 115.60
CA VAL H 60 19.44 72.36 115.34
C VAL H 60 19.08 73.25 116.53
N ASP H 61 19.52 74.50 116.66
CA ASP H 61 19.05 75.38 117.79
C ASP H 61 17.84 76.23 117.53
N ARG H 62 17.16 76.72 118.55
CA ARG H 62 15.87 77.40 118.39
C ARG H 62 16.04 78.82 118.03
N THR H 63 17.11 79.45 118.44
CA THR H 63 17.39 80.82 118.06
C THR H 63 18.35 80.91 116.91
N SER H 64 19.26 80.00 116.63
CA SER H 64 20.11 80.23 115.47
C SER H 64 19.32 80.27 114.17
N ARG H 65 18.09 79.76 114.16
CA ARG H 65 17.18 79.75 113.02
C ARG H 65 17.64 78.85 111.88
N LYS H 66 18.72 78.09 112.07
CA LYS H 66 19.24 77.25 111.00
C LYS H 66 18.33 76.05 110.77
N ALA H 67 18.46 75.45 109.58
CA ALA H 67 17.65 74.30 109.21
C ALA H 67 18.43 73.48 108.20
N GLU H 68 17.79 72.43 107.67
CA GLU H 68 18.39 71.59 106.65
C GLU H 68 17.37 71.31 105.56
N THR H 69 17.87 71.05 104.36
CA THR H 69 17.02 70.88 103.17
C THR H 69 17.11 69.43 102.70
N SER H 70 16.48 69.13 101.56
CA SER H 70 16.45 67.79 101.00
C SER H 70 16.98 67.82 99.57
N ALA H 71 17.67 66.74 99.18
CA ALA H 71 18.21 66.64 97.84
C ALA H 71 17.14 66.22 96.85
N PRO H 72 17.31 66.55 95.56
CA PRO H 72 16.31 66.16 94.56
C PRO H 72 16.43 64.70 94.13
N GLU H 73 15.60 64.29 93.17
CA GLU H 73 15.56 62.93 92.69
C GLU H 73 16.59 62.73 91.57
N ARG H 74 16.52 61.59 90.89
CA ARG H 74 17.41 61.29 89.77
C ARG H 74 16.64 60.46 88.77
N VAL H 75 16.62 60.89 87.51
CA VAL H 75 15.87 60.24 86.45
C VAL H 75 16.85 59.75 85.39
N ARG H 76 16.59 58.55 84.86
CA ARG H 76 17.41 57.94 83.82
C ARG H 76 16.51 57.30 82.77
N GLN H 77 17.12 56.90 81.66
CA GLN H 77 16.41 56.28 80.55
C GLN H 77 17.22 55.12 80.01
N ILE H 78 16.53 54.07 79.57
CA ILE H 78 17.16 52.86 79.04
C ILE H 78 16.43 52.42 77.78
N SER H 79 17.08 51.57 77.00
CA SER H 79 16.54 51.04 75.75
C SER H 79 16.67 49.52 75.73
N PHE H 80 15.99 48.90 74.76
CA PHE H 80 15.94 47.44 74.66
C PHE H 80 15.87 46.94 73.23
N PRO H 81 16.80 46.11 72.80
CA PRO H 81 16.67 45.42 71.51
C PRO H 81 16.01 44.06 71.68
N MET H 82 15.43 43.56 70.60
CA MET H 82 14.60 42.36 70.65
C MET H 82 15.21 41.26 69.79
N MET H 83 14.64 40.06 69.91
CA MET H 83 15.15 38.86 69.27
C MET H 83 14.25 38.42 68.13
N TYR H 84 14.83 37.88 67.05
CA TYR H 84 14.10 37.48 65.83
C TYR H 84 14.41 36.09 65.50
N PHE H 85 13.44 35.26 65.12
CA PHE H 85 13.59 33.83 64.80
C PHE H 85 12.80 33.55 63.61
N LYS H 86 13.33 32.87 62.59
CA LYS H 86 12.59 32.46 61.38
C LYS H 86 12.76 30.98 61.10
N GLU H 87 11.77 30.30 60.60
CA GLU H 87 11.79 28.89 60.23
C GLU H 87 11.17 28.75 58.84
N VAL H 88 11.79 27.91 58.00
CA VAL H 88 11.35 27.74 56.62
C VAL H 88 11.14 26.26 56.35
N GLU H 89 10.17 25.95 55.49
CA GLU H 89 9.85 24.59 55.12
C GLU H 89 9.48 24.56 53.64
N SER H 90 9.25 23.35 53.13
CA SER H 90 8.88 23.17 51.73
C SER H 90 8.15 21.84 51.56
N ILE H 91 7.30 21.79 50.53
CA ILE H 91 6.54 20.59 50.18
C ILE H 91 6.81 20.28 48.72
N THR H 92 7.12 19.02 48.42
CA THR H 92 7.48 18.60 47.08
C THR H 92 6.71 17.35 46.70
N PRO H 93 6.25 17.23 45.45
CA PRO H 93 5.50 16.03 45.05
C PRO H 93 6.29 14.74 45.18
N ASP H 94 7.63 14.81 45.20
CA ASP H 94 8.44 13.61 45.36
C ASP H 94 8.23 12.96 46.71
N GLU H 95 7.69 13.69 47.68
CA GLU H 95 7.40 13.15 49.01
C GLU H 95 6.11 12.34 49.05
N ILE H 96 5.26 12.46 48.04
CA ILE H 96 3.94 11.85 48.07
C ILE H 96 3.84 10.76 47.00
N GLN H 97 4.59 10.93 45.91
CA GLN H 97 4.44 10.05 44.75
C GLN H 97 4.95 8.65 45.08
N GLY H 98 4.04 7.69 45.07
CA GLY H 98 4.38 6.29 45.22
C GLY H 98 5.08 5.92 46.51
N VAL H 99 4.67 6.52 47.61
CA VAL H 99 5.26 6.26 48.93
C VAL H 99 4.20 5.61 49.80
N ARG H 100 4.54 4.45 50.37
CA ARG H 100 3.60 3.71 51.20
C ARG H 100 3.41 4.40 52.54
N GLN H 101 2.20 4.38 53.05
CA GLN H 101 1.92 4.91 54.38
C GLN H 101 2.38 3.90 55.43
N PRO H 102 3.29 4.27 56.33
CA PRO H 102 3.74 3.31 57.35
C PRO H 102 2.59 2.80 58.20
N GLY H 103 2.65 1.52 58.54
CA GLY H 103 1.57 0.87 59.26
C GLY H 103 0.45 0.34 58.40
N THR H 104 0.54 0.54 57.08
CA THR H 104 -0.48 0.08 56.15
C THR H 104 0.18 -0.78 55.07
N ALA H 105 -0.61 -1.66 54.47
CA ALA H 105 -0.08 -2.58 53.47
C ALA H 105 0.06 -1.92 52.10
N ASN H 106 -1.03 -1.34 51.60
CA ASN H 106 -1.05 -0.78 50.26
C ASN H 106 -1.79 0.56 50.23
N GLU H 107 -1.51 1.41 51.21
CA GLU H 107 -2.09 2.74 51.28
C GLU H 107 -1.01 3.78 50.99
N LEU H 108 -1.33 4.72 50.11
CA LEU H 108 -0.39 5.78 49.79
C LEU H 108 -0.57 6.97 50.73
N THR H 109 0.52 7.68 50.97
CA THR H 109 0.45 8.88 51.80
C THR H 109 -0.19 10.03 51.03
N THR H 110 -0.84 10.92 51.76
CA THR H 110 -1.53 12.06 51.19
C THR H 110 -0.75 13.32 51.50
N GLU H 111 -0.89 14.33 50.64
CA GLU H 111 -0.21 15.60 50.85
C GLU H 111 -0.67 16.27 52.14
N ALA H 112 -1.94 16.08 52.52
CA ALA H 112 -2.45 16.68 53.73
C ALA H 112 -1.75 16.15 54.98
N VAL H 113 -1.44 14.85 55.00
CA VAL H 113 -0.78 14.26 56.15
C VAL H 113 0.61 14.88 56.33
N VAL H 114 1.36 14.99 55.23
CA VAL H 114 2.70 15.57 55.29
C VAL H 114 2.63 17.03 55.71
N ARG H 115 1.67 17.77 55.15
CA ARG H 115 1.43 19.15 55.58
C ARG H 115 1.22 19.25 57.08
N ALA H 116 0.31 18.43 57.61
CA ALA H 116 0.00 18.50 59.03
C ALA H 116 1.21 18.17 59.87
N LYS H 117 2.00 17.19 59.44
CA LYS H 117 3.21 16.83 60.17
C LYS H 117 4.18 18.01 60.23
N LYS H 118 4.41 18.66 59.08
CA LYS H 118 5.37 19.76 59.05
C LYS H 118 4.92 20.94 59.90
N LEU H 119 3.66 21.35 59.77
CA LEU H 119 3.17 22.45 60.60
C LEU H 119 3.20 22.10 62.09
N MET H 120 2.81 20.87 62.45
CA MET H 120 2.86 20.50 63.85
C MET H 120 4.28 20.54 64.39
N LYS H 121 5.25 20.07 63.60
CA LYS H 121 6.64 20.13 64.03
C LYS H 121 7.10 21.58 64.20
N ILE H 122 6.67 22.47 63.30
CA ILE H 122 7.05 23.88 63.41
C ILE H 122 6.50 24.48 64.70
N ARG H 123 5.23 24.22 65.00
CA ARG H 123 4.65 24.75 66.24
C ARG H 123 5.37 24.20 67.46
N THR H 124 5.70 22.90 67.44
CA THR H 124 6.42 22.31 68.57
C THR H 124 7.79 22.95 68.75
N LYS H 125 8.50 23.19 67.65
CA LYS H 125 9.81 23.83 67.73
C LYS H 125 9.71 25.22 68.33
N PHE H 126 8.72 26.00 67.88
CA PHE H 126 8.57 27.35 68.43
C PHE H 126 8.17 27.31 69.89
N ASP H 127 7.34 26.34 70.29
CA ASP H 127 6.93 26.23 71.69
C ASP H 127 8.13 25.92 72.59
N ILE H 128 8.96 24.95 72.19
CA ILE H 128 10.11 24.61 73.02
C ILE H 128 11.11 25.76 73.04
N THR H 129 11.26 26.48 71.92
CA THR H 129 12.15 27.65 71.92
C THR H 129 11.64 28.74 72.86
N ARG H 130 10.32 28.96 72.87
CA ARG H 130 9.75 29.94 73.78
C ARG H 130 9.96 29.54 75.24
N GLU H 131 9.81 28.23 75.54
CA GLU H 131 10.09 27.76 76.89
C GLU H 131 11.53 28.00 77.29
N PHE H 132 12.47 27.69 76.39
CA PHE H 132 13.89 27.95 76.67
C PHE H 132 14.15 29.42 76.92
N LEU H 133 13.56 30.29 76.08
CA LEU H 133 13.79 31.73 76.22
C LEU H 133 13.21 32.25 77.53
N PHE H 134 12.03 31.76 77.91
CA PHE H 134 11.43 32.17 79.18
C PHE H 134 12.30 31.74 80.36
N MET H 135 12.85 30.52 80.30
CA MET H 135 13.76 30.09 81.36
C MET H 135 14.99 30.96 81.42
N GLN H 136 15.56 31.30 80.27
CA GLN H 136 16.74 32.17 80.25
C GLN H 136 16.41 33.54 80.82
N ALA H 137 15.24 34.09 80.51
CA ALA H 137 14.84 35.37 81.07
C ALA H 137 14.66 35.27 82.59
N LEU H 138 14.12 34.14 83.06
CA LEU H 138 14.01 33.93 84.50
C LEU H 138 15.37 33.87 85.17
N LYS H 139 16.37 33.31 84.48
CA LYS H 139 17.71 33.25 85.05
C LYS H 139 18.29 34.65 85.27
N GLY H 140 18.05 35.57 84.34
CA GLY H 140 18.51 36.93 84.51
C GLY H 140 19.06 37.57 83.25
N LYS H 141 19.65 36.76 82.36
CA LYS H 141 20.19 37.25 81.10
C LYS H 141 19.52 36.51 79.96
N VAL H 142 19.14 37.25 78.93
CA VAL H 142 18.46 36.68 77.76
C VAL H 142 19.55 36.32 76.75
N ILE H 143 19.98 35.07 76.78
CA ILE H 143 21.04 34.57 75.89
C ILE H 143 20.41 33.60 74.90
N ASP H 144 20.70 33.81 73.62
CA ASP H 144 20.19 32.94 72.57
C ASP H 144 20.78 31.53 72.71
N ALA H 145 20.10 30.55 72.11
CA ALA H 145 20.59 29.18 72.13
C ALA H 145 21.97 29.06 71.51
N ASN H 146 22.30 29.94 70.56
CA ASN H 146 23.63 29.97 69.99
C ASN H 146 24.65 30.63 70.91
N GLY H 147 24.20 31.33 71.94
CA GLY H 147 25.07 32.02 72.88
C GLY H 147 25.14 33.52 72.71
N VAL H 148 24.35 34.10 71.80
CA VAL H 148 24.38 35.53 71.58
C VAL H 148 23.60 36.23 72.68
N LEU H 149 24.23 37.24 73.30
CA LEU H 149 23.60 38.00 74.37
C LEU H 149 22.76 39.12 73.76
N TYR H 150 21.49 39.19 74.20
CA TYR H 150 20.58 40.22 73.73
C TYR H 150 20.13 41.19 74.81
N ALA H 151 20.18 40.79 76.07
CA ALA H 151 19.74 41.65 77.16
C ALA H 151 20.40 41.20 78.45
N ASP H 152 21.20 42.08 79.05
CA ASP H 152 21.82 41.85 80.35
C ASP H 152 21.08 42.74 81.34
N LEU H 153 20.09 42.17 82.03
CA LEU H 153 19.22 42.97 82.90
C LEU H 153 19.99 43.54 84.08
N TYR H 154 21.00 42.86 84.52
CA TYR H 154 21.67 43.28 85.76
C TYR H 154 22.49 44.47 85.50
N LYS H 155 23.05 44.63 84.33
CA LYS H 155 23.80 45.85 83.98
C LYS H 155 22.85 46.92 83.44
N GLN H 156 21.71 46.60 82.88
CA GLN H 156 20.75 47.60 82.45
C GLN H 156 20.20 48.27 83.65
N PHE H 157 19.85 47.55 84.65
CA PHE H 157 19.22 48.12 85.85
C PHE H 157 20.23 48.40 86.96
N ASP H 158 21.52 48.18 86.71
CA ASP H 158 22.59 48.55 87.64
C ASP H 158 22.41 47.86 88.99
N VAL H 159 22.25 46.53 88.96
CA VAL H 159 22.20 45.72 90.16
C VAL H 159 23.15 44.54 89.97
N THR H 160 23.48 43.88 91.07
CA THR H 160 24.35 42.73 91.06
C THR H 160 23.58 41.48 91.46
N LYS H 161 23.82 40.39 90.71
CA LYS H 161 23.16 39.13 90.97
C LYS H 161 23.61 38.56 92.31
N LYS H 162 22.68 37.93 93.02
CA LYS H 162 22.95 37.35 94.33
C LYS H 162 23.03 35.83 94.19
N THR H 163 24.15 35.27 94.64
CA THR H 163 24.35 33.83 94.68
C THR H 163 24.35 33.37 96.14
N ILE H 164 23.56 32.36 96.44
CA ILE H 164 23.48 31.78 97.78
C ILE H 164 24.10 30.40 97.74
N TYR H 165 25.23 30.24 98.42
CA TYR H 165 25.96 28.98 98.44
C TYR H 165 25.47 28.18 99.64
N PHE H 166 24.56 27.22 99.38
CA PHE H 166 23.97 26.44 100.45
C PHE H 166 25.02 25.59 101.16
N ASP H 167 26.04 25.13 100.44
CA ASP H 167 27.11 24.31 100.99
C ASP H 167 26.55 23.07 101.70
N LEU H 168 25.83 22.27 100.92
CA LEU H 168 25.16 21.09 101.44
C LEU H 168 26.08 19.89 101.60
N ASP H 169 27.39 20.09 101.51
CA ASP H 169 28.35 19.00 101.67
C ASP H 169 28.85 18.86 103.10
N ASN H 170 29.31 19.96 103.71
CA ASN H 170 29.75 19.80 105.09
C ASN H 170 28.55 19.71 106.02
N PRO H 171 28.58 18.79 106.98
CA PRO H 171 27.43 18.65 107.90
C PRO H 171 27.20 19.88 108.76
N ASN H 172 28.21 20.72 108.97
CA ASN H 172 28.08 21.91 109.80
C ASN H 172 27.77 23.13 108.93
N SER H 173 26.60 23.09 108.28
CA SER H 173 26.13 24.18 107.44
C SER H 173 24.64 24.35 107.74
N ASP H 174 24.29 25.51 108.30
CA ASP H 174 22.90 25.78 108.68
C ASP H 174 22.09 26.19 107.46
N ILE H 175 21.18 25.33 107.04
CA ILE H 175 20.31 25.62 105.90
C ILE H 175 19.39 26.79 106.21
N ASP H 176 18.94 26.90 107.46
CA ASP H 176 18.03 27.98 107.83
C ASP H 176 18.66 29.34 107.62
N ALA H 177 19.98 29.46 107.83
CA ALA H 177 20.66 30.72 107.59
C ALA H 177 20.58 31.12 106.12
N HIS H 178 20.78 30.17 105.22
CA HIS H 178 20.72 30.48 103.79
C HIS H 178 19.30 30.78 103.35
N ILE H 179 18.32 30.07 103.90
CA ILE H 179 16.93 30.37 103.58
C ILE H 179 16.56 31.77 104.06
N GLU H 180 17.01 32.14 105.26
CA GLU H 180 16.77 33.49 105.77
C GLU H 180 17.50 34.53 104.92
N ASP H 181 18.69 34.20 104.43
CA ASP H 181 19.40 35.11 103.54
C ASP H 181 18.60 35.35 102.26
N LEU H 182 18.04 34.30 101.68
CA LEU H 182 17.20 34.45 100.49
C LEU H 182 15.98 35.30 100.80
N ARG H 183 15.32 35.04 101.94
CA ARG H 183 14.14 35.80 102.31
C ARG H 183 14.47 37.27 102.51
N MET H 184 15.58 37.57 103.18
CA MET H 184 15.96 38.95 103.44
C MET H 184 16.35 39.67 102.16
N HIS H 185 17.03 38.97 101.24
CA HIS H 185 17.34 39.59 99.95
C HIS H 185 16.08 39.91 99.18
N MET H 186 15.10 39.00 99.21
CA MET H 186 13.84 39.27 98.53
C MET H 186 13.12 40.46 99.15
N GLU H 187 13.15 40.55 100.48
CA GLU H 187 12.42 41.61 101.17
C GLU H 187 13.08 42.97 101.05
N ASP H 188 14.42 43.02 100.99
CA ASP H 188 15.16 44.27 101.07
C ASP H 188 15.48 44.87 99.71
N GLU H 189 16.02 44.06 98.79
CA GLU H 189 16.54 44.60 97.53
C GLU H 189 15.46 44.96 96.53
N ALA H 190 14.20 44.61 96.79
CA ALA H 190 13.15 44.91 95.83
C ALA H 190 12.96 46.41 95.66
N LYS H 191 12.92 47.14 96.77
CA LYS H 191 12.75 48.60 96.77
C LYS H 191 11.50 49.00 95.97
N THR H 192 10.36 48.47 96.41
CA THR H 192 9.08 48.77 95.78
C THR H 192 8.19 49.66 96.63
N GLY H 193 8.58 49.94 97.88
CA GLY H 193 7.81 50.81 98.73
C GLY H 193 6.65 50.15 99.46
N THR H 194 6.44 48.85 99.28
CA THR H 194 5.37 48.12 99.93
C THR H 194 5.94 46.98 100.75
N VAL H 195 5.13 46.50 101.70
CA VAL H 195 5.52 45.38 102.54
C VAL H 195 5.53 44.11 101.71
N ILE H 196 6.62 43.37 101.78
CA ILE H 196 6.83 42.17 100.96
C ILE H 196 6.93 40.97 101.88
N ASN H 197 6.16 39.92 101.57
CA ASN H 197 6.15 38.73 102.41
C ASN H 197 7.49 38.01 102.38
N GLY H 198 8.09 37.88 101.19
CA GLY H 198 9.37 37.21 101.05
C GLY H 198 9.31 35.71 101.02
N GLU H 199 8.26 35.09 101.58
CA GLU H 199 8.11 33.64 101.50
C GLU H 199 7.49 33.19 100.19
N GLU H 200 6.88 34.09 99.42
CA GLU H 200 6.32 33.76 98.12
C GLU H 200 7.46 33.62 97.12
N ILE H 201 8.03 32.42 97.06
CA ILE H 201 9.24 32.16 96.31
C ILE H 201 9.07 30.83 95.56
N HIS H 202 9.47 30.82 94.29
CA HIS H 202 9.56 29.61 93.50
C HIS H 202 11.01 29.17 93.45
N ILE H 203 11.31 28.01 94.01
CA ILE H 203 12.66 27.45 93.98
C ILE H 203 12.65 26.27 93.00
N VAL H 204 13.38 26.41 91.91
CA VAL H 204 13.48 25.39 90.88
C VAL H 204 14.92 24.92 90.82
N VAL H 205 15.13 23.64 91.18
CA VAL H 205 16.46 23.08 91.31
C VAL H 205 16.58 21.86 90.41
N ASP H 206 17.79 21.34 90.29
CA ASP H 206 18.05 20.17 89.46
C ASP H 206 18.18 18.93 90.36
N ARG H 207 18.52 17.80 89.74
CA ARG H 207 18.58 16.54 90.48
C ARG H 207 19.68 16.56 91.53
N THR H 208 20.85 17.11 91.19
CA THR H 208 21.98 17.08 92.12
C THR H 208 21.67 17.89 93.38
N PHE H 209 21.19 19.12 93.21
CA PHE H 209 20.89 19.96 94.37
C PHE H 209 19.78 19.35 95.22
N PHE H 210 18.73 18.83 94.60
CA PHE H 210 17.64 18.24 95.36
C PHE H 210 18.10 17.02 96.14
N SER H 211 18.87 16.14 95.49
CA SER H 211 19.35 14.93 96.17
C SER H 211 20.29 15.28 97.31
N LYS H 212 21.15 16.28 97.12
CA LYS H 212 22.06 16.67 98.20
C LYS H 212 21.32 17.37 99.33
N LEU H 213 20.26 18.12 99.00
CA LEU H 213 19.52 18.86 100.02
C LEU H 213 18.70 17.92 100.90
N ILE H 214 17.98 16.97 100.29
CA ILE H 214 17.15 16.07 101.07
C ILE H 214 17.98 15.10 101.90
N LYS H 215 19.27 14.96 101.58
CA LYS H 215 20.15 14.03 102.28
C LYS H 215 20.96 14.69 103.38
N HIS H 216 20.82 16.00 103.58
CA HIS H 216 21.62 16.70 104.56
C HIS H 216 21.27 16.24 105.97
N PRO H 217 22.26 15.99 106.84
CA PRO H 217 21.95 15.54 108.20
C PRO H 217 21.09 16.52 108.99
N LYS H 218 21.32 17.83 108.82
CA LYS H 218 20.58 18.82 109.59
C LYS H 218 19.10 18.86 109.23
N ILE H 219 18.70 18.25 108.12
CA ILE H 219 17.31 18.18 107.71
C ILE H 219 16.75 16.79 107.91
N ARG H 220 17.49 15.76 107.49
CA ARG H 220 17.02 14.39 107.66
C ARG H 220 16.87 14.02 109.13
N ASP H 221 17.86 14.40 109.95
CA ASP H 221 17.76 14.11 111.38
C ASP H 221 16.61 14.88 112.02
N ALA H 222 16.41 16.14 111.61
CA ALA H 222 15.31 16.93 112.16
C ALA H 222 13.96 16.32 111.81
N TYR H 223 13.81 15.85 110.57
CA TYR H 223 12.56 15.25 110.15
C TYR H 223 12.38 13.83 110.67
N LEU H 224 13.46 13.17 111.09
CA LEU H 224 13.34 11.80 111.59
C LEU H 224 12.64 11.77 112.94
N ALA H 225 12.85 12.79 113.78
CA ALA H 225 12.30 12.84 115.12
C ALA H 225 11.05 13.69 115.22
N GLN H 226 10.53 14.03 114.10
CA GLN H 226 9.25 14.71 114.15
C GLN H 226 8.30 13.64 113.72
N GLN H 227 7.33 13.32 114.54
CA GLN H 227 6.31 12.32 114.21
C GLN H 227 5.08 12.95 113.59
N THR H 228 5.24 13.59 112.47
CA THR H 228 4.17 14.25 111.78
C THR H 228 4.06 13.61 110.43
N PRO H 229 2.87 13.43 109.92
CA PRO H 229 2.59 12.82 108.60
C PRO H 229 3.49 13.34 107.50
N LEU H 230 3.80 14.65 107.52
CA LEU H 230 4.73 15.19 106.54
C LEU H 230 6.11 14.55 106.68
N ALA H 231 6.60 14.41 107.91
CA ALA H 231 7.89 13.79 108.13
C ALA H 231 7.90 12.33 107.68
N TRP H 232 6.81 11.61 107.96
CA TRP H 232 6.71 10.21 107.53
C TRP H 232 6.73 10.10 106.02
N GLN H 233 5.98 10.96 105.33
CA GLN H 233 5.93 10.89 103.87
C GLN H 233 7.21 11.39 103.23
N GLN H 234 7.97 12.24 103.92
CA GLN H 234 9.21 12.78 103.36
C GLN H 234 10.43 11.95 103.71
N ILE H 235 10.32 11.05 104.68
CA ILE H 235 11.43 10.16 105.03
C ILE H 235 11.24 8.78 104.40
N THR H 236 10.05 8.21 104.54
CA THR H 236 9.71 6.92 103.94
C THR H 236 8.47 7.13 103.09
N GLY H 237 8.66 7.52 101.85
CA GLY H 237 7.55 7.77 100.94
C GLY H 237 8.03 8.51 99.72
N SER H 238 7.16 8.52 98.71
CA SER H 238 7.49 9.17 97.45
C SER H 238 7.45 10.69 97.62
N LEU H 239 8.48 11.36 97.11
CA LEU H 239 8.52 12.81 97.11
C LEU H 239 7.83 13.42 95.89
N ARG H 240 7.31 12.59 94.99
CA ARG H 240 6.58 13.06 93.81
C ARG H 240 5.15 13.41 94.21
N THR H 241 5.04 14.51 94.96
CA THR H 241 3.75 14.90 95.51
C THR H 241 2.81 15.41 94.43
N GLY H 242 3.30 16.25 93.52
CA GLY H 242 2.43 16.78 92.48
C GLY H 242 3.19 17.62 91.49
N GLY H 243 2.47 18.08 90.48
CA GLY H 243 3.04 18.89 89.43
C GLY H 243 3.53 18.06 88.26
N THR H 244 3.41 18.58 87.05
CA THR H 244 3.87 17.87 85.85
C THR H 244 4.66 18.82 84.97
N ASP H 245 5.58 18.24 84.20
CA ASP H 245 6.38 18.99 83.24
C ASP H 245 6.19 18.49 81.81
N GLY H 246 5.11 17.76 81.54
CA GLY H 246 4.86 17.25 80.20
C GLY H 246 5.60 15.99 79.85
N VAL H 247 6.43 15.47 80.75
CA VAL H 247 7.22 14.28 80.48
C VAL H 247 6.95 13.24 81.56
N GLN H 248 6.65 13.71 82.76
CA GLN H 248 6.40 12.84 83.90
C GLN H 248 5.19 13.36 84.67
N ALA H 249 4.46 12.44 85.31
CA ALA H 249 3.19 12.80 85.92
C ALA H 249 3.38 13.66 87.17
N HIS H 250 4.32 13.28 88.03
CA HIS H 250 4.54 13.98 89.29
C HIS H 250 6.01 14.31 89.45
N MET H 251 6.27 15.52 89.97
CA MET H 251 7.61 16.05 90.12
C MET H 251 7.99 16.09 91.59
N ASN H 252 9.29 15.98 91.86
CA ASN H 252 9.77 15.97 93.24
C ASN H 252 9.55 17.33 93.90
N ARG H 253 9.10 17.29 95.15
CA ARG H 253 8.89 18.49 95.95
C ARG H 253 9.32 18.23 97.38
N PHE H 254 9.93 19.22 98.01
CA PHE H 254 10.42 19.11 99.37
C PHE H 254 9.98 20.32 100.19
N TYR H 255 9.70 20.07 101.47
CA TYR H 255 9.27 21.10 102.42
C TYR H 255 10.23 21.11 103.59
N TYR H 256 10.94 22.21 103.79
CA TYR H 256 11.77 22.37 104.98
C TYR H 256 11.29 23.52 105.85
N GLY H 257 11.23 24.75 105.33
CA GLY H 257 10.72 25.87 106.09
C GLY H 257 9.42 26.37 105.50
N GLY H 258 9.35 27.67 105.25
CA GLY H 258 8.21 28.21 104.52
C GLY H 258 8.34 28.13 103.02
N VAL H 259 9.43 27.54 102.53
CA VAL H 259 9.71 27.48 101.11
C VAL H 259 9.49 26.06 100.61
N VAL H 260 9.43 25.92 99.30
CA VAL H 260 9.22 24.63 98.64
C VAL H 260 10.29 24.49 97.57
N PHE H 261 11.02 23.38 97.61
CA PHE H 261 12.01 23.07 96.59
C PHE H 261 11.40 22.16 95.54
N VAL H 262 11.54 22.55 94.28
CA VAL H 262 10.97 21.83 93.15
C VAL H 262 12.10 21.42 92.21
N GLN H 263 12.14 20.14 91.85
CA GLN H 263 13.16 19.60 90.98
C GLN H 263 12.62 19.53 89.56
N TYR H 264 13.28 20.24 88.65
CA TYR H 264 12.85 20.32 87.25
C TYR H 264 14.01 19.82 86.38
N ASN H 265 13.91 18.58 85.93
CA ASN H 265 14.94 17.98 85.08
C ASN H 265 14.57 18.11 83.62
N GLY H 266 14.37 19.35 83.18
CA GLY H 266 14.01 19.64 81.80
C GLY H 266 15.22 20.04 80.99
N LYS H 267 15.24 19.63 79.73
CA LYS H 267 16.37 19.89 78.86
C LYS H 267 15.91 19.83 77.41
N PHE H 268 16.71 20.45 76.54
CA PHE H 268 16.45 20.46 75.10
C PHE H 268 17.78 20.29 74.36
N LYS H 269 17.67 19.88 73.11
CA LYS H 269 18.83 19.58 72.27
C LYS H 269 19.02 20.68 71.23
N ASP H 270 20.25 21.17 71.11
CA ASP H 270 20.59 22.14 70.09
C ASP H 270 20.85 21.45 68.75
N LYS H 271 20.95 22.25 67.70
CA LYS H 271 21.25 21.71 66.38
C LYS H 271 22.63 21.06 66.35
N ARG H 272 23.60 21.70 67.01
CA ARG H 272 24.96 21.17 67.05
C ARG H 272 25.09 19.96 67.98
N GLY H 273 24.04 19.63 68.74
CA GLY H 273 24.06 18.49 69.62
C GLY H 273 24.29 18.81 71.08
N LYS H 274 24.62 20.06 71.40
CA LYS H 274 24.87 20.44 72.78
C LYS H 274 23.54 20.55 73.53
N THR H 275 23.35 19.68 74.52
CA THR H 275 22.12 19.71 75.31
C THR H 275 22.09 20.94 76.19
N HIS H 276 20.91 21.55 76.29
CA HIS H 276 20.71 22.76 77.09
C HIS H 276 19.84 22.39 78.29
N THR H 277 20.44 22.37 79.47
CA THR H 277 19.70 22.11 80.70
C THR H 277 19.02 23.40 81.14
N LEU H 278 17.70 23.35 81.31
CA LEU H 278 16.95 24.55 81.65
C LEU H 278 17.34 25.09 83.01
N VAL H 279 17.51 24.21 84.00
CA VAL H 279 17.92 24.61 85.35
C VAL H 279 19.43 24.40 85.41
N SER H 280 20.17 25.44 85.01
CA SER H 280 21.62 25.36 84.99
C SER H 280 22.19 26.76 85.12
N ILE H 281 23.47 26.83 85.46
CA ILE H 281 24.19 28.08 85.59
C ILE H 281 25.29 28.11 84.53
N ASP H 282 25.29 29.15 83.72
CA ASP H 282 26.33 29.29 82.70
C ASP H 282 27.68 29.54 83.35
N GLY H 283 28.66 28.74 82.97
CA GLY H 283 29.99 28.86 83.53
C GLY H 283 30.40 27.65 84.34
N VAL H 284 29.48 27.08 85.10
CA VAL H 284 29.75 25.90 85.91
C VAL H 284 29.39 24.66 85.10
N SER H 285 30.23 23.62 85.22
CA SER H 285 30.01 22.39 84.50
C SER H 285 30.27 21.14 85.35
N ASP H 286 30.62 21.30 86.62
CA ASP H 286 30.88 20.14 87.47
C ASP H 286 29.58 19.38 87.74
N THR H 287 29.63 18.06 87.56
CA THR H 287 28.45 17.24 87.81
C THR H 287 28.17 17.08 89.30
N ASN H 288 29.14 17.39 90.15
CA ASN H 288 28.97 17.32 91.59
C ASN H 288 28.23 18.53 92.16
N VAL H 289 28.27 19.67 91.48
CA VAL H 289 27.65 20.90 91.95
C VAL H 289 26.24 20.97 91.40
N GLY H 290 25.27 21.17 92.30
CA GLY H 290 23.89 21.35 91.92
C GLY H 290 23.50 22.82 92.03
N VAL H 291 22.66 23.27 91.10
CA VAL H 291 22.29 24.68 91.00
C VAL H 291 20.78 24.80 90.99
N GLY H 292 20.30 25.97 91.45
CA GLY H 292 18.88 26.25 91.47
C GLY H 292 18.63 27.72 91.22
N HIS H 293 17.36 28.03 90.97
CA HIS H 293 16.94 29.39 90.67
C HIS H 293 15.71 29.76 91.49
N ALA H 294 15.73 30.95 92.07
CA ALA H 294 14.61 31.48 92.85
C ALA H 294 14.13 32.77 92.22
N PHE H 295 12.82 32.87 92.01
CA PHE H 295 12.21 34.05 91.42
C PHE H 295 10.90 34.33 92.14
N PRO H 296 10.41 35.57 92.10
CA PRO H 296 9.20 35.92 92.85
C PRO H 296 7.98 35.15 92.38
N ASN H 297 7.06 34.92 93.31
CA ASN H 297 5.76 34.38 93.00
C ASN H 297 4.85 35.48 92.45
N VAL H 298 3.70 35.07 91.91
CA VAL H 298 2.71 36.03 91.44
C VAL H 298 2.10 36.77 92.62
N ALA H 299 1.88 36.09 93.75
CA ALA H 299 1.26 36.71 94.90
C ALA H 299 2.10 37.85 95.44
N MET H 300 3.41 37.66 95.53
CA MET H 300 4.28 38.73 96.00
C MET H 300 4.35 39.85 94.96
N LEU H 301 4.28 41.09 95.43
CA LEU H 301 4.18 42.32 94.65
C LEU H 301 2.80 42.50 94.02
N GLY H 302 1.92 41.50 94.12
CA GLY H 302 0.55 41.65 93.65
C GLY H 302 0.44 41.63 92.13
N GLU H 303 -0.77 41.51 91.64
CA GLU H 303 -0.92 41.26 90.19
C GLU H 303 -0.45 42.43 89.39
N ALA H 304 -0.97 43.60 89.69
CA ALA H 304 -0.56 44.71 88.84
C ALA H 304 0.75 45.26 89.34
N ASN H 305 1.82 44.52 89.18
CA ASN H 305 3.16 44.99 89.55
C ASN H 305 4.05 43.87 89.06
N ASN H 306 3.64 43.17 88.03
CA ASN H 306 4.39 42.04 87.45
C ASN H 306 5.72 42.50 86.95
N ILE H 307 6.76 41.75 87.22
CA ILE H 307 8.14 42.16 86.89
C ILE H 307 8.48 41.48 85.58
N PHE H 308 7.68 40.59 85.09
CA PHE H 308 7.86 39.67 83.97
C PHE H 308 6.98 40.08 82.82
N GLU H 309 7.59 40.49 81.70
CA GLU H 309 6.86 40.88 80.51
C GLU H 309 7.58 40.34 79.28
N VAL H 310 6.82 40.11 78.21
CA VAL H 310 7.36 39.70 76.93
C VAL H 310 6.79 40.61 75.86
N ALA H 311 7.65 41.10 74.97
CA ALA H 311 7.28 42.09 73.96
C ALA H 311 7.33 41.45 72.57
N TYR H 312 6.40 41.85 71.72
CA TYR H 312 6.32 41.38 70.35
C TYR H 312 6.38 42.55 69.39
N ALA H 313 7.06 42.37 68.27
CA ALA H 313 7.26 43.40 67.26
C ALA H 313 6.95 42.82 65.89
N PRO H 314 6.61 43.68 64.91
CA PRO H 314 6.20 43.16 63.61
C PRO H 314 7.35 42.54 62.83
N CYS H 315 6.99 41.63 61.93
CA CYS H 315 7.94 41.05 61.00
C CYS H 315 8.14 41.97 59.81
N PRO H 316 9.29 41.89 59.13
CA PRO H 316 9.48 42.72 57.93
C PRO H 316 8.76 42.14 56.72
N LYS H 317 7.78 42.82 56.21
CA LYS H 317 7.11 42.22 55.08
C LYS H 317 6.13 43.30 54.85
N MET H 318 5.85 43.65 53.63
CA MET H 318 4.98 44.79 53.31
C MET H 318 3.66 44.54 53.97
N GLY H 319 3.11 45.57 54.52
CA GLY H 319 1.81 45.43 55.12
C GLY H 319 2.00 45.30 56.57
N TYR H 320 3.14 44.76 56.92
CA TYR H 320 3.14 44.55 58.35
C TYR H 320 3.99 45.58 59.10
N ALA H 321 4.40 46.66 58.44
CA ALA H 321 5.23 47.66 59.09
C ALA H 321 4.39 48.53 60.02
N ASN H 322 4.95 48.82 61.19
CA ASN H 322 4.36 49.72 62.18
C ASN H 322 3.03 49.20 62.71
N THR H 323 2.82 47.90 62.71
CA THR H 323 1.62 47.28 63.26
C THR H 323 1.94 46.64 64.61
N LEU H 324 0.90 46.18 65.29
CA LEU H 324 1.08 45.52 66.58
C LEU H 324 1.73 44.15 66.38
N GLY H 325 2.78 43.88 67.16
CA GLY H 325 3.48 42.63 66.99
C GLY H 325 2.64 41.44 67.42
N GLN H 326 2.71 40.36 66.68
CA GLN H 326 2.01 39.14 67.03
C GLN H 326 3.05 38.12 67.39
N GLU H 327 2.66 37.09 68.04
CA GLU H 327 3.70 36.17 68.47
C GLU H 327 4.19 35.35 67.32
N LEU H 328 3.38 34.81 66.44
CA LEU H 328 3.95 33.98 65.36
C LEU H 328 3.27 34.34 64.09
N TYR H 329 4.02 34.65 63.09
CA TYR H 329 3.52 34.84 61.74
C TYR H 329 3.79 33.60 60.93
N VAL H 330 2.76 33.10 60.25
CA VAL H 330 2.88 31.94 59.37
C VAL H 330 2.50 32.38 57.96
N PHE H 331 3.42 32.17 57.02
CA PHE H 331 3.24 32.59 55.63
C PHE H 331 3.34 31.37 54.73
N GLU H 332 2.50 31.33 53.69
CA GLU H 332 2.47 30.22 52.75
C GLU H 332 2.65 30.76 51.34
N TYR H 333 3.65 30.23 50.63
CA TYR H 333 3.89 30.57 49.24
C TYR H 333 3.96 29.29 48.43
N GLU H 334 3.73 29.42 47.11
CA GLU H 334 3.79 28.28 46.21
C GLU H 334 4.89 28.50 45.17
N LYS H 335 5.65 27.44 44.89
CA LYS H 335 6.75 27.54 43.96
C LYS H 335 6.23 27.71 42.53
N ASP H 336 7.11 28.23 41.67
CA ASP H 336 6.73 28.50 40.29
C ASP H 336 6.48 27.22 39.52
N ARG H 337 5.59 27.32 38.53
CA ARG H 337 5.28 26.21 37.62
C ARG H 337 4.81 24.96 38.37
N ASP H 338 3.99 25.17 39.40
CA ASP H 338 3.37 24.07 40.15
C ASP H 338 4.40 23.09 40.67
N GLU H 339 5.50 23.60 41.23
CA GLU H 339 6.60 22.76 41.69
C GLU H 339 6.54 22.49 43.20
N GLY H 340 5.52 23.02 43.88
CA GLY H 340 5.35 22.78 45.29
C GLY H 340 5.00 24.04 46.04
N ILE H 341 4.98 23.92 47.37
CA ILE H 341 4.66 25.02 48.26
C ILE H 341 5.71 25.08 49.36
N ASP H 342 5.98 26.29 49.85
CA ASP H 342 6.94 26.50 50.92
C ASP H 342 6.33 27.42 51.97
N PHE H 343 6.74 27.23 53.22
CA PHE H 343 6.19 27.95 54.35
C PHE H 343 7.27 28.79 55.03
N GLU H 344 6.82 29.75 55.83
CA GLU H 344 7.69 30.56 56.67
C GLU H 344 7.03 30.77 58.02
N ALA H 345 7.84 30.94 59.05
CA ALA H 345 7.35 31.15 60.40
C ALA H 345 8.26 32.16 61.08
N HIS H 346 7.69 33.31 61.45
CA HIS H 346 8.45 34.41 62.03
C HIS H 346 8.01 34.67 63.46
N SER H 347 8.92 35.21 64.25
CA SER H 347 8.61 35.65 65.61
C SER H 347 9.67 36.64 66.06
N TYR H 348 9.22 37.78 66.57
CA TYR H 348 10.08 38.89 66.98
C TYR H 348 9.75 39.20 68.43
N MET H 349 10.44 38.57 69.37
CA MET H 349 10.07 38.59 70.77
C MET H 349 11.29 38.80 71.66
N LEU H 350 11.05 39.28 72.88
CA LEU H 350 12.08 39.40 73.90
C LEU H 350 11.45 39.41 75.28
N PRO H 351 11.70 38.41 76.11
CA PRO H 351 11.28 38.47 77.51
C PRO H 351 12.31 39.18 78.37
N TYR H 352 11.82 39.92 79.36
CA TYR H 352 12.70 40.69 80.22
C TYR H 352 12.09 40.81 81.61
N CYS H 353 12.93 41.13 82.58
CA CYS H 353 12.53 41.31 83.97
C CYS H 353 12.87 42.73 84.39
N THR H 354 11.87 43.46 84.91
CA THR H 354 12.08 44.85 85.30
C THR H 354 12.86 44.99 86.59
N ARG H 355 12.84 43.97 87.45
CA ARG H 355 13.61 43.97 88.70
C ARG H 355 14.45 42.70 88.74
N PRO H 356 15.57 42.67 88.02
CA PRO H 356 16.41 41.47 88.02
C PRO H 356 17.02 41.15 89.37
N GLN H 357 17.05 42.10 90.30
CA GLN H 357 17.62 41.83 91.62
C GLN H 357 16.83 40.78 92.38
N LEU H 358 15.60 40.51 91.97
CA LEU H 358 14.76 39.51 92.59
C LEU H 358 14.92 38.14 91.96
N LEU H 359 15.83 37.99 91.00
CA LEU H 359 16.10 36.71 90.35
C LEU H 359 17.39 36.16 90.98
N VAL H 360 17.24 35.43 92.08
CA VAL H 360 18.36 34.90 92.84
C VAL H 360 18.59 33.44 92.45
N ASP H 361 19.81 33.14 92.03
CA ASP H 361 20.21 31.77 91.78
C ASP H 361 20.78 31.13 93.06
N VAL H 362 20.79 29.81 93.09
CA VAL H 362 21.15 29.05 94.28
C VAL H 362 22.16 27.97 93.88
N ARG H 363 23.23 27.85 94.67
CA ARG H 363 24.29 26.87 94.43
C ARG H 363 24.39 25.93 95.60
N SER H 364 24.91 24.72 95.33
CA SER H 364 25.08 23.71 96.37
C SER H 364 26.50 23.66 96.93
N ASP H 365 27.48 24.18 96.21
CA ASP H 365 28.86 24.15 96.69
C ASP H 365 29.13 25.34 97.60
N ALA H 366 30.27 25.27 98.29
CA ALA H 366 30.69 26.36 99.16
C ALA H 366 31.24 27.53 98.34
N GLU H 367 31.24 28.70 98.96
CA GLU H 367 31.72 29.91 98.30
C GLU H 367 33.21 29.82 98.01
N LEU I 2 -6.05 102.15 -53.49
CA LEU I 2 -5.44 103.18 -52.66
C LEU I 2 -4.33 102.61 -51.78
N THR I 3 -3.09 102.94 -52.11
CA THR I 3 -1.93 102.46 -51.39
C THR I 3 -0.96 103.62 -51.16
N ASN I 4 0.14 103.33 -50.47
CA ASN I 4 1.15 104.34 -50.22
C ASN I 4 1.79 104.81 -51.51
N SER I 5 2.14 106.09 -51.55
CA SER I 5 2.79 106.65 -52.73
C SER I 5 4.21 106.11 -52.86
N GLU I 6 4.83 106.49 -53.97
CA GLU I 6 6.20 106.04 -54.31
C GLU I 6 7.16 106.55 -53.28
N LYS I 7 7.32 107.85 -53.13
CA LYS I 7 8.37 108.33 -52.22
C LYS I 7 7.92 108.82 -50.86
N SER I 8 6.63 108.73 -50.52
CA SER I 8 6.11 109.21 -49.24
C SER I 8 5.12 108.24 -48.67
N ARG I 9 5.23 108.08 -47.38
CA ARG I 9 4.30 107.21 -46.68
C ARG I 9 3.04 107.93 -46.23
N PHE I 10 2.99 109.25 -46.37
CA PHE I 10 1.87 110.05 -45.88
C PHE I 10 0.90 110.48 -46.98
N PHE I 11 1.30 110.33 -48.24
CA PHE I 11 0.39 110.56 -49.34
C PHE I 11 -0.01 109.23 -49.97
N LEU I 12 -1.16 109.23 -50.66
CA LEU I 12 -1.76 108.01 -51.17
C LEU I 12 -1.71 107.99 -52.69
N ALA I 13 -1.74 106.77 -53.23
CA ALA I 13 -1.87 106.53 -54.65
C ALA I 13 -2.63 105.24 -54.84
N ASP I 14 -3.29 105.12 -55.99
CA ASP I 14 -4.16 103.98 -56.24
C ASP I 14 -3.47 102.95 -57.13
N LEU I 15 -3.77 101.67 -56.87
CA LEU I 15 -3.24 100.56 -57.62
C LEU I 15 -4.35 100.00 -58.51
N THR I 16 -4.10 99.94 -59.82
CA THR I 16 -5.08 99.47 -60.79
C THR I 16 -4.60 98.14 -61.35
N GLY I 17 -4.68 97.09 -60.64
CA GLY I 17 -4.42 95.84 -61.31
C GLY I 17 -3.05 95.34 -61.49
N GLU I 18 -2.99 94.08 -61.92
CA GLU I 18 -1.76 93.37 -62.17
C GLU I 18 -1.78 93.02 -63.62
N VAL I 19 -0.64 93.02 -64.30
CA VAL I 19 -0.58 92.54 -65.69
C VAL I 19 0.09 91.16 -65.65
N GLN I 20 -0.57 90.10 -66.11
CA GLN I 20 0.02 88.78 -66.00
C GLN I 20 0.75 88.42 -67.28
N SER I 21 1.80 87.60 -67.15
CA SER I 21 2.68 87.24 -68.25
C SER I 21 2.78 85.73 -68.38
N ILE I 22 1.63 85.06 -68.40
CA ILE I 22 1.60 83.62 -68.57
C ILE I 22 2.22 83.25 -69.91
N PRO I 23 3.05 82.20 -69.96
CA PRO I 23 3.72 81.86 -71.21
C PRO I 23 2.78 81.26 -72.24
N ASN I 24 3.29 80.99 -73.44
CA ASN I 24 2.46 80.48 -74.52
C ASN I 24 2.18 79.00 -74.30
N THR I 25 0.91 78.63 -74.26
CA THR I 25 0.47 77.26 -74.09
C THR I 25 -0.21 76.82 -75.39
N TYR I 26 0.57 76.25 -76.30
CA TYR I 26 0.03 75.80 -77.58
C TYR I 26 -0.84 74.57 -77.37
N GLY I 27 -2.03 74.59 -77.97
CA GLY I 27 -2.98 73.51 -77.78
C GLY I 27 -3.71 73.09 -79.05
N TYR I 28 -3.02 73.17 -80.20
CA TYR I 28 -3.67 72.88 -81.47
C TYR I 28 -4.15 71.44 -81.53
N ILE I 29 -3.26 70.48 -81.26
CA ILE I 29 -3.62 69.07 -81.40
C ILE I 29 -4.61 68.67 -80.30
N SER I 30 -4.38 69.14 -79.07
CA SER I 30 -5.33 68.86 -78.00
C SER I 30 -6.67 69.51 -78.28
N GLY I 31 -6.67 70.71 -78.85
CA GLY I 31 -7.91 71.38 -79.20
C GLY I 31 -8.64 70.75 -80.37
N LEU I 32 -7.92 70.01 -81.21
CA LEU I 32 -8.57 69.32 -82.32
C LEU I 32 -9.55 68.26 -81.82
N GLY I 33 -9.24 67.62 -80.70
CA GLY I 33 -10.10 66.60 -80.15
C GLY I 33 -10.07 65.27 -80.88
N LEU I 34 -9.03 65.00 -81.66
CA LEU I 34 -8.94 63.75 -82.39
C LEU I 34 -8.34 62.62 -81.55
N PHE I 35 -7.86 62.91 -80.34
CA PHE I 35 -7.28 61.89 -79.46
C PHE I 35 -8.33 61.51 -78.42
N ARG I 36 -9.07 60.44 -78.71
CA ARG I 36 -10.08 59.95 -77.77
C ARG I 36 -9.42 59.35 -76.53
N SER I 37 -10.00 59.64 -75.37
CA SER I 37 -9.48 59.13 -74.10
C SER I 37 -10.08 57.76 -73.83
N ALA I 38 -9.20 56.79 -73.53
CA ALA I 38 -9.61 55.40 -73.29
C ALA I 38 -8.99 54.92 -71.98
N PRO I 39 -9.52 55.35 -70.84
CA PRO I 39 -8.98 54.90 -69.56
C PRO I 39 -9.29 53.44 -69.30
N GLN I 40 -8.42 52.81 -68.50
CA GLN I 40 -8.60 51.42 -68.13
C GLN I 40 -8.06 51.22 -66.71
N THR I 41 -7.99 49.97 -66.28
CA THR I 41 -7.72 49.63 -64.89
C THR I 41 -6.43 48.82 -64.74
N GLN I 42 -5.54 48.88 -65.72
CA GLN I 42 -4.32 48.09 -65.68
C GLN I 42 -3.14 48.93 -66.16
N THR I 43 -1.94 48.49 -65.79
CA THR I 43 -0.71 49.17 -66.17
C THR I 43 -0.25 48.84 -67.57
N THR I 44 -0.87 47.86 -68.23
CA THR I 44 -0.50 47.47 -69.58
C THR I 44 -1.75 46.96 -70.28
N PHE I 45 -1.99 47.43 -71.51
CA PHE I 45 -3.15 47.04 -72.27
C PHE I 45 -2.74 46.38 -73.59
N LEU I 46 -3.59 45.48 -74.06
CA LEU I 46 -3.36 44.73 -75.28
C LEU I 46 -4.45 45.06 -76.29
N MET I 47 -4.11 44.98 -77.58
CA MET I 47 -5.05 45.22 -78.65
C MET I 47 -4.93 44.10 -79.69
N ASP I 48 -6.06 43.74 -80.28
CA ASP I 48 -6.11 42.67 -81.27
C ASP I 48 -6.20 43.28 -82.66
N LEU I 49 -5.40 42.77 -83.58
CA LEU I 49 -5.37 43.24 -84.96
C LEU I 49 -5.88 42.15 -85.89
N THR I 50 -6.91 42.47 -86.67
CA THR I 50 -7.50 41.55 -87.63
C THR I 50 -7.30 42.11 -89.03
N ASP I 51 -6.99 41.22 -89.97
CA ASP I 51 -6.72 41.61 -91.35
C ASP I 51 -7.68 40.90 -92.29
N TRP I 52 -8.16 41.63 -93.29
CA TRP I 52 -9.09 41.12 -94.29
C TRP I 52 -8.49 41.27 -95.67
N ASP I 53 -9.00 40.47 -96.61
CA ASP I 53 -8.57 40.54 -98.00
C ASP I 53 -9.74 40.11 -98.88
N ILE I 54 -10.02 40.89 -99.91
CA ILE I 54 -11.16 40.66 -100.79
C ILE I 54 -10.66 40.67 -102.24
N SER I 55 -11.25 39.82 -103.07
CA SER I 55 -10.93 39.75 -104.48
C SER I 55 -12.20 39.61 -105.30
N LEU I 56 -12.14 40.07 -106.54
CA LEU I 56 -13.28 39.93 -107.45
C LEU I 56 -13.54 38.46 -107.74
N LEU I 57 -14.82 38.09 -107.76
CA LEU I 57 -15.22 36.72 -108.05
C LEU I 57 -15.58 36.59 -109.52
N ASP I 58 -15.05 35.56 -110.16
CA ASP I 58 -15.24 35.36 -111.59
C ASP I 58 -16.64 34.83 -111.88
N ALA I 59 -17.10 35.09 -113.10
CA ALA I 59 -18.41 34.60 -113.52
C ALA I 59 -18.41 33.08 -113.60
N VAL I 60 -19.53 32.40 -113.41
CA VAL I 60 -19.49 30.93 -113.58
C VAL I 60 -20.68 30.52 -114.45
N ASP I 61 -20.97 29.24 -114.66
CA ASP I 61 -22.15 28.91 -115.46
C ASP I 61 -23.31 28.60 -114.55
N ARG I 62 -24.53 28.73 -114.97
CA ARG I 62 -25.59 28.50 -113.98
C ARG I 62 -25.75 27.03 -113.92
N THR I 63 -25.47 26.35 -115.00
CA THR I 63 -25.85 24.96 -115.06
C THR I 63 -24.78 24.08 -114.57
N SER I 64 -23.75 24.58 -113.92
CA SER I 64 -22.79 23.67 -113.29
C SER I 64 -22.72 23.87 -111.76
N ARG I 65 -21.99 24.84 -111.29
CA ARG I 65 -21.70 25.03 -109.86
C ARG I 65 -20.92 26.33 -109.76
N LYS I 66 -19.88 26.44 -108.94
CA LYS I 66 -19.29 27.74 -108.65
C LYS I 66 -18.24 27.58 -107.63
N ALA I 67 -18.05 28.66 -106.96
CA ALA I 67 -16.84 28.58 -106.20
C ALA I 67 -16.36 29.91 -105.77
N GLU I 68 -15.92 29.84 -104.60
CA GLU I 68 -15.64 31.14 -104.17
C GLU I 68 -15.15 31.08 -102.78
N THR I 69 -14.99 29.90 -102.34
CA THR I 69 -14.54 29.99 -100.99
C THR I 69 -13.53 31.13 -100.99
N SER I 70 -13.76 32.14 -100.19
CA SER I 70 -12.76 33.17 -99.96
C SER I 70 -11.97 32.69 -98.79
N ALA I 71 -10.89 33.34 -98.44
CA ALA I 71 -9.98 32.83 -97.42
C ALA I 71 -10.24 33.41 -96.05
N PRO I 72 -9.65 32.93 -94.97
CA PRO I 72 -9.99 33.51 -93.68
C PRO I 72 -9.30 34.75 -93.21
N GLU I 73 -9.62 35.38 -92.07
CA GLU I 73 -8.89 36.52 -91.56
C GLU I 73 -7.75 36.08 -90.66
N ARG I 74 -6.77 36.95 -90.48
CA ARG I 74 -5.63 36.72 -89.59
C ARG I 74 -5.78 37.60 -88.36
N VAL I 75 -5.58 37.00 -87.19
CA VAL I 75 -5.72 37.70 -85.92
C VAL I 75 -4.38 37.65 -85.18
N ARG I 76 -3.89 38.81 -84.77
CA ARG I 76 -2.69 38.91 -83.96
C ARG I 76 -2.87 40.07 -82.99
N GLN I 77 -2.15 40.01 -81.86
CA GLN I 77 -2.33 40.99 -80.81
C GLN I 77 -0.97 41.51 -80.33
N ILE I 78 -0.99 42.71 -79.75
CA ILE I 78 0.21 43.41 -79.32
C ILE I 78 -0.01 43.99 -77.93
N SER I 79 1.10 44.36 -77.28
CA SER I 79 1.09 44.93 -75.94
C SER I 79 1.46 46.41 -75.99
N PHE I 80 1.40 47.07 -74.83
CA PHE I 80 1.64 48.50 -74.78
C PHE I 80 2.06 48.97 -73.38
N PRO I 81 3.20 49.64 -73.26
CA PRO I 81 3.57 50.27 -71.98
C PRO I 81 2.94 51.65 -71.86
N MET I 82 3.31 52.37 -70.80
CA MET I 82 2.77 53.69 -70.52
C MET I 82 3.85 54.60 -69.97
N MET I 83 3.48 55.87 -69.81
CA MET I 83 4.34 56.91 -69.24
C MET I 83 3.71 57.41 -67.95
N TYR I 84 4.55 57.56 -66.92
CA TYR I 84 4.10 58.08 -65.63
C TYR I 84 4.70 59.45 -65.39
N PHE I 85 3.84 60.42 -65.07
CA PHE I 85 4.25 61.78 -64.77
C PHE I 85 3.78 62.16 -63.38
N LYS I 86 4.68 62.72 -62.58
CA LYS I 86 4.37 63.11 -61.22
C LYS I 86 4.94 64.49 -60.94
N GLU I 87 4.14 65.34 -60.31
CA GLU I 87 4.52 66.70 -59.96
C GLU I 87 4.32 66.92 -58.48
N VAL I 88 5.25 67.63 -57.85
CA VAL I 88 5.28 67.83 -56.40
C VAL I 88 5.29 69.32 -56.11
N GLU I 89 4.42 69.74 -55.20
CA GLU I 89 4.37 71.14 -54.77
C GLU I 89 3.88 71.18 -53.33
N SER I 90 4.18 72.28 -52.64
CA SER I 90 3.82 72.44 -51.24
C SER I 90 3.41 73.88 -50.97
N ILE I 91 2.61 74.05 -49.91
CA ILE I 91 2.14 75.36 -49.47
C ILE I 91 2.50 75.51 -48.00
N THR I 92 3.08 76.66 -47.65
CA THR I 92 3.51 76.95 -46.29
C THR I 92 2.96 78.28 -45.84
N PRO I 93 2.81 78.49 -44.53
CA PRO I 93 2.33 79.79 -44.04
C PRO I 93 3.22 80.96 -44.43
N ASP I 94 4.50 80.72 -44.69
CA ASP I 94 5.42 81.79 -45.05
C ASP I 94 5.04 82.43 -46.39
N GLU I 95 4.29 81.73 -47.23
CA GLU I 95 3.79 82.29 -48.48
C GLU I 95 2.47 83.03 -48.31
N ILE I 96 1.92 83.06 -47.10
CA ILE I 96 0.64 83.70 -46.81
C ILE I 96 0.81 84.84 -45.81
N GLN I 97 1.61 84.62 -44.77
CA GLN I 97 1.75 85.58 -43.67
C GLN I 97 2.42 86.85 -44.18
N GLY I 98 1.67 87.95 -44.21
CA GLY I 98 2.22 89.25 -44.53
C GLY I 98 2.28 89.58 -46.02
N VAL I 99 1.93 88.65 -46.89
CA VAL I 99 2.02 88.87 -48.33
C VAL I 99 0.69 89.38 -48.84
N ARG I 100 0.72 90.41 -49.67
CA ARG I 100 -0.48 90.96 -50.28
C ARG I 100 -0.62 90.46 -51.71
N GLN I 101 -1.86 90.30 -52.14
CA GLN I 101 -2.12 89.84 -53.51
C GLN I 101 -1.74 90.94 -54.50
N PRO I 102 -0.96 90.62 -55.52
CA PRO I 102 -0.65 91.63 -56.54
C PRO I 102 -1.92 92.13 -57.21
N GLY I 103 -1.96 93.43 -57.52
CA GLY I 103 -3.13 94.06 -58.06
C GLY I 103 -4.11 94.57 -57.03
N THR I 104 -3.89 94.28 -55.76
CA THR I 104 -4.75 94.75 -54.67
C THR I 104 -3.94 95.66 -53.76
N ALA I 105 -4.58 96.73 -53.28
CA ALA I 105 -3.88 97.73 -52.48
C ALA I 105 -3.38 97.14 -51.17
N ASN I 106 -4.27 96.51 -50.41
CA ASN I 106 -3.90 96.00 -49.10
C ASN I 106 -4.50 94.65 -48.76
N GLU I 107 -5.10 93.94 -49.72
CA GLU I 107 -5.67 92.62 -49.42
C GLU I 107 -4.57 91.58 -49.30
N LEU I 108 -4.55 90.86 -48.19
CA LEU I 108 -3.60 89.79 -47.98
C LEU I 108 -3.99 88.57 -48.80
N THR I 109 -3.02 87.68 -49.04
CA THR I 109 -3.29 86.47 -49.79
C THR I 109 -3.76 85.37 -48.86
N THR I 110 -4.85 84.70 -49.25
CA THR I 110 -5.38 83.60 -48.49
C THR I 110 -4.87 82.27 -49.03
N GLU I 111 -5.06 81.21 -48.25
CA GLU I 111 -4.62 79.89 -48.66
C GLU I 111 -5.36 79.39 -49.90
N ALA I 112 -6.64 79.77 -50.04
CA ALA I 112 -7.39 79.38 -51.23
C ALA I 112 -6.80 79.98 -52.50
N VAL I 113 -6.38 81.24 -52.44
CA VAL I 113 -5.81 81.89 -53.62
C VAL I 113 -4.51 81.21 -54.03
N VAL I 114 -3.64 80.92 -53.05
CA VAL I 114 -2.38 80.25 -53.36
C VAL I 114 -2.64 78.85 -53.91
N ARG I 115 -3.59 78.13 -53.32
CA ARG I 115 -3.91 76.79 -53.82
C ARG I 115 -4.42 76.85 -55.24
N ALA I 116 -5.29 77.80 -55.56
CA ALA I 116 -5.80 77.93 -56.91
C ALA I 116 -4.69 78.26 -57.89
N LYS I 117 -3.78 79.15 -57.50
CA LYS I 117 -2.66 79.50 -58.38
C LYS I 117 -1.78 78.30 -58.66
N LYS I 118 -1.42 77.56 -57.62
CA LYS I 118 -0.55 76.39 -57.79
C LYS I 118 -1.24 75.31 -58.62
N LEU I 119 -2.53 75.09 -58.39
CA LEU I 119 -3.25 74.09 -59.17
C LEU I 119 -3.35 74.50 -60.63
N MET I 120 -3.57 75.79 -60.90
CA MET I 120 -3.61 76.26 -62.28
C MET I 120 -2.26 76.05 -62.96
N LYS I 121 -1.16 76.36 -62.26
CA LYS I 121 0.16 76.14 -62.84
C LYS I 121 0.40 74.66 -63.12
N ILE I 122 -0.01 73.80 -62.19
CA ILE I 122 0.18 72.36 -62.37
C ILE I 122 -0.61 71.84 -63.56
N ARG I 123 -1.88 72.28 -63.68
CA ARG I 123 -2.69 71.84 -64.81
C ARG I 123 -2.14 72.36 -66.12
N THR I 124 -1.60 73.58 -66.12
CA THR I 124 -0.96 74.10 -67.33
C THR I 124 0.25 73.27 -67.72
N LYS I 125 1.07 72.89 -66.73
CA LYS I 125 2.23 72.05 -67.03
C LYS I 125 1.81 70.71 -67.61
N PHE I 126 0.77 70.10 -67.02
CA PHE I 126 0.31 68.80 -67.53
C PHE I 126 -0.30 68.93 -68.91
N ASP I 127 -1.01 70.04 -69.19
CA ASP I 127 -1.54 70.24 -70.53
C ASP I 127 -0.43 70.43 -71.55
N ILE I 128 0.64 71.14 -71.17
CA ILE I 128 1.78 71.30 -72.06
C ILE I 128 2.41 69.94 -72.37
N THR I 129 2.59 69.13 -71.33
CA THR I 129 3.16 67.80 -71.54
C THR I 129 2.26 66.94 -72.42
N ARG I 130 0.94 67.05 -72.22
CA ARG I 130 0.00 66.28 -73.04
C ARG I 130 0.06 66.70 -74.49
N GLU I 131 0.13 68.00 -74.76
CA GLU I 131 0.27 68.48 -76.14
C GLU I 131 1.57 67.99 -76.77
N PHE I 132 2.66 68.05 -76.01
CA PHE I 132 3.94 67.55 -76.51
C PHE I 132 3.86 66.06 -76.86
N LEU I 133 3.24 65.27 -75.99
CA LEU I 133 3.12 63.83 -76.25
C LEU I 133 2.20 63.56 -77.43
N PHE I 134 1.14 64.35 -77.59
CA PHE I 134 0.26 64.18 -78.73
C PHE I 134 1.02 64.45 -80.04
N MET I 135 1.80 65.53 -80.07
CA MET I 135 2.58 65.82 -81.27
C MET I 135 3.64 64.75 -81.51
N GLN I 136 4.21 64.19 -80.44
CA GLN I 136 5.15 63.09 -80.59
C GLN I 136 4.46 61.86 -81.19
N ALA I 137 3.23 61.59 -80.75
CA ALA I 137 2.49 60.45 -81.28
C ALA I 137 2.11 60.65 -82.74
N LEU I 138 1.87 61.90 -83.16
CA LEU I 138 1.63 62.14 -84.58
C LEU I 138 2.84 61.80 -85.43
N LYS I 139 4.05 61.80 -84.83
CA LYS I 139 5.26 61.47 -85.56
C LYS I 139 5.47 59.97 -85.71
N GLY I 140 4.66 59.15 -85.02
CA GLY I 140 4.79 57.71 -85.10
C GLY I 140 5.72 57.11 -84.07
N LYS I 141 6.48 57.92 -83.33
CA LYS I 141 7.35 57.44 -82.27
C LYS I 141 7.11 58.31 -81.04
N VAL I 142 6.58 57.71 -79.99
CA VAL I 142 6.21 58.46 -78.78
C VAL I 142 7.44 58.49 -77.89
N ILE I 143 8.13 59.63 -77.85
CA ILE I 143 9.39 59.78 -77.15
C ILE I 143 9.22 60.82 -76.06
N ASP I 144 9.63 60.48 -74.83
CA ASP I 144 9.53 61.39 -73.71
C ASP I 144 10.47 62.58 -73.91
N ALA I 145 10.14 63.70 -73.26
CA ALA I 145 10.93 64.91 -73.39
C ALA I 145 12.38 64.68 -73.01
N ASN I 146 12.66 63.76 -72.09
CA ASN I 146 14.03 63.44 -71.73
C ASN I 146 14.75 62.67 -72.83
N GLY I 147 14.01 62.12 -73.80
CA GLY I 147 14.60 61.41 -74.91
C GLY I 147 14.50 59.90 -74.84
N VAL I 148 13.81 59.34 -73.86
CA VAL I 148 13.66 57.90 -73.73
C VAL I 148 12.45 57.44 -74.54
N LEU I 149 12.65 56.41 -75.37
CA LEU I 149 11.58 55.91 -76.22
C LEU I 149 10.64 55.01 -75.42
N TYR I 150 9.34 55.17 -75.64
CA TYR I 150 8.34 54.40 -74.93
C TYR I 150 7.56 53.46 -75.83
N ALA I 151 7.22 53.87 -77.05
CA ALA I 151 6.47 53.03 -77.97
C ALA I 151 6.81 53.41 -79.40
N ASP I 152 7.40 52.47 -80.13
CA ASP I 152 7.69 52.64 -81.55
C ASP I 152 6.52 52.03 -82.32
N LEU I 153 5.65 52.90 -82.85
CA LEU I 153 4.44 52.43 -83.50
C LEU I 153 4.74 51.65 -84.76
N TYR I 154 5.72 52.10 -85.55
CA TYR I 154 6.01 51.47 -86.84
C TYR I 154 6.55 50.05 -86.66
N LYS I 155 7.45 49.85 -85.70
CA LYS I 155 7.98 48.51 -85.46
C LYS I 155 6.90 47.59 -84.90
N GLN I 156 6.01 48.13 -84.06
CA GLN I 156 4.99 47.30 -83.43
C GLN I 156 3.89 46.92 -84.41
N PHE I 157 3.57 47.80 -85.36
CA PHE I 157 2.54 47.52 -86.35
C PHE I 157 3.11 46.99 -87.66
N ASP I 158 4.42 46.78 -87.75
CA ASP I 158 5.08 46.24 -88.94
C ASP I 158 4.78 47.09 -90.16
N VAL I 159 4.97 48.40 -90.03
CA VAL I 159 4.70 49.36 -91.10
C VAL I 159 5.94 50.22 -91.30
N THR I 160 6.33 50.41 -92.56
CA THR I 160 7.48 51.24 -92.89
C THR I 160 7.06 52.70 -92.97
N LYS I 161 7.82 53.56 -92.30
CA LYS I 161 7.51 55.00 -92.32
C LYS I 161 7.79 55.57 -93.71
N LYS I 162 6.88 56.41 -94.18
CA LYS I 162 6.96 57.01 -95.51
C LYS I 162 7.28 58.50 -95.39
N THR I 163 8.23 58.96 -96.19
CA THR I 163 8.64 60.36 -96.22
C THR I 163 8.52 60.90 -97.63
N ILE I 164 8.02 62.12 -97.76
CA ILE I 164 7.83 62.77 -99.05
C ILE I 164 8.76 63.96 -99.13
N TYR I 165 9.62 63.98 -100.14
CA TYR I 165 10.58 65.05 -100.35
C TYR I 165 10.03 66.01 -101.40
N PHE I 166 9.63 67.20 -100.96
CA PHE I 166 9.00 68.15 -101.87
C PHE I 166 10.00 68.85 -102.78
N ASP I 167 11.22 69.10 -102.29
CA ASP I 167 12.26 69.81 -103.04
C ASP I 167 11.74 71.20 -103.46
N LEU I 168 11.43 72.01 -102.46
CA LEU I 168 10.82 73.32 -102.72
C LEU I 168 11.81 74.33 -103.27
N ASP I 169 13.12 74.07 -103.16
CA ASP I 169 14.10 74.99 -103.71
C ASP I 169 14.23 74.87 -105.22
N ASN I 170 13.75 73.78 -105.81
CA ASN I 170 13.81 73.60 -107.25
C ASN I 170 12.73 74.44 -107.91
N PRO I 171 13.08 75.36 -108.83
CA PRO I 171 12.04 76.16 -109.48
C PRO I 171 11.08 75.35 -110.34
N ASN I 172 11.46 74.14 -110.76
CA ASN I 172 10.61 73.29 -111.58
C ASN I 172 10.34 71.96 -110.90
N SER I 173 10.04 72.00 -109.61
CA SER I 173 9.67 70.81 -108.86
C SER I 173 8.18 70.59 -108.93
N ASP I 174 7.77 69.37 -109.26
CA ASP I 174 6.35 69.05 -109.44
C ASP I 174 5.69 68.92 -108.08
N ILE I 175 5.12 70.03 -107.59
CA ILE I 175 4.43 70.01 -106.30
C ILE I 175 3.18 69.14 -106.38
N ASP I 176 2.46 69.24 -107.49
CA ASP I 176 1.26 68.42 -107.68
C ASP I 176 1.59 66.94 -107.60
N ALA I 177 2.75 66.54 -108.13
CA ALA I 177 3.14 65.13 -108.06
C ALA I 177 3.33 64.68 -106.62
N HIS I 178 3.98 65.50 -105.80
CA HIS I 178 4.18 65.14 -104.40
C HIS I 178 2.85 65.09 -103.65
N ILE I 179 1.97 66.06 -103.89
CA ILE I 179 0.66 66.05 -103.24
C ILE I 179 -0.12 64.81 -103.62
N GLU I 180 -0.12 64.46 -104.91
CA GLU I 180 -0.85 63.27 -105.35
C GLU I 180 -0.24 62.00 -104.79
N ASP I 181 1.09 61.92 -104.74
CA ASP I 181 1.74 60.74 -104.16
C ASP I 181 1.34 60.57 -102.70
N LEU I 182 1.33 61.67 -101.95
CA LEU I 182 0.90 61.62 -100.56
C LEU I 182 -0.54 61.16 -100.44
N ARG I 183 -1.44 61.73 -101.27
CA ARG I 183 -2.85 61.38 -101.18
C ARG I 183 -3.08 59.92 -101.52
N MET I 184 -2.43 59.41 -102.57
CA MET I 184 -2.59 58.00 -102.93
C MET I 184 -1.99 57.10 -101.87
N HIS I 185 -0.89 57.51 -101.24
CA HIS I 185 -0.32 56.69 -100.17
C HIS I 185 -1.30 56.59 -99.00
N MET I 186 -1.90 57.71 -98.60
CA MET I 186 -2.88 57.66 -97.51
C MET I 186 -4.10 56.84 -97.89
N GLU I 187 -4.56 56.96 -99.14
CA GLU I 187 -5.74 56.22 -99.56
C GLU I 187 -5.47 54.72 -99.61
N ASP I 188 -4.31 54.31 -100.14
CA ASP I 188 -4.02 52.90 -100.30
C ASP I 188 -3.64 52.24 -98.98
N GLU I 189 -2.94 52.97 -98.11
CA GLU I 189 -2.47 52.38 -96.87
C GLU I 189 -3.54 52.28 -95.79
N ALA I 190 -4.55 53.08 -95.73
CA ALA I 190 -5.42 52.92 -94.55
C ALA I 190 -6.39 51.90 -94.98
N LYS I 191 -6.66 50.95 -94.15
CA LYS I 191 -7.55 49.96 -94.74
C LYS I 191 -8.77 49.98 -93.86
N THR I 192 -9.18 51.17 -93.53
CA THR I 192 -10.32 51.35 -92.66
C THR I 192 -11.53 51.05 -93.45
N GLY I 193 -11.31 50.46 -94.61
CA GLY I 193 -12.44 50.00 -95.42
C GLY I 193 -13.10 51.14 -96.09
N THR I 194 -13.91 51.87 -95.33
CA THR I 194 -14.47 53.11 -95.91
C THR I 194 -14.26 54.28 -94.97
N VAL I 195 -14.80 54.22 -93.75
CA VAL I 195 -14.74 55.42 -92.88
C VAL I 195 -13.35 56.05 -92.81
N ILE I 196 -13.08 57.23 -93.42
CA ILE I 196 -11.70 57.76 -93.41
C ILE I 196 -11.57 59.20 -93.89
N ASN I 197 -10.86 60.05 -93.14
CA ASN I 197 -10.60 61.47 -93.48
C ASN I 197 -11.92 62.16 -93.66
N GLY I 198 -12.67 62.33 -92.61
CA GLY I 198 -13.96 62.96 -92.87
C GLY I 198 -13.64 64.25 -93.56
N GLU I 199 -12.45 64.72 -93.27
CA GLU I 199 -12.08 66.02 -93.78
C GLU I 199 -10.82 65.81 -94.59
N GLU I 200 -9.99 66.80 -94.45
CA GLU I 200 -8.89 66.71 -95.37
C GLU I 200 -7.70 66.02 -94.73
N ILE I 201 -6.69 65.88 -95.49
CA ILE I 201 -5.36 65.42 -95.08
C ILE I 201 -4.81 66.69 -94.55
N HIS I 202 -4.55 66.77 -93.28
CA HIS I 202 -4.08 68.00 -92.66
C HIS I 202 -2.62 67.80 -92.50
N ILE I 203 -1.80 68.68 -92.99
CA ILE I 203 -0.35 68.71 -92.89
C ILE I 203 0.03 69.84 -91.94
N VAL I 204 0.77 69.49 -90.89
CA VAL I 204 1.24 70.44 -89.90
C VAL I 204 2.71 70.71 -90.18
N VAL I 205 3.03 71.94 -90.58
CA VAL I 205 4.38 72.31 -90.99
C VAL I 205 4.84 73.50 -90.17
N ASP I 206 6.16 73.72 -90.16
CA ASP I 206 6.75 74.85 -89.48
C ASP I 206 6.81 76.05 -90.41
N ARG I 207 7.46 77.12 -89.94
CA ARG I 207 7.52 78.35 -90.74
C ARG I 207 8.34 78.16 -92.01
N THR I 208 9.44 77.42 -91.93
CA THR I 208 10.33 77.29 -93.08
C THR I 208 9.65 76.57 -94.24
N PHE I 209 8.98 75.45 -93.95
CA PHE I 209 8.31 74.68 -94.99
C PHE I 209 7.20 75.49 -95.64
N PHE I 210 6.38 76.16 -94.83
CA PHE I 210 5.29 76.97 -95.38
C PHE I 210 5.84 78.11 -96.23
N SER I 211 6.88 78.79 -95.74
CA SER I 211 7.44 79.92 -96.47
C SER I 211 8.03 79.46 -97.81
N LYS I 212 8.73 78.33 -97.82
CA LYS I 212 9.29 77.84 -99.07
C LYS I 212 8.20 77.34 -100.01
N LEU I 213 7.11 76.79 -99.47
CA LEU I 213 6.05 76.27 -100.33
C LEU I 213 5.25 77.39 -100.99
N ILE I 214 4.93 78.45 -100.24
CA ILE I 214 4.03 79.46 -100.77
C ILE I 214 4.66 80.29 -101.88
N LYS I 215 5.98 80.35 -101.95
CA LYS I 215 6.65 81.16 -102.97
C LYS I 215 7.04 80.35 -104.20
N HIS I 216 6.65 79.09 -104.29
CA HIS I 216 6.97 78.31 -105.47
C HIS I 216 6.21 78.86 -106.67
N PRO I 217 6.85 78.98 -107.84
CA PRO I 217 6.15 79.55 -109.00
C PRO I 217 4.92 78.76 -109.43
N LYS I 218 4.93 77.44 -109.24
CA LYS I 218 3.76 76.62 -109.58
C LYS I 218 2.65 76.74 -108.56
N ILE I 219 2.91 77.40 -107.43
CA ILE I 219 1.94 77.47 -106.34
C ILE I 219 1.56 78.90 -105.98
N ARG I 220 2.37 79.89 -106.33
CA ARG I 220 2.15 81.26 -105.89
C ARG I 220 0.81 81.80 -106.37
N ASP I 221 0.39 81.45 -107.58
CA ASP I 221 -0.89 81.94 -108.08
C ASP I 221 -2.05 81.45 -107.23
N ALA I 222 -2.05 80.16 -106.90
CA ALA I 222 -3.09 79.62 -106.03
C ALA I 222 -3.02 80.23 -104.63
N TYR I 223 -1.81 80.44 -104.11
CA TYR I 223 -1.67 81.03 -102.80
C TYR I 223 -2.21 82.45 -102.75
N LEU I 224 -1.90 83.25 -103.78
CA LEU I 224 -2.40 84.62 -103.83
C LEU I 224 -3.89 84.66 -104.14
N ALA I 225 -4.43 83.58 -104.73
CA ALA I 225 -5.86 83.53 -105.01
C ALA I 225 -6.68 83.58 -103.73
N GLN I 226 -6.23 82.91 -102.68
CA GLN I 226 -6.97 82.81 -101.43
C GLN I 226 -6.47 83.77 -100.36
N GLN I 227 -5.76 84.83 -100.75
CA GLN I 227 -5.43 85.92 -99.82
C GLN I 227 -6.57 86.93 -99.83
N THR I 228 -7.73 86.48 -99.36
CA THR I 228 -8.96 87.23 -99.41
C THR I 228 -9.70 86.95 -98.11
N PRO I 229 -10.28 87.97 -97.46
CA PRO I 229 -10.83 87.75 -96.11
C PRO I 229 -11.89 86.67 -96.02
N LEU I 230 -12.72 86.49 -97.05
CA LEU I 230 -13.82 85.54 -96.95
C LEU I 230 -13.36 84.09 -97.07
N ALA I 231 -12.11 83.86 -97.48
CA ALA I 231 -11.60 82.50 -97.68
C ALA I 231 -10.93 81.93 -96.44
N THR I 244 -7.17 77.91 -85.30
CA THR I 244 -7.85 77.84 -84.01
C THR I 244 -6.93 77.33 -82.92
N ASP I 245 -5.78 77.98 -82.76
CA ASP I 245 -4.82 77.61 -81.75
C ASP I 245 -5.19 78.22 -80.39
N GLY I 246 -4.55 77.72 -79.34
CA GLY I 246 -4.71 78.32 -78.03
C GLY I 246 -3.87 79.54 -77.79
N VAL I 247 -2.91 79.82 -78.67
CA VAL I 247 -2.01 80.97 -78.55
C VAL I 247 -2.03 81.82 -79.81
N GLN I 248 -1.75 81.22 -80.96
CA GLN I 248 -1.62 81.94 -82.22
C GLN I 248 -2.97 81.91 -82.94
N ALA I 249 -3.80 82.91 -82.68
CA ALA I 249 -5.04 83.05 -83.41
C ALA I 249 -4.76 83.39 -84.87
N HIS I 250 -5.66 82.96 -85.76
CA HIS I 250 -5.56 83.23 -87.19
C HIS I 250 -4.26 82.65 -87.76
N MET I 251 -4.12 81.33 -87.62
CA MET I 251 -2.93 80.64 -88.09
C MET I 251 -2.86 80.63 -89.61
N ASN I 252 -1.64 80.47 -90.13
CA ASN I 252 -1.45 80.39 -91.57
C ASN I 252 -2.01 79.07 -92.10
N ARG I 253 -2.79 79.16 -93.17
CA ARG I 253 -3.44 78.01 -93.77
C ARG I 253 -3.35 78.11 -95.28
N PHE I 254 -3.26 76.96 -95.94
CA PHE I 254 -3.20 76.92 -97.40
C PHE I 254 -3.84 75.63 -97.90
N TYR I 255 -4.79 75.76 -98.81
CA TYR I 255 -5.49 74.62 -99.39
C TYR I 255 -5.04 74.43 -100.83
N TYR I 256 -4.62 73.21 -101.16
CA TYR I 256 -4.19 72.90 -102.52
C TYR I 256 -4.36 71.40 -102.75
N GLY I 257 -5.12 71.04 -103.77
CA GLY I 257 -5.27 69.63 -104.14
C GLY I 257 -5.91 68.77 -103.07
N GLY I 258 -6.96 69.28 -102.42
CA GLY I 258 -7.62 68.52 -101.39
C GLY I 258 -6.78 68.29 -100.15
N VAL I 259 -5.78 69.13 -99.91
CA VAL I 259 -4.84 68.97 -98.80
C VAL I 259 -4.66 70.33 -98.14
N VAL I 260 -4.67 70.35 -96.80
CA VAL I 260 -4.48 71.57 -96.02
C VAL I 260 -3.04 71.61 -95.53
N PHE I 261 -2.47 72.81 -95.49
CA PHE I 261 -1.07 73.00 -95.10
C PHE I 261 -0.95 73.88 -93.87
N VAL I 262 -1.74 73.58 -92.83
CA VAL I 262 -1.72 74.36 -91.60
C VAL I 262 -0.29 74.53 -91.10
N GLN I 263 0.07 75.79 -90.78
CA GLN I 263 1.37 76.10 -90.21
C GLN I 263 1.26 76.19 -88.70
N TYR I 264 2.15 75.48 -88.01
CA TYR I 264 2.08 75.35 -86.56
C TYR I 264 3.48 75.57 -85.99
N ASN I 265 3.73 76.79 -85.53
CA ASN I 265 5.02 77.12 -84.91
C ASN I 265 4.93 77.03 -83.38
N GLY I 266 4.68 75.82 -82.90
CA GLY I 266 4.59 75.57 -81.47
C GLY I 266 5.87 74.94 -80.94
N LYS I 267 6.25 75.35 -79.73
CA LYS I 267 7.50 74.89 -79.13
C LYS I 267 7.39 75.01 -77.62
N PHE I 268 8.17 74.19 -76.91
CA PHE I 268 8.20 74.19 -75.46
C PHE I 268 9.63 73.99 -74.98
N LYS I 269 9.91 74.43 -73.76
CA LYS I 269 11.20 74.19 -73.13
C LYS I 269 11.12 72.96 -72.23
N ASP I 270 12.21 72.70 -71.51
CA ASP I 270 12.25 71.61 -70.55
C ASP I 270 13.10 72.05 -69.35
N LYS I 271 13.44 71.09 -68.49
CA LYS I 271 14.25 71.39 -67.32
C LYS I 271 15.64 71.87 -67.73
N ARG I 272 16.22 71.24 -68.75
CA ARG I 272 17.56 71.60 -69.21
C ARG I 272 17.58 72.88 -70.04
N GLY I 273 16.41 73.43 -70.38
CA GLY I 273 16.36 74.65 -71.15
C GLY I 273 16.49 74.47 -72.65
N LYS I 274 16.39 73.24 -73.15
CA LYS I 274 16.48 72.98 -74.57
C LYS I 274 15.09 73.08 -75.19
N THR I 275 14.98 73.91 -76.23
CA THR I 275 13.70 74.12 -76.88
C THR I 275 13.26 72.86 -77.64
N HIS I 276 12.02 72.46 -77.42
CA HIS I 276 11.43 71.28 -78.06
C HIS I 276 10.41 71.76 -79.07
N THR I 277 10.85 71.95 -80.32
CA THR I 277 9.92 72.33 -81.38
C THR I 277 8.95 71.19 -81.65
N LEU I 278 7.66 71.52 -81.72
CA LEU I 278 6.65 70.48 -81.89
C LEU I 278 6.71 69.85 -83.28
N VAL I 279 6.98 70.66 -84.30
CA VAL I 279 7.03 70.19 -85.68
C VAL I 279 8.50 70.07 -86.07
N SER I 280 9.04 68.86 -85.96
CA SER I 280 10.44 68.62 -86.31
C SER I 280 10.61 67.13 -86.59
N ILE I 281 11.61 66.83 -87.39
CA ILE I 281 11.93 65.42 -87.69
C ILE I 281 13.16 65.24 -86.85
N ASP I 282 13.42 64.03 -86.42
CA ASP I 282 14.53 63.82 -85.50
C ASP I 282 15.84 63.74 -86.25
N GLY I 283 16.62 64.79 -86.18
CA GLY I 283 17.92 64.64 -86.82
C GLY I 283 18.11 65.64 -87.90
N VAL I 284 17.04 66.28 -88.28
CA VAL I 284 17.23 67.34 -89.26
C VAL I 284 17.44 68.58 -88.41
N SER I 285 18.70 68.94 -88.15
CA SER I 285 19.01 70.18 -87.47
C SER I 285 19.20 71.36 -88.41
N ASP I 286 19.28 71.12 -89.71
CA ASP I 286 19.46 72.22 -90.66
C ASP I 286 18.26 73.16 -90.62
N THR I 287 18.54 74.45 -90.53
CA THR I 287 17.50 75.47 -90.55
C THR I 287 17.04 75.83 -91.96
N ASN I 288 17.73 75.32 -92.98
CA ASN I 288 17.40 75.61 -94.36
C ASN I 288 16.37 74.64 -94.94
N VAL I 289 16.02 73.58 -94.20
CA VAL I 289 15.06 72.58 -94.66
C VAL I 289 13.82 72.66 -93.77
N GLY I 290 12.65 72.57 -94.41
CA GLY I 290 11.41 72.56 -93.67
C GLY I 290 10.96 71.17 -93.30
N VAL I 291 10.16 71.09 -92.24
CA VAL I 291 9.66 69.82 -91.72
C VAL I 291 8.15 69.92 -91.54
N GLY I 292 7.43 68.90 -91.98
CA GLY I 292 6.00 68.85 -91.81
C GLY I 292 5.53 67.43 -91.55
N HIS I 293 4.37 67.33 -90.91
CA HIS I 293 3.76 66.06 -90.59
C HIS I 293 2.34 66.03 -91.12
N ALA I 294 1.97 64.97 -91.84
CA ALA I 294 0.66 64.84 -92.44
C ALA I 294 -0.11 63.71 -91.75
N PHE I 295 -1.33 64.02 -91.33
CA PHE I 295 -2.21 63.07 -90.66
C PHE I 295 -3.63 63.27 -91.15
N PRO I 296 -4.46 62.24 -91.13
CA PRO I 296 -5.88 62.41 -91.49
C PRO I 296 -6.66 62.97 -90.31
N ASN I 297 -7.50 63.96 -90.59
CA ASN I 297 -8.31 64.61 -89.56
C ASN I 297 -9.58 63.78 -89.35
N VAL I 298 -9.51 62.82 -88.44
CA VAL I 298 -10.63 61.94 -88.16
C VAL I 298 -11.30 62.37 -86.86
N ALA I 299 -11.11 63.64 -86.49
CA ALA I 299 -11.64 64.14 -85.22
C ALA I 299 -13.16 64.09 -85.18
N MET I 300 -13.81 64.20 -86.34
CA MET I 300 -15.27 64.23 -86.40
C MET I 300 -15.90 62.84 -86.37
N LEU I 301 -15.10 61.78 -86.35
CA LEU I 301 -15.65 60.43 -86.30
C LEU I 301 -16.37 60.13 -84.99
N GLY I 302 -16.15 60.95 -83.95
CA GLY I 302 -16.81 60.71 -82.69
C GLY I 302 -16.30 59.45 -82.02
N GLU I 303 -17.23 58.62 -81.54
CA GLU I 303 -16.86 57.38 -80.87
C GLU I 303 -16.29 56.33 -81.81
N ALA I 304 -16.39 56.55 -83.12
CA ALA I 304 -15.86 55.62 -84.11
C ALA I 304 -14.39 55.89 -84.43
N ASN I 305 -13.78 56.88 -83.78
CA ASN I 305 -12.38 57.24 -84.02
C ASN I 305 -11.50 56.39 -83.11
N ASN I 306 -11.16 55.18 -83.58
CA ASN I 306 -10.21 54.34 -82.89
C ASN I 306 -8.80 54.47 -83.43
N ILE I 307 -8.60 55.32 -84.45
CA ILE I 307 -7.27 55.49 -85.02
C ILE I 307 -6.35 56.18 -84.01
N PHE I 308 -6.82 57.27 -83.41
CA PHE I 308 -6.04 58.03 -82.45
C PHE I 308 -6.70 57.89 -81.08
N GLU I 309 -5.91 57.51 -80.07
CA GLU I 309 -6.43 57.30 -78.74
C GLU I 309 -5.33 57.54 -77.71
N VAL I 310 -5.76 57.83 -76.49
CA VAL I 310 -4.86 58.00 -75.35
C VAL I 310 -5.43 57.22 -74.18
N ALA I 311 -4.58 56.44 -73.50
CA ALA I 311 -5.00 55.57 -72.42
C ALA I 311 -4.52 56.11 -71.09
N TYR I 312 -5.33 55.90 -70.04
CA TYR I 312 -5.00 56.35 -68.70
C TYR I 312 -5.07 55.17 -67.74
N ALA I 313 -4.21 55.19 -66.73
CA ALA I 313 -4.07 54.10 -65.78
C ALA I 313 -4.02 54.65 -64.36
N PRO I 314 -4.40 53.85 -63.37
CA PRO I 314 -4.44 54.36 -61.99
C PRO I 314 -3.06 54.62 -61.41
N CYS I 315 -3.03 55.48 -60.40
CA CYS I 315 -1.82 55.85 -59.69
C CYS I 315 -1.49 54.80 -58.63
N PRO I 316 -0.21 54.70 -58.21
CA PRO I 316 0.17 53.67 -57.22
C PRO I 316 -0.03 54.14 -55.78
N LYS I 317 -1.30 54.36 -55.41
CA LYS I 317 -1.66 54.74 -54.05
C LYS I 317 -2.78 53.83 -53.55
N MET I 318 -2.87 53.69 -52.24
CA MET I 318 -3.90 52.86 -51.64
C MET I 318 -5.27 53.45 -51.91
N GLY I 319 -6.23 52.57 -52.22
CA GLY I 319 -7.57 53.00 -52.57
C GLY I 319 -7.77 53.34 -54.03
N TYR I 320 -6.71 53.35 -54.83
CA TYR I 320 -6.80 53.60 -56.25
C TYR I 320 -6.29 52.46 -57.11
N ALA I 321 -5.78 51.39 -56.51
CA ALA I 321 -5.33 50.25 -57.28
C ALA I 321 -6.53 49.54 -57.93
N ASN I 322 -6.31 49.04 -59.15
CA ASN I 322 -7.35 48.35 -59.92
C ASN I 322 -8.59 49.22 -60.08
N THR I 323 -8.39 50.50 -60.37
CA THR I 323 -9.47 51.42 -60.64
C THR I 323 -9.20 52.14 -61.95
N LEU I 324 -10.27 52.65 -62.57
CA LEU I 324 -10.13 53.38 -63.82
C LEU I 324 -9.27 54.62 -63.65
N GLY I 325 -8.30 54.81 -64.55
CA GLY I 325 -7.44 55.95 -64.47
C GLY I 325 -8.10 57.23 -64.94
N GLN I 326 -7.59 58.33 -64.48
CA GLN I 326 -8.17 59.61 -64.80
C GLN I 326 -7.02 60.35 -65.42
N GLU I 327 -7.24 61.56 -65.83
CA GLU I 327 -6.18 62.22 -66.55
C GLU I 327 -5.26 62.87 -65.58
N LEU I 328 -5.76 63.50 -64.55
CA LEU I 328 -4.86 64.06 -63.53
C LEU I 328 -5.35 63.54 -62.20
N TYR I 329 -4.45 63.31 -61.28
CA TYR I 329 -4.67 62.79 -59.93
C TYR I 329 -4.06 63.78 -58.95
N VAL I 330 -4.87 64.74 -58.49
CA VAL I 330 -4.41 65.76 -57.55
C VAL I 330 -4.69 65.27 -56.13
N PHE I 331 -3.64 65.20 -55.32
CA PHE I 331 -3.73 64.74 -53.95
C PHE I 331 -3.25 65.83 -53.00
N GLU I 332 -3.97 65.98 -51.89
CA GLU I 332 -3.65 66.99 -50.88
C GLU I 332 -3.28 66.29 -49.58
N TYR I 333 -2.11 66.62 -49.04
CA TYR I 333 -1.62 66.03 -47.81
C TYR I 333 -1.19 67.12 -46.84
N GLU I 334 -1.46 66.90 -45.56
CA GLU I 334 -1.16 67.89 -44.52
C GLU I 334 0.15 67.51 -43.85
N LYS I 335 1.06 68.49 -43.74
CA LYS I 335 2.34 68.26 -43.09
C LYS I 335 2.15 68.13 -41.58
N ASP I 336 3.14 67.53 -40.93
CA ASP I 336 3.07 67.28 -39.50
C ASP I 336 3.08 68.57 -38.70
N ARG I 337 2.33 68.56 -37.59
CA ARG I 337 2.24 69.71 -36.67
C ARG I 337 1.84 70.99 -37.39
N ASP I 338 0.89 70.89 -38.33
CA ASP I 338 0.34 72.03 -39.04
C ASP I 338 1.42 72.89 -39.71
N GLU I 339 2.44 72.24 -40.25
CA GLU I 339 3.54 72.99 -40.86
C GLU I 339 3.19 73.46 -42.27
N GLY I 340 2.18 72.89 -42.89
CA GLY I 340 1.81 73.30 -44.23
C GLY I 340 0.98 72.22 -44.92
N ILE I 341 0.90 72.34 -46.23
CA ILE I 341 0.13 71.42 -47.07
C ILE I 341 1.02 70.92 -48.20
N ASP I 342 0.96 69.61 -48.44
CA ASP I 342 1.74 68.98 -49.50
C ASP I 342 0.81 68.54 -50.62
N PHE I 343 1.24 68.76 -51.86
CA PHE I 343 0.45 68.45 -53.04
C PHE I 343 1.13 67.38 -53.87
N GLU I 344 0.34 66.72 -54.72
CA GLU I 344 0.85 65.68 -55.60
C GLU I 344 -0.10 65.53 -56.78
N ALA I 345 0.42 65.67 -57.99
CA ALA I 345 -0.35 65.52 -59.21
C ALA I 345 0.26 64.41 -60.04
N HIS I 346 -0.53 63.38 -60.35
CA HIS I 346 -0.06 62.21 -61.08
C HIS I 346 -0.80 62.09 -62.40
N SER I 347 -0.17 61.41 -63.34
CA SER I 347 -0.79 61.12 -64.64
C SER I 347 -0.06 59.95 -65.27
N TYR I 348 -0.79 58.86 -65.52
CA TYR I 348 -0.24 57.64 -66.10
C TYR I 348 -0.90 57.47 -67.46
N MET I 349 -0.29 58.04 -68.49
CA MET I 349 -0.92 58.13 -69.80
C MET I 349 0.09 57.81 -70.90
N LEU I 350 -0.44 57.39 -72.05
CA LEU I 350 0.35 57.16 -73.25
C LEU I 350 -0.52 57.27 -74.49
N PRO I 351 -0.28 58.26 -75.35
CA PRO I 351 -1.03 58.35 -76.60
C PRO I 351 -0.42 57.48 -77.70
N TYR I 352 -1.29 57.00 -78.58
CA TYR I 352 -0.85 56.10 -79.64
C TYR I 352 -1.80 56.25 -80.83
N CYS I 353 -1.33 55.76 -81.98
CA CYS I 353 -2.12 55.72 -83.20
C CYS I 353 -2.26 54.28 -83.66
N THR I 354 -3.50 53.85 -83.92
CA THR I 354 -3.75 52.48 -84.31
C THR I 354 -3.32 52.19 -85.74
N ARG I 355 -3.17 53.20 -86.58
CA ARG I 355 -2.79 53.04 -87.98
C ARG I 355 -1.64 53.99 -88.28
N PRO I 356 -0.41 53.61 -87.92
CA PRO I 356 0.73 54.51 -88.16
C PRO I 356 1.08 54.68 -89.63
N GLN I 357 0.56 53.86 -90.53
CA GLN I 357 0.83 54.03 -91.95
C GLN I 357 0.26 55.33 -92.50
N LEU I 358 -0.68 55.95 -91.80
CA LEU I 358 -1.28 57.21 -92.21
C LEU I 358 -0.49 58.42 -91.73
N LEU I 359 0.59 58.21 -90.99
CA LEU I 359 1.45 59.29 -90.51
C LEU I 359 2.67 59.36 -91.42
N VAL I 360 2.79 60.45 -92.17
CA VAL I 360 3.87 60.62 -93.13
C VAL I 360 4.49 62.00 -92.94
N ASP I 361 5.82 62.05 -93.00
CA ASP I 361 6.55 63.30 -92.86
C ASP I 361 6.90 63.87 -94.23
N VAL I 362 6.77 65.18 -94.37
CA VAL I 362 7.06 65.87 -95.62
C VAL I 362 8.24 66.80 -95.38
N ARG I 363 9.23 66.73 -96.27
CA ARG I 363 10.46 67.50 -96.13
C ARG I 363 10.58 68.46 -97.32
N SER I 364 11.29 69.56 -97.07
CA SER I 364 11.43 70.63 -98.06
C SER I 364 12.70 70.53 -98.88
N ASP I 365 13.40 69.41 -98.69
CA ASP I 365 14.69 69.14 -99.32
C ASP I 365 14.47 68.03 -100.29
N ALA I 366 15.50 67.42 -100.81
CA ALA I 366 15.31 66.39 -101.86
C ALA I 366 16.10 65.14 -101.52
N GLU I 367 15.63 64.00 -101.98
CA GLU I 367 16.31 62.74 -101.59
C GLU I 367 17.46 62.53 -102.56
N ALA J 2 4.79 12.38 -70.85
CA ALA J 2 3.40 11.90 -70.87
C ALA J 2 2.72 12.67 -71.95
N TYR J 3 2.18 12.06 -72.97
CA TYR J 3 1.38 12.81 -73.94
C TYR J 3 0.76 13.94 -73.16
N GLN J 4 -0.20 13.58 -72.36
CA GLN J 4 -0.56 14.63 -71.42
C GLN J 4 -0.69 14.03 -70.02
N GLY J 5 0.19 13.14 -69.54
CA GLY J 5 0.11 12.64 -68.18
C GLY J 5 0.09 13.86 -67.35
N PHE J 6 0.92 14.80 -67.71
CA PHE J 6 1.03 16.06 -66.98
C PHE J 6 1.59 17.15 -67.77
N THR J 7 1.14 18.38 -67.66
CA THR J 7 1.57 19.72 -68.06
C THR J 7 1.70 20.58 -66.82
N LYS J 8 2.83 21.26 -66.68
CA LYS J 8 3.05 22.23 -65.62
C LYS J 8 3.03 23.61 -66.25
N LEU J 9 2.01 24.40 -65.89
CA LEU J 9 1.82 25.70 -66.56
C LEU J 9 2.86 26.70 -66.11
N GLY J 10 3.25 26.68 -64.84
CA GLY J 10 4.31 27.55 -64.37
C GLY J 10 4.11 27.94 -62.93
N GLU J 11 4.89 28.93 -62.51
CA GLU J 11 4.87 29.44 -61.14
C GLU J 11 4.71 30.95 -61.17
N ARG J 12 4.17 31.49 -60.09
CA ARG J 12 3.95 32.94 -59.97
C ARG J 12 5.17 33.60 -59.33
N GLU J 13 5.63 34.69 -59.94
CA GLU J 13 6.81 35.38 -59.46
C GLU J 13 6.53 36.04 -58.11
N PRO J 14 7.57 36.24 -57.30
CA PRO J 14 7.37 36.86 -55.99
C PRO J 14 6.81 38.26 -56.09
N LEU J 15 5.93 38.60 -55.15
CA LEU J 15 5.31 39.91 -55.10
C LEU J 15 6.17 40.89 -54.31
N ASN J 16 5.96 42.18 -54.56
CA ASN J 16 6.71 43.23 -53.89
C ASN J 16 6.05 43.55 -52.55
N ASP J 17 6.30 42.67 -51.58
CA ASP J 17 5.79 42.84 -50.23
C ASP J 17 6.90 42.92 -49.17
N ILE J 18 8.17 42.91 -49.59
CA ILE J 18 9.27 42.93 -48.64
C ILE J 18 9.35 44.25 -47.88
N ILE J 19 8.88 45.35 -48.48
CA ILE J 19 9.01 46.65 -47.84
C ILE J 19 8.08 46.72 -46.63
N LEU J 20 8.66 47.01 -45.47
CA LEU J 20 7.92 47.13 -44.23
C LEU J 20 7.80 48.57 -43.78
N TRP J 21 8.89 49.33 -43.76
CA TRP J 21 8.87 50.75 -43.48
C TRP J 21 9.95 51.43 -44.29
N GLU J 22 9.64 52.60 -44.82
CA GLU J 22 10.60 53.40 -45.57
C GLU J 22 10.29 54.87 -45.36
N GLU J 23 11.32 55.70 -45.57
CA GLU J 23 11.14 57.14 -45.41
C GLU J 23 10.28 57.68 -46.55
N ILE J 24 9.01 57.90 -46.27
CA ILE J 24 8.07 58.34 -47.31
C ILE J 24 8.20 59.85 -47.46
N THR J 25 8.53 60.28 -48.68
CA THR J 25 8.79 61.67 -49.03
C THR J 25 8.01 62.02 -50.29
N PRO J 26 7.81 63.32 -50.56
CA PRO J 26 7.14 63.70 -51.82
C PRO J 26 7.83 63.12 -53.06
N THR J 27 9.16 63.10 -53.07
CA THR J 27 9.90 62.43 -54.13
C THR J 27 10.21 61.01 -53.70
N GLY J 28 11.08 60.33 -54.45
CA GLY J 28 11.45 58.98 -54.09
C GLY J 28 12.63 58.92 -53.14
N HIS J 29 12.35 58.78 -51.85
CA HIS J 29 13.38 58.63 -50.83
C HIS J 29 13.57 57.16 -50.54
N SER J 30 14.84 56.74 -50.41
CA SER J 30 15.20 55.34 -50.27
C SER J 30 14.66 54.51 -51.44
N ARG J 31 14.76 55.07 -52.64
CA ARG J 31 14.29 54.41 -53.85
C ARG J 31 15.08 54.96 -55.03
N LYS J 32 15.90 54.11 -55.64
CA LYS J 32 16.78 54.54 -56.73
C LYS J 32 16.44 53.78 -58.00
N GLU J 33 16.57 54.47 -59.12
CA GLU J 33 16.29 53.91 -60.44
C GLU J 33 17.59 53.43 -61.08
N TYR J 34 17.59 52.19 -61.56
CA TYR J 34 18.72 51.62 -62.26
C TYR J 34 18.36 51.34 -63.71
N ALA J 35 19.26 51.71 -64.61
CA ALA J 35 19.13 51.28 -66.00
C ALA J 35 19.42 49.79 -66.07
N PRO J 36 18.49 48.97 -66.54
CA PRO J 36 18.69 47.52 -66.49
C PRO J 36 19.90 47.09 -67.31
N VAL J 37 20.63 46.11 -66.78
CA VAL J 37 21.78 45.55 -67.48
C VAL J 37 21.28 44.63 -68.57
N ALA J 38 21.87 44.75 -69.76
CA ALA J 38 21.40 43.97 -70.91
C ALA J 38 21.52 42.48 -70.64
N SER J 39 20.47 41.75 -71.04
CA SER J 39 20.41 40.30 -70.89
C SER J 39 20.58 39.87 -69.44
N THR J 40 19.98 40.62 -68.52
CA THR J 40 20.01 40.31 -67.10
C THR J 40 18.59 40.41 -66.55
N GLU J 41 18.17 39.39 -65.83
CA GLU J 41 16.81 39.29 -65.31
C GLU J 41 16.81 39.60 -63.81
N TYR J 42 15.94 40.51 -63.40
CA TYR J 42 15.84 40.96 -62.02
C TYR J 42 14.57 40.42 -61.37
N ARG J 43 14.63 40.27 -60.04
CA ARG J 43 13.49 39.81 -59.26
C ARG J 43 13.46 40.56 -57.94
N VAL J 44 12.39 40.35 -57.18
CA VAL J 44 12.23 41.02 -55.89
C VAL J 44 13.16 40.37 -54.87
N GLY J 45 13.97 41.20 -54.20
CA GLY J 45 14.84 40.73 -53.14
C GLY J 45 16.30 40.58 -53.52
N GLU J 46 16.63 40.67 -54.81
CA GLU J 46 18.02 40.54 -55.22
C GLU J 46 18.80 41.80 -54.86
N VAL J 47 20.07 41.62 -54.53
CA VAL J 47 20.94 42.73 -54.12
C VAL J 47 21.69 43.24 -55.34
N LEU J 48 21.73 44.55 -55.50
CA LEU J 48 22.26 45.18 -56.70
C LEU J 48 23.51 45.99 -56.38
N LYS J 49 24.36 46.15 -57.38
CA LYS J 49 25.54 47.00 -57.26
C LYS J 49 25.17 48.44 -57.62
N ALA J 50 26.17 49.33 -57.56
CA ALA J 50 25.95 50.71 -57.96
C ALA J 50 25.63 50.81 -59.45
N ASP J 51 26.30 50.01 -60.27
CA ASP J 51 26.06 50.05 -61.71
C ASP J 51 24.71 49.47 -62.10
N GLY J 52 24.19 48.52 -61.31
CA GLY J 52 22.89 47.95 -61.60
C GLY J 52 22.92 46.47 -61.86
N SER J 53 24.00 45.81 -61.48
CA SER J 53 24.12 44.37 -61.63
C SER J 53 24.13 43.69 -60.26
N LYS J 54 23.82 42.40 -60.26
CA LYS J 54 23.79 41.63 -59.03
C LYS J 54 25.18 41.52 -58.42
N VAL J 55 25.22 41.56 -57.09
CA VAL J 55 26.48 41.41 -56.37
C VAL J 55 26.87 39.94 -56.38
N ALA J 56 28.15 39.64 -56.50
CA ALA J 56 28.56 38.25 -56.68
C ALA J 56 29.58 37.90 -55.62
N ALA J 57 29.87 36.64 -55.48
CA ALA J 57 30.77 36.22 -54.40
C ALA J 57 31.98 37.13 -54.31
N GLY J 58 32.11 37.82 -53.20
CA GLY J 58 33.29 38.67 -53.04
C GLY J 58 32.85 40.07 -53.20
N GLN J 59 32.08 40.33 -54.23
CA GLN J 59 31.68 41.69 -54.56
C GLN J 59 30.74 42.20 -53.47
N GLU J 60 30.60 41.52 -52.34
CA GLU J 60 29.58 41.83 -51.30
C GLU J 60 29.80 42.99 -50.34
N ALA J 61 30.59 43.99 -50.66
CA ALA J 61 30.83 45.04 -49.68
C ALA J 61 30.42 46.30 -50.38
N GLN J 62 30.35 46.18 -51.67
CA GLN J 62 29.80 47.26 -52.48
C GLN J 62 28.33 47.02 -52.85
N ALA J 63 27.59 46.33 -52.00
CA ALA J 63 26.15 46.17 -52.20
C ALA J 63 25.48 47.53 -52.11
N ASP J 64 24.55 47.79 -53.04
CA ASP J 64 23.95 49.11 -53.18
C ASP J 64 22.46 49.17 -52.87
N SER J 65 21.68 48.17 -53.27
CA SER J 65 20.25 48.26 -53.09
C SER J 65 19.64 46.85 -53.12
N VAL J 66 18.37 46.78 -52.77
CA VAL J 66 17.57 45.55 -52.85
C VAL J 66 16.50 45.78 -53.89
N CYS J 67 16.50 44.97 -54.95
CA CYS J 67 15.55 45.15 -56.03
C CYS J 67 14.14 44.83 -55.56
N ILE J 68 13.18 45.65 -55.99
CA ILE J 68 11.80 45.49 -55.57
C ILE J 68 10.88 45.40 -56.77
N VAL J 69 11.45 45.04 -57.94
CA VAL J 69 10.67 44.89 -59.16
C VAL J 69 11.06 43.58 -59.82
N ASN J 70 10.21 43.14 -60.74
CA ASN J 70 10.42 41.92 -61.51
C ASN J 70 10.64 42.32 -62.97
N PHE J 71 11.91 42.38 -63.37
CA PHE J 71 12.28 42.79 -64.72
C PHE J 71 12.53 41.56 -65.58
N TYR J 72 11.94 41.56 -66.78
CA TYR J 72 12.14 40.49 -67.75
C TYR J 72 13.15 40.95 -68.79
N ALA J 73 14.28 40.24 -68.88
CA ALA J 73 15.35 40.66 -69.79
C ALA J 73 14.98 40.45 -71.24
N ASP J 74 14.06 39.52 -71.53
CA ASP J 74 13.74 39.16 -72.90
C ASP J 74 12.83 40.16 -73.59
N LEU J 75 11.95 40.80 -72.75
CA LEU J 75 10.94 41.83 -73.20
C LEU J 75 11.32 43.22 -72.73
N GLN J 76 12.30 43.36 -71.88
CA GLN J 76 12.88 44.63 -71.40
C GLN J 76 11.86 45.53 -70.77
N LEU J 77 10.74 44.99 -70.45
CA LEU J 77 9.77 45.78 -69.68
C LEU J 77 9.76 44.98 -68.41
N SER J 78 9.17 45.45 -67.38
CA SER J 78 9.14 44.90 -66.03
C SER J 78 7.76 44.34 -65.69
N TYR J 79 7.55 44.03 -64.41
CA TYR J 79 6.27 43.49 -63.97
C TYR J 79 5.15 44.49 -64.25
N HIS J 80 5.37 45.76 -63.93
CA HIS J 80 4.35 46.79 -64.07
C HIS J 80 4.49 47.60 -65.35
N GLY J 81 5.28 47.11 -66.31
CA GLY J 81 5.46 47.83 -67.55
C GLY J 81 6.37 49.04 -67.46
N GLN J 82 7.33 49.02 -66.54
CA GLN J 82 8.28 50.12 -66.37
C GLN J 82 9.63 49.70 -66.95
N LEU J 83 10.22 50.56 -67.76
CA LEU J 83 11.49 50.24 -68.39
C LEU J 83 12.66 50.73 -67.54
N LYS J 84 12.64 50.38 -66.25
CA LYS J 84 13.69 50.72 -65.31
C LYS J 84 13.65 49.71 -64.18
N VAL J 85 14.76 49.62 -63.45
CA VAL J 85 14.87 48.76 -62.29
C VAL J 85 14.95 49.65 -61.06
N VAL J 86 14.07 49.40 -60.09
CA VAL J 86 13.96 50.21 -58.89
C VAL J 86 14.34 49.38 -57.68
N GLY J 87 15.19 49.92 -56.84
CA GLY J 87 15.60 49.24 -55.62
C GLY J 87 15.74 50.22 -54.49
N ILE J 88 15.56 49.71 -53.26
CA ILE J 88 15.68 50.54 -52.06
C ILE J 88 17.14 50.59 -51.65
N TYR J 89 17.70 51.80 -51.61
CA TYR J 89 19.12 51.99 -51.30
C TYR J 89 19.38 52.74 -50.01
N ARG J 90 18.54 53.72 -49.67
CA ARG J 90 18.73 54.50 -48.45
C ARG J 90 17.94 53.85 -47.31
N ASP J 91 17.78 54.55 -46.20
CA ASP J 91 17.20 53.97 -45.00
C ASP J 91 15.79 53.47 -45.23
N ALA J 92 15.53 52.23 -44.81
CA ALA J 92 14.24 51.57 -44.94
C ALA J 92 14.30 50.29 -44.11
N GLU J 93 13.17 49.59 -44.07
CA GLU J 93 13.06 48.31 -43.37
C GLU J 93 12.42 47.29 -44.28
N LEU J 94 13.08 46.13 -44.45
CA LEU J 94 12.63 45.10 -45.37
C LEU J 94 12.63 43.75 -44.66
N LYS J 95 11.83 42.83 -45.20
CA LYS J 95 11.80 41.47 -44.71
C LYS J 95 13.09 40.74 -45.08
N ASP J 96 13.35 39.63 -44.39
CA ASP J 96 14.54 38.82 -44.65
C ASP J 96 14.29 37.84 -45.80
N LEU J 97 13.95 38.37 -46.97
CA LEU J 97 13.73 37.57 -48.18
C LEU J 97 14.67 38.11 -49.25
N LEU J 98 15.88 37.60 -49.30
CA LEU J 98 16.92 38.09 -50.19
C LEU J 98 17.35 36.98 -51.13
N LYS J 99 17.57 37.33 -52.40
CA LYS J 99 18.10 36.41 -53.40
C LYS J 99 19.59 36.73 -53.57
N LEU J 100 20.39 35.96 -52.92
CA LEU J 100 21.82 36.22 -53.05
C LEU J 100 22.36 35.18 -54.03
N GLU J 101 23.18 35.61 -55.00
CA GLU J 101 23.77 34.73 -56.00
C GLU J 101 24.71 33.78 -55.31
N SER J 102 24.78 32.54 -55.77
CA SER J 102 25.58 31.53 -55.06
C SER J 102 26.91 32.10 -54.62
N GLY J 103 27.36 31.72 -53.43
CA GLY J 103 28.64 32.20 -52.92
C GLY J 103 28.54 33.47 -52.12
N VAL J 104 27.48 34.25 -52.27
CA VAL J 104 27.42 35.56 -51.58
C VAL J 104 27.32 35.32 -50.07
N ASP J 105 28.18 35.96 -49.29
CA ASP J 105 28.01 35.95 -47.85
C ASP J 105 26.85 36.85 -47.46
N ALA J 106 25.85 36.28 -46.79
CA ALA J 106 24.69 37.06 -46.36
C ALA J 106 25.08 38.10 -45.31
N ALA J 107 25.98 37.73 -44.39
CA ALA J 107 26.35 38.64 -43.32
C ALA J 107 27.02 39.89 -43.86
N ALA J 108 27.89 39.75 -44.88
CA ALA J 108 28.58 40.90 -45.43
C ALA J 108 27.62 41.89 -46.08
N VAL J 109 26.69 41.38 -46.90
CA VAL J 109 25.74 42.26 -47.56
C VAL J 109 24.80 42.89 -46.53
N LYS J 110 24.43 42.13 -45.49
CA LYS J 110 23.60 42.70 -44.44
C LYS J 110 24.32 43.84 -43.72
N SER J 111 25.61 43.65 -43.42
CA SER J 111 26.38 44.71 -42.78
C SER J 111 26.51 45.93 -43.67
N ALA J 112 26.75 45.71 -44.97
CA ALA J 112 26.86 46.84 -45.89
C ALA J 112 25.56 47.62 -45.98
N LEU J 113 24.42 46.92 -46.10
CA LEU J 113 23.14 47.61 -46.18
C LEU J 113 22.79 48.29 -44.86
N LYS J 114 23.15 47.69 -43.73
CA LYS J 114 22.95 48.34 -42.44
C LYS J 114 23.77 49.62 -42.35
N ALA J 115 25.01 49.59 -42.82
CA ALA J 115 25.83 50.79 -42.84
C ALA J 115 25.21 51.86 -43.73
N LYS J 116 24.63 51.45 -44.86
CA LYS J 116 23.94 52.40 -45.72
C LYS J 116 22.57 52.82 -45.19
N GLY J 117 22.05 52.12 -44.18
CA GLY J 117 20.82 52.53 -43.51
C GLY J 117 19.67 51.56 -43.59
N ILE J 118 19.81 50.44 -44.31
CA ILE J 118 18.71 49.49 -44.45
C ILE J 118 18.78 48.46 -43.34
N ASP J 119 17.68 48.26 -42.63
CA ASP J 119 17.58 47.27 -41.57
C ASP J 119 16.65 46.15 -42.02
N PHE J 120 16.99 44.91 -41.67
CA PHE J 120 16.24 43.74 -42.07
C PHE J 120 15.52 43.16 -40.86
N VAL J 121 14.21 43.01 -40.98
CA VAL J 121 13.40 42.43 -39.91
C VAL J 121 13.42 40.90 -40.06
N PRO J 122 13.71 40.14 -39.00
CA PRO J 122 13.70 38.68 -39.11
C PRO J 122 12.34 38.13 -39.51
N THR J 123 12.32 37.35 -40.60
CA THR J 123 11.08 36.84 -41.16
C THR J 123 10.95 35.35 -40.88
N GLY J 124 9.77 34.94 -40.44
CA GLY J 124 9.51 33.53 -40.22
C GLY J 124 9.27 32.80 -41.52
N LEU J 125 9.22 31.48 -41.42
CA LEU J 125 8.99 30.64 -42.59
C LEU J 125 7.55 30.16 -42.63
N ALA K 2 19.16 58.11 12.95
CA ALA K 2 20.34 57.28 13.13
C ALA K 2 21.29 57.91 14.14
N TYR K 3 22.54 57.45 14.16
CA TYR K 3 23.55 58.05 15.01
C TYR K 3 24.13 59.34 14.43
N GLN K 4 23.87 59.60 13.15
CA GLN K 4 24.29 60.84 12.51
C GLN K 4 23.20 61.90 12.53
N GLY K 5 22.00 61.57 13.01
CA GLY K 5 20.91 62.50 13.08
C GLY K 5 19.95 62.48 11.90
N PHE K 6 20.35 61.88 10.78
CA PHE K 6 19.52 61.82 9.60
C PHE K 6 19.61 60.43 8.98
N THR K 7 18.53 60.02 8.31
CA THR K 7 18.37 58.68 7.77
C THR K 7 17.81 58.74 6.34
N LYS K 8 18.44 59.52 5.48
CA LYS K 8 18.01 59.63 4.09
C LYS K 8 18.00 58.25 3.42
N LEU K 9 16.92 57.97 2.71
CA LEU K 9 16.69 56.67 2.07
C LEU K 9 16.86 56.73 0.55
N GLY K 10 17.61 57.72 0.07
CA GLY K 10 17.89 57.83 -1.34
C GLY K 10 16.85 58.63 -2.10
N GLU K 11 17.11 58.77 -3.41
CA GLU K 11 16.28 59.56 -4.30
C GLU K 11 15.76 58.69 -5.43
N ARG K 12 14.57 59.02 -5.91
CA ARG K 12 13.94 58.25 -6.99
C ARG K 12 14.82 58.24 -8.23
N GLU K 13 14.91 57.07 -8.87
CA GLU K 13 15.69 56.93 -10.08
C GLU K 13 15.06 57.75 -11.21
N PRO K 14 15.85 58.20 -12.17
CA PRO K 14 15.31 59.03 -13.25
C PRO K 14 14.24 58.28 -14.04
N LEU K 15 13.21 59.02 -14.44
CA LEU K 15 12.12 58.46 -15.24
C LEU K 15 12.43 58.62 -16.72
N ASN K 16 11.80 57.75 -17.52
CA ASN K 16 12.00 57.79 -18.97
C ASN K 16 11.12 58.84 -19.62
N ASP K 17 11.43 60.10 -19.35
CA ASP K 17 10.72 61.24 -19.94
C ASP K 17 11.64 62.16 -20.74
N ILE K 18 12.88 61.74 -20.99
CA ILE K 18 13.83 62.60 -21.68
C ILE K 18 13.61 62.63 -23.19
N ILE K 19 12.89 61.66 -23.73
CA ILE K 19 12.67 61.60 -25.18
C ILE K 19 11.54 62.55 -25.54
N LEU K 20 11.88 63.60 -26.30
CA LEU K 20 10.89 64.54 -26.80
C LEU K 20 10.41 64.19 -28.21
N TRP K 21 11.30 63.72 -29.07
CA TRP K 21 10.92 63.26 -30.40
C TRP K 21 11.88 62.16 -30.81
N GLU K 22 11.34 61.14 -31.48
CA GLU K 22 12.15 60.06 -32.01
C GLU K 22 11.46 59.51 -33.24
N GLU K 23 12.23 58.81 -34.08
CA GLU K 23 11.72 58.24 -35.31
C GLU K 23 10.85 57.04 -34.97
N ILE K 24 9.53 57.25 -34.93
CA ILE K 24 8.62 56.15 -34.63
C ILE K 24 8.57 55.22 -35.84
N THR K 25 8.96 53.96 -35.62
CA THR K 25 9.16 52.98 -36.67
C THR K 25 8.60 51.65 -36.19
N PRO K 26 8.09 50.82 -37.10
CA PRO K 26 7.57 49.51 -36.68
C PRO K 26 8.52 48.69 -35.81
N THR K 27 9.82 48.76 -36.06
CA THR K 27 10.79 47.97 -35.30
C THR K 27 11.84 48.84 -34.61
N GLY K 28 11.45 50.03 -34.16
CA GLY K 28 12.34 50.81 -33.32
C GLY K 28 13.55 51.38 -34.02
N HIS K 29 13.34 52.39 -34.88
CA HIS K 29 14.44 52.97 -35.65
C HIS K 29 15.58 53.44 -34.75
N SER K 30 15.26 54.19 -33.69
CA SER K 30 16.27 54.79 -32.84
C SER K 30 16.65 53.93 -31.64
N ARG K 31 16.00 52.79 -31.45
CA ARG K 31 16.27 51.92 -30.32
C ARG K 31 17.27 50.85 -30.69
N LYS K 32 18.30 50.67 -29.85
CA LYS K 32 19.33 49.67 -30.07
C LYS K 32 19.54 48.89 -28.78
N GLU K 33 19.61 47.56 -28.90
CA GLU K 33 19.77 46.70 -27.74
C GLU K 33 21.23 46.60 -27.32
N TYR K 34 21.43 46.31 -26.04
CA TYR K 34 22.77 46.06 -25.50
C TYR K 34 22.72 44.85 -24.58
N ALA K 35 23.77 44.04 -24.64
CA ALA K 35 23.95 43.00 -23.65
C ALA K 35 24.59 43.60 -22.40
N PRO K 36 23.93 43.58 -21.25
CA PRO K 36 24.46 44.27 -20.07
C PRO K 36 25.81 43.72 -19.65
N VAL K 37 26.69 44.62 -19.21
CA VAL K 37 28.00 44.23 -18.70
C VAL K 37 27.85 43.79 -17.25
N ALA K 38 28.66 42.83 -16.84
CA ALA K 38 28.56 42.27 -15.49
C ALA K 38 28.90 43.33 -14.44
N SER K 39 28.10 43.37 -13.37
CA SER K 39 28.31 44.27 -12.24
C SER K 39 28.37 45.73 -12.69
N THR K 40 27.37 46.12 -13.48
CA THR K 40 27.27 47.49 -13.99
C THR K 40 25.82 47.95 -13.85
N GLU K 41 25.63 49.13 -13.27
CA GLU K 41 24.31 49.73 -13.10
C GLU K 41 24.05 50.73 -14.21
N TYR K 42 22.90 50.61 -14.86
CA TYR K 42 22.48 51.53 -15.90
C TYR K 42 21.31 52.38 -15.41
N ARG K 43 21.33 53.64 -15.79
CA ARG K 43 20.28 54.59 -15.43
C ARG K 43 19.89 55.40 -16.67
N VAL K 44 18.70 55.99 -16.62
CA VAL K 44 18.19 56.76 -17.75
C VAL K 44 19.03 58.03 -17.89
N GLY K 45 19.80 58.11 -18.97
CA GLY K 45 20.61 59.29 -19.22
C GLY K 45 22.07 58.99 -19.44
N GLU K 46 22.56 57.88 -18.89
CA GLU K 46 23.96 57.53 -19.03
C GLU K 46 24.31 57.20 -20.48
N VAL K 47 25.47 57.67 -20.92
CA VAL K 47 25.94 57.45 -22.28
C VAL K 47 26.76 56.18 -22.32
N LEU K 48 26.51 55.34 -23.33
CA LEU K 48 27.16 54.04 -23.45
C LEU K 48 27.96 53.98 -24.75
N LYS K 49 29.04 53.21 -24.73
CA LYS K 49 29.80 52.93 -25.94
C LYS K 49 29.16 51.80 -26.71
N ALA K 50 29.75 51.45 -27.86
CA ALA K 50 29.24 50.33 -28.64
C ALA K 50 29.41 49.01 -27.92
N ASP K 51 30.42 48.91 -27.04
CA ASP K 51 30.63 47.69 -26.28
C ASP K 51 29.51 47.46 -25.28
N GLY K 52 28.94 48.54 -24.76
CA GLY K 52 27.92 48.46 -23.72
C GLY K 52 28.30 49.10 -22.41
N SER K 53 29.56 49.49 -22.24
CA SER K 53 30.01 50.14 -21.02
C SER K 53 29.89 51.65 -21.16
N LYS K 54 29.96 52.33 -20.01
CA LYS K 54 29.79 53.78 -19.99
C LYS K 54 31.01 54.48 -20.57
N VAL K 55 30.77 55.69 -21.09
CA VAL K 55 31.84 56.50 -21.66
C VAL K 55 32.64 57.11 -20.52
N ALA K 56 33.90 56.70 -20.39
CA ALA K 56 34.78 57.22 -19.35
C ALA K 56 35.57 58.40 -19.89
N ALA K 57 36.44 58.97 -19.05
CA ALA K 57 37.24 60.11 -19.45
C ALA K 57 38.24 59.73 -20.53
N GLY K 58 38.36 60.60 -21.53
CA GLY K 58 39.30 60.39 -22.62
C GLY K 58 38.73 59.66 -23.82
N GLN K 59 37.53 59.11 -23.72
CA GLN K 59 36.90 58.41 -24.84
C GLN K 59 35.50 58.97 -25.12
N GLU K 60 35.35 60.29 -25.07
CA GLU K 60 34.07 60.91 -25.37
C GLU K 60 33.65 60.70 -26.82
N ALA K 61 34.62 60.62 -27.74
CA ALA K 61 34.29 60.43 -29.15
C ALA K 61 33.71 59.05 -29.44
N GLN K 62 33.79 58.12 -28.48
CA GLN K 62 33.25 56.78 -28.65
C GLN K 62 31.81 56.66 -28.17
N ALA K 63 31.16 57.78 -27.87
CA ALA K 63 29.77 57.74 -27.44
C ALA K 63 28.90 57.14 -28.53
N ASP K 64 28.03 56.21 -28.14
CA ASP K 64 27.19 55.49 -29.08
C ASP K 64 25.70 55.75 -28.88
N SER K 65 25.22 55.69 -27.64
CA SER K 65 23.79 55.83 -27.38
C SER K 65 23.59 56.37 -25.97
N VAL K 66 22.37 56.83 -25.71
CA VAL K 66 21.95 57.32 -24.40
C VAL K 66 21.00 56.28 -23.82
N CYS K 67 21.39 55.68 -22.70
CA CYS K 67 20.58 54.64 -22.09
C CYS K 67 19.26 55.20 -21.57
N ILE K 68 18.19 54.44 -21.77
CA ILE K 68 16.86 54.90 -21.38
C ILE K 68 16.17 53.86 -20.51
N VAL K 69 16.94 52.99 -19.88
CA VAL K 69 16.40 51.96 -19.00
C VAL K 69 17.20 51.95 -17.70
N ASN K 70 16.55 51.53 -16.62
CA ASN K 70 17.22 51.43 -15.32
C ASN K 70 17.52 49.95 -15.04
N PHE K 71 18.77 49.57 -15.29
CA PHE K 71 19.22 48.23 -14.98
C PHE K 71 19.72 48.15 -13.55
N TYR K 72 19.61 46.97 -12.96
CA TYR K 72 19.83 46.80 -11.52
C TYR K 72 20.95 45.79 -11.25
N ALA K 73 21.91 45.70 -12.18
CA ALA K 73 23.11 44.87 -12.04
C ALA K 73 22.82 43.50 -11.46
N ASP K 74 22.97 43.36 -10.14
CA ASP K 74 22.85 42.05 -9.50
C ASP K 74 21.49 41.41 -9.74
N LEU K 75 20.48 42.22 -10.07
CA LEU K 75 19.20 41.66 -10.49
C LEU K 75 19.26 41.13 -11.92
N GLN K 76 20.12 41.71 -12.77
CA GLN K 76 20.18 41.37 -14.19
C GLN K 76 18.83 41.53 -14.88
N LEU K 77 18.01 42.45 -14.37
CA LEU K 77 16.74 42.80 -15.00
C LEU K 77 16.57 44.31 -14.92
N SER K 78 15.99 44.88 -15.96
CA SER K 78 15.70 46.31 -15.97
C SER K 78 14.55 46.60 -15.01
N TYR K 79 14.25 47.87 -14.79
CA TYR K 79 13.14 48.23 -13.92
C TYR K 79 11.79 47.89 -14.52
N HIS K 80 11.75 47.51 -15.81
CA HIS K 80 10.53 47.02 -16.44
C HIS K 80 10.56 45.52 -16.66
N GLY K 81 11.48 44.82 -15.99
CA GLY K 81 11.54 43.37 -16.10
C GLY K 81 12.13 42.86 -17.39
N GLN K 82 12.80 43.71 -18.17
CA GLN K 82 13.39 43.30 -19.42
C GLN K 82 14.77 42.68 -19.19
N LEU K 83 15.28 42.01 -20.22
CA LEU K 83 16.53 41.28 -20.10
C LEU K 83 17.74 42.04 -20.60
N LYS K 84 17.54 43.05 -21.44
CA LYS K 84 18.64 43.77 -22.08
C LYS K 84 18.50 45.27 -21.87
N VAL K 85 19.62 45.96 -21.99
CA VAL K 85 19.68 47.41 -21.88
C VAL K 85 19.46 48.02 -23.25
N VAL K 86 18.58 49.02 -23.32
CA VAL K 86 18.21 49.66 -24.58
C VAL K 86 18.60 51.14 -24.49
N GLY K 87 19.30 51.62 -25.50
CA GLY K 87 19.67 53.02 -25.57
C GLY K 87 19.34 53.60 -26.93
N ILE K 88 19.06 54.91 -26.93
CA ILE K 88 18.73 55.62 -28.16
C ILE K 88 20.02 56.10 -28.81
N TYR K 89 20.21 55.73 -30.08
CA TYR K 89 21.46 56.03 -30.77
C TYR K 89 21.24 56.79 -32.07
N ARG K 90 20.14 56.54 -32.75
CA ARG K 90 19.87 57.16 -34.03
C ARG K 90 19.09 58.45 -33.83
N ASP K 91 18.54 58.99 -34.91
CA ASP K 91 17.89 60.30 -34.91
C ASP K 91 16.82 60.39 -33.82
N ALA K 92 16.97 61.37 -32.93
CA ALA K 92 16.04 61.59 -31.85
C ALA K 92 16.30 62.98 -31.26
N GLU K 93 15.34 63.47 -30.49
CA GLU K 93 15.48 64.71 -29.75
C GLU K 93 15.27 64.43 -28.27
N LEU K 94 16.25 64.83 -27.45
CA LEU K 94 16.26 64.48 -26.04
C LEU K 94 16.35 65.74 -25.19
N LYS K 95 15.98 65.60 -23.92
CA LYS K 95 16.18 66.67 -22.96
C LYS K 95 17.65 66.74 -22.57
N ASP K 96 18.05 67.92 -22.07
CA ASP K 96 19.43 68.15 -21.67
C ASP K 96 19.71 67.57 -20.28
N LEU K 97 19.46 66.26 -20.16
CA LEU K 97 19.62 65.53 -18.90
C LEU K 97 20.49 64.30 -19.18
N LEU K 98 21.80 64.47 -19.06
CA LEU K 98 22.76 63.39 -19.27
C LEU K 98 23.52 63.14 -17.97
N LYS K 99 23.63 61.88 -17.59
CA LYS K 99 24.41 61.50 -16.41
C LYS K 99 25.79 61.01 -16.83
N LEU K 100 26.62 61.98 -17.18
CA LEU K 100 27.98 61.67 -17.61
C LEU K 100 28.86 61.30 -16.41
N GLU K 101 29.87 60.48 -16.68
CA GLU K 101 30.79 60.06 -15.64
C GLU K 101 31.72 61.21 -15.26
N SER K 102 32.49 61.01 -14.19
CA SER K 102 33.40 62.05 -13.72
C SER K 102 34.54 62.25 -14.71
N GLY K 103 34.91 63.51 -14.91
CA GLY K 103 36.00 63.83 -15.81
C GLY K 103 35.70 63.69 -17.27
N VAL K 104 34.43 63.56 -17.65
CA VAL K 104 34.03 63.38 -19.04
C VAL K 104 33.58 64.72 -19.59
N ASP K 105 34.16 65.14 -20.71
CA ASP K 105 33.80 66.40 -21.33
C ASP K 105 32.39 66.30 -21.91
N ALA K 106 31.50 67.19 -21.46
CA ALA K 106 30.13 67.18 -21.96
C ALA K 106 30.05 67.65 -23.40
N ALA K 107 30.85 68.66 -23.77
CA ALA K 107 30.79 69.20 -25.12
C ALA K 107 31.23 68.16 -26.15
N ALA K 108 32.28 67.40 -25.84
CA ALA K 108 32.75 66.38 -26.77
C ALA K 108 31.71 65.27 -26.96
N VAL K 109 31.04 64.87 -25.88
CA VAL K 109 30.03 63.83 -25.97
C VAL K 109 28.85 64.31 -26.80
N LYS K 110 28.37 65.53 -26.54
CA LYS K 110 27.23 66.06 -27.28
C LYS K 110 27.55 66.20 -28.76
N SER K 111 28.76 66.66 -29.08
CA SER K 111 29.15 66.78 -30.48
C SER K 111 29.24 65.41 -31.14
N ALA K 112 29.74 64.40 -30.42
CA ALA K 112 29.79 63.05 -30.95
C ALA K 112 28.40 62.50 -31.22
N LEU K 113 27.46 62.76 -30.31
CA LEU K 113 26.09 62.27 -30.49
C LEU K 113 25.35 63.06 -31.55
N LYS K 114 25.70 64.34 -31.73
CA LYS K 114 25.03 65.16 -32.73
C LYS K 114 25.30 64.63 -34.14
N ALA K 115 26.49 64.06 -34.37
CA ALA K 115 26.78 63.47 -35.66
C ALA K 115 25.88 62.28 -35.94
N LYS K 116 25.49 61.55 -34.89
CA LYS K 116 24.62 60.40 -35.07
C LYS K 116 23.18 60.82 -35.36
N GLY K 117 22.78 62.01 -34.92
CA GLY K 117 21.45 62.51 -35.17
C GLY K 117 20.66 62.85 -33.93
N ILE K 118 21.33 62.87 -32.78
CA ILE K 118 20.68 63.15 -31.51
C ILE K 118 20.88 64.62 -31.16
N ASP K 119 19.79 65.28 -30.78
CA ASP K 119 19.82 66.68 -30.38
C ASP K 119 19.27 66.83 -28.97
N PHE K 120 19.73 67.88 -28.28
CA PHE K 120 19.38 68.11 -26.88
C PHE K 120 18.68 69.46 -26.77
N VAL K 121 17.47 69.52 -26.22
CA VAL K 121 16.68 70.76 -26.10
C VAL K 121 16.95 71.50 -24.80
N PRO K 122 17.30 72.81 -24.82
CA PRO K 122 17.66 73.54 -23.63
C PRO K 122 16.65 73.49 -22.51
N THR K 123 16.96 72.88 -21.37
CA THR K 123 16.01 72.66 -20.28
C THR K 123 16.10 73.76 -19.26
N GLY K 124 15.26 73.80 -18.26
CA GLY K 124 15.33 74.94 -17.36
C GLY K 124 15.09 74.67 -15.87
N LEU K 125 15.55 75.57 -15.01
CA LEU K 125 15.54 75.38 -13.57
C LEU K 125 15.80 76.73 -12.92
N ALA L 2 13.33 116.81 -67.14
CA ALA L 2 13.75 115.49 -67.61
C ALA L 2 13.15 114.39 -66.73
N TYR L 3 12.06 113.78 -67.22
CA TYR L 3 11.38 112.72 -66.49
C TYR L 3 11.79 111.33 -66.95
N GLN L 4 12.15 111.17 -68.22
CA GLN L 4 12.70 109.95 -68.80
C GLN L 4 11.67 108.82 -68.91
N GLY L 5 10.40 109.12 -68.73
CA GLY L 5 9.29 108.21 -68.99
C GLY L 5 9.07 106.99 -68.19
N PHE L 6 9.70 106.80 -67.06
CA PHE L 6 9.45 105.54 -66.35
C PHE L 6 9.77 105.70 -64.97
N THR L 7 9.07 104.97 -64.13
CA THR L 7 9.42 104.95 -62.73
C THR L 7 9.41 103.56 -62.29
N LYS L 8 10.22 102.70 -62.89
CA LYS L 8 10.26 101.39 -62.24
C LYS L 8 10.48 101.54 -60.75
N LEU L 9 9.70 100.79 -59.96
CA LEU L 9 9.68 100.95 -58.51
C LEU L 9 10.56 99.91 -57.80
N GLY L 10 10.26 98.63 -58.01
CA GLY L 10 11.03 97.59 -57.34
C GLY L 10 10.48 96.22 -57.67
N GLU L 11 11.07 95.17 -57.10
CA GLU L 11 10.66 93.79 -57.31
C GLU L 11 10.50 93.07 -56.00
N ARG L 12 9.81 91.95 -55.91
CA ARG L 12 9.50 91.36 -54.61
C ARG L 12 10.60 90.47 -54.16
N GLU L 13 10.97 90.56 -52.91
CA GLU L 13 11.96 89.65 -52.38
C GLU L 13 11.41 88.28 -52.62
N PRO L 14 12.23 87.30 -52.88
CA PRO L 14 11.83 85.89 -53.02
C PRO L 14 11.12 85.38 -51.78
N LEU L 15 10.09 84.58 -52.01
CA LEU L 15 9.30 84.02 -50.92
C LEU L 15 9.94 82.74 -50.39
N ASN L 16 9.55 82.37 -49.17
CA ASN L 16 10.07 81.16 -48.52
C ASN L 16 9.19 79.99 -48.97
N ASP L 17 9.49 79.49 -50.17
CA ASP L 17 8.78 78.35 -50.73
C ASP L 17 9.68 77.25 -51.24
N ILE L 18 10.98 77.29 -50.96
CA ILE L 18 11.90 76.28 -51.47
C ILE L 18 11.64 74.93 -50.81
N ILE L 19 11.16 74.93 -49.58
CA ILE L 19 11.02 73.69 -48.82
C ILE L 19 9.86 72.89 -49.40
N LEU L 20 10.15 71.68 -49.86
CA LEU L 20 9.12 70.74 -50.28
C LEU L 20 8.89 69.68 -49.21
N TRP L 21 9.92 69.33 -48.45
CA TRP L 21 9.80 68.40 -47.34
C TRP L 21 10.95 68.64 -46.38
N GLU L 22 10.69 68.44 -45.10
CA GLU L 22 11.73 68.58 -44.08
C GLU L 22 11.31 67.75 -42.86
N GLU L 23 12.26 67.52 -41.96
CA GLU L 23 12.01 66.74 -40.76
C GLU L 23 11.30 67.63 -39.76
N ILE L 24 9.98 67.48 -39.65
CA ILE L 24 9.19 68.31 -38.76
C ILE L 24 9.24 67.71 -37.37
N THR L 25 9.90 68.40 -36.45
CA THR L 25 10.06 68.01 -35.06
C THR L 25 9.67 69.18 -34.18
N PRO L 26 9.47 68.95 -32.87
CA PRO L 26 9.12 70.08 -31.98
C PRO L 26 10.08 71.23 -32.04
N THR L 27 11.37 70.97 -32.20
CA THR L 27 12.37 72.00 -32.37
C THR L 27 12.82 72.06 -33.83
N GLY L 28 13.79 72.93 -34.11
CA GLY L 28 14.31 73.07 -35.46
C GLY L 28 15.34 72.02 -35.80
N HIS L 29 14.88 70.81 -36.10
CA HIS L 29 15.80 69.71 -36.38
C HIS L 29 16.68 70.01 -37.58
N SER L 30 16.10 70.57 -38.65
CA SER L 30 16.84 70.91 -39.85
C SER L 30 17.05 72.41 -40.01
N ARG L 31 16.71 73.20 -39.00
CA ARG L 31 16.84 74.64 -39.05
C ARG L 31 17.79 75.10 -37.95
N LYS L 32 18.76 75.94 -38.32
CA LYS L 32 19.72 76.47 -37.37
C LYS L 32 19.79 77.99 -37.51
N GLU L 33 19.86 78.67 -36.37
CA GLU L 33 19.90 80.13 -36.33
C GLU L 33 21.31 80.63 -36.59
N TYR L 34 21.41 81.82 -37.16
CA TYR L 34 22.68 82.48 -37.42
C TYR L 34 22.64 83.91 -36.89
N ALA L 35 23.77 84.36 -36.39
CA ALA L 35 23.92 85.79 -36.09
C ALA L 35 24.24 86.53 -37.38
N PRO L 36 23.39 87.45 -37.83
CA PRO L 36 23.64 88.11 -39.11
C PRO L 36 24.93 88.91 -39.09
N VAL L 37 25.64 88.89 -40.22
CA VAL L 37 26.87 89.63 -40.38
C VAL L 37 26.54 91.09 -40.67
N ALA L 38 27.32 92.00 -40.11
CA ALA L 38 27.05 93.42 -40.28
C ALA L 38 27.15 93.82 -41.75
N SER L 39 26.24 94.70 -42.17
CA SER L 39 26.15 95.19 -43.55
C SER L 39 26.10 94.03 -44.55
N THR L 40 25.33 93.00 -44.23
CA THR L 40 25.15 91.85 -45.10
C THR L 40 23.67 91.63 -45.33
N GLU L 41 23.30 91.40 -46.59
CA GLU L 41 21.92 91.28 -47.00
C GLU L 41 21.62 89.84 -47.37
N TYR L 42 20.57 89.27 -46.77
CA TYR L 42 20.19 87.89 -46.98
C TYR L 42 18.85 87.80 -47.69
N ARG L 43 18.71 86.78 -48.54
CA ARG L 43 17.45 86.46 -49.20
C ARG L 43 17.26 84.95 -49.17
N VAL L 44 16.09 84.50 -49.61
CA VAL L 44 15.78 83.08 -49.59
C VAL L 44 16.57 82.38 -50.69
N GLY L 45 17.30 81.33 -50.31
CA GLY L 45 18.00 80.49 -51.27
C GLY L 45 19.51 80.61 -51.27
N GLU L 46 20.06 81.68 -50.71
CA GLU L 46 21.52 81.80 -50.66
C GLU L 46 22.13 80.75 -49.74
N VAL L 47 23.34 80.33 -50.10
CA VAL L 47 24.07 79.30 -49.35
C VAL L 47 25.03 80.00 -48.40
N LEU L 48 24.98 79.64 -47.13
CA LEU L 48 25.81 80.24 -46.10
C LEU L 48 26.70 79.18 -45.46
N LYS L 49 27.81 79.63 -44.89
CA LYS L 49 28.71 78.75 -44.15
C LYS L 49 28.47 78.93 -42.65
N ALA L 50 29.36 78.34 -41.84
CA ALA L 50 29.11 78.27 -40.40
C ALA L 50 29.04 79.65 -39.77
N ASP L 51 29.94 80.56 -40.14
CA ASP L 51 29.95 81.89 -39.52
C ASP L 51 28.80 82.77 -39.99
N GLY L 52 28.04 82.34 -41.00
CA GLY L 52 26.89 83.09 -41.47
C GLY L 52 27.10 83.84 -42.76
N SER L 53 28.34 83.98 -43.22
CA SER L 53 28.61 84.64 -44.49
C SER L 53 28.27 83.71 -45.65
N LYS L 54 28.06 84.31 -46.82
CA LYS L 54 27.74 83.53 -48.00
C LYS L 54 28.99 82.79 -48.51
N VAL L 55 28.75 81.69 -49.20
CA VAL L 55 29.85 80.92 -49.77
C VAL L 55 30.42 81.67 -50.96
N ALA L 56 31.71 82.00 -50.89
CA ALA L 56 32.38 82.71 -51.95
C ALA L 56 32.97 81.73 -52.97
N ALA L 57 33.66 82.27 -53.97
CA ALA L 57 34.28 81.43 -54.99
C ALA L 57 35.43 80.64 -54.39
N GLY L 58 35.52 79.36 -54.73
CA GLY L 58 36.61 78.51 -54.32
C GLY L 58 36.47 77.91 -52.93
N GLN L 59 35.42 78.25 -52.19
CA GLN L 59 35.17 77.70 -50.86
C GLN L 59 33.80 77.05 -50.82
N GLU L 60 33.49 76.29 -51.86
CA GLU L 60 32.20 75.61 -51.95
C GLU L 60 32.10 74.43 -51.00
N ALA L 61 33.23 73.88 -50.56
CA ALA L 61 33.21 72.78 -49.60
C ALA L 61 32.77 73.21 -48.21
N GLN L 62 32.75 74.51 -47.93
CA GLN L 62 32.34 75.04 -46.64
C GLN L 62 30.86 75.35 -46.58
N ALA L 63 30.10 74.99 -47.61
CA ALA L 63 28.65 75.23 -47.61
C ALA L 63 28.01 74.54 -46.41
N ASP L 64 27.15 75.27 -45.71
CA ASP L 64 26.57 74.78 -44.47
C ASP L 64 25.05 74.78 -44.44
N SER L 65 24.39 75.73 -45.10
CA SER L 65 22.94 75.83 -45.01
C SER L 65 22.42 76.67 -46.17
N VAL L 66 21.10 76.67 -46.33
CA VAL L 66 20.41 77.46 -47.34
C VAL L 66 19.51 78.45 -46.62
N CYS L 67 19.71 79.74 -46.88
CA CYS L 67 18.93 80.78 -46.22
C CYS L 67 17.47 80.70 -46.66
N ILE L 68 16.56 80.89 -45.70
CA ILE L 68 15.13 80.81 -45.98
C ILE L 68 14.42 82.06 -45.49
N VAL L 69 15.18 83.11 -45.18
CA VAL L 69 14.62 84.37 -44.72
C VAL L 69 15.21 85.51 -45.55
N ASN L 70 14.53 86.65 -45.53
CA ASN L 70 14.98 87.85 -46.22
C ASN L 70 15.38 88.88 -45.18
N PHE L 71 16.69 89.01 -44.96
CA PHE L 71 17.22 89.95 -43.98
C PHE L 71 17.54 91.29 -44.64
N TYR L 72 17.47 92.35 -43.84
CA TYR L 72 17.74 93.71 -44.29
C TYR L 72 18.92 94.25 -43.53
N ALA L 73 19.95 94.68 -44.27
CA ALA L 73 21.18 95.15 -43.62
C ALA L 73 20.96 96.47 -42.89
N ASP L 74 20.32 97.43 -43.56
CA ASP L 74 20.11 98.74 -42.94
C ASP L 74 19.10 98.65 -41.81
N LEU L 75 18.02 97.89 -41.99
CA LEU L 75 17.01 97.74 -40.96
C LEU L 75 17.46 96.83 -39.82
N GLN L 76 18.40 95.92 -40.08
CA GLN L 76 18.88 94.95 -39.09
C GLN L 76 17.75 94.03 -38.62
N LEU L 77 16.69 93.92 -39.42
CA LEU L 77 15.56 93.06 -39.11
C LEU L 77 15.17 92.29 -40.37
N SER L 78 14.60 91.11 -40.17
CA SER L 78 14.13 90.32 -41.29
C SER L 78 12.77 90.83 -41.77
N TYR L 79 12.31 90.29 -42.90
CA TYR L 79 11.02 90.68 -43.45
C TYR L 79 9.86 90.20 -42.60
N HIS L 80 10.08 89.30 -41.65
CA HIS L 80 9.06 88.85 -40.72
C HIS L 80 9.22 89.48 -39.34
N GLY L 81 10.09 90.46 -39.19
CA GLY L 81 10.35 91.09 -37.92
C GLY L 81 11.31 90.34 -37.02
N GLN L 82 11.88 89.24 -37.47
CA GLN L 82 12.79 88.46 -36.65
C GLN L 82 14.15 89.17 -36.54
N LEU L 83 14.83 88.90 -35.43
CA LEU L 83 16.14 89.50 -35.15
C LEU L 83 17.30 88.65 -35.64
N LYS L 84 17.04 87.47 -36.20
CA LYS L 84 18.08 86.54 -36.59
C LYS L 84 17.76 85.93 -37.94
N VAL L 85 18.78 85.35 -38.57
CA VAL L 85 18.67 84.70 -39.87
C VAL L 85 18.79 83.20 -39.66
N VAL L 86 17.84 82.45 -40.22
CA VAL L 86 17.78 81.00 -40.07
C VAL L 86 17.93 80.35 -41.44
N GLY L 87 18.38 79.10 -41.43
CA GLY L 87 18.62 78.39 -42.67
C GLY L 87 18.44 76.90 -42.48
N ILE L 88 18.13 76.22 -43.59
CA ILE L 88 17.99 74.77 -43.61
C ILE L 88 19.35 74.14 -43.81
N TYR L 89 19.74 73.23 -42.91
CA TYR L 89 21.10 72.71 -42.96
C TYR L 89 21.19 71.19 -42.87
N ARG L 90 20.22 70.52 -42.25
CA ARG L 90 20.39 69.11 -41.93
C ARG L 90 19.68 68.17 -42.91
N ASP L 91 18.35 68.24 -43.00
CA ASP L 91 17.58 67.29 -43.79
C ASP L 91 16.38 67.99 -44.39
N ALA L 92 16.31 68.04 -45.72
CA ALA L 92 15.17 68.63 -46.40
C ALA L 92 15.26 68.29 -47.88
N GLU L 93 14.13 68.46 -48.57
CA GLU L 93 14.07 68.36 -50.03
C GLU L 93 13.70 69.74 -50.56
N LEU L 94 14.72 70.56 -50.79
CA LEU L 94 14.49 71.91 -51.27
C LEU L 94 14.33 71.93 -52.79
N LYS L 95 13.84 73.05 -53.30
CA LYS L 95 13.75 73.24 -54.73
C LYS L 95 15.13 73.54 -55.31
N ASP L 96 15.31 73.21 -56.59
CA ASP L 96 16.61 73.32 -57.24
C ASP L 96 17.07 74.77 -57.43
N LEU L 97 16.19 75.74 -57.24
CA LEU L 97 16.56 77.13 -57.46
C LEU L 97 17.37 77.66 -56.28
N LEU L 98 18.53 78.23 -56.58
CA LEU L 98 19.42 78.77 -55.56
C LEU L 98 20.07 80.03 -56.10
N LYS L 99 20.54 80.88 -55.19
CA LYS L 99 21.33 82.06 -55.54
C LYS L 99 22.76 81.87 -55.06
N LEU L 100 23.70 82.01 -55.98
CA LEU L 100 25.11 81.79 -55.70
C LEU L 100 25.92 83.01 -56.12
N GLU L 101 27.03 83.22 -55.42
CA GLU L 101 27.92 84.32 -55.77
C GLU L 101 28.61 84.03 -57.10
N SER L 102 29.15 85.09 -57.70
CA SER L 102 29.83 84.96 -58.97
C SER L 102 31.06 84.07 -58.83
N GLY L 103 31.24 83.17 -59.79
CA GLY L 103 32.37 82.26 -59.76
C GLY L 103 32.24 81.11 -58.79
N VAL L 104 31.03 80.83 -58.31
CA VAL L 104 30.78 79.75 -57.36
C VAL L 104 30.28 78.54 -58.14
N ASP L 105 30.97 77.40 -58.00
CA ASP L 105 30.58 76.19 -58.71
C ASP L 105 29.26 75.69 -58.18
N ALA L 106 28.27 75.55 -59.08
CA ALA L 106 26.95 75.08 -58.66
C ALA L 106 26.98 73.62 -58.26
N ALA L 107 27.69 72.77 -59.00
CA ALA L 107 27.70 71.36 -58.70
C ALA L 107 28.47 71.07 -57.41
N ALA L 108 29.44 71.92 -57.07
CA ALA L 108 30.24 71.69 -55.88
C ALA L 108 29.42 71.87 -54.60
N VAL L 109 28.58 72.92 -54.56
CA VAL L 109 27.78 73.15 -53.36
C VAL L 109 26.71 72.07 -53.22
N LYS L 110 26.17 71.59 -54.34
CA LYS L 110 25.14 70.55 -54.26
C LYS L 110 25.70 69.27 -53.64
N SER L 111 26.90 68.88 -54.04
CA SER L 111 27.53 67.70 -53.43
C SER L 111 27.83 67.94 -51.96
N ALA L 112 28.27 69.15 -51.60
CA ALA L 112 28.54 69.47 -50.22
C ALA L 112 27.27 69.40 -49.38
N LEU L 113 26.16 69.94 -49.91
CA LEU L 113 24.90 69.89 -49.19
C LEU L 113 24.30 68.49 -49.21
N LYS L 114 24.53 67.74 -50.29
CA LYS L 114 24.00 66.38 -50.37
C LYS L 114 24.60 65.49 -49.30
N ALA L 115 25.90 65.63 -49.03
CA ALA L 115 26.54 64.82 -48.00
C ALA L 115 25.97 65.12 -46.62
N LYS L 116 25.44 66.33 -46.43
CA LYS L 116 24.85 66.70 -45.15
C LYS L 116 23.40 66.24 -45.01
N GLY L 117 22.76 65.81 -46.09
CA GLY L 117 21.39 65.32 -46.04
C GLY L 117 20.37 66.16 -46.78
N ILE L 118 20.80 67.14 -47.57
CA ILE L 118 19.89 68.02 -48.30
C ILE L 118 19.83 67.56 -49.75
N ASP L 119 18.61 67.31 -50.23
CA ASP L 119 18.37 66.89 -51.60
C ASP L 119 17.59 67.97 -52.32
N PHE L 120 17.82 68.10 -53.63
CA PHE L 120 17.16 69.13 -54.43
C PHE L 120 16.26 68.48 -55.48
N VAL L 121 14.99 68.84 -55.47
CA VAL L 121 14.04 68.33 -56.45
C VAL L 121 14.20 69.09 -57.76
N PRO L 122 14.18 68.42 -58.90
CA PRO L 122 14.25 69.15 -60.18
C PRO L 122 13.09 70.11 -60.35
N THR L 123 13.49 71.37 -60.40
CA THR L 123 12.53 72.44 -60.47
C THR L 123 12.64 72.87 -61.85
N GLY L 124 11.58 72.71 -62.54
CA GLY L 124 11.58 73.20 -63.89
C GLY L 124 11.31 74.65 -63.96
N LEU L 125 10.39 75.02 -64.78
CA LEU L 125 10.19 76.44 -65.11
C LEU L 125 11.48 76.99 -65.75
N ALA M 2 15.90 36.51 -14.91
CA ALA M 2 17.20 37.11 -15.20
C ALA M 2 17.95 36.28 -16.25
N TYR M 3 19.21 36.64 -16.50
CA TYR M 3 20.01 35.87 -17.45
C TYR M 3 20.34 34.49 -16.91
N GLN M 4 20.31 34.30 -15.59
CA GLN M 4 20.61 33.02 -14.99
C GLN M 4 19.39 32.11 -14.88
N GLY M 5 18.20 32.64 -15.18
CA GLY M 5 16.98 31.87 -15.13
C GLY M 5 16.16 32.02 -13.87
N PHE M 6 16.75 32.52 -12.79
CA PHE M 6 16.03 32.67 -11.53
C PHE M 6 16.45 33.97 -10.87
N THR M 7 15.58 34.48 -10.00
CA THR M 7 15.87 35.67 -9.19
C THR M 7 15.32 35.43 -7.78
N LYS M 8 16.15 35.68 -6.78
CA LYS M 8 15.79 35.47 -5.38
C LYS M 8 16.01 36.77 -4.61
N LEU M 9 14.93 37.30 -4.04
CA LEU M 9 15.02 38.56 -3.33
C LEU M 9 15.60 38.43 -1.93
N GLY M 10 15.75 37.21 -1.41
CA GLY M 10 16.38 36.98 -0.14
C GLY M 10 15.47 36.24 0.80
N GLU M 11 15.94 36.07 2.03
CA GLU M 11 15.22 35.36 3.08
C GLU M 11 14.97 36.30 4.24
N ARG M 12 13.89 36.05 4.98
CA ARG M 12 13.58 36.88 6.14
C ARG M 12 14.66 36.74 7.20
N GLU M 13 15.02 37.86 7.81
CA GLU M 13 16.05 37.85 8.84
C GLU M 13 15.56 37.08 10.06
N PRO M 14 16.48 36.51 10.85
CA PRO M 14 16.07 35.76 12.04
C PRO M 14 15.24 36.61 12.98
N LEU M 15 14.23 35.99 13.58
CA LEU M 15 13.32 36.67 14.48
C LEU M 15 13.79 36.49 15.93
N ASN M 16 13.28 37.34 16.81
CA ASN M 16 13.61 37.27 18.23
C ASN M 16 12.69 36.27 18.94
N ASP M 17 12.91 35.00 18.62
CA ASP M 17 12.19 33.92 19.27
C ASP M 17 13.13 32.90 19.92
N ILE M 18 14.43 33.18 19.96
CA ILE M 18 15.37 32.23 20.52
C ILE M 18 15.35 32.21 22.04
N ILE M 19 14.82 33.25 22.68
CA ILE M 19 14.83 33.35 24.13
C ILE M 19 13.70 32.50 24.69
N LEU M 20 14.04 31.51 25.50
CA LEU M 20 13.06 30.69 26.20
C LEU M 20 12.86 31.11 27.64
N TRP M 21 13.93 31.42 28.35
CA TRP M 21 13.85 31.91 29.72
C TRP M 21 14.93 32.95 29.94
N GLU M 22 14.62 33.96 30.75
CA GLU M 22 15.54 35.05 31.03
C GLU M 22 15.15 35.68 32.35
N GLU M 23 16.16 36.07 33.13
CA GLU M 23 15.90 36.67 34.43
C GLU M 23 15.27 38.05 34.26
N ILE M 24 13.97 38.15 34.48
CA ILE M 24 13.25 39.40 34.24
C ILE M 24 13.39 40.29 35.47
N THR M 25 14.03 41.45 35.28
CA THR M 25 14.25 42.43 36.32
C THR M 25 13.77 43.78 35.80
N PRO M 26 13.51 44.75 36.69
CA PRO M 26 12.99 46.04 36.22
C PRO M 26 13.85 46.71 35.15
N THR M 27 15.17 46.62 35.25
CA THR M 27 16.06 47.26 34.29
C THR M 27 16.72 46.27 33.34
N GLY M 28 16.37 44.98 33.43
CA GLY M 28 16.98 43.99 32.57
C GLY M 28 18.28 43.49 33.14
N HIS M 29 18.40 42.18 33.32
CA HIS M 29 19.57 41.58 33.96
C HIS M 29 20.48 40.85 33.00
N SER M 30 19.91 40.14 32.02
CA SER M 30 20.70 39.37 31.08
C SER M 30 21.04 40.15 29.81
N ARG M 31 20.55 41.37 29.67
CA ARG M 31 20.70 42.14 28.44
C ARG M 31 21.67 43.30 28.66
N LYS M 32 22.63 43.44 27.75
CA LYS M 32 23.56 44.56 27.77
C LYS M 32 23.61 45.17 26.37
N GLU M 33 23.89 46.46 26.31
CA GLU M 33 23.94 47.19 25.06
C GLU M 33 25.39 47.40 24.61
N TYR M 34 25.59 47.43 23.29
CA TYR M 34 26.89 47.67 22.71
C TYR M 34 26.84 48.90 21.82
N ALA M 35 28.01 49.46 21.56
CA ALA M 35 28.15 50.49 20.54
C ALA M 35 28.51 49.82 19.22
N PRO M 36 27.67 49.93 18.18
CA PRO M 36 27.97 49.25 16.91
C PRO M 36 29.32 49.65 16.34
N VAL M 37 30.11 48.66 15.94
CA VAL M 37 31.48 48.90 15.48
C VAL M 37 31.48 49.01 13.95
N ALA M 38 32.15 50.05 13.45
CA ALA M 38 32.38 50.25 12.01
C ALA M 38 31.15 49.98 11.16
N SER M 39 31.36 49.31 10.03
CA SER M 39 30.25 48.85 9.18
C SER M 39 30.08 47.36 9.42
N THR M 40 29.16 47.01 10.32
CA THR M 40 28.98 45.63 10.73
C THR M 40 27.50 45.28 10.70
N GLU M 41 27.20 44.05 10.27
CA GLU M 41 25.82 43.58 10.13
C GLU M 41 25.53 42.59 11.25
N TYR M 42 24.72 43.02 12.21
CA TYR M 42 24.33 42.13 13.29
C TYR M 42 22.97 41.49 12.98
N ARG M 43 22.84 40.23 13.39
CA ARG M 43 21.59 39.50 13.25
C ARG M 43 21.31 38.77 14.56
N VAL M 44 20.08 38.28 14.69
CA VAL M 44 19.68 37.59 15.92
C VAL M 44 20.33 36.21 15.94
N GLY M 45 21.06 35.93 17.01
CA GLY M 45 21.71 34.64 17.17
C GLY M 45 23.20 34.61 16.94
N GLU M 46 23.84 35.77 16.78
CA GLU M 46 25.29 35.81 16.60
C GLU M 46 25.98 36.05 17.93
N VAL M 47 27.17 35.48 18.08
CA VAL M 47 27.96 35.62 19.30
C VAL M 47 28.90 36.81 19.12
N LEU M 48 28.86 37.73 20.08
CA LEU M 48 29.66 38.94 20.04
C LEU M 48 30.74 38.90 21.13
N LYS M 49 31.76 39.72 20.92
CA LYS M 49 32.85 39.86 21.86
C LYS M 49 32.58 41.02 22.82
N ALA M 50 33.54 41.30 23.69
CA ALA M 50 33.38 42.39 24.65
C ALA M 50 33.27 43.74 23.95
N ASP M 51 34.08 43.95 22.91
CA ASP M 51 34.04 45.23 22.20
C ASP M 51 32.82 45.34 21.30
N GLY M 52 32.17 44.22 20.99
CA GLY M 52 30.98 44.22 20.16
C GLY M 52 31.16 43.56 18.81
N SER M 53 32.38 43.26 18.38
CA SER M 53 32.60 42.58 17.12
C SER M 53 32.31 41.09 17.27
N LYS M 54 31.98 40.46 16.13
CA LYS M 54 31.65 39.04 16.14
C LYS M 54 32.86 38.20 16.50
N VAL M 55 32.58 37.08 17.17
CA VAL M 55 33.64 36.14 17.53
C VAL M 55 34.18 35.50 16.26
N ALA M 56 35.48 35.21 16.25
CA ALA M 56 36.15 34.58 15.13
C ALA M 56 36.82 33.29 15.59
N ALA M 57 37.52 32.64 14.66
CA ALA M 57 38.25 31.42 14.98
C ALA M 57 39.40 31.73 15.93
N GLY M 58 39.50 30.94 17.00
CA GLY M 58 40.50 31.14 18.03
C GLY M 58 40.06 32.05 19.16
N GLN M 59 39.22 33.04 18.87
CA GLN M 59 38.69 33.95 19.89
C GLN M 59 37.48 33.37 20.61
N GLU M 60 37.30 32.05 20.55
CA GLU M 60 36.10 31.41 21.09
C GLU M 60 35.97 31.62 22.59
N ALA M 61 37.10 31.61 23.31
CA ALA M 61 37.04 31.80 24.75
C ALA M 61 36.49 33.18 25.12
N GLN M 62 36.65 34.16 24.23
CA GLN M 62 36.15 35.51 24.47
C GLN M 62 34.74 35.69 23.92
N ALA M 63 33.85 34.76 24.27
CA ALA M 63 32.44 34.86 23.89
C ALA M 63 31.70 35.60 24.99
N ASP M 64 31.21 36.79 24.67
CA ASP M 64 30.67 37.67 25.69
C ASP M 64 29.15 37.58 25.77
N SER M 65 28.47 37.56 24.63
CA SER M 65 27.01 37.55 24.62
C SER M 65 26.51 37.00 23.29
N VAL M 66 25.18 36.93 23.18
CA VAL M 66 24.49 36.48 21.98
C VAL M 66 23.59 37.61 21.51
N CYS M 67 23.78 38.04 20.26
CA CYS M 67 22.99 39.14 19.72
C CYS M 67 21.52 38.77 19.63
N ILE M 68 20.66 39.73 19.96
CA ILE M 68 19.21 39.50 19.93
C ILE M 68 18.52 40.62 19.17
N VAL M 69 19.28 41.38 18.38
CA VAL M 69 18.71 42.43 17.54
C VAL M 69 19.27 42.28 16.13
N ASN M 70 18.57 42.88 15.17
CA ASN M 70 18.98 42.90 13.78
C ASN M 70 19.41 44.32 13.44
N PHE M 71 20.72 44.52 13.25
CA PHE M 71 21.27 45.84 12.99
C PHE M 71 21.66 45.98 11.52
N TYR M 72 21.60 47.21 11.02
CA TYR M 72 21.89 47.51 9.63
C TYR M 72 23.01 48.55 9.59
N ALA M 73 24.11 48.21 8.92
CA ALA M 73 25.25 49.12 8.85
C ALA M 73 24.91 50.38 8.07
N ASP M 74 24.17 50.24 6.96
CA ASP M 74 23.85 51.40 6.13
C ASP M 74 22.98 52.39 6.88
N LEU M 75 21.96 51.90 7.59
CA LEU M 75 21.07 52.76 8.36
C LEU M 75 21.65 53.16 9.70
N GLN M 76 22.61 52.39 10.24
CA GLN M 76 23.13 52.61 11.59
C GLN M 76 22.00 52.59 12.62
N LEU M 77 20.98 51.79 12.33
CA LEU M 77 19.83 51.62 13.20
C LEU M 77 19.45 50.14 13.21
N SER M 78 18.89 49.70 14.32
CA SER M 78 18.41 48.33 14.43
C SER M 78 17.06 48.21 13.72
N TYR M 79 16.58 46.99 13.59
CA TYR M 79 15.30 46.74 12.93
C TYR M 79 14.12 47.23 13.75
N HIS M 80 14.33 47.62 15.00
CA HIS M 80 13.31 48.25 15.83
C HIS M 80 13.52 49.77 15.92
N GLY M 81 14.39 50.33 15.09
CA GLY M 81 14.69 51.74 15.13
C GLY M 81 15.40 52.17 16.39
N GLN M 82 16.37 51.37 16.84
CA GLN M 82 17.14 51.65 18.04
C GLN M 82 18.58 51.98 17.67
N LEU M 83 19.19 52.87 18.44
CA LEU M 83 20.53 53.35 18.16
C LEU M 83 21.62 52.34 18.47
N LYS M 84 21.35 51.34 19.31
CA LYS M 84 22.37 50.46 19.83
C LYS M 84 22.01 49.00 19.53
N VAL M 85 22.95 48.11 19.83
CA VAL M 85 22.80 46.68 19.63
C VAL M 85 22.85 45.99 20.98
N VAL M 86 21.90 45.09 21.23
CA VAL M 86 21.71 44.46 22.53
C VAL M 86 21.98 42.96 22.40
N GLY M 87 22.63 42.39 23.41
CA GLY M 87 22.89 40.97 23.45
C GLY M 87 22.59 40.39 24.83
N ILE M 88 22.53 39.06 24.87
CA ILE M 88 22.26 38.32 26.10
C ILE M 88 23.58 37.76 26.62
N TYR M 89 23.99 38.21 27.80
CA TYR M 89 25.27 37.81 28.36
C TYR M 89 25.19 37.14 29.72
N ARG M 90 24.03 37.13 30.37
CA ARG M 90 23.87 36.60 31.71
C ARG M 90 22.89 35.42 31.68
N ASP M 91 22.49 34.99 32.87
CA ASP M 91 21.63 33.82 33.04
C ASP M 91 20.42 33.89 32.12
N ALA M 92 20.33 32.94 31.21
CA ALA M 92 19.22 32.85 30.27
C ALA M 92 19.23 31.45 29.66
N GLU M 93 18.17 31.14 28.92
CA GLU M 93 18.03 29.86 28.25
C GLU M 93 17.56 30.12 26.82
N LEU M 94 18.47 29.93 25.86
CA LEU M 94 18.20 30.20 24.47
C LEU M 94 18.03 28.90 23.69
N LYS M 95 17.76 29.03 22.40
CA LYS M 95 17.67 27.89 21.49
C LYS M 95 19.00 27.65 20.80
N ASP M 96 19.09 26.50 20.12
CA ASP M 96 20.32 26.11 19.44
C ASP M 96 20.64 26.99 18.24
N LEU M 97 19.71 27.84 17.81
CA LEU M 97 19.95 28.69 16.65
C LEU M 97 21.06 29.70 16.93
N LEU M 98 22.22 29.47 16.33
CA LEU M 98 23.37 30.35 16.52
C LEU M 98 24.00 30.65 15.18
N LYS M 99 24.25 31.93 14.90
CA LYS M 99 24.85 32.36 13.64
C LYS M 99 26.36 32.52 13.87
N LEU M 100 27.09 31.43 13.60
CA LEU M 100 28.53 31.43 13.78
C LEU M 100 29.24 31.87 12.51
N GLU M 101 30.45 32.36 12.68
CA GLU M 101 31.29 32.81 11.57
C GLU M 101 31.95 31.60 10.92
N SER M 102 32.94 31.85 10.06
CA SER M 102 33.65 30.78 9.36
C SER M 102 34.76 30.23 10.26
N GLY M 103 34.82 28.90 10.35
CA GLY M 103 35.91 28.26 11.06
C GLY M 103 35.84 28.33 12.56
N VAL M 104 34.67 28.62 13.13
CA VAL M 104 34.47 28.68 14.58
C VAL M 104 33.60 27.51 15.00
N ASP M 105 34.11 26.69 15.90
CA ASP M 105 33.35 25.54 16.38
C ASP M 105 32.34 25.96 17.45
N ALA M 106 31.25 25.21 17.51
CA ALA M 106 30.20 25.53 18.49
C ALA M 106 30.59 25.09 19.89
N ALA M 107 31.33 23.99 20.01
CA ALA M 107 31.61 23.41 21.32
C ALA M 107 32.38 24.39 22.21
N ALA M 108 33.37 25.07 21.64
CA ALA M 108 34.10 26.08 22.41
C ALA M 108 33.20 27.26 22.75
N VAL M 109 32.31 27.64 21.84
CA VAL M 109 31.39 28.74 22.11
C VAL M 109 30.36 28.35 23.16
N LYS M 110 29.84 27.12 23.08
CA LYS M 110 28.85 26.68 24.04
C LYS M 110 29.41 26.67 25.46
N SER M 111 30.64 26.15 25.61
CA SER M 111 31.25 26.10 26.93
C SER M 111 31.55 27.49 27.47
N ALA M 112 32.00 28.40 26.60
CA ALA M 112 32.29 29.77 27.03
C ALA M 112 31.03 30.46 27.50
N LEU M 113 29.92 30.28 26.78
CA LEU M 113 28.66 30.89 27.20
C LEU M 113 28.07 30.17 28.39
N LYS M 114 28.36 28.87 28.55
CA LYS M 114 27.85 28.13 29.69
C LYS M 114 28.41 28.66 30.99
N ALA M 115 29.66 29.12 30.98
CA ALA M 115 30.27 29.67 32.19
C ALA M 115 29.52 30.92 32.66
N LYS M 116 29.10 31.76 31.71
CA LYS M 116 28.35 32.96 32.06
C LYS M 116 26.92 32.66 32.51
N GLY M 117 26.42 31.46 32.26
CA GLY M 117 25.11 31.07 32.73
C GLY M 117 24.06 30.96 31.64
N ILE M 118 24.49 30.81 30.39
CA ILE M 118 23.60 30.72 29.25
C ILE M 118 23.47 29.25 28.87
N ASP M 119 22.22 28.79 28.73
CA ASP M 119 21.94 27.41 28.36
C ASP M 119 21.22 27.36 27.03
N PHE M 120 21.46 26.28 26.28
CA PHE M 120 20.88 26.09 24.96
C PHE M 120 20.08 24.79 24.97
N VAL M 121 18.83 24.87 24.53
CA VAL M 121 17.94 23.71 24.50
C VAL M 121 17.96 23.08 23.12
N PRO M 122 17.80 21.77 23.00
CA PRO M 122 17.75 21.14 21.67
C PRO M 122 16.57 21.67 20.87
N THR M 123 16.76 21.93 19.60
CA THR M 123 15.70 22.49 18.80
C THR M 123 15.75 21.60 17.66
N GLY M 124 14.63 21.10 17.17
CA GLY M 124 14.85 20.24 16.05
C GLY M 124 13.89 20.25 14.91
N LEU M 125 14.36 19.77 13.76
CA LEU M 125 13.51 19.54 12.59
C LEU M 125 14.32 18.70 11.61
N ALA N 2 14.44 -15.46 64.24
CA ALA N 2 15.21 -16.22 63.27
C ALA N 2 16.22 -17.02 64.01
N TYR N 3 17.29 -17.48 63.38
CA TYR N 3 18.38 -18.13 64.14
C TYR N 3 19.41 -17.07 64.44
N GLN N 4 19.07 -16.06 65.20
CA GLN N 4 19.97 -14.99 65.59
C GLN N 4 19.11 -14.08 66.39
N GLY N 5 17.87 -14.38 66.50
CA GLY N 5 16.85 -13.69 67.23
C GLY N 5 16.35 -12.40 66.62
N PHE N 6 16.92 -11.96 65.50
CA PHE N 6 16.54 -10.66 64.94
C PHE N 6 16.65 -10.70 63.42
N THR N 7 15.67 -10.10 62.76
CA THR N 7 15.71 -9.89 61.32
C THR N 7 15.32 -8.45 61.02
N LYS N 8 16.13 -7.78 60.22
CA LYS N 8 15.87 -6.40 59.81
C LYS N 8 15.48 -6.39 58.34
N LEU N 9 14.33 -5.79 58.04
CA LEU N 9 13.90 -5.69 56.65
C LEU N 9 14.41 -4.43 55.96
N GLY N 10 15.03 -3.52 56.70
CA GLY N 10 15.69 -2.42 55.98
C GLY N 10 15.19 -1.04 56.34
N GLU N 11 16.15 -0.12 56.46
CA GLU N 11 15.82 1.30 56.59
C GLU N 11 15.24 1.81 55.28
N ARG N 12 14.29 2.74 55.38
CA ARG N 12 13.74 3.36 54.18
C ARG N 12 14.76 4.34 53.59
N GLU N 13 14.92 4.29 52.27
CA GLU N 13 15.83 5.22 51.62
C GLU N 13 15.29 6.64 51.73
N PRO N 14 16.17 7.64 51.80
CA PRO N 14 15.71 9.01 52.00
C PRO N 14 14.87 9.51 50.83
N LEU N 15 13.94 10.41 51.15
CA LEU N 15 13.07 11.00 50.14
C LEU N 15 13.70 12.28 49.60
N ASN N 16 13.12 12.82 48.53
CA ASN N 16 13.61 14.04 47.91
C ASN N 16 12.97 15.28 48.50
N ASP N 17 13.19 15.49 49.80
CA ASP N 17 12.72 16.69 50.48
C ASP N 17 13.82 17.68 50.78
N ILE N 18 15.05 17.42 50.33
CA ILE N 18 16.18 18.27 50.68
C ILE N 18 16.14 19.60 49.94
N ILE N 19 15.37 19.71 48.87
CA ILE N 19 15.33 20.94 48.09
C ILE N 19 14.43 21.95 48.79
N LEU N 20 14.97 23.14 49.05
CA LEU N 20 14.23 24.24 49.66
C LEU N 20 13.93 25.35 48.68
N TRP N 21 14.90 25.74 47.86
CA TRP N 21 14.68 26.70 46.79
C TRP N 21 15.60 26.37 45.64
N GLU N 22 15.10 26.52 44.42
CA GLU N 22 15.89 26.29 43.21
C GLU N 22 15.31 27.12 42.08
N GLU N 23 16.13 27.35 41.06
CA GLU N 23 15.64 28.04 39.87
C GLU N 23 14.63 27.16 39.14
N ILE N 24 13.58 27.79 38.64
CA ILE N 24 12.43 27.07 38.09
C ILE N 24 12.35 27.35 36.60
N THR N 25 13.51 27.47 35.96
CA THR N 25 13.54 27.65 34.51
C THR N 25 12.85 26.47 33.83
N PRO N 26 12.18 26.70 32.70
CA PRO N 26 11.35 25.63 32.11
C PRO N 26 12.11 24.34 31.78
N THR N 27 13.36 24.45 31.33
CA THR N 27 14.12 23.27 30.96
C THR N 27 15.00 22.75 32.10
N GLY N 28 14.99 23.41 33.26
CA GLY N 28 15.76 22.94 34.39
C GLY N 28 17.11 23.62 34.49
N HIS N 29 17.25 24.54 35.44
CA HIS N 29 18.49 25.29 35.61
C HIS N 29 19.48 24.60 36.53
N SER N 30 19.04 24.20 37.71
CA SER N 30 19.93 23.58 38.69
C SER N 30 20.02 22.07 38.54
N ARG N 31 19.20 21.46 37.68
CA ARG N 31 19.22 20.02 37.49
C ARG N 31 20.15 19.64 36.35
N LYS N 32 21.06 18.70 36.62
CA LYS N 32 21.95 18.16 35.60
C LYS N 32 21.81 16.65 35.58
N GLU N 33 21.92 16.07 34.39
CA GLU N 33 21.61 14.67 34.16
C GLU N 33 22.90 13.88 34.02
N TYR N 34 23.04 12.82 34.83
CA TYR N 34 24.18 11.93 34.79
C TYR N 34 23.77 10.58 34.21
N ALA N 35 24.78 9.74 34.01
CA ALA N 35 24.59 8.35 33.65
C ALA N 35 25.32 7.47 34.67
N PRO N 36 24.51 6.49 35.14
CA PRO N 36 24.94 5.69 36.23
C PRO N 36 26.24 5.09 35.98
N VAL N 37 27.08 5.01 36.97
CA VAL N 37 28.36 4.28 36.82
C VAL N 37 27.94 2.88 37.18
N ALA N 38 28.68 1.92 36.75
CA ALA N 38 28.20 0.54 36.89
C ALA N 38 28.32 0.07 38.31
N SER N 39 27.32 -0.68 38.71
CA SER N 39 27.35 -1.24 40.06
C SER N 39 27.48 -0.09 41.05
N THR N 40 26.86 1.04 40.74
CA THR N 40 27.01 2.06 41.76
C THR N 40 25.62 2.46 42.25
N GLU N 41 25.43 2.44 43.56
CA GLU N 41 24.13 2.75 44.17
C GLU N 41 24.08 4.23 44.54
N TYR N 42 23.00 4.89 44.13
CA TYR N 42 22.81 6.32 44.33
C TYR N 42 21.64 6.55 45.27
N ARG N 43 21.81 7.45 46.24
CA ARG N 43 20.74 7.91 47.10
C ARG N 43 20.73 9.43 47.11
N VAL N 44 19.59 10.01 47.46
CA VAL N 44 19.48 11.45 47.54
C VAL N 44 20.32 11.96 48.71
N GLY N 45 21.18 12.93 48.43
CA GLY N 45 22.01 13.54 49.45
C GLY N 45 23.50 13.28 49.34
N GLU N 46 23.94 12.52 48.34
CA GLU N 46 25.37 12.25 48.18
C GLU N 46 25.96 13.15 47.12
N VAL N 47 27.17 13.64 47.39
CA VAL N 47 27.87 14.54 46.48
C VAL N 47 28.49 13.72 45.35
N LEU N 48 28.30 14.16 44.12
CA LEU N 48 28.75 13.45 42.93
C LEU N 48 29.81 14.26 42.20
N LYS N 49 30.79 13.55 41.66
CA LYS N 49 31.82 14.19 40.84
C LYS N 49 31.27 14.46 39.43
N ALA N 50 32.16 14.94 38.55
CA ALA N 50 31.73 15.25 37.19
C ALA N 50 31.29 14.01 36.43
N ASP N 51 32.04 12.93 36.55
CA ASP N 51 31.72 11.69 35.83
C ASP N 51 30.84 10.75 36.66
N GLY N 52 29.76 11.28 37.22
CA GLY N 52 28.75 10.49 37.89
C GLY N 52 29.20 9.74 39.13
N SER N 53 30.49 9.78 39.45
CA SER N 53 31.02 9.04 40.58
C SER N 53 30.92 9.86 41.87
N LYS N 54 31.06 9.17 42.99
CA LYS N 54 30.98 9.84 44.28
C LYS N 54 32.30 10.49 44.64
N VAL N 55 32.24 11.47 45.53
CA VAL N 55 33.43 12.16 46.00
C VAL N 55 34.07 11.31 47.10
N ALA N 56 35.32 10.92 46.89
CA ALA N 56 36.07 10.14 47.85
C ALA N 56 36.96 11.06 48.68
N ALA N 57 37.80 10.45 49.52
CA ALA N 57 38.71 11.23 50.34
C ALA N 57 39.74 11.95 49.47
N GLY N 58 39.97 13.23 49.77
CA GLY N 58 40.94 14.04 49.08
C GLY N 58 40.41 14.82 47.89
N GLN N 59 39.53 14.21 47.10
CA GLN N 59 38.97 14.86 45.92
C GLN N 59 37.68 15.61 46.24
N GLU N 60 37.73 16.46 47.26
CA GLU N 60 36.57 17.27 47.62
C GLU N 60 36.37 18.43 46.66
N ALA N 61 37.41 18.82 45.91
CA ALA N 61 37.31 19.97 45.03
C ALA N 61 36.39 19.72 43.84
N GLN N 62 36.23 18.46 43.43
CA GLN N 62 35.37 18.16 42.28
C GLN N 62 33.93 18.54 42.58
N ALA N 63 33.27 17.79 43.46
CA ALA N 63 31.98 18.13 44.04
C ALA N 63 31.03 18.80 43.04
N ASP N 64 30.72 18.07 41.97
CA ASP N 64 29.94 18.67 40.89
C ASP N 64 28.49 18.90 41.32
N SER N 65 27.89 17.96 42.03
CA SER N 65 26.47 18.05 42.34
C SER N 65 26.16 17.13 43.52
N VAL N 66 24.92 17.20 44.00
CA VAL N 66 24.41 16.29 45.00
C VAL N 66 23.23 15.54 44.41
N CYS N 67 23.17 14.23 44.65
CA CYS N 67 22.14 13.40 44.07
C CYS N 67 20.78 13.69 44.71
N ILE N 68 19.72 13.54 43.92
CA ILE N 68 18.36 13.80 44.40
C ILE N 68 17.45 12.62 44.06
N VAL N 69 18.04 11.50 43.64
CA VAL N 69 17.27 10.30 43.30
C VAL N 69 17.93 9.09 43.96
N ASN N 70 17.14 8.04 44.15
CA ASN N 70 17.61 6.79 44.72
C ASN N 70 17.72 5.76 43.61
N PHE N 71 18.88 5.74 42.95
CA PHE N 71 19.10 4.80 41.86
C PHE N 71 19.54 3.46 42.41
N TYR N 72 18.97 2.37 41.87
CA TYR N 72 19.33 1.01 42.26
C TYR N 72 20.23 0.43 41.17
N ALA N 73 21.41 -0.05 41.57
CA ALA N 73 22.45 -0.35 40.61
C ALA N 73 22.21 -1.64 39.83
N ASP N 74 21.67 -2.67 40.49
CA ASP N 74 21.66 -3.99 39.87
C ASP N 74 20.70 -4.06 38.67
N LEU N 75 19.50 -3.50 38.81
CA LEU N 75 18.53 -3.55 37.73
C LEU N 75 18.56 -2.32 36.82
N GLN N 76 19.50 -1.40 37.05
CA GLN N 76 19.75 -0.24 36.20
C GLN N 76 18.57 0.71 36.13
N LEU N 77 17.60 0.60 37.03
CA LEU N 77 16.49 1.54 37.09
C LEU N 77 16.66 2.42 38.31
N SER N 78 15.69 3.32 38.54
CA SER N 78 15.87 4.32 39.57
C SER N 78 14.74 4.36 40.58
N TYR N 79 14.75 5.40 41.41
CA TYR N 79 13.76 5.57 42.46
C TYR N 79 12.36 5.72 41.86
N HIS N 80 12.24 6.45 40.76
CA HIS N 80 10.96 6.65 40.10
C HIS N 80 10.88 5.95 38.75
N GLY N 81 11.74 4.97 38.49
CA GLY N 81 11.66 4.20 37.26
C GLY N 81 12.26 4.89 36.04
N GLN N 82 13.37 5.58 36.18
CA GLN N 82 13.89 6.40 35.08
C GLN N 82 15.29 5.93 34.83
N LEU N 83 15.74 5.99 33.61
CA LEU N 83 16.99 5.34 33.29
C LEU N 83 18.19 6.14 33.73
N LYS N 84 18.05 7.35 34.24
CA LYS N 84 19.23 8.18 34.50
C LYS N 84 19.25 8.72 35.91
N VAL N 85 20.43 9.10 36.33
CA VAL N 85 20.54 9.72 37.65
C VAL N 85 20.76 11.22 37.48
N VAL N 86 20.08 12.01 38.31
CA VAL N 86 20.07 13.47 38.20
C VAL N 86 20.46 14.07 39.54
N GLY N 87 21.24 15.13 39.49
CA GLY N 87 21.65 15.83 40.70
C GLY N 87 21.51 17.34 40.56
N ILE N 88 21.50 18.01 41.70
CA ILE N 88 21.45 19.47 41.73
C ILE N 88 22.88 20.01 41.68
N TYR N 89 23.17 20.80 40.66
CA TYR N 89 24.54 21.25 40.42
C TYR N 89 24.72 22.75 40.29
N ARG N 90 23.65 23.54 40.38
CA ARG N 90 23.76 24.99 40.27
C ARG N 90 23.07 25.66 41.45
N ASP N 91 22.90 26.97 41.35
CA ASP N 91 22.41 27.79 42.46
C ASP N 91 21.07 27.27 42.98
N ALA N 92 21.09 26.83 44.24
CA ALA N 92 19.89 26.35 44.91
C ALA N 92 20.16 26.33 46.41
N GLU N 93 19.09 26.24 47.19
CA GLU N 93 19.17 26.16 48.64
C GLU N 93 18.67 24.79 49.08
N LEU N 94 19.50 24.06 49.80
CA LEU N 94 19.21 22.71 50.23
C LEU N 94 19.49 22.54 51.71
N LYS N 95 18.78 21.61 52.34
CA LYS N 95 19.13 21.23 53.69
C LYS N 95 20.46 20.48 53.70
N ASP N 96 21.23 20.68 54.76
CA ASP N 96 22.56 20.09 54.81
C ASP N 96 22.52 18.63 55.25
N LEU N 97 21.60 17.86 54.66
CA LEU N 97 21.53 16.42 54.93
C LEU N 97 22.38 15.67 53.90
N LEU N 98 23.64 16.08 53.82
CA LEU N 98 24.57 15.50 52.86
C LEU N 98 25.03 14.13 53.33
N LYS N 99 25.18 13.22 52.35
CA LYS N 99 25.75 11.90 52.59
C LYS N 99 27.17 11.88 52.04
N LEU N 100 28.11 11.75 52.92
CA LEU N 100 29.47 11.87 52.41
C LEU N 100 30.09 10.52 52.65
N GLU N 101 31.03 10.12 51.81
CA GLU N 101 31.58 8.76 51.85
C GLU N 101 32.32 8.54 53.15
N SER N 102 33.64 8.48 53.14
CA SER N 102 34.28 8.34 54.44
C SER N 102 35.66 8.91 54.34
N GLY N 103 35.94 9.96 55.08
CA GLY N 103 37.19 10.69 54.97
C GLY N 103 36.88 11.99 54.30
N VAL N 104 35.78 12.04 53.58
CA VAL N 104 35.45 13.27 52.85
C VAL N 104 34.98 14.27 53.89
N ASP N 105 35.85 15.18 54.33
CA ASP N 105 35.33 16.23 55.18
C ASP N 105 34.18 16.96 54.50
N ALA N 106 33.38 17.65 55.31
CA ALA N 106 32.22 18.38 54.82
C ALA N 106 32.51 19.85 54.55
N ALA N 107 33.48 20.44 55.25
CA ALA N 107 33.79 21.86 55.04
C ALA N 107 34.32 22.11 53.64
N ALA N 108 35.21 21.24 53.16
CA ALA N 108 35.76 21.42 51.81
C ALA N 108 34.70 21.14 50.75
N VAL N 109 33.84 20.14 50.98
CA VAL N 109 32.78 19.83 50.02
C VAL N 109 31.79 20.99 49.96
N LYS N 110 31.41 21.52 51.11
CA LYS N 110 30.46 22.63 51.13
C LYS N 110 31.05 23.89 50.48
N SER N 111 32.34 24.14 50.71
CA SER N 111 32.98 25.31 50.11
C SER N 111 33.01 25.19 48.58
N ALA N 112 33.28 23.99 48.07
CA ALA N 112 33.25 23.78 46.63
C ALA N 112 31.84 23.98 46.08
N LEU N 113 30.84 23.47 46.80
CA LEU N 113 29.45 23.65 46.36
C LEU N 113 29.01 25.10 46.51
N LYS N 114 29.54 25.79 47.52
CA LYS N 114 29.17 27.20 47.73
C LYS N 114 29.65 28.07 46.57
N ALA N 115 30.83 27.76 46.02
CA ALA N 115 31.33 28.53 44.90
C ALA N 115 30.49 28.34 43.65
N LYS N 116 29.69 27.27 43.61
CA LYS N 116 28.83 26.98 42.46
C LYS N 116 27.41 27.50 42.65
N GLY N 117 27.13 28.20 43.75
CA GLY N 117 25.83 28.77 44.00
C GLY N 117 24.94 27.98 44.93
N ILE N 118 25.38 26.83 45.42
CA ILE N 118 24.58 25.97 46.29
C ILE N 118 24.77 26.46 47.72
N ASP N 119 23.66 26.80 48.37
CA ASP N 119 23.66 27.24 49.76
C ASP N 119 22.98 26.17 50.62
N PHE N 120 23.50 26.00 51.83
CA PHE N 120 23.04 24.94 52.74
C PHE N 120 22.37 25.59 53.95
N VAL N 121 21.06 25.41 54.06
CA VAL N 121 20.31 25.94 55.20
C VAL N 121 20.56 25.05 56.41
N PRO N 122 20.91 25.60 57.57
CA PRO N 122 21.16 24.76 58.75
C PRO N 122 19.92 23.97 59.15
N THR N 123 20.05 22.69 59.38
CA THR N 123 18.90 21.84 59.65
C THR N 123 19.06 21.32 61.01
N GLY N 124 18.00 20.91 61.67
CA GLY N 124 18.22 20.49 63.04
C GLY N 124 17.32 19.42 63.57
N LEU N 125 17.88 18.42 64.19
CA LEU N 125 17.07 17.44 64.93
C LEU N 125 17.91 16.92 66.10
N ALA O 2 20.83 82.67 68.41
CA ALA O 2 21.84 82.16 69.35
C ALA O 2 22.96 83.15 69.44
N TYR O 3 24.16 82.77 69.80
CA TYR O 3 25.27 83.75 69.76
C TYR O 3 25.49 84.17 68.33
N GLN O 4 25.41 83.22 67.42
CA GLN O 4 25.71 83.51 66.02
C GLN O 4 24.43 83.76 65.28
N GLY O 5 23.33 83.37 65.82
CA GLY O 5 22.18 83.75 65.03
C GLY O 5 21.39 82.61 64.42
N PHE O 6 21.86 81.36 64.56
CA PHE O 6 21.16 80.23 63.99
C PHE O 6 21.41 79.00 64.86
N THR O 7 20.57 77.98 64.68
CA THR O 7 20.69 76.72 65.40
C THR O 7 20.39 75.59 64.42
N LYS O 8 21.40 74.78 64.12
CA LYS O 8 21.26 73.64 63.22
C LYS O 8 21.19 72.36 64.05
N LEU O 9 20.15 71.56 63.83
CA LEU O 9 19.93 70.32 64.57
C LEU O 9 20.10 69.08 63.69
N GLY O 10 20.71 69.23 62.53
CA GLY O 10 20.93 68.10 61.64
C GLY O 10 19.70 67.74 60.84
N GLU O 11 19.89 66.80 59.91
CA GLU O 11 18.82 66.29 59.08
C GLU O 11 18.79 64.77 59.16
N ARG O 12 17.75 64.19 58.57
CA ARG O 12 17.49 62.76 58.71
C ARG O 12 18.57 61.95 58.01
N GLU O 13 18.90 60.80 58.61
CA GLU O 13 19.83 59.87 57.98
C GLU O 13 19.17 59.21 56.77
N PRO O 14 19.98 58.75 55.80
CA PRO O 14 19.41 58.13 54.60
C PRO O 14 18.65 56.85 54.94
N LEU O 15 17.42 56.74 54.44
CA LEU O 15 16.62 55.55 54.64
C LEU O 15 17.02 54.45 53.67
N ASN O 16 16.45 53.26 53.88
CA ASN O 16 16.76 52.10 53.04
C ASN O 16 15.88 52.15 51.80
N ASP O 17 16.34 52.87 50.78
CA ASP O 17 15.66 52.93 49.49
C ASP O 17 16.54 52.49 48.34
N ILE O 18 17.72 51.94 48.62
CA ILE O 18 18.67 51.61 47.55
C ILE O 18 18.18 50.42 46.73
N ILE O 19 17.59 49.43 47.40
CA ILE O 19 17.28 48.16 46.74
C ILE O 19 16.10 48.36 45.78
N LEU O 20 16.34 48.10 44.49
CA LEU O 20 15.29 48.08 43.48
C LEU O 20 14.86 46.66 43.12
N TRP O 21 15.79 45.72 43.12
CA TRP O 21 15.48 44.32 42.86
C TRP O 21 16.56 43.45 43.49
N GLU O 22 16.15 42.30 44.02
CA GLU O 22 17.09 41.35 44.60
C GLU O 22 16.47 39.97 44.54
N GLU O 23 17.32 38.95 44.56
CA GLU O 23 16.84 37.57 44.51
C GLU O 23 16.15 37.21 45.80
N ILE O 24 14.83 37.19 45.81
CA ILE O 24 14.06 36.88 47.02
C ILE O 24 13.91 35.36 47.11
N THR O 25 14.57 34.79 48.10
CA THR O 25 14.55 33.36 48.37
C THR O 25 14.13 33.14 49.82
N PRO O 26 13.88 31.89 50.22
CA PRO O 26 13.57 31.63 51.63
C PRO O 26 14.61 32.18 52.59
N THR O 27 15.88 32.14 52.23
CA THR O 27 16.95 32.72 53.05
C THR O 27 17.44 34.02 52.41
N GLY O 28 18.47 34.59 53.02
CA GLY O 28 19.04 35.84 52.55
C GLY O 28 20.01 35.65 51.40
N HIS O 29 19.45 35.46 50.20
CA HIS O 29 20.29 35.14 49.04
C HIS O 29 21.30 36.25 48.76
N SER O 30 20.85 37.51 48.83
CA SER O 30 21.71 38.65 48.58
C SER O 30 22.16 39.35 49.85
N ARG O 31 21.76 38.86 51.02
CA ARG O 31 22.06 39.51 52.29
C ARG O 31 23.24 38.81 52.96
N LYS O 32 24.08 39.59 53.63
CA LYS O 32 25.25 39.06 54.32
C LYS O 32 25.41 39.80 55.64
N GLU O 33 25.39 39.04 56.74
CA GLU O 33 25.63 39.61 58.06
C GLU O 33 27.11 39.94 58.23
N TYR O 34 27.38 41.00 58.99
CA TYR O 34 28.73 41.41 59.32
C TYR O 34 28.84 41.68 60.81
N ALA O 35 29.99 41.34 61.38
CA ALA O 35 30.29 41.72 62.75
C ALA O 35 30.79 43.16 62.76
N PRO O 36 30.10 44.09 63.40
CA PRO O 36 30.51 45.49 63.34
C PRO O 36 31.90 45.70 63.93
N VAL O 37 32.67 46.57 63.29
CA VAL O 37 33.99 46.94 63.79
C VAL O 37 33.82 47.97 64.90
N ALA O 38 34.71 47.90 65.89
CA ALA O 38 34.61 48.79 67.04
C ALA O 38 34.78 50.25 66.62
N SER O 39 33.91 51.11 67.17
CA SER O 39 33.94 52.55 66.90
C SER O 39 33.85 52.84 65.41
N THR O 40 32.97 52.13 64.73
CA THR O 40 32.73 52.32 63.30
C THR O 40 31.25 52.58 63.08
N GLU O 41 30.93 53.64 62.33
CA GLU O 41 29.57 54.07 62.09
C GLU O 41 29.19 53.74 60.65
N TYR O 42 28.09 53.01 60.47
CA TYR O 42 27.64 52.56 59.16
C TYR O 42 26.39 53.32 58.75
N ARG O 43 26.36 53.76 57.50
CA ARG O 43 25.19 54.38 56.89
C ARG O 43 24.74 53.53 55.70
N VAL O 44 23.53 53.79 55.23
CA VAL O 44 22.96 53.06 54.11
C VAL O 44 23.68 53.48 52.84
N GLY O 45 24.19 52.50 52.09
CA GLY O 45 24.90 52.76 50.86
C GLY O 45 26.41 52.72 50.96
N GLU O 46 26.96 52.51 52.15
CA GLU O 46 28.40 52.45 52.31
C GLU O 46 28.93 51.09 51.86
N VAL O 47 30.07 51.10 51.19
CA VAL O 47 30.67 49.87 50.68
C VAL O 47 31.62 49.29 51.73
N LEU O 48 31.48 48.00 51.98
CA LEU O 48 32.25 47.32 53.02
C LEU O 48 33.12 46.23 52.41
N LYS O 49 34.21 45.91 53.10
CA LYS O 49 35.09 44.82 52.71
C LYS O 49 34.57 43.52 53.31
N ALA O 50 35.34 42.44 53.18
CA ALA O 50 34.92 41.15 53.71
C ALA O 50 34.92 41.15 55.24
N ASP O 51 35.83 41.91 55.87
CA ASP O 51 35.92 41.94 57.32
C ASP O 51 34.90 42.86 57.97
N GLY O 52 34.12 43.60 57.18
CA GLY O 52 33.11 44.49 57.71
C GLY O 52 33.51 45.95 57.75
N SER O 53 34.78 46.25 57.48
CA SER O 53 35.23 47.64 57.48
C SER O 53 35.02 48.27 56.10
N LYS O 54 35.02 49.60 56.08
CA LYS O 54 34.77 50.33 54.85
C LYS O 54 35.94 50.19 53.89
N VAL O 55 35.64 50.38 52.61
CA VAL O 55 36.66 50.31 51.57
C VAL O 55 37.43 51.62 51.55
N ALA O 56 38.74 51.54 51.70
CA ALA O 56 39.61 52.70 51.68
C ALA O 56 40.21 52.89 50.29
N ALA O 57 41.02 53.94 50.16
CA ALA O 57 41.68 54.21 48.89
C ALA O 57 42.74 53.15 48.62
N GLY O 58 42.78 52.68 47.37
CA GLY O 58 43.74 51.68 46.94
C GLY O 58 43.26 50.25 47.11
N GLN O 59 42.14 50.06 47.79
CA GLN O 59 41.56 48.73 48.01
C GLN O 59 40.13 48.66 47.49
N GLU O 60 39.89 49.27 46.33
CA GLU O 60 38.56 49.23 45.73
C GLU O 60 38.22 47.83 45.25
N ALA O 61 39.21 47.05 44.82
CA ALA O 61 38.96 45.68 44.37
C ALA O 61 38.51 44.77 45.50
N GLN O 62 38.66 45.19 46.75
CA GLN O 62 38.25 44.40 47.90
C GLN O 62 36.80 44.67 48.32
N ALA O 63 36.07 45.47 47.55
CA ALA O 63 34.67 45.73 47.86
C ALA O 63 33.88 44.44 47.90
N ASP O 64 33.08 44.27 48.95
CA ASP O 64 32.35 43.03 49.17
C ASP O 64 30.84 43.23 49.16
N SER O 65 30.33 44.31 49.75
CA SER O 65 28.90 44.52 49.83
C SER O 65 28.60 46.00 49.99
N VAL O 66 27.31 46.32 49.92
CA VAL O 66 26.81 47.68 50.10
C VAL O 66 25.92 47.70 51.33
N CYS O 67 26.31 48.47 52.33
CA CYS O 67 25.56 48.52 53.58
C CYS O 67 24.16 49.07 53.35
N ILE O 68 23.17 48.42 53.96
CA ILE O 68 21.77 48.81 53.83
C ILE O 68 21.12 49.10 55.18
N VAL O 69 21.92 49.30 56.22
CA VAL O 69 21.41 49.61 57.55
C VAL O 69 22.19 50.78 58.12
N ASN O 70 21.55 51.52 59.01
CA ASN O 70 22.18 52.62 59.73
C ASN O 70 22.62 52.09 61.10
N PHE O 71 23.92 51.93 61.28
CA PHE O 71 24.47 51.39 62.52
C PHE O 71 25.13 52.50 63.32
N TYR O 72 24.93 52.47 64.63
CA TYR O 72 25.47 53.49 65.54
C TYR O 72 26.56 52.86 66.39
N ALA O 73 27.75 53.45 66.35
CA ALA O 73 28.88 52.91 67.11
C ALA O 73 28.67 53.09 68.61
N ASP O 74 28.03 54.18 69.02
CA ASP O 74 27.81 54.43 70.44
C ASP O 74 26.85 53.41 71.03
N LEU O 75 25.72 53.16 70.36
CA LEU O 75 24.72 52.21 70.83
C LEU O 75 25.10 50.76 70.61
N GLN O 76 26.04 50.49 69.68
CA GLN O 76 26.34 49.13 69.23
C GLN O 76 25.09 48.44 68.67
N LEU O 77 24.15 49.23 68.16
CA LEU O 77 22.91 48.73 67.59
C LEU O 77 22.66 49.38 66.23
N SER O 78 21.66 48.88 65.56
CA SER O 78 21.37 49.30 64.21
C SER O 78 20.21 50.26 64.36
N TYR O 79 19.59 50.69 63.31
CA TYR O 79 18.53 51.67 63.53
C TYR O 79 17.31 50.93 63.78
N HIS O 80 17.30 49.61 63.63
CA HIS O 80 16.06 48.85 63.73
C HIS O 80 16.40 47.88 64.78
N GLY O 81 17.31 48.26 65.62
CA GLY O 81 17.62 47.53 66.82
C GLY O 81 18.27 46.18 66.61
N GLN O 82 18.89 45.97 65.46
CA GLN O 82 19.58 44.71 65.18
C GLN O 82 21.01 44.76 65.70
N LEU O 83 21.60 43.58 65.87
CA LEU O 83 22.91 43.44 66.49
C LEU O 83 24.06 43.43 65.50
N LYS O 84 23.80 43.13 64.23
CA LYS O 84 24.84 43.02 63.23
C LYS O 84 24.55 43.97 62.06
N VAL O 85 25.47 43.97 61.10
CA VAL O 85 25.39 44.83 59.92
C VAL O 85 25.15 43.94 58.71
N VAL O 86 24.16 44.31 57.90
CA VAL O 86 23.74 43.54 56.74
C VAL O 86 23.99 44.37 55.48
N GLY O 87 24.56 43.72 54.45
CA GLY O 87 24.80 44.38 53.19
C GLY O 87 24.41 43.49 52.03
N ILE O 88 24.32 44.11 50.86
CA ILE O 88 23.97 43.42 49.62
C ILE O 88 25.28 43.02 48.94
N TYR O 89 25.52 41.72 48.82
CA TYR O 89 26.80 41.21 48.31
C TYR O 89 26.66 40.30 47.09
N ARG O 90 25.45 40.13 46.55
CA ARG O 90 25.26 39.28 45.39
C ARG O 90 24.28 39.95 44.44
N ASP O 91 23.77 39.18 43.48
CA ASP O 91 22.98 39.70 42.37
C ASP O 91 21.79 40.52 42.84
N ALA O 92 21.81 41.81 42.54
CA ALA O 92 20.75 42.74 42.91
C ALA O 92 20.91 44.01 42.09
N GLU O 93 19.84 44.78 41.99
CA GLU O 93 19.85 46.08 41.34
C GLU O 93 19.62 47.17 42.38
N LEU O 94 20.54 48.12 42.45
CA LEU O 94 20.52 49.14 43.48
C LEU O 94 20.56 50.52 42.85
N LYS O 95 20.08 51.51 43.61
CA LYS O 95 20.18 52.90 43.18
C LYS O 95 21.63 53.37 43.25
N ASP O 96 21.94 54.38 42.42
CA ASP O 96 23.28 54.95 42.38
C ASP O 96 23.47 55.97 43.50
N LEU O 97 23.31 55.49 44.73
CA LEU O 97 23.45 56.34 45.91
C LEU O 97 24.55 55.82 46.83
N LEU O 98 25.69 55.46 46.26
CA LEU O 98 26.80 54.96 47.04
C LEU O 98 27.42 56.07 47.90
N LYS O 99 28.18 55.65 48.90
CA LYS O 99 28.73 56.54 49.91
C LYS O 99 30.23 56.29 50.09
N LEU O 100 30.97 56.28 49.00
CA LEU O 100 32.40 55.98 49.04
C LEU O 100 33.13 56.92 49.96
N GLU O 101 34.31 56.49 50.41
CA GLU O 101 35.12 57.28 51.33
C GLU O 101 35.91 58.32 50.53
N SER O 102 36.81 59.02 51.22
CA SER O 102 37.63 60.04 50.57
C SER O 102 38.76 59.39 49.77
N GLY O 103 38.92 59.83 48.53
CA GLY O 103 39.97 59.32 47.67
C GLY O 103 39.68 57.97 47.06
N VAL O 104 38.49 57.42 47.24
CA VAL O 104 38.15 56.11 46.70
C VAL O 104 37.63 56.28 45.29
N ASP O 105 38.18 55.52 44.35
CA ASP O 105 37.75 55.56 42.96
C ASP O 105 36.36 54.96 42.85
N ALA O 106 35.37 55.79 42.53
CA ALA O 106 33.99 55.32 42.45
C ALA O 106 33.81 54.30 41.33
N ALA O 107 34.43 54.56 40.17
CA ALA O 107 34.27 53.64 39.04
C ALA O 107 34.93 52.30 39.31
N ALA O 108 35.90 52.26 40.22
CA ALA O 108 36.61 51.01 40.50
C ALA O 108 35.75 50.05 41.31
N VAL O 109 35.04 50.57 42.32
CA VAL O 109 34.18 49.70 43.12
C VAL O 109 32.97 49.25 42.31
N LYS O 110 32.51 50.08 41.38
CA LYS O 110 31.38 49.69 40.54
C LYS O 110 31.71 48.45 39.72
N SER O 111 32.92 48.42 39.14
CA SER O 111 33.34 47.25 38.37
C SER O 111 33.59 46.05 39.29
N ALA O 112 34.10 46.31 40.50
CA ALA O 112 34.32 45.23 41.46
C ALA O 112 33.01 44.59 41.87
N LEU O 113 31.99 45.40 42.13
CA LEU O 113 30.69 44.86 42.50
C LEU O 113 29.94 44.30 41.29
N LYS O 114 30.18 44.85 40.10
CA LYS O 114 29.50 44.36 38.91
C LYS O 114 29.85 42.90 38.63
N ALA O 115 31.10 42.51 38.89
CA ALA O 115 31.49 41.12 38.69
C ALA O 115 30.75 40.18 39.64
N LYS O 116 30.21 40.71 40.73
CA LYS O 116 29.46 39.93 41.70
C LYS O 116 27.96 39.95 41.44
N GLY O 117 27.51 40.62 40.38
CA GLY O 117 26.10 40.65 40.03
C GLY O 117 25.35 41.87 40.51
N ILE O 118 26.03 42.88 41.04
CA ILE O 118 25.37 44.07 41.56
C ILE O 118 25.33 45.12 40.46
N ASP O 119 24.13 45.59 40.12
CA ASP O 119 23.94 46.60 39.10
C ASP O 119 23.40 47.88 39.73
N PHE O 120 23.81 49.02 39.17
CA PHE O 120 23.47 50.33 39.69
C PHE O 120 22.65 51.09 38.66
N VAL O 121 21.46 51.53 39.07
CA VAL O 121 20.58 52.31 38.21
C VAL O 121 20.87 53.80 38.44
N PRO O 122 21.15 54.57 37.39
CA PRO O 122 21.43 55.99 37.58
C PRO O 122 20.24 56.71 38.18
N THR O 123 20.51 57.44 39.23
CA THR O 123 19.47 58.13 39.94
C THR O 123 19.67 59.53 39.55
N GLY O 124 18.61 60.29 39.41
CA GLY O 124 18.88 61.69 39.11
C GLY O 124 18.50 62.69 40.15
N LEU O 125 19.29 63.76 40.28
CA LEU O 125 18.99 64.87 41.18
C LEU O 125 17.51 64.75 41.43
N ALA P 2 -9.47 -96.27 27.81
CA ALA P 2 -10.77 -96.83 27.44
C ALA P 2 -11.06 -96.14 26.14
N TYR P 3 -11.65 -96.78 25.16
CA TYR P 3 -11.86 -96.01 23.94
C TYR P 3 -13.17 -95.28 24.06
N GLN P 4 -13.35 -94.42 25.05
CA GLN P 4 -14.64 -93.87 25.43
C GLN P 4 -14.78 -93.98 26.92
N GLY P 5 -14.29 -95.05 27.63
CA GLY P 5 -14.36 -95.37 29.06
C GLY P 5 -14.15 -94.25 30.03
N PHE P 6 -13.10 -93.49 29.94
CA PHE P 6 -12.91 -92.33 30.78
C PHE P 6 -12.59 -91.21 29.90
N THR P 7 -13.13 -90.02 30.16
CA THR P 7 -12.80 -88.78 29.44
C THR P 7 -12.72 -87.75 30.53
N LYS P 8 -11.60 -87.08 30.68
CA LYS P 8 -11.30 -86.06 31.68
C LYS P 8 -11.07 -84.74 30.96
N LEU P 9 -11.75 -83.69 31.41
CA LEU P 9 -11.65 -82.37 30.80
C LEU P 9 -10.74 -81.42 31.58
N GLY P 10 -10.05 -81.91 32.60
CA GLY P 10 -9.09 -81.11 33.32
C GLY P 10 -9.63 -80.50 34.59
N GLU P 11 -8.73 -79.92 35.37
CA GLU P 11 -9.03 -79.27 36.65
C GLU P 11 -8.92 -77.76 36.51
N ARG P 12 -9.66 -77.06 37.38
CA ARG P 12 -9.65 -75.60 37.36
C ARG P 12 -8.28 -75.06 37.77
N GLU P 13 -7.84 -74.00 37.10
CA GLU P 13 -6.59 -73.37 37.45
C GLU P 13 -6.69 -72.70 38.81
N PRO P 14 -5.57 -72.57 39.53
CA PRO P 14 -5.62 -71.95 40.86
C PRO P 14 -6.10 -70.50 40.80
N LEU P 15 -6.86 -70.11 41.80
CA LEU P 15 -7.40 -68.76 41.89
C LEU P 15 -6.47 -67.86 42.69
N ASN P 16 -6.64 -66.56 42.52
CA ASN P 16 -5.80 -65.56 43.19
C ASN P 16 -6.48 -65.16 44.49
N ASP P 17 -6.10 -65.84 45.57
CA ASP P 17 -6.61 -65.53 46.90
C ASP P 17 -5.52 -65.61 47.97
N ILE P 18 -4.25 -65.69 47.57
CA ILE P 18 -3.17 -65.86 48.53
C ILE P 18 -2.98 -64.60 49.37
N ILE P 19 -3.25 -63.43 48.81
CA ILE P 19 -2.93 -62.18 49.49
C ILE P 19 -3.88 -61.99 50.68
N LEU P 20 -3.31 -61.77 51.86
CA LEU P 20 -4.07 -61.47 53.06
C LEU P 20 -3.94 -60.01 53.47
N TRP P 21 -2.73 -59.46 53.42
CA TRP P 21 -2.49 -58.06 53.68
C TRP P 21 -1.35 -57.58 52.79
N GLU P 22 -1.44 -56.32 52.37
CA GLU P 22 -0.38 -55.71 51.57
C GLU P 22 -0.48 -54.19 51.70
N GLU P 23 0.62 -53.52 51.41
CA GLU P 23 0.65 -52.07 51.48
C GLU P 23 -0.16 -51.48 50.34
N ILE P 24 -1.29 -50.85 50.66
CA ILE P 24 -2.19 -50.31 49.65
C ILE P 24 -1.76 -48.89 49.38
N THR P 25 -0.91 -48.72 48.39
CA THR P 25 -0.38 -47.45 47.91
C THR P 25 -1.01 -47.08 46.57
N PRO P 26 -1.04 -45.79 46.23
CA PRO P 26 -1.65 -45.39 44.94
C PRO P 26 -0.98 -46.02 43.72
N THR P 27 0.34 -46.23 43.77
CA THR P 27 1.10 -46.70 42.62
C THR P 27 1.43 -48.18 42.78
N GLY P 28 0.70 -48.86 43.66
CA GLY P 28 0.81 -50.30 43.77
C GLY P 28 2.06 -50.79 44.46
N HIS P 29 2.13 -50.55 45.77
CA HIS P 29 3.23 -51.08 46.58
C HIS P 29 3.20 -52.60 46.59
N SER P 30 4.38 -53.21 46.62
CA SER P 30 4.53 -54.67 46.64
C SER P 30 3.85 -55.33 45.44
N ARG P 31 4.08 -54.78 44.25
CA ARG P 31 3.54 -55.34 43.02
C ARG P 31 4.44 -54.90 41.88
N LYS P 32 5.01 -55.85 41.16
CA LYS P 32 5.97 -55.56 40.11
C LYS P 32 5.58 -56.30 38.83
N GLU P 33 5.72 -55.62 37.69
CA GLU P 33 5.40 -56.17 36.40
C GLU P 33 6.57 -56.96 35.84
N TYR P 34 6.27 -58.05 35.14
CA TYR P 34 7.26 -58.89 34.51
C TYR P 34 6.94 -59.06 33.03
N ALA P 35 7.96 -58.96 32.20
CA ALA P 35 7.82 -59.37 30.80
C ALA P 35 7.85 -60.90 30.75
N PRO P 36 6.79 -61.54 30.28
CA PRO P 36 6.76 -63.01 30.31
C PRO P 36 7.86 -63.62 29.43
N VAL P 37 8.40 -64.73 29.89
CA VAL P 37 9.41 -65.48 29.15
C VAL P 37 8.70 -66.33 28.11
N ALA P 38 9.38 -66.57 26.99
CA ALA P 38 8.78 -67.31 25.89
C ALA P 38 8.51 -68.76 26.28
N SER P 39 7.32 -69.25 25.92
CA SER P 39 6.92 -70.64 26.15
C SER P 39 7.04 -71.02 27.63
N THR P 40 6.56 -70.14 28.51
CA THR P 40 6.58 -70.40 29.93
C THR P 40 5.21 -70.07 30.50
N GLU P 41 4.64 -71.00 31.25
CA GLU P 41 3.29 -70.84 31.80
C GLU P 41 3.37 -70.48 33.27
N TYR P 42 2.59 -69.47 33.68
CA TYR P 42 2.57 -68.98 35.05
C TYR P 42 1.23 -69.28 35.69
N ARG P 43 1.26 -69.61 36.97
CA ARG P 43 0.07 -69.79 37.79
C ARG P 43 0.26 -69.05 39.10
N VAL P 44 -0.81 -68.95 39.88
CA VAL P 44 -0.74 -68.26 41.16
C VAL P 44 0.06 -69.10 42.14
N GLY P 45 1.17 -68.55 42.62
CA GLY P 45 1.92 -69.15 43.71
C GLY P 45 3.37 -69.45 43.43
N GLU P 46 3.78 -69.59 42.18
CA GLU P 46 5.18 -69.92 41.88
C GLU P 46 6.07 -68.71 42.12
N VAL P 47 7.30 -68.98 42.57
CA VAL P 47 8.27 -67.93 42.87
C VAL P 47 9.11 -67.67 41.64
N LEU P 48 9.29 -66.40 41.30
CA LEU P 48 10.02 -65.99 40.12
C LEU P 48 11.27 -65.22 40.50
N LYS P 49 12.27 -65.25 39.62
CA LYS P 49 13.47 -64.45 39.80
C LYS P 49 13.28 -63.08 39.14
N ALA P 50 14.31 -62.24 39.23
CA ALA P 50 14.25 -60.92 38.61
C ALA P 50 14.17 -61.02 37.09
N ASP P 51 14.70 -62.11 36.53
CA ASP P 51 14.63 -62.29 35.08
C ASP P 51 13.20 -62.49 34.61
N GLY P 52 12.34 -63.03 35.48
CA GLY P 52 10.98 -63.34 35.09
C GLY P 52 10.73 -64.83 35.08
N SER P 53 11.82 -65.60 35.03
CA SER P 53 11.72 -67.05 35.05
C SER P 53 11.61 -67.56 36.49
N LYS P 54 11.19 -68.81 36.61
CA LYS P 54 10.96 -69.41 37.92
C LYS P 54 12.29 -69.73 38.60
N VAL P 55 12.19 -70.00 39.90
CA VAL P 55 13.34 -70.39 40.70
C VAL P 55 13.52 -71.90 40.60
N ALA P 56 14.69 -72.33 40.13
CA ALA P 56 15.01 -73.74 40.01
C ALA P 56 15.83 -74.19 41.21
N ALA P 57 16.26 -75.46 41.16
CA ALA P 57 17.06 -76.01 42.24
C ALA P 57 18.44 -75.37 42.27
N GLY P 58 18.93 -75.11 43.50
CA GLY P 58 20.25 -74.53 43.66
C GLY P 58 20.33 -73.04 43.50
N GLN P 59 19.20 -72.37 43.26
CA GLN P 59 19.20 -70.91 43.14
C GLN P 59 18.04 -70.27 43.90
N GLU P 60 17.69 -70.81 45.07
CA GLU P 60 16.58 -70.26 45.84
C GLU P 60 16.92 -68.91 46.46
N ALA P 61 18.20 -68.55 46.52
CA ALA P 61 18.58 -67.27 47.08
C ALA P 61 18.06 -66.10 46.25
N GLN P 62 18.06 -66.25 44.93
CA GLN P 62 17.62 -65.18 44.03
C GLN P 62 16.13 -65.30 43.72
N ALA P 63 15.33 -65.36 44.79
CA ALA P 63 13.88 -65.38 44.68
C ALA P 63 13.37 -63.94 44.80
N ASP P 64 12.54 -63.53 43.84
CA ASP P 64 12.14 -62.14 43.73
C ASP P 64 10.70 -61.90 44.17
N SER P 65 9.75 -62.66 43.62
CA SER P 65 8.34 -62.40 43.88
C SER P 65 7.55 -63.69 43.78
N VAL P 66 6.27 -63.61 44.15
CA VAL P 66 5.33 -64.72 44.07
C VAL P 66 4.27 -64.36 43.05
N CYS P 67 4.15 -65.17 42.00
CA CYS P 67 3.22 -64.87 40.92
C CYS P 67 1.77 -64.91 41.42
N ILE P 68 0.98 -63.93 41.00
CA ILE P 68 -0.41 -63.82 41.43
C ILE P 68 -1.34 -63.80 40.22
N VAL P 69 -0.81 -64.17 39.06
CA VAL P 69 -1.59 -64.20 37.83
C VAL P 69 -1.43 -65.57 37.17
N ASN P 70 -2.37 -65.88 36.28
CA ASN P 70 -2.37 -67.12 35.53
C ASN P 70 -2.11 -66.78 34.07
N PHE P 71 -0.87 -66.99 33.62
CA PHE P 71 -0.47 -66.66 32.27
C PHE P 71 -0.56 -67.90 31.39
N TYR P 72 -0.97 -67.70 30.14
CA TYR P 72 -1.13 -68.77 29.16
C TYR P 72 -0.10 -68.56 28.05
N ALA P 73 0.92 -69.43 28.01
CA ALA P 73 1.99 -69.29 27.03
C ALA P 73 1.48 -69.45 25.61
N ASP P 74 0.44 -70.25 25.39
CA ASP P 74 -0.10 -70.41 24.04
C ASP P 74 -0.69 -69.11 23.53
N LEU P 75 -1.42 -68.39 24.38
CA LEU P 75 -2.05 -67.14 24.01
C LEU P 75 -1.17 -65.92 24.28
N GLN P 76 -0.12 -66.06 25.08
CA GLN P 76 0.68 -64.94 25.56
C GLN P 76 -0.20 -63.90 26.25
N LEU P 77 -1.25 -64.38 26.92
CA LEU P 77 -2.19 -63.55 27.65
C LEU P 77 -2.49 -64.20 28.99
N SER P 78 -2.85 -63.39 29.96
CA SER P 78 -3.22 -63.85 31.28
C SER P 78 -4.70 -64.25 31.29
N TYR P 79 -5.12 -64.88 32.39
CA TYR P 79 -6.52 -65.28 32.53
C TYR P 79 -7.45 -64.09 32.69
N HIS P 80 -6.92 -62.89 32.93
CA HIS P 80 -7.71 -61.67 32.98
C HIS P 80 -7.49 -60.79 31.75
N GLY P 81 -6.97 -61.36 30.67
CA GLY P 81 -6.77 -60.60 29.45
C GLY P 81 -5.72 -59.52 29.56
N GLN P 82 -4.63 -59.79 30.27
CA GLN P 82 -3.51 -58.86 30.39
C GLN P 82 -2.25 -59.51 29.86
N LEU P 83 -1.37 -58.69 29.28
CA LEU P 83 -0.17 -59.18 28.62
C LEU P 83 1.09 -59.03 29.47
N LYS P 84 0.92 -58.89 30.79
CA LYS P 84 2.04 -58.77 31.70
C LYS P 84 1.84 -59.71 32.89
N VAL P 85 2.95 -60.11 33.49
CA VAL P 85 2.94 -60.99 34.66
C VAL P 85 3.23 -60.14 35.88
N VAL P 86 2.40 -60.28 36.92
CA VAL P 86 2.49 -59.47 38.13
C VAL P 86 2.66 -60.40 39.32
N GLY P 87 3.51 -59.98 40.25
CA GLY P 87 3.73 -60.75 41.47
C GLY P 87 4.11 -59.84 42.62
N ILE P 88 3.72 -60.26 43.82
CA ILE P 88 4.04 -59.51 45.03
C ILE P 88 5.50 -59.76 45.42
N TYR P 89 6.24 -58.67 45.65
CA TYR P 89 7.67 -58.80 45.91
C TYR P 89 8.10 -58.03 47.16
N ARG P 90 7.36 -57.00 47.54
CA ARG P 90 7.67 -56.23 48.74
C ARG P 90 6.73 -56.62 49.87
N ASP P 91 6.78 -55.85 50.97
CA ASP P 91 6.10 -56.16 52.21
C ASP P 91 4.64 -56.53 52.02
N ALA P 92 4.29 -57.77 52.39
CA ALA P 92 2.95 -58.32 52.34
C ALA P 92 3.01 -59.71 52.96
N GLU P 93 1.84 -60.21 53.37
CA GLU P 93 1.74 -61.57 53.89
C GLU P 93 0.72 -62.35 53.06
N LEU P 94 1.10 -63.56 52.67
CA LEU P 94 0.33 -64.38 51.76
C LEU P 94 0.08 -65.74 52.39
N LYS P 95 -0.94 -66.42 51.88
CA LYS P 95 -1.20 -67.80 52.30
C LYS P 95 -0.03 -68.69 51.90
N ASP P 96 0.27 -69.66 52.75
CA ASP P 96 1.43 -70.55 52.52
C ASP P 96 1.07 -71.58 51.45
N LEU P 97 0.84 -71.08 50.24
CA LEU P 97 0.50 -71.90 49.07
C LEU P 97 1.46 -71.51 47.94
N LEU P 98 2.61 -72.17 47.89
CA LEU P 98 3.62 -71.91 46.88
C LEU P 98 3.78 -73.13 46.00
N LYS P 99 3.93 -72.92 44.69
CA LYS P 99 4.16 -73.99 43.73
C LYS P 99 5.64 -73.95 43.35
N LEU P 100 6.46 -74.62 44.15
CA LEU P 100 7.90 -74.65 43.93
C LEU P 100 8.25 -75.69 42.88
N GLU P 101 9.42 -75.49 42.26
CA GLU P 101 9.91 -76.41 41.25
C GLU P 101 10.48 -77.67 41.92
N SER P 102 10.93 -78.62 41.10
CA SER P 102 11.49 -79.85 41.62
C SER P 102 12.84 -79.58 42.28
N GLY P 103 13.01 -80.10 43.49
CA GLY P 103 14.27 -79.93 44.19
C GLY P 103 14.52 -78.55 44.72
N VAL P 104 13.48 -77.74 44.90
CA VAL P 104 13.63 -76.38 45.43
C VAL P 104 13.38 -76.45 46.93
N ASP P 105 14.34 -75.94 47.70
CA ASP P 105 14.23 -75.96 49.15
C ASP P 105 13.24 -74.89 49.58
N ALA P 106 12.16 -75.30 50.23
CA ALA P 106 11.13 -74.35 50.65
C ALA P 106 11.67 -73.39 51.71
N ALA P 107 12.46 -73.90 52.66
CA ALA P 107 12.98 -73.04 53.72
C ALA P 107 13.88 -71.94 53.17
N ALA P 108 14.56 -72.21 52.05
CA ALA P 108 15.46 -71.22 51.47
C ALA P 108 14.68 -70.08 50.84
N VAL P 109 13.62 -70.39 50.09
CA VAL P 109 12.83 -69.33 49.46
C VAL P 109 12.06 -68.54 50.51
N LYS P 110 11.64 -69.18 51.60
CA LYS P 110 10.92 -68.47 52.65
C LYS P 110 11.82 -67.42 53.31
N SER P 111 13.07 -67.80 53.60
CA SER P 111 14.00 -66.85 54.21
C SER P 111 14.36 -65.73 53.25
N ALA P 112 14.54 -66.05 51.96
CA ALA P 112 14.84 -65.03 50.97
C ALA P 112 13.69 -64.05 50.84
N LEU P 113 12.45 -64.55 50.83
CA LEU P 113 11.29 -63.67 50.73
C LEU P 113 11.05 -62.91 52.03
N LYS P 114 11.37 -63.51 53.18
CA LYS P 114 11.20 -62.83 54.45
C LYS P 114 12.13 -61.62 54.56
N ALA P 115 13.32 -61.72 53.97
CA ALA P 115 14.24 -60.59 54.00
C ALA P 115 13.67 -59.39 53.25
N LYS P 116 12.94 -59.64 52.16
CA LYS P 116 12.35 -58.56 51.39
C LYS P 116 11.03 -58.06 51.97
N GLY P 117 10.52 -58.72 53.01
CA GLY P 117 9.31 -58.27 53.68
C GLY P 117 8.09 -59.14 53.50
N ILE P 118 8.21 -60.29 52.83
CA ILE P 118 7.08 -61.16 52.57
C ILE P 118 7.02 -62.23 53.65
N ASP P 119 5.94 -62.24 54.42
CA ASP P 119 5.68 -63.25 55.43
C ASP P 119 4.62 -64.21 54.94
N PHE P 120 4.60 -65.41 55.52
CA PHE P 120 3.70 -66.47 55.07
C PHE P 120 2.88 -66.98 56.25
N VAL P 121 1.57 -66.76 56.18
CA VAL P 121 0.66 -67.23 57.24
C VAL P 121 0.48 -68.74 57.10
N PRO P 122 0.65 -69.51 58.18
CA PRO P 122 0.45 -70.96 58.09
C PRO P 122 -0.99 -71.30 57.73
N THR P 123 -1.16 -71.93 56.58
CA THR P 123 -2.48 -72.29 56.07
C THR P 123 -2.68 -73.80 56.18
N GLY P 124 -3.88 -74.20 56.58
CA GLY P 124 -4.23 -75.60 56.68
C GLY P 124 -4.79 -76.14 55.39
N LEU P 125 -5.28 -77.38 55.48
CA LEU P 125 -5.89 -78.04 54.33
C LEU P 125 -7.22 -77.40 53.99
N ALA Q 2 8.25 -51.37 111.53
CA ALA Q 2 8.62 -52.68 112.02
C ALA Q 2 9.79 -52.57 112.98
N TYR Q 3 10.76 -53.50 112.82
CA TYR Q 3 11.94 -53.48 113.67
C TYR Q 3 12.84 -52.28 113.38
N GLN Q 4 13.02 -51.87 112.15
CA GLN Q 4 13.81 -50.61 112.02
C GLN Q 4 12.90 -49.47 111.65
N GLY Q 5 11.66 -49.50 112.06
CA GLY Q 5 10.74 -48.41 111.80
C GLY Q 5 9.90 -48.49 110.56
N PHE Q 6 10.36 -49.06 109.46
CA PHE Q 6 9.64 -49.03 108.18
C PHE Q 6 9.39 -50.36 107.58
N THR Q 7 8.42 -50.45 106.66
CA THR Q 7 8.21 -51.70 105.89
C THR Q 7 7.83 -51.40 104.46
N LYS Q 8 8.78 -51.06 103.58
CA LYS Q 8 8.45 -50.97 102.16
C LYS Q 8 8.07 -52.33 101.59
N LEU Q 9 7.07 -52.34 100.71
CA LEU Q 9 6.58 -53.56 100.09
C LEU Q 9 6.72 -53.59 98.58
N GLY Q 10 7.46 -52.66 98.00
CA GLY Q 10 7.69 -52.65 96.56
C GLY Q 10 6.66 -51.80 95.83
N GLU Q 11 6.91 -51.70 94.51
CA GLU Q 11 6.15 -50.84 93.62
C GLU Q 11 5.70 -51.56 92.38
N ARG Q 12 4.87 -50.95 91.54
CA ARG Q 12 4.27 -51.71 90.43
C ARG Q 12 5.25 -51.81 89.28
N GLU Q 13 5.21 -52.90 88.54
CA GLU Q 13 6.08 -53.11 87.38
C GLU Q 13 5.64 -52.20 86.26
N PRO Q 14 6.43 -52.06 85.19
CA PRO Q 14 6.03 -51.15 84.17
C PRO Q 14 4.83 -51.61 83.40
N LEU Q 15 3.87 -50.76 83.08
CA LEU Q 15 2.77 -51.16 82.23
C LEU Q 15 3.15 -51.01 80.76
N ASN Q 16 2.44 -51.73 79.90
CA ASN Q 16 2.72 -51.71 78.46
C ASN Q 16 2.00 -50.53 77.82
N ASP Q 17 2.51 -49.33 78.13
CA ASP Q 17 2.04 -48.10 77.51
C ASP Q 17 3.10 -47.45 76.63
N ILE Q 18 4.20 -48.16 76.34
CA ILE Q 18 5.28 -47.57 75.56
C ILE Q 18 4.92 -47.47 74.10
N ILE Q 19 3.94 -48.25 73.64
CA ILE Q 19 3.59 -48.25 72.22
C ILE Q 19 2.81 -46.99 71.89
N LEU Q 20 3.34 -46.20 70.95
CA LEU Q 20 2.63 -45.04 70.42
C LEU Q 20 2.09 -45.26 69.03
N TRP Q 21 2.85 -45.89 68.15
CA TRP Q 21 2.37 -46.28 66.82
C TRP Q 21 3.08 -47.55 66.41
N GLU Q 22 2.33 -48.49 65.84
CA GLU Q 22 2.88 -49.73 65.33
C GLU Q 22 2.11 -50.14 64.09
N GLU Q 23 2.73 -50.95 63.23
CA GLU Q 23 2.10 -51.38 61.99
C GLU Q 23 1.03 -52.42 62.32
N ILE Q 24 -0.22 -51.98 62.34
CA ILE Q 24 -1.33 -52.90 62.61
C ILE Q 24 -1.52 -53.84 61.43
N THR Q 25 -1.71 -55.13 61.74
CA THR Q 25 -1.73 -56.17 60.73
C THR Q 25 -2.51 -57.35 61.28
N PRO Q 26 -3.27 -58.07 60.44
CA PRO Q 26 -4.06 -59.20 60.98
C PRO Q 26 -3.23 -60.24 61.72
N THR Q 27 -2.03 -60.54 61.26
CA THR Q 27 -1.18 -61.52 61.92
C THR Q 27 -0.08 -60.89 62.74
N GLY Q 28 -0.10 -59.58 62.93
CA GLY Q 28 0.95 -58.90 63.66
C GLY Q 28 2.16 -58.66 62.79
N HIS Q 29 2.72 -57.47 62.83
CA HIS Q 29 3.82 -57.13 61.94
C HIS Q 29 5.09 -56.76 62.68
N SER Q 30 4.98 -56.05 63.80
CA SER Q 30 6.14 -55.60 64.55
C SER Q 30 6.42 -56.47 65.77
N ARG Q 31 5.68 -57.55 65.96
CA ARG Q 31 5.81 -58.40 67.15
C ARG Q 31 6.33 -59.77 66.76
N LYS Q 32 7.29 -60.27 67.53
CA LYS Q 32 7.85 -61.59 67.33
C LYS Q 32 7.92 -62.33 68.66
N GLU Q 33 7.69 -63.63 68.63
CA GLU Q 33 7.70 -64.46 69.82
C GLU Q 33 9.14 -64.82 70.20
N TYR Q 34 9.36 -64.99 71.50
CA TYR Q 34 10.67 -65.35 72.02
C TYR Q 34 10.51 -66.49 73.02
N ALA Q 35 11.36 -67.50 72.91
CA ALA Q 35 11.43 -68.52 73.94
C ALA Q 35 12.15 -67.95 75.14
N PRO Q 36 11.53 -67.89 76.31
CA PRO Q 36 12.19 -67.24 77.46
C PRO Q 36 13.42 -68.01 77.90
N VAL Q 37 14.52 -67.29 78.10
CA VAL Q 37 15.75 -67.89 78.59
C VAL Q 37 15.54 -68.34 80.03
N ALA Q 38 16.10 -69.50 80.37
CA ALA Q 38 15.92 -70.05 81.71
C ALA Q 38 16.51 -69.11 82.75
N SER Q 39 15.76 -68.94 83.85
CA SER Q 39 16.15 -68.08 84.96
C SER Q 39 16.43 -66.64 84.50
N THR Q 40 15.50 -66.11 83.71
CA THR Q 40 15.60 -64.76 83.20
C THR Q 40 14.28 -64.03 83.45
N GLU Q 41 14.37 -62.78 83.89
CA GLU Q 41 13.21 -61.96 84.20
C GLU Q 41 13.07 -60.88 83.14
N TYR Q 42 11.87 -60.73 82.60
CA TYR Q 42 11.59 -59.77 81.54
C TYR Q 42 10.59 -58.72 82.03
N ARG Q 43 10.84 -57.47 81.67
CA ARG Q 43 9.95 -56.36 81.97
C ARG Q 43 9.73 -55.54 80.71
N VAL Q 44 8.73 -54.66 80.78
CA VAL Q 44 8.40 -53.81 79.63
C VAL Q 44 9.49 -52.76 79.47
N GLY Q 45 10.18 -52.78 78.33
CA GLY Q 45 11.17 -51.78 77.98
C GLY Q 45 12.56 -52.33 77.70
N GLU Q 46 12.89 -53.47 78.30
CA GLU Q 46 14.23 -54.01 78.14
C GLU Q 46 14.47 -54.47 76.70
N VAL Q 47 15.69 -54.26 76.23
CA VAL Q 47 16.08 -54.62 74.87
C VAL Q 47 16.58 -56.06 74.87
N LEU Q 48 16.18 -56.83 73.85
CA LEU Q 48 16.49 -58.25 73.77
C LEU Q 48 17.35 -58.54 72.55
N LYS Q 49 18.20 -59.55 72.68
CA LYS Q 49 19.03 -60.02 71.59
C LYS Q 49 18.23 -60.97 70.70
N ALA Q 50 18.90 -61.58 69.71
CA ALA Q 50 18.21 -62.50 68.81
C ALA Q 50 17.75 -63.75 69.54
N ASP Q 51 18.59 -64.30 70.43
CA ASP Q 51 18.24 -65.54 71.10
C ASP Q 51 17.17 -65.33 72.17
N GLY Q 52 17.01 -64.12 72.66
CA GLY Q 52 16.00 -63.84 73.67
C GLY Q 52 16.56 -63.25 74.94
N SER Q 53 17.88 -63.26 75.08
CA SER Q 53 18.53 -62.70 76.25
C SER Q 53 18.62 -61.18 76.14
N LYS Q 54 19.09 -60.55 77.20
CA LYS Q 54 19.21 -59.09 77.23
C LYS Q 54 20.44 -58.67 76.43
N VAL Q 55 20.74 -57.37 76.45
CA VAL Q 55 21.90 -56.82 75.79
C VAL Q 55 22.86 -56.32 76.87
N ALA Q 56 24.07 -56.87 76.88
CA ALA Q 56 25.09 -56.46 77.82
C ALA Q 56 26.01 -55.42 77.19
N ALA Q 57 27.05 -55.04 77.92
CA ALA Q 57 28.02 -54.08 77.39
C ALA Q 57 28.80 -54.69 76.23
N GLY Q 58 28.90 -53.94 75.15
CA GLY Q 58 29.58 -54.39 73.95
C GLY Q 58 28.69 -55.13 72.97
N GLN Q 59 27.45 -55.43 73.36
CA GLN Q 59 26.50 -56.10 72.48
C GLN Q 59 25.38 -55.17 72.00
N GLU Q 60 25.63 -53.86 72.01
CA GLU Q 60 24.59 -52.91 71.61
C GLU Q 60 24.17 -53.11 70.16
N ALA Q 61 25.12 -53.43 69.29
CA ALA Q 61 24.82 -53.60 67.87
C ALA Q 61 23.97 -54.82 67.59
N GLN Q 62 23.79 -55.70 68.57
CA GLN Q 62 22.98 -56.91 68.41
C GLN Q 62 21.57 -56.75 68.95
N ALA Q 63 21.14 -55.51 69.20
CA ALA Q 63 19.80 -55.24 69.71
C ALA Q 63 18.77 -55.70 68.70
N ASP Q 64 17.87 -56.59 69.12
CA ASP Q 64 16.89 -57.16 68.20
C ASP Q 64 15.50 -56.56 68.38
N SER Q 65 15.02 -56.48 69.63
CA SER Q 65 13.65 -56.05 69.88
C SER Q 65 13.57 -55.38 71.23
N VAL Q 66 12.39 -54.84 71.54
CA VAL Q 66 12.09 -54.20 72.81
C VAL Q 66 10.96 -54.97 73.46
N CYS Q 67 11.19 -55.47 74.68
CA CYS Q 67 10.18 -56.25 75.38
C CYS Q 67 8.96 -55.40 75.71
N ILE Q 68 7.79 -56.00 75.56
CA ILE Q 68 6.53 -55.30 75.85
C ILE Q 68 5.67 -56.15 76.78
N VAL Q 69 6.29 -57.13 77.45
CA VAL Q 69 5.59 -58.01 78.38
C VAL Q 69 6.41 -58.11 79.67
N ASN Q 70 5.71 -58.42 80.76
CA ASN Q 70 6.34 -58.71 82.05
C ASN Q 70 6.32 -60.22 82.24
N PHE Q 71 7.50 -60.82 82.27
CA PHE Q 71 7.65 -62.26 82.40
C PHE Q 71 8.30 -62.60 83.74
N TYR Q 72 7.81 -63.67 84.36
CA TYR Q 72 8.29 -64.11 85.66
C TYR Q 72 8.99 -65.46 85.51
N ALA Q 73 10.23 -65.52 85.99
CA ALA Q 73 10.99 -66.77 85.87
C ALA Q 73 10.45 -67.85 86.79
N ASP Q 74 9.82 -67.46 87.91
CA ASP Q 74 9.31 -68.44 88.85
C ASP Q 74 8.18 -69.27 88.24
N LEU Q 75 7.19 -68.58 87.67
CA LEU Q 75 6.05 -69.26 87.06
C LEU Q 75 6.30 -69.69 85.62
N GLN Q 76 7.36 -69.18 84.99
CA GLN Q 76 7.60 -69.37 83.56
C GLN Q 76 6.39 -68.89 82.73
N LEU Q 77 5.70 -67.87 83.23
CA LEU Q 77 4.53 -67.31 82.57
C LEU Q 77 4.64 -65.79 82.58
N SER Q 78 4.02 -65.16 81.60
CA SER Q 78 3.95 -63.71 81.56
C SER Q 78 2.88 -63.22 82.53
N TYR Q 79 2.81 -61.90 82.71
CA TYR Q 79 1.80 -61.32 83.58
C TYR Q 79 0.40 -61.37 82.97
N HIS Q 80 0.28 -61.74 81.70
CA HIS Q 80 -1.00 -61.99 81.07
C HIS Q 80 -1.26 -63.48 80.83
N GLY Q 81 -0.53 -64.35 81.52
CA GLY Q 81 -0.71 -65.78 81.35
C GLY Q 81 -0.30 -66.32 80.00
N GLN Q 82 0.79 -65.81 79.44
CA GLN Q 82 1.29 -66.24 78.14
C GLN Q 82 2.55 -67.07 78.31
N LEU Q 83 2.74 -68.04 77.41
CA LEU Q 83 3.88 -68.94 77.49
C LEU Q 83 5.18 -68.32 76.99
N LYS Q 84 5.10 -67.36 76.08
CA LYS Q 84 6.28 -66.85 75.39
C LYS Q 84 6.41 -65.35 75.58
N VAL Q 85 7.62 -64.85 75.36
CA VAL Q 85 7.92 -63.44 75.45
C VAL Q 85 7.75 -62.79 74.09
N VAL Q 86 7.08 -61.64 74.06
CA VAL Q 86 6.81 -60.91 72.82
C VAL Q 86 7.52 -59.58 72.88
N GLY Q 87 8.28 -59.25 71.84
CA GLY Q 87 8.97 -57.98 71.76
C GLY Q 87 8.69 -57.30 70.44
N ILE Q 88 8.94 -55.99 70.42
CA ILE Q 88 8.71 -55.17 69.24
C ILE Q 88 10.04 -55.04 68.50
N TYR Q 89 10.08 -55.54 67.26
CA TYR Q 89 11.31 -55.58 66.48
C TYR Q 89 11.23 -54.85 65.15
N ARG Q 90 10.06 -54.80 64.51
CA ARG Q 90 9.93 -54.14 63.23
C ARG Q 90 9.55 -52.68 63.45
N ASP Q 91 9.15 -52.00 62.37
CA ASP Q 91 8.92 -50.55 62.43
C ASP Q 91 7.78 -50.21 63.39
N ALA Q 92 8.04 -49.25 64.27
CA ALA Q 92 7.07 -48.79 65.27
C ALA Q 92 7.63 -47.51 65.90
N GLU Q 93 6.79 -46.86 66.69
CA GLU Q 93 7.18 -45.68 67.46
C GLU Q 93 6.87 -45.94 68.92
N LEU Q 94 7.86 -45.77 69.78
CA LEU Q 94 7.74 -46.08 71.19
C LEU Q 94 8.21 -44.92 72.04
N LYS Q 95 7.68 -44.84 73.26
CA LYS Q 95 8.18 -43.87 74.23
C LYS Q 95 9.60 -44.23 74.63
N ASP Q 96 10.35 -43.22 75.08
CA ASP Q 96 11.74 -43.44 75.42
C ASP Q 96 11.89 -44.00 76.83
N LEU Q 97 11.05 -44.96 77.18
CA LEU Q 97 11.13 -45.62 78.49
C LEU Q 97 11.87 -46.96 78.36
N LEU Q 98 13.15 -46.87 78.00
CA LEU Q 98 13.96 -48.06 77.82
C LEU Q 98 14.45 -48.59 79.16
N LYS Q 99 14.96 -49.82 79.14
CA LYS Q 99 15.50 -50.46 80.35
C LYS Q 99 16.78 -51.19 79.94
N LEU Q 100 17.92 -50.63 80.30
CA LEU Q 100 19.22 -51.18 79.93
C LEU Q 100 20.01 -51.56 81.17
N GLU Q 101 20.88 -52.55 81.02
CA GLU Q 101 21.70 -53.03 82.11
C GLU Q 101 22.92 -52.12 82.29
N SER Q 102 23.79 -52.47 83.23
CA SER Q 102 24.97 -51.67 83.48
C SER Q 102 25.97 -51.78 82.34
N GLY Q 103 26.52 -50.65 81.92
CA GLY Q 103 27.51 -50.60 80.88
C GLY Q 103 26.97 -50.53 79.47
N VAL Q 104 25.65 -50.60 79.29
CA VAL Q 104 25.07 -50.53 77.96
C VAL Q 104 24.94 -49.08 77.53
N ASP Q 105 25.33 -48.81 76.28
CA ASP Q 105 25.30 -47.46 75.74
C ASP Q 105 23.92 -47.26 75.12
N ALA Q 106 23.16 -46.30 75.67
CA ALA Q 106 21.81 -46.05 75.19
C ALA Q 106 21.81 -45.59 73.74
N ALA Q 107 22.74 -44.69 73.39
CA ALA Q 107 22.78 -44.16 72.02
C ALA Q 107 23.07 -45.25 71.01
N ALA Q 108 23.98 -46.16 71.33
CA ALA Q 108 24.30 -47.25 70.42
C ALA Q 108 23.11 -48.20 70.26
N VAL Q 109 22.40 -48.48 71.35
CA VAL Q 109 21.24 -49.35 71.27
C VAL Q 109 20.15 -48.71 70.42
N LYS Q 110 19.89 -47.42 70.62
CA LYS Q 110 18.88 -46.72 69.83
C LYS Q 110 19.26 -46.69 68.35
N SER Q 111 20.56 -46.53 68.07
CA SER Q 111 21.01 -46.51 66.68
C SER Q 111 20.75 -47.85 65.99
N ALA Q 112 20.96 -48.95 66.72
CA ALA Q 112 20.69 -50.27 66.15
C ALA Q 112 19.20 -50.44 65.85
N LEU Q 113 18.34 -50.00 66.77
CA LEU Q 113 16.90 -50.12 66.55
C LEU Q 113 16.40 -49.11 65.51
N LYS Q 114 17.06 -47.95 65.42
CA LYS Q 114 16.67 -46.96 64.42
C LYS Q 114 16.82 -47.51 63.02
N ALA Q 115 17.92 -48.21 62.75
CA ALA Q 115 18.14 -48.76 61.42
C ALA Q 115 17.17 -49.89 61.11
N LYS Q 116 16.54 -50.45 62.15
CA LYS Q 116 15.58 -51.52 61.96
C LYS Q 116 14.14 -51.02 61.88
N GLY Q 117 13.92 -49.71 61.94
CA GLY Q 117 12.60 -49.13 61.77
C GLY Q 117 11.95 -48.61 63.04
N ILE Q 118 12.60 -48.73 64.19
CA ILE Q 118 12.02 -48.34 65.46
C ILE Q 118 12.37 -46.89 65.75
N ASP Q 119 11.36 -46.10 66.13
CA ASP Q 119 11.53 -44.70 66.47
C ASP Q 119 11.17 -44.49 67.94
N PHE Q 120 11.88 -43.55 68.58
CA PHE Q 120 11.67 -43.23 69.98
C PHE Q 120 11.26 -41.77 70.12
N VAL Q 121 10.29 -41.50 70.98
CA VAL Q 121 9.76 -40.17 71.20
C VAL Q 121 10.27 -39.66 72.54
N PRO Q 122 10.75 -38.43 72.63
CA PRO Q 122 11.21 -37.91 73.93
C PRO Q 122 10.05 -37.73 74.89
N THR Q 123 10.18 -38.47 75.98
CA THR Q 123 9.22 -38.43 77.02
C THR Q 123 9.85 -37.57 78.03
N GLY Q 124 9.09 -36.96 78.89
CA GLY Q 124 9.81 -36.22 79.90
C GLY Q 124 9.16 -36.01 81.23
N LEU Q 125 9.99 -35.97 82.28
CA LEU Q 125 9.55 -35.57 83.61
C LEU Q 125 10.80 -35.13 84.36
N ALA R 2 21.63 1.54 31.05
CA ALA R 2 21.78 0.21 30.49
C ALA R 2 20.44 -0.52 30.53
N TYR R 3 19.46 -0.07 31.31
CA TYR R 3 18.24 -0.87 31.48
C TYR R 3 18.24 -1.63 30.28
N GLN R 4 18.67 -2.87 30.34
CA GLN R 4 18.69 -3.73 29.18
C GLN R 4 17.35 -4.23 28.76
N GLY R 5 16.34 -3.41 28.65
CA GLY R 5 15.10 -3.90 28.08
C GLY R 5 14.14 -4.48 29.07
N PHE R 6 14.48 -5.51 29.81
CA PHE R 6 13.51 -6.17 30.68
C PHE R 6 13.86 -6.19 32.12
N THR R 7 12.91 -6.48 33.00
CA THR R 7 13.20 -6.68 34.41
C THR R 7 12.50 -7.94 34.76
N LYS R 8 13.23 -8.98 35.13
CA LYS R 8 12.55 -10.18 35.60
C LYS R 8 12.55 -10.18 37.13
N LEU R 9 11.36 -10.10 37.72
CA LEU R 9 11.28 -10.08 39.18
C LEU R 9 11.66 -11.42 39.78
N GLY R 10 11.32 -12.51 39.10
CA GLY R 10 11.76 -13.83 39.54
C GLY R 10 10.75 -14.89 39.18
N GLU R 11 11.13 -16.13 39.50
CA GLU R 11 10.30 -17.30 39.28
C GLU R 11 9.87 -17.87 40.62
N ARG R 12 8.62 -18.34 40.68
CA ARG R 12 8.10 -18.90 41.92
C ARG R 12 8.87 -20.14 42.32
N GLU R 13 9.23 -20.23 43.60
CA GLU R 13 9.89 -21.42 44.10
C GLU R 13 8.92 -22.59 44.11
N PRO R 14 9.42 -23.82 43.95
CA PRO R 14 8.53 -24.98 43.90
C PRO R 14 7.72 -25.14 45.17
N LEU R 15 6.48 -25.57 45.02
CA LEU R 15 5.59 -25.80 46.15
C LEU R 15 5.73 -27.23 46.64
N ASN R 16 5.34 -27.46 47.89
CA ASN R 16 5.46 -28.78 48.49
C ASN R 16 4.20 -29.55 48.07
N ASP R 17 4.29 -30.19 46.90
CA ASP R 17 3.21 -31.01 46.39
C ASP R 17 3.69 -32.31 45.74
N ILE R 18 4.98 -32.65 45.89
CA ILE R 18 5.49 -33.86 45.27
C ILE R 18 5.14 -35.10 46.07
N ILE R 19 4.67 -34.95 47.29
CA ILE R 19 4.36 -36.11 48.14
C ILE R 19 3.02 -36.69 47.70
N LEU R 20 3.06 -37.91 47.18
CA LEU R 20 1.84 -38.62 46.79
C LEU R 20 1.35 -39.55 47.89
N TRP R 21 2.25 -40.29 48.52
CA TRP R 21 1.92 -41.15 49.64
C TRP R 21 3.14 -41.28 50.54
N GLU R 22 2.89 -41.35 51.84
CA GLU R 22 3.97 -41.53 52.81
C GLU R 22 3.38 -42.15 54.08
N GLU R 23 4.21 -42.88 54.79
CA GLU R 23 3.82 -43.48 56.07
C GLU R 23 3.74 -42.37 57.11
N ILE R 24 2.52 -41.94 57.40
CA ILE R 24 2.28 -40.86 58.36
C ILE R 24 1.89 -41.47 59.69
N THR R 25 2.51 -41.00 60.76
CA THR R 25 2.33 -41.51 62.12
C THR R 25 2.12 -40.32 63.05
N PRO R 26 1.93 -40.53 64.36
CA PRO R 26 1.94 -39.39 65.29
C PRO R 26 3.11 -38.44 65.09
N THR R 27 4.29 -38.96 64.80
CA THR R 27 5.46 -38.15 64.51
C THR R 27 5.87 -38.34 63.04
N GLY R 28 6.99 -37.74 62.68
CA GLY R 28 7.48 -37.78 61.31
C GLY R 28 8.23 -39.05 60.98
N HIS R 29 7.50 -40.14 60.73
CA HIS R 29 8.15 -41.40 60.41
C HIS R 29 8.94 -41.31 59.10
N SER R 30 8.36 -40.66 58.09
CA SER R 30 9.00 -40.57 56.79
C SER R 30 9.80 -39.29 56.59
N ARG R 31 9.74 -38.34 57.52
CA ARG R 31 10.42 -37.06 57.39
C ARG R 31 11.37 -36.86 58.56
N LYS R 32 12.55 -36.32 58.26
CA LYS R 32 13.56 -36.06 59.27
C LYS R 32 13.99 -34.60 59.19
N GLU R 33 14.53 -34.10 60.29
CA GLU R 33 14.98 -32.72 60.40
C GLU R 33 16.48 -32.62 60.18
N TYR R 34 16.92 -31.46 59.70
CA TYR R 34 18.32 -31.17 59.47
C TYR R 34 18.68 -29.82 60.06
N ALA R 35 19.92 -29.68 60.48
CA ALA R 35 20.45 -28.36 60.84
C ALA R 35 20.95 -27.68 59.57
N PRO R 36 20.41 -26.53 59.19
CA PRO R 36 20.80 -25.91 57.91
C PRO R 36 22.29 -25.57 57.88
N VAL R 37 22.89 -25.76 56.72
CA VAL R 37 24.29 -25.41 56.50
C VAL R 37 24.38 -23.93 56.16
N ALA R 38 25.49 -23.31 56.55
CA ALA R 38 25.65 -21.88 56.35
C ALA R 38 25.72 -21.53 54.88
N SER R 39 25.03 -20.45 54.50
CA SER R 39 25.01 -19.94 53.13
C SER R 39 24.58 -21.00 52.13
N THR R 40 23.58 -21.79 52.49
CA THR R 40 23.03 -22.83 51.64
C THR R 40 21.53 -22.62 51.49
N GLU R 41 21.05 -22.63 50.25
CA GLU R 41 19.64 -22.43 49.95
C GLU R 41 19.01 -23.75 49.56
N TYR R 42 17.89 -24.09 50.20
CA TYR R 42 17.16 -25.32 49.92
C TYR R 42 15.85 -25.00 49.22
N ARG R 43 15.50 -25.81 48.24
CA ARG R 43 14.20 -25.77 47.58
C ARG R 43 13.54 -27.13 47.66
N VAL R 44 12.26 -27.17 47.29
CA VAL R 44 11.52 -28.43 47.31
C VAL R 44 11.99 -29.31 46.18
N GLY R 45 12.32 -30.56 46.48
CA GLY R 45 12.78 -31.50 45.49
C GLY R 45 14.29 -31.61 45.34
N GLU R 46 15.06 -31.07 46.28
CA GLU R 46 16.51 -31.14 46.22
C GLU R 46 17.03 -32.24 47.14
N VAL R 47 17.90 -33.09 46.62
CA VAL R 47 18.40 -34.23 47.37
C VAL R 47 19.49 -33.77 48.32
N LEU R 48 19.43 -34.24 49.57
CA LEU R 48 20.36 -33.86 50.61
C LEU R 48 21.11 -35.09 51.11
N LYS R 49 22.31 -34.87 51.63
CA LYS R 49 23.10 -35.92 52.25
C LYS R 49 22.84 -35.95 53.76
N ALA R 50 23.58 -36.79 54.47
CA ALA R 50 23.36 -36.92 55.92
C ALA R 50 23.69 -35.63 56.66
N ASP R 51 24.78 -34.96 56.26
CA ASP R 51 25.19 -33.76 56.98
C ASP R 51 24.26 -32.59 56.71
N GLY R 52 23.50 -32.63 55.62
CA GLY R 52 22.58 -31.57 55.27
C GLY R 52 22.90 -30.81 54.00
N SER R 53 24.01 -31.14 53.34
CA SER R 53 24.38 -30.46 52.11
C SER R 53 23.81 -31.21 50.90
N LYS R 54 23.85 -30.54 49.74
CA LYS R 54 23.29 -31.12 48.53
C LYS R 54 24.20 -32.22 47.99
N VAL R 55 23.60 -33.12 47.21
CA VAL R 55 24.34 -34.20 46.58
C VAL R 55 25.05 -33.64 45.34
N ALA R 56 26.35 -33.83 45.27
CA ALA R 56 27.15 -33.35 44.15
C ALA R 56 27.56 -34.54 43.28
N ALA R 57 28.36 -34.24 42.25
CA ALA R 57 28.84 -35.28 41.35
C ALA R 57 29.78 -36.22 42.10
N GLY R 58 29.55 -37.53 41.95
CA GLY R 58 30.33 -38.54 42.62
C GLY R 58 29.76 -38.98 43.94
N GLN R 59 28.88 -38.18 44.54
CA GLN R 59 28.25 -38.49 45.82
C GLN R 59 26.81 -38.95 45.69
N GLU R 60 26.47 -39.59 44.56
CA GLU R 60 25.09 -39.99 44.33
C GLU R 60 24.65 -41.10 45.29
N ALA R 61 25.58 -41.99 45.64
CA ALA R 61 25.26 -43.08 46.56
C ALA R 61 25.02 -42.58 47.98
N GLN R 62 25.42 -41.36 48.29
CA GLN R 62 25.24 -40.79 49.62
C GLN R 62 23.92 -40.06 49.77
N ALA R 63 23.02 -40.16 48.78
CA ALA R 63 21.72 -39.51 48.86
C ALA R 63 20.96 -39.98 50.09
N ASP R 64 20.39 -39.03 50.83
CA ASP R 64 19.71 -39.33 52.09
C ASP R 64 18.21 -39.00 52.03
N SER R 65 17.85 -37.79 51.61
CA SER R 65 16.46 -37.37 51.67
C SER R 65 16.19 -36.35 50.58
N VAL R 66 14.90 -36.13 50.33
CA VAL R 66 14.43 -35.15 49.34
C VAL R 66 13.83 -33.98 50.10
N CYS R 67 14.40 -32.80 49.91
CA CYS R 67 13.95 -31.62 50.63
C CYS R 67 12.52 -31.26 50.20
N ILE R 68 11.70 -30.86 51.19
CA ILE R 68 10.30 -30.56 50.93
C ILE R 68 9.93 -29.19 51.47
N VAL R 69 10.93 -28.38 51.83
CA VAL R 69 10.71 -27.03 52.29
C VAL R 69 11.69 -26.10 51.62
N ASN R 70 11.33 -24.82 51.53
CA ASN R 70 12.14 -23.79 50.91
C ASN R 70 12.82 -22.98 52.00
N PHE R 71 14.14 -23.02 52.03
CA PHE R 71 14.93 -22.32 53.04
C PHE R 71 15.70 -21.17 52.40
N TYR R 72 15.80 -20.06 53.13
CA TYR R 72 16.47 -18.86 52.66
C TYR R 72 17.77 -18.71 53.46
N ALA R 73 18.90 -18.75 52.77
CA ALA R 73 20.19 -18.79 53.45
C ALA R 73 20.46 -17.51 54.24
N ASP R 74 20.21 -16.35 53.63
CA ASP R 74 20.53 -15.10 54.31
C ASP R 74 19.56 -14.81 55.44
N LEU R 75 18.29 -15.16 55.23
CA LEU R 75 17.28 -15.00 56.29
C LEU R 75 17.38 -16.09 57.36
N GLN R 76 17.91 -17.26 57.00
CA GLN R 76 18.02 -18.42 57.89
C GLN R 76 16.66 -18.86 58.43
N LEU R 77 15.60 -18.67 57.65
CA LEU R 77 14.27 -19.16 57.97
C LEU R 77 13.67 -19.82 56.74
N SER R 78 12.86 -20.84 56.97
CA SER R 78 12.12 -21.46 55.88
C SER R 78 10.97 -20.56 55.45
N TYR R 79 10.38 -20.89 54.30
CA TYR R 79 9.26 -20.10 53.79
C TYR R 79 8.02 -20.26 54.65
N HIS R 80 8.00 -21.22 55.56
CA HIS R 80 6.92 -21.40 56.51
C HIS R 80 7.27 -20.84 57.89
N GLY R 81 8.30 -19.99 57.97
CA GLY R 81 8.72 -19.44 59.24
C GLY R 81 9.28 -20.47 60.20
N GLN R 82 9.92 -21.51 59.69
CA GLN R 82 10.51 -22.55 60.51
C GLN R 82 12.02 -22.39 60.59
N LEU R 83 12.61 -22.95 61.65
CA LEU R 83 14.01 -22.78 61.93
C LEU R 83 14.92 -23.84 61.30
N LYS R 84 14.37 -25.00 60.95
CA LYS R 84 15.18 -26.09 60.41
C LYS R 84 14.56 -26.61 59.12
N VAL R 85 15.42 -27.16 58.28
CA VAL R 85 15.00 -27.75 57.01
C VAL R 85 14.67 -29.22 57.24
N VAL R 86 13.69 -29.72 56.49
CA VAL R 86 13.23 -31.09 56.62
C VAL R 86 13.17 -31.74 55.25
N GLY R 87 13.22 -33.07 55.25
CA GLY R 87 13.16 -33.83 54.01
C GLY R 87 12.60 -35.22 54.21
N ILE R 88 12.13 -35.83 53.12
CA ILE R 88 11.58 -37.18 53.17
C ILE R 88 12.71 -38.18 52.92
N TYR R 89 12.93 -39.07 53.88
CA TYR R 89 14.01 -40.04 53.79
C TYR R 89 13.57 -41.49 53.90
N ARG R 90 12.46 -41.77 54.58
CA ARG R 90 11.98 -43.13 54.74
C ARG R 90 11.01 -43.47 53.60
N ASP R 91 10.28 -44.57 53.74
CA ASP R 91 9.39 -45.03 52.69
C ASP R 91 8.32 -44.01 52.38
N ALA R 92 8.16 -43.72 51.09
CA ALA R 92 7.20 -42.74 50.60
C ALA R 92 7.17 -42.82 49.08
N GLU R 93 6.14 -42.22 48.50
CA GLU R 93 6.01 -42.09 47.05
C GLU R 93 6.03 -40.62 46.68
N LEU R 94 6.95 -40.24 45.82
CA LEU R 94 7.13 -38.85 45.41
C LEU R 94 6.98 -38.73 43.91
N LYS R 95 6.71 -37.50 43.47
CA LYS R 95 6.66 -37.21 42.05
C LYS R 95 8.07 -37.23 41.46
N ASP R 96 8.14 -37.51 40.15
CA ASP R 96 9.43 -37.71 39.51
C ASP R 96 10.23 -36.40 39.41
N LEU R 97 9.57 -35.27 39.63
CA LEU R 97 10.27 -33.99 39.57
C LEU R 97 11.28 -33.88 40.71
N LEU R 98 12.56 -33.82 40.34
CA LEU R 98 13.66 -33.68 41.29
C LEU R 98 14.62 -32.62 40.77
N LYS R 99 15.26 -31.91 41.69
CA LYS R 99 16.23 -30.87 41.35
C LYS R 99 17.61 -31.35 41.78
N LEU R 100 18.41 -31.81 40.82
CA LEU R 100 19.76 -32.28 41.06
C LEU R 100 20.78 -31.25 40.61
N GLU R 101 21.98 -31.36 41.16
CA GLU R 101 23.06 -30.45 40.83
C GLU R 101 23.71 -30.87 39.52
N SER R 102 24.71 -30.09 39.08
CA SER R 102 25.38 -30.35 37.81
C SER R 102 26.20 -31.63 37.89
N GLY R 103 26.12 -32.43 36.82
CA GLY R 103 26.88 -33.65 36.76
C GLY R 103 26.44 -34.74 37.70
N VAL R 104 25.21 -34.68 38.18
CA VAL R 104 24.68 -35.68 39.11
C VAL R 104 23.92 -36.73 38.31
N ASP R 105 24.30 -37.99 38.49
CA ASP R 105 23.62 -39.09 37.81
C ASP R 105 22.24 -39.28 38.40
N ALA R 106 21.20 -38.98 37.62
CA ALA R 106 19.84 -39.13 38.11
C ALA R 106 19.50 -40.57 38.44
N ALA R 107 19.94 -41.50 37.60
CA ALA R 107 19.65 -42.92 37.84
C ALA R 107 20.32 -43.41 39.11
N ALA R 108 21.56 -42.97 39.37
CA ALA R 108 22.25 -43.37 40.59
C ALA R 108 21.55 -42.83 41.83
N VAL R 109 21.06 -41.60 41.76
CA VAL R 109 20.32 -41.03 42.90
C VAL R 109 19.02 -41.80 43.12
N LYS R 110 18.32 -42.14 42.03
CA LYS R 110 17.06 -42.85 42.15
C LYS R 110 17.24 -44.21 42.80
N SER R 111 18.29 -44.94 42.40
CA SER R 111 18.55 -46.25 42.98
C SER R 111 18.91 -46.14 44.46
N ALA R 112 19.67 -45.10 44.82
CA ALA R 112 20.03 -44.90 46.22
C ALA R 112 18.81 -44.62 47.08
N LEU R 113 17.90 -43.78 46.59
CA LEU R 113 16.68 -43.49 47.34
C LEU R 113 15.70 -44.65 47.29
N LYS R 114 15.76 -45.46 46.23
CA LYS R 114 14.86 -46.61 46.13
C LYS R 114 15.15 -47.62 47.23
N ALA R 115 16.42 -47.83 47.56
CA ALA R 115 16.77 -48.79 48.60
C ALA R 115 16.24 -48.36 49.96
N LYS R 116 16.23 -47.04 50.23
CA LYS R 116 15.76 -46.57 51.53
C LYS R 116 14.24 -46.70 51.65
N GLY R 117 13.53 -46.68 50.53
CA GLY R 117 12.10 -46.91 50.56
C GLY R 117 11.29 -45.92 49.73
N ILE R 118 11.97 -44.95 49.12
CA ILE R 118 11.31 -43.91 48.35
C ILE R 118 11.16 -44.37 46.91
N ASP R 119 9.94 -44.29 46.39
CA ASP R 119 9.65 -44.58 45.00
C ASP R 119 9.14 -43.33 44.31
N PHE R 120 9.39 -43.24 43.00
CA PHE R 120 9.12 -42.05 42.21
C PHE R 120 8.10 -42.37 41.14
N VAL R 121 6.87 -41.93 41.33
CA VAL R 121 5.81 -42.15 40.34
C VAL R 121 6.11 -41.33 39.09
N PRO R 122 5.99 -41.90 37.89
CA PRO R 122 6.24 -41.12 36.67
C PRO R 122 5.25 -39.99 36.51
N THR R 123 5.79 -38.82 36.22
CA THR R 123 5.02 -37.61 36.12
C THR R 123 5.16 -37.16 34.72
N GLY R 124 4.12 -36.58 34.14
CA GLY R 124 4.25 -36.24 32.74
C GLY R 124 3.79 -34.90 32.25
N LEU R 125 4.56 -34.28 31.38
CA LEU R 125 4.12 -33.06 30.68
C LEU R 125 5.14 -32.66 29.61
N ILE S 2 13.84 -31.65 -18.93
CA ILE S 2 13.48 -30.24 -18.81
C ILE S 2 12.68 -30.02 -17.53
N LYS S 3 13.34 -29.48 -16.51
CA LYS S 3 12.70 -29.26 -15.21
C LYS S 3 11.67 -28.14 -15.31
N ALA S 4 10.78 -28.11 -14.31
CA ALA S 4 9.65 -27.19 -14.34
C ALA S 4 10.09 -25.76 -14.08
N LYS S 5 9.54 -24.83 -14.86
CA LYS S 5 9.69 -23.39 -14.65
C LYS S 5 11.15 -22.95 -14.62
N THR S 6 11.98 -23.53 -15.48
CA THR S 6 13.38 -23.13 -15.55
C THR S 6 13.63 -22.05 -16.59
N TYR S 7 12.70 -21.84 -17.50
CA TYR S 7 12.83 -20.79 -18.51
C TYR S 7 11.73 -19.75 -18.33
N PRO S 8 12.11 -18.47 -18.22
CA PRO S 8 11.12 -17.44 -17.87
C PRO S 8 10.13 -17.11 -18.98
N ASP S 9 10.35 -17.57 -20.20
CA ASP S 9 9.43 -17.27 -21.30
C ASP S 9 9.56 -18.38 -22.34
N PHE S 10 8.63 -18.39 -23.29
CA PHE S 10 8.63 -19.41 -24.33
C PHE S 10 9.82 -19.26 -25.27
N LYS S 11 10.28 -18.02 -25.49
CA LYS S 11 11.37 -17.79 -26.43
C LYS S 11 12.65 -18.50 -25.98
N GLU S 12 12.96 -18.43 -24.69
CA GLU S 12 14.14 -19.11 -24.18
C GLU S 12 13.88 -20.59 -23.92
N PHE S 13 12.61 -20.98 -23.78
CA PHE S 13 12.30 -22.39 -23.61
C PHE S 13 12.55 -23.17 -24.89
N VAL S 14 12.05 -22.67 -26.02
CA VAL S 14 12.20 -23.37 -27.29
C VAL S 14 13.63 -23.30 -27.82
N LYS S 15 14.42 -22.31 -27.39
CA LYS S 15 15.82 -22.25 -27.78
C LYS S 15 16.62 -23.41 -27.20
N ASP S 16 16.26 -23.89 -26.01
CA ASP S 16 16.87 -25.06 -25.41
C ASP S 16 16.17 -26.36 -25.76
N PHE S 17 14.88 -26.30 -26.13
CA PHE S 17 14.17 -27.51 -26.52
C PHE S 17 14.76 -28.11 -27.79
N VAL S 18 15.08 -27.27 -28.79
CA VAL S 18 15.67 -27.78 -30.01
C VAL S 18 17.13 -28.16 -29.78
N ALA S 19 17.77 -27.51 -28.80
CA ALA S 19 19.15 -27.87 -28.47
C ALA S 19 19.23 -29.28 -27.91
N ASN S 20 18.30 -29.65 -27.03
CA ASN S 20 18.27 -31.01 -26.51
C ASN S 20 17.89 -32.01 -27.60
N VAL S 21 16.96 -31.63 -28.48
CA VAL S 21 16.54 -32.53 -29.55
C VAL S 21 17.68 -32.78 -30.52
N LYS S 22 18.44 -31.73 -30.86
CA LYS S 22 19.62 -31.91 -31.69
C LYS S 22 20.69 -32.72 -30.97
N ALA S 23 20.63 -32.77 -29.64
CA ALA S 23 21.60 -33.53 -28.85
C ALA S 23 21.21 -35.00 -28.71
N GLY S 24 20.09 -35.42 -29.28
CA GLY S 24 19.66 -36.80 -29.21
C GLY S 24 18.57 -37.10 -28.19
N LYS S 25 18.04 -36.09 -27.51
CA LYS S 25 16.95 -36.29 -26.56
C LYS S 25 15.62 -36.09 -27.27
N ARG S 26 14.63 -36.90 -26.91
CA ARG S 26 13.32 -36.88 -27.55
C ARG S 26 12.23 -36.72 -26.50
N TYR S 27 11.14 -36.05 -26.89
CA TYR S 27 10.02 -35.77 -26.01
C TYR S 27 8.72 -36.16 -26.70
N ASP S 28 7.73 -36.55 -25.91
CA ASP S 28 6.39 -36.91 -26.40
C ASP S 28 5.46 -36.71 -25.21
N PHE S 29 4.60 -35.70 -25.30
CA PHE S 29 3.65 -35.38 -24.25
C PHE S 29 2.26 -35.04 -24.80
N ARG S 30 1.81 -35.77 -25.82
CA ARG S 30 0.50 -35.52 -26.40
C ARG S 30 -0.64 -36.02 -25.54
N LYS S 31 -0.40 -36.94 -24.61
CA LYS S 31 -1.47 -37.47 -23.77
C LYS S 31 -1.65 -36.69 -22.48
N TYR S 32 -0.61 -36.03 -22.00
CA TYR S 32 -0.67 -35.19 -20.81
C TYR S 32 -0.24 -33.77 -21.13
N GLN S 33 -0.69 -33.28 -22.29
CA GLN S 33 -0.24 -31.98 -22.79
C GLN S 33 -0.65 -30.85 -21.86
N GLU S 34 -1.87 -30.89 -21.34
CA GLU S 34 -2.37 -29.81 -20.50
C GLU S 34 -1.62 -29.68 -19.18
N ALA S 35 -0.92 -30.72 -18.75
CA ALA S 35 -0.22 -30.70 -17.47
C ALA S 35 1.20 -30.16 -17.56
N VAL S 36 1.71 -29.91 -18.76
CA VAL S 36 3.08 -29.43 -18.92
C VAL S 36 3.15 -28.06 -19.59
N LEU S 37 2.07 -27.55 -20.18
CA LEU S 37 2.12 -26.30 -20.91
C LEU S 37 1.48 -25.20 -20.07
N PRO S 38 2.21 -24.14 -19.70
CA PRO S 38 1.60 -23.03 -18.98
C PRO S 38 0.65 -22.26 -19.89
N LEU S 39 0.00 -21.26 -19.31
CA LEU S 39 -0.83 -20.34 -20.07
C LEU S 39 -0.08 -19.04 -20.29
N THR S 40 -0.29 -18.44 -21.47
CA THR S 40 0.40 -17.24 -21.94
C THR S 40 1.88 -17.52 -22.19
N TYR S 41 2.40 -17.03 -23.31
CA TYR S 41 3.77 -17.33 -23.69
C TYR S 41 4.81 -16.59 -22.85
N SER S 42 4.39 -15.64 -22.03
CA SER S 42 5.30 -14.90 -21.16
C SER S 42 5.45 -15.54 -19.78
N SER S 43 4.73 -16.60 -19.52
CA SER S 43 4.82 -17.35 -18.28
C SER S 43 6.11 -18.16 -18.23
N PRO S 44 6.62 -18.50 -17.05
CA PRO S 44 7.74 -19.44 -16.99
C PRO S 44 7.38 -20.78 -17.60
N TRP S 45 8.32 -21.34 -18.36
CA TRP S 45 8.18 -22.61 -19.04
C TRP S 45 9.21 -23.62 -18.57
N PRO S 46 8.84 -24.89 -18.50
CA PRO S 46 7.48 -25.45 -18.63
C PRO S 46 6.72 -25.37 -17.32
N GLU S 47 5.41 -25.58 -17.31
CA GLU S 47 4.66 -25.59 -16.05
C GLU S 47 5.10 -26.75 -15.17
N SER S 48 5.30 -27.92 -15.77
CA SER S 48 5.79 -29.09 -15.09
C SER S 48 6.92 -29.72 -15.90
N ASP S 49 7.75 -30.50 -15.23
CA ASP S 49 8.90 -31.09 -15.89
C ASP S 49 8.45 -32.09 -16.95
N ILE S 50 9.02 -31.97 -18.15
CA ILE S 50 8.67 -32.83 -19.27
C ILE S 50 9.67 -33.98 -19.31
N PRO S 51 9.25 -35.22 -19.06
CA PRO S 51 10.20 -36.33 -19.03
C PRO S 51 10.70 -36.68 -20.42
N GLU S 52 11.90 -37.23 -20.48
CA GLU S 52 12.44 -37.78 -21.71
C GLU S 52 11.75 -39.09 -22.05
N VAL S 53 11.52 -39.30 -23.33
CA VAL S 53 10.91 -40.59 -23.74
C VAL S 53 12.08 -41.44 -24.24
N THR S 54 11.85 -42.70 -24.49
CA THR S 54 12.90 -43.55 -25.06
C THR S 54 12.36 -44.11 -26.34
N ASP S 55 11.09 -44.50 -26.32
CA ASP S 55 10.39 -45.04 -27.50
C ASP S 55 9.87 -43.95 -28.44
N PHE S 56 10.72 -43.11 -28.99
CA PHE S 56 10.17 -42.09 -29.87
C PHE S 56 10.11 -42.65 -31.29
N ASN S 57 8.92 -43.09 -31.70
CA ASN S 57 8.64 -43.42 -33.08
C ASN S 57 7.37 -42.66 -33.51
N TYR S 58 7.56 -41.68 -34.39
CA TYR S 58 6.48 -40.81 -34.82
C TYR S 58 6.54 -40.68 -36.34
N THR S 59 5.55 -41.27 -37.01
CA THR S 59 5.44 -41.18 -38.47
C THR S 59 4.15 -40.42 -38.80
N PRO S 60 4.25 -39.14 -39.20
CA PRO S 60 3.03 -38.36 -39.45
C PRO S 60 2.34 -38.80 -40.73
N ASP S 61 1.08 -38.40 -40.85
CA ASP S 61 0.26 -38.72 -42.01
C ASP S 61 0.39 -37.70 -43.12
N TYR S 62 1.25 -36.69 -42.95
CA TYR S 62 1.44 -35.64 -43.94
C TYR S 62 2.91 -35.28 -44.00
N THR S 63 3.26 -34.41 -44.94
CA THR S 63 4.61 -33.89 -45.03
C THR S 63 4.82 -32.82 -43.97
N VAL S 64 5.59 -33.14 -42.94
CA VAL S 64 5.85 -32.20 -41.85
C VAL S 64 6.57 -30.97 -42.38
N PRO S 65 7.64 -31.07 -43.18
CA PRO S 65 8.18 -29.84 -43.79
C PRO S 65 7.30 -29.39 -44.94
N PHE S 66 6.49 -28.35 -44.71
CA PHE S 66 5.61 -27.83 -45.73
C PHE S 66 6.42 -27.31 -46.91
N SER S 67 7.24 -26.28 -46.66
CA SER S 67 8.21 -25.83 -47.65
C SER S 67 9.61 -26.17 -47.17
N GLU S 68 10.63 -25.75 -47.91
CA GLU S 68 12.01 -25.93 -47.49
C GLU S 68 12.42 -24.98 -46.38
N GLU S 69 11.58 -23.98 -46.04
CA GLU S 69 11.88 -23.04 -44.97
C GLU S 69 10.66 -22.76 -44.10
N LEU S 70 9.73 -23.70 -43.99
CA LEU S 70 8.55 -23.51 -43.17
C LEU S 70 8.07 -24.85 -42.65
N LEU S 71 7.78 -24.90 -41.34
CA LEU S 71 7.21 -26.11 -40.76
C LEU S 71 5.74 -26.28 -41.14
N TYR S 72 4.97 -25.21 -41.10
CA TYR S 72 3.58 -25.23 -41.54
C TYR S 72 3.32 -24.04 -42.45
N SER S 73 2.27 -24.15 -43.25
CA SER S 73 1.82 -23.00 -44.01
C SER S 73 1.39 -21.90 -43.06
N VAL S 74 1.65 -20.65 -43.44
CA VAL S 74 1.36 -19.51 -42.58
C VAL S 74 -0.14 -19.47 -42.32
N GLY S 75 -0.52 -19.54 -41.05
CA GLY S 75 -1.92 -19.60 -40.66
C GLY S 75 -2.45 -20.98 -40.36
N ALA S 76 -1.64 -22.03 -40.46
CA ALA S 76 -2.11 -23.38 -40.17
C ALA S 76 -2.21 -23.56 -38.66
N GLN S 77 -3.34 -24.11 -38.21
CA GLN S 77 -3.59 -24.35 -36.78
C GLN S 77 -3.51 -25.85 -36.53
N MET S 78 -2.75 -26.23 -35.49
CA MET S 78 -2.56 -27.62 -35.13
C MET S 78 -2.38 -27.72 -33.62
N ARG S 79 -2.55 -28.92 -33.09
CA ARG S 79 -2.40 -29.15 -31.66
C ARG S 79 -1.00 -28.76 -31.19
N THR S 80 -0.91 -28.13 -30.01
CA THR S 80 0.37 -27.63 -29.53
C THR S 80 1.37 -28.76 -29.33
N ALA S 81 0.92 -29.89 -28.79
CA ALA S 81 1.81 -31.04 -28.65
C ALA S 81 2.26 -31.54 -30.02
N ASP S 82 1.35 -31.53 -31.00
CA ASP S 82 1.71 -31.98 -32.35
C ASP S 82 2.77 -31.09 -32.97
N PHE S 83 2.82 -29.81 -32.56
CA PHE S 83 3.86 -28.92 -33.05
C PHE S 83 5.24 -29.41 -32.65
N PHE S 84 5.37 -29.85 -31.39
CA PHE S 84 6.67 -30.30 -30.90
C PHE S 84 7.07 -31.63 -31.50
N MET S 85 6.09 -32.51 -31.75
CA MET S 85 6.38 -33.77 -32.43
C MET S 85 6.83 -33.52 -33.86
N ASP S 86 6.19 -32.56 -34.55
CA ASP S 86 6.59 -32.25 -35.92
C ASP S 86 7.90 -31.49 -35.95
N LEU S 87 8.14 -30.61 -34.97
CA LEU S 87 9.40 -29.90 -34.90
C LEU S 87 10.55 -30.88 -34.68
N GLN S 88 10.34 -31.88 -33.81
CA GLN S 88 11.35 -32.92 -33.63
C GLN S 88 11.57 -33.71 -34.91
N TYR S 89 10.49 -34.01 -35.64
CA TYR S 89 10.61 -34.76 -36.89
C TYR S 89 11.47 -33.99 -37.90
N ALA S 90 11.26 -32.68 -38.01
CA ALA S 90 12.06 -31.88 -38.92
C ALA S 90 13.54 -31.90 -38.54
N ILE S 91 13.84 -31.82 -37.24
CA ILE S 91 15.23 -31.84 -36.81
C ILE S 91 15.85 -33.22 -37.05
N ILE S 92 15.11 -34.29 -36.81
CA ILE S 92 15.62 -35.63 -37.05
C ILE S 92 15.95 -35.83 -38.52
N ASN S 93 15.07 -35.38 -39.40
CA ASN S 93 15.26 -35.58 -40.84
C ASN S 93 16.32 -34.67 -41.45
N GLY S 94 16.81 -33.68 -40.71
CA GLY S 94 17.96 -32.93 -41.18
C GLY S 94 17.77 -31.42 -41.27
N LYS S 95 16.63 -30.91 -40.83
CA LYS S 95 16.35 -29.48 -40.90
C LYS S 95 16.64 -28.81 -39.57
N ASP S 96 17.36 -27.70 -39.62
CA ASP S 96 17.71 -26.93 -38.43
C ASP S 96 16.74 -25.77 -38.26
N VAL S 97 16.44 -25.47 -37.00
CA VAL S 97 15.50 -24.41 -36.68
C VAL S 97 16.23 -23.07 -36.61
N ASP S 98 15.72 -22.07 -37.33
CA ASP S 98 16.30 -20.75 -37.34
C ASP S 98 15.54 -19.76 -36.47
N THR S 99 14.21 -19.82 -36.48
CA THR S 99 13.40 -19.02 -35.57
C THR S 99 12.05 -19.69 -35.41
N VAL S 100 11.50 -19.66 -34.20
CA VAL S 100 10.18 -20.19 -33.91
C VAL S 100 9.22 -19.01 -33.79
N TYR S 101 8.09 -19.09 -34.50
CA TYR S 101 7.14 -17.98 -34.57
C TYR S 101 6.21 -18.03 -33.37
N CYS S 102 6.42 -17.13 -32.41
CA CYS S 102 5.56 -17.02 -31.25
C CYS S 102 5.33 -15.58 -30.81
N GLU S 103 5.65 -14.59 -31.64
CA GLU S 103 5.67 -13.20 -31.20
C GLU S 103 4.27 -12.67 -30.88
N TRP S 104 3.32 -12.88 -31.78
CA TRP S 104 1.98 -12.29 -31.65
C TRP S 104 0.92 -13.34 -31.32
N LEU S 105 1.31 -14.57 -31.02
CA LEU S 105 0.34 -15.61 -30.72
C LEU S 105 -0.29 -15.39 -29.36
N ALA S 106 -1.53 -15.86 -29.21
CA ALA S 106 -2.32 -15.61 -28.01
C ALA S 106 -2.69 -16.89 -27.26
N ARG S 107 -2.69 -18.05 -27.92
CA ARG S 107 -3.11 -19.29 -27.29
C ARG S 107 -1.97 -20.29 -27.30
N VAL S 108 -1.88 -21.05 -26.21
CA VAL S 108 -0.83 -22.06 -26.02
C VAL S 108 -1.41 -23.45 -25.87
N LYS S 109 -2.51 -23.59 -25.14
CA LYS S 109 -3.23 -24.83 -24.89
C LYS S 109 -4.02 -25.23 -26.14
N PRO S 110 -4.88 -26.29 -26.06
CA PRO S 110 -4.82 -27.37 -27.06
C PRO S 110 -4.38 -26.98 -28.46
N PHE S 111 -4.98 -25.95 -29.03
CA PHE S 111 -4.64 -25.55 -30.39
C PHE S 111 -3.92 -24.21 -30.38
N SER S 112 -2.80 -24.16 -31.09
CA SER S 112 -2.00 -22.94 -31.20
C SER S 112 -1.44 -22.85 -32.61
N MET S 113 -1.22 -21.62 -33.06
CA MET S 113 -0.69 -21.35 -34.41
C MET S 113 0.83 -21.20 -34.40
N LEU S 114 1.54 -22.17 -33.84
CA LEU S 114 2.99 -22.14 -33.77
C LEU S 114 3.59 -22.57 -35.10
N ASN S 115 4.60 -21.84 -35.54
CA ASN S 115 5.30 -22.12 -36.78
C ASN S 115 6.79 -21.87 -36.59
N ALA S 116 7.59 -22.48 -37.46
CA ALA S 116 9.04 -22.36 -37.38
C ALA S 116 9.64 -22.18 -38.77
N LYS S 117 10.75 -21.46 -38.83
CA LYS S 117 11.56 -21.34 -40.04
C LYS S 117 12.64 -22.40 -39.99
N LEU S 118 12.77 -23.18 -41.05
CA LEU S 118 13.74 -24.25 -41.12
C LEU S 118 14.93 -23.86 -41.98
N LYS S 119 16.02 -24.60 -41.81
CA LYS S 119 17.26 -24.36 -42.55
C LYS S 119 17.93 -25.69 -42.84
N ASP S 120 18.85 -25.65 -43.80
CA ASP S 120 19.56 -26.87 -44.19
C ASP S 120 20.49 -27.33 -43.07
N SER S 121 20.91 -28.59 -43.17
CA SER S 121 21.80 -29.21 -42.20
C SER S 121 21.25 -29.12 -40.78
#